data_7SAB
#
_entry.id   7SAB
#
_cell.length_a   1.00
_cell.length_b   1.00
_cell.length_c   1.00
_cell.angle_alpha   90.00
_cell.angle_beta   90.00
_cell.angle_gamma   90.00
#
_symmetry.space_group_name_H-M   'P 1'
#
loop_
_entity.id
_entity.type
_entity.pdbx_description
1 polymer 'Glutamate receptor ionotropic, NMDA 1'
2 polymer 'Glutamate receptor ionotropic, NMDA 2B'
3 branched 2-acetamido-2-deoxy-beta-D-glucopyranose-(1-4)-2-acetamido-2-deoxy-beta-D-glucopyranose
4 non-polymer 2-acetamido-2-deoxy-beta-D-glucopyranose
5 non-polymer 1-(PHENYL-1-CYCLOHEXYL)PIPERIDINE
#
loop_
_entity_poly.entity_id
_entity_poly.type
_entity_poly.pdbx_seq_one_letter_code
_entity_poly.pdbx_strand_id
1 'polypeptide(L)'
;MSTMHLLTFALLFSCSFARAASDPKIVNIGAVLSTRKHEQMFREAVNQANKRHGSWKIQLQATSVTHKPNAIQMALSVCE
DLISSQVYAILVSHPPTPNDHFTPTPVSYTAGFYRIPVLGLTTRMSIYSDKSIHLSFLRTVPPYSHQSSVWFEMMRVYNW
NHIILLVSDDHEGRAAQKRLETLLEERESKAEKVLQFDPGTKNVTALLMEARELEARVIILSASEDDAATVYRAAAMLDM
TGSGYVWLVGEREISGNALRYAPDGIIGLQLINGKNESAHISDAVGVVAQAVHELLEKENITDPPRGCVGNTNIWKTGPL
FKRVLMSSKYADGVTGRVEFNEDGDRKFAQYSIMNLQNRKLVQVGIYNGTHVIPNDRKIIWPGGETEKPRGYQMSTRLKI
VTIHQEPFVYVKPTMSDGTCKEEFTVNGDPVKKVICTGPNDTSPGSPRHTVPQCCYGFCIDLLIKLARTMQFTYEVHLVA
DGKFGTQERVQNSNKKEWNGMMGELLSGQADMIVAPLTINNERAQYIEFSKPFKYQGLTILVKKEIPRSTLDSFMQPFQS
TLWLLVGLSVHVVAVMLYLLDRFSPFGRFKVNSEEEEEDALTLSSAMWFSWGVLLNSGIGEGAPRSFSARILGMVWAGFA
MIIVASYTANLAAFLVLDRPEERITGINDPRLRNPSDKFIYATVKQSSVDIYFRRQVELSTMYRHMEKHNYESAAEAIQA
VRDNKLHAFIWDSAVLEFEASQKCDLVTTGELFFRSGFGIGMRKDSPWKQQVSLSILKSHENGFMEDLDKTWVRYQECDS
RSNAPATLTFENMAGVFMLVAGGIVAGIFLIFIEIAYKRHKDANGAQ
;
A,C
2 'polypeptide(L)'
;MGTMRLFLLAVLFLFSFARATGWSHPQFEKGGGSGGGSGGSAWSHPQFEKGALVPRGRSQKSPPSIGIAVILVGTSDEVA
IKDAHEKDDFHHLSVVPRVELVAMNETDPKSIITRICDLMSDRKIQGVVFADDTDQEAIAQILDFISAQTLTPILGIHGG
SSMIMADKDESSMFFQFGPSIEQQASVMLNIMEEYDWYIFSIVTTYFPGYQDFVNKIRSTIENSFVGWELEEVLLLDMSL
DDGDSKIQNQLKKLQSPIILLYCTKEEATYIFEVANSVGLTGYGYTWIVPSLVAGDTDTVPSEFPTGLISVSYDEWDYGL
PARVRDGIAIITTAASDMLSEHSFIPEPKSSCYNTHEKRIYQSNMLNRYLINVTFEGRNLSFSEDGYQMHPKLVIILLNK
ERKWERVGKWKDKSLQMKYYVWPRMCPETEEQEDDHLSIVTLEEAPFVIVESVDPLSGTCMRNTVPCQKRIISENKTDEE
PGYIKKCCKGFCIDILKKISKSVKFTYDLYLVTNGKHGKKINGTWNGMIGEVVMKRAYMAVGSLTINEERSEVVDFSVPF
IETGISVMVSRSNGTVSPSAFLEPFSADVWVMMFVMLLIVSAVAVFVFEYFSPVGYNRCLADGREPGGPSFTIGKAIWLL
WGLVFNNSVPVQNPKGTTSKIMVSVWAFFAVIFLASYTANLAAFMIQEEYVDQVSGLSDKKFQRPNDFSPPFRFGTVPNG
STERNIRNNYAEMHAYMGKFNQRGVDDALLSLKTGKLDAFIYDAAVLNYMAGRDEGCKLVTIGSGKVFASTGYGIAIQKD
SGWKRQVDLAILQLFGDGEMEELEALWLTGICHNEKNEVMSSQLDIDNMAGVFYMLGAAMALSLITFICEHLFYWQFRHS
FMG
;
B,D
#
# COMPACT_ATOMS: atom_id res chain seq x y z
N LYS A 25 53.04 7.48 -46.71
CA LYS A 25 54.31 7.17 -46.05
C LYS A 25 54.64 5.69 -46.15
N ILE A 26 55.46 5.20 -45.21
CA ILE A 26 55.87 3.81 -45.17
C ILE A 26 55.64 3.28 -43.76
N VAL A 27 54.98 2.13 -43.65
CA VAL A 27 54.66 1.51 -42.37
C VAL A 27 55.47 0.24 -42.23
N ASN A 28 56.04 0.02 -41.06
CA ASN A 28 56.92 -1.10 -40.80
C ASN A 28 56.19 -2.18 -40.01
N ILE A 29 56.28 -3.42 -40.48
CA ILE A 29 55.72 -4.56 -39.78
C ILE A 29 56.78 -5.66 -39.71
N GLY A 30 56.59 -6.59 -38.78
CA GLY A 30 57.53 -7.67 -38.58
C GLY A 30 56.83 -8.97 -38.23
N ALA A 31 57.63 -10.01 -38.06
CA ALA A 31 57.10 -11.32 -37.74
C ALA A 31 58.15 -12.11 -36.98
N VAL A 32 57.70 -13.15 -36.28
CA VAL A 32 58.56 -14.05 -35.51
C VAL A 32 58.11 -15.47 -35.81
N LEU A 33 58.88 -16.18 -36.63
CA LEU A 33 58.55 -17.55 -37.01
C LEU A 33 59.81 -18.40 -36.92
N SER A 34 59.76 -19.62 -37.47
CA SER A 34 60.84 -20.57 -37.27
C SER A 34 61.23 -21.31 -38.55
N THR A 35 61.06 -20.67 -39.71
CA THR A 35 61.52 -21.27 -40.96
C THR A 35 61.69 -20.18 -42.01
N ARG A 36 62.81 -20.22 -42.72
CA ARG A 36 63.13 -19.16 -43.68
C ARG A 36 62.15 -19.12 -44.84
N LYS A 37 61.56 -20.26 -45.20
CA LYS A 37 60.59 -20.29 -46.29
C LYS A 37 59.37 -19.43 -45.96
N HIS A 38 58.96 -19.41 -44.69
CA HIS A 38 57.91 -18.51 -44.27
C HIS A 38 58.30 -17.07 -44.52
N GLU A 39 59.54 -16.71 -44.22
CA GLU A 39 60.04 -15.38 -44.55
C GLU A 39 59.94 -15.13 -46.04
N GLN A 40 60.30 -16.13 -46.86
CA GLN A 40 60.33 -15.95 -48.31
C GLN A 40 58.95 -15.61 -48.85
N MET A 41 57.95 -16.44 -48.53
CA MET A 41 56.66 -16.06 -49.10
C MET A 41 55.99 -14.94 -48.33
N PHE A 42 56.50 -14.58 -47.14
CA PHE A 42 56.01 -13.38 -46.47
C PHE A 42 56.46 -12.12 -47.19
N ARG A 43 57.73 -12.09 -47.62
CA ARG A 43 58.17 -11.02 -48.52
C ARG A 43 57.39 -11.03 -49.83
N GLU A 44 57.13 -12.21 -50.37
CA GLU A 44 56.33 -12.27 -51.60
C GLU A 44 54.94 -11.67 -51.38
N ALA A 45 54.32 -12.01 -50.25
CA ALA A 45 52.98 -11.50 -49.95
C ALA A 45 52.97 -9.99 -49.74
N VAL A 46 53.98 -9.47 -49.03
CA VAL A 46 54.02 -8.02 -48.81
C VAL A 46 54.30 -7.29 -50.12
N ASN A 47 55.13 -7.86 -50.99
CA ASN A 47 55.35 -7.27 -52.30
C ASN A 47 54.06 -7.25 -53.12
N GLN A 48 53.28 -8.33 -53.06
CA GLN A 48 51.99 -8.35 -53.74
C GLN A 48 51.04 -7.32 -53.15
N ALA A 49 50.98 -7.22 -51.82
CA ALA A 49 50.11 -6.25 -51.17
C ALA A 49 50.53 -4.82 -51.44
N ASN A 50 51.80 -4.59 -51.79
CA ASN A 50 52.24 -3.25 -52.17
C ASN A 50 51.44 -2.72 -53.34
N LYS A 51 50.98 -3.60 -54.24
CA LYS A 51 50.14 -3.17 -55.35
C LYS A 51 48.84 -2.54 -54.86
N ARG A 52 48.20 -3.14 -53.86
CA ARG A 52 46.97 -2.61 -53.32
C ARG A 52 47.25 -1.62 -52.20
N ILE A 58 51.43 4.61 -50.03
CA ILE A 58 51.44 3.85 -48.79
C ILE A 58 52.17 2.53 -48.99
N GLN A 59 53.37 2.43 -48.43
CA GLN A 59 54.22 1.25 -48.58
C GLN A 59 54.31 0.49 -47.27
N LEU A 60 54.59 -0.80 -47.37
CA LEU A 60 54.77 -1.67 -46.23
C LEU A 60 56.13 -2.36 -46.31
N GLN A 61 56.76 -2.53 -45.15
CA GLN A 61 58.09 -3.12 -45.06
C GLN A 61 58.05 -4.36 -44.18
N ALA A 62 58.76 -5.40 -44.60
CA ALA A 62 58.71 -6.70 -43.94
C ALA A 62 60.04 -7.00 -43.25
N THR A 63 59.95 -7.45 -41.99
CA THR A 63 61.11 -7.90 -41.23
C THR A 63 60.75 -9.21 -40.54
N SER A 64 61.77 -10.03 -40.30
CA SER A 64 61.57 -11.34 -39.70
C SER A 64 62.65 -11.61 -38.67
N VAL A 65 62.27 -12.32 -37.60
CA VAL A 65 63.19 -12.75 -36.55
C VAL A 65 62.88 -14.20 -36.23
N THR A 66 63.92 -15.01 -36.09
CA THR A 66 63.75 -16.42 -35.78
C THR A 66 63.47 -16.61 -34.28
N HIS A 67 63.11 -17.83 -33.91
CA HIS A 67 62.86 -18.19 -32.52
C HIS A 67 64.16 -18.60 -31.85
N LYS A 68 64.10 -18.66 -30.52
CA LYS A 68 65.23 -19.10 -29.71
C LYS A 68 64.74 -20.07 -28.65
N PRO A 69 65.58 -21.03 -28.24
CA PRO A 69 65.21 -21.97 -27.16
C PRO A 69 65.46 -21.43 -25.76
N ASN A 70 65.05 -20.17 -25.55
CA ASN A 70 65.19 -19.52 -24.26
C ASN A 70 64.34 -18.26 -24.27
N ALA A 71 63.48 -18.12 -23.26
CA ALA A 71 62.56 -16.99 -23.23
C ALA A 71 63.28 -15.66 -23.08
N ILE A 72 64.40 -15.64 -22.35
CA ILE A 72 65.09 -14.38 -22.09
C ILE A 72 65.65 -13.79 -23.39
N GLN A 73 66.22 -14.63 -24.24
CA GLN A 73 66.87 -14.12 -25.45
C GLN A 73 65.85 -13.53 -26.42
N MET A 74 64.71 -14.20 -26.58
CA MET A 74 63.65 -13.65 -27.42
C MET A 74 63.02 -12.41 -26.79
N ALA A 75 62.88 -12.39 -25.47
CA ALA A 75 62.43 -11.18 -24.78
C ALA A 75 63.41 -10.03 -24.95
N LEU A 76 64.68 -10.32 -25.18
CA LEU A 76 65.64 -9.28 -25.54
C LEU A 76 65.47 -8.86 -26.99
N SER A 77 65.38 -9.84 -27.90
CA SER A 77 65.30 -9.57 -29.33
C SER A 77 64.03 -8.85 -29.73
N VAL A 78 62.96 -8.91 -28.91
CA VAL A 78 61.72 -8.25 -29.30
C VAL A 78 61.93 -6.74 -29.40
N CYS A 79 62.73 -6.17 -28.51
CA CYS A 79 63.14 -4.77 -28.63
C CYS A 79 64.49 -4.61 -29.31
N GLU A 80 65.26 -5.68 -29.47
CA GLU A 80 66.50 -5.55 -30.23
C GLU A 80 66.23 -5.28 -31.70
N ASP A 81 65.08 -5.73 -32.20
CA ASP A 81 64.70 -5.48 -33.59
C ASP A 81 63.60 -4.43 -33.73
N LEU A 82 62.74 -4.27 -32.73
CA LEU A 82 61.67 -3.28 -32.81
C LEU A 82 62.24 -1.87 -32.92
N ILE A 83 63.32 -1.59 -32.18
CA ILE A 83 63.94 -0.27 -32.23
C ILE A 83 64.42 0.04 -33.64
N SER A 84 65.05 -0.95 -34.29
CA SER A 84 65.61 -0.73 -35.61
C SER A 84 64.53 -0.58 -36.68
N SER A 85 63.29 -0.96 -36.37
CA SER A 85 62.23 -0.96 -37.37
C SER A 85 61.04 -0.07 -37.02
N GLN A 86 60.77 0.17 -35.74
CA GLN A 86 59.56 0.85 -35.29
C GLN A 86 58.32 0.11 -35.80
N VAL A 87 58.18 -1.14 -35.35
CA VAL A 87 57.19 -2.04 -35.90
C VAL A 87 55.78 -1.61 -35.49
N TYR A 88 54.80 -1.93 -36.33
CA TYR A 88 53.40 -1.68 -36.04
C TYR A 88 52.60 -2.95 -35.74
N ALA A 89 53.14 -4.12 -36.07
CA ALA A 89 52.45 -5.38 -35.83
C ALA A 89 53.46 -6.52 -35.88
N ILE A 90 53.35 -7.44 -34.93
CA ILE A 90 54.29 -8.54 -34.78
C ILE A 90 53.51 -9.84 -34.94
N LEU A 91 54.05 -10.76 -35.74
CA LEU A 91 53.44 -12.05 -35.99
C LEU A 91 54.23 -13.16 -35.32
N VAL A 92 53.53 -14.05 -34.62
CA VAL A 92 54.14 -15.15 -33.89
C VAL A 92 53.36 -16.42 -34.21
N SER A 93 54.05 -17.55 -34.14
CA SER A 93 53.45 -18.84 -34.48
C SER A 93 53.92 -19.87 -33.47
N HIS A 94 53.65 -21.14 -33.78
CA HIS A 94 53.90 -22.29 -32.91
C HIS A 94 55.30 -22.85 -33.18
N PRO A 95 56.14 -22.97 -32.17
CA PRO A 95 57.47 -23.55 -32.36
C PRO A 95 57.39 -25.06 -32.45
N PRO A 96 58.52 -25.74 -32.72
CA PRO A 96 58.50 -27.21 -32.74
C PRO A 96 58.24 -27.86 -31.39
N THR A 97 58.04 -27.08 -30.32
CA THR A 97 57.80 -27.66 -29.01
C THR A 97 56.49 -28.43 -29.01
N PRO A 98 56.35 -29.46 -28.16
CA PRO A 98 55.10 -30.24 -28.13
C PRO A 98 53.90 -29.43 -27.66
N ASN A 99 54.03 -28.78 -26.50
CA ASN A 99 52.92 -28.00 -25.93
C ASN A 99 53.07 -26.52 -26.23
N ASP A 100 54.27 -25.97 -26.01
CA ASP A 100 54.54 -24.56 -26.26
C ASP A 100 53.61 -23.65 -25.46
N HIS A 101 53.29 -24.06 -24.23
CA HIS A 101 52.46 -23.25 -23.35
C HIS A 101 53.18 -22.00 -22.84
N PHE A 102 54.48 -21.89 -23.06
CA PHE A 102 55.27 -20.77 -22.56
C PHE A 102 55.83 -19.88 -23.67
N THR A 103 55.99 -20.42 -24.87
CA THR A 103 56.63 -19.65 -25.94
C THR A 103 55.87 -18.38 -26.33
N PRO A 104 54.54 -18.37 -26.51
CA PRO A 104 53.88 -17.14 -26.97
C PRO A 104 53.61 -16.12 -25.87
N THR A 105 53.90 -16.43 -24.62
CA THR A 105 53.62 -15.48 -23.54
C THR A 105 54.44 -14.20 -23.63
N PRO A 106 55.77 -14.23 -23.82
CA PRO A 106 56.52 -12.97 -23.72
C PRO A 106 56.18 -11.96 -24.79
N VAL A 107 55.92 -12.41 -26.03
CA VAL A 107 55.56 -11.47 -27.09
C VAL A 107 54.24 -10.79 -26.78
N SER A 108 53.45 -11.34 -25.87
CA SER A 108 52.20 -10.70 -25.49
C SER A 108 52.47 -9.52 -24.54
N TYR A 109 53.05 -9.80 -23.38
CA TYR A 109 53.16 -8.75 -22.37
C TYR A 109 54.26 -7.75 -22.69
N THR A 110 55.34 -8.20 -23.34
CA THR A 110 56.39 -7.26 -23.71
C THR A 110 55.88 -6.24 -24.73
N ALA A 111 55.07 -6.70 -25.69
CA ALA A 111 54.43 -5.78 -26.61
C ALA A 111 53.40 -4.91 -25.91
N GLY A 112 52.60 -5.50 -25.02
CA GLY A 112 51.61 -4.73 -24.29
C GLY A 112 52.21 -3.73 -23.32
N PHE A 113 53.50 -3.84 -23.05
CA PHE A 113 54.18 -2.84 -22.22
C PHE A 113 54.01 -1.44 -22.81
N TYR A 114 53.93 -1.34 -24.14
CA TYR A 114 53.56 -0.10 -24.81
C TYR A 114 52.19 -0.20 -25.46
N ARG A 115 51.50 -1.32 -25.27
CA ARG A 115 50.21 -1.60 -25.89
C ARG A 115 50.31 -1.54 -27.42
N ILE A 116 51.16 -2.40 -27.97
CA ILE A 116 51.30 -2.54 -29.42
C ILE A 116 50.83 -3.94 -29.80
N PRO A 117 50.16 -4.11 -30.94
CA PRO A 117 49.50 -5.38 -31.25
C PRO A 117 50.47 -6.52 -31.48
N VAL A 118 49.99 -7.73 -31.21
CA VAL A 118 50.61 -8.98 -31.65
C VAL A 118 49.51 -9.88 -32.18
N LEU A 119 49.70 -10.40 -33.39
CA LEU A 119 48.74 -11.32 -34.00
C LEU A 119 49.31 -12.73 -33.95
N GLY A 120 48.56 -13.64 -33.34
CA GLY A 120 48.95 -15.04 -33.31
C GLY A 120 48.44 -15.77 -34.53
N LEU A 121 49.02 -16.94 -34.77
CA LEU A 121 48.68 -17.72 -35.96
C LEU A 121 47.99 -19.04 -35.62
N THR A 122 48.59 -19.87 -34.78
CA THR A 122 48.08 -21.20 -34.48
C THR A 122 48.26 -21.55 -33.00
N THR A 123 47.86 -20.64 -32.13
CA THR A 123 47.93 -20.86 -30.69
C THR A 123 46.69 -21.63 -30.24
N ARG A 124 46.91 -22.70 -29.47
CA ARG A 124 45.82 -23.54 -29.00
C ARG A 124 45.42 -23.28 -27.56
N MET A 125 46.33 -22.79 -26.73
CA MET A 125 46.01 -22.55 -25.32
C MET A 125 44.94 -21.47 -25.19
N SER A 126 44.03 -21.66 -24.23
CA SER A 126 42.91 -20.76 -24.03
C SER A 126 43.20 -19.69 -22.98
N ILE A 127 44.37 -19.70 -22.36
CA ILE A 127 44.67 -18.71 -21.31
C ILE A 127 44.66 -17.30 -21.87
N TYR A 128 45.14 -17.12 -23.10
CA TYR A 128 45.23 -15.79 -23.69
C TYR A 128 43.86 -15.19 -24.03
N SER A 129 42.79 -15.98 -23.95
CA SER A 129 41.46 -15.47 -24.28
C SER A 129 41.01 -14.35 -23.37
N ASP A 130 41.57 -14.24 -22.17
CA ASP A 130 41.17 -13.20 -21.23
C ASP A 130 41.45 -11.82 -21.80
N LYS A 131 40.54 -10.88 -21.54
CA LYS A 131 40.68 -9.52 -22.01
C LYS A 131 41.46 -8.62 -21.06
N SER A 132 41.82 -9.12 -19.88
CA SER A 132 42.51 -8.30 -18.89
C SER A 132 44.03 -8.45 -18.98
N ILE A 133 44.53 -9.69 -18.83
CA ILE A 133 45.97 -9.91 -18.81
C ILE A 133 46.59 -9.61 -20.17
N HIS A 134 45.90 -9.99 -21.24
CA HIS A 134 46.42 -9.88 -22.60
C HIS A 134 45.45 -9.08 -23.46
N LEU A 135 45.11 -7.89 -23.00
CA LEU A 135 44.15 -7.02 -23.68
C LEU A 135 44.54 -6.75 -25.13
N SER A 136 45.83 -6.80 -25.45
CA SER A 136 46.33 -6.51 -26.79
C SER A 136 46.77 -7.78 -27.52
N PHE A 137 45.99 -8.85 -27.39
CA PHE A 137 46.28 -10.11 -28.04
C PHE A 137 45.14 -10.51 -28.97
N LEU A 138 45.49 -11.08 -30.12
CA LEU A 138 44.54 -11.56 -31.10
C LEU A 138 44.85 -13.00 -31.45
N ARG A 139 43.84 -13.71 -31.94
CA ARG A 139 44.01 -15.09 -32.39
C ARG A 139 43.34 -15.26 -33.74
N THR A 140 43.94 -16.11 -34.58
CA THR A 140 43.42 -16.39 -35.91
C THR A 140 42.74 -17.74 -36.03
N VAL A 141 43.15 -18.73 -35.24
CA VAL A 141 42.50 -20.04 -35.22
C VAL A 141 41.48 -20.06 -34.09
N PRO A 142 40.42 -20.85 -34.20
CA PRO A 142 39.41 -20.86 -33.12
C PRO A 142 39.98 -21.52 -31.88
N PRO A 143 39.54 -21.10 -30.69
CA PRO A 143 39.97 -21.75 -29.46
C PRO A 143 39.25 -23.05 -29.21
N TYR A 144 39.54 -23.71 -28.08
CA TYR A 144 38.89 -24.97 -27.77
C TYR A 144 37.45 -24.78 -27.28
N SER A 145 37.11 -23.57 -26.83
CA SER A 145 35.78 -23.31 -26.29
C SER A 145 34.71 -23.55 -27.35
N HIS A 146 34.91 -23.03 -28.56
CA HIS A 146 33.89 -23.17 -29.59
C HIS A 146 33.84 -24.57 -30.18
N GLN A 147 34.97 -25.26 -30.29
CA GLN A 147 34.93 -26.65 -30.71
C GLN A 147 34.31 -27.54 -29.65
N SER A 148 34.28 -27.09 -28.39
CA SER A 148 33.43 -27.75 -27.40
C SER A 148 31.96 -27.38 -27.60
N SER A 149 31.69 -26.11 -27.88
CA SER A 149 30.32 -25.63 -28.03
C SER A 149 29.60 -26.27 -29.22
N VAL A 150 30.34 -26.66 -30.26
CA VAL A 150 29.72 -27.21 -31.45
C VAL A 150 28.93 -28.49 -31.15
N TRP A 151 29.24 -29.16 -30.03
CA TRP A 151 28.52 -30.38 -29.68
C TRP A 151 27.02 -30.14 -29.52
N PHE A 152 26.62 -28.89 -29.31
CA PHE A 152 25.21 -28.54 -29.30
C PHE A 152 24.50 -29.01 -30.57
N GLU A 153 25.15 -28.84 -31.73
CA GLU A 153 24.47 -29.11 -32.99
C GLU A 153 24.33 -30.61 -33.25
N MET A 154 25.38 -31.39 -32.99
CA MET A 154 25.24 -32.83 -33.12
C MET A 154 24.44 -33.44 -31.97
N MET A 155 24.19 -32.68 -30.90
CA MET A 155 23.15 -33.08 -29.96
C MET A 155 21.77 -32.84 -30.57
N ARG A 156 21.57 -31.68 -31.21
CA ARG A 156 20.27 -31.34 -31.75
C ARG A 156 19.85 -32.29 -32.86
N VAL A 157 20.78 -32.65 -33.75
CA VAL A 157 20.40 -33.48 -34.90
C VAL A 157 19.98 -34.88 -34.45
N TYR A 158 20.62 -35.40 -33.40
CA TYR A 158 20.32 -36.74 -32.91
C TYR A 158 19.41 -36.73 -31.70
N ASN A 159 18.78 -35.59 -31.40
CA ASN A 159 17.75 -35.41 -30.38
C ASN A 159 18.06 -36.08 -29.06
N TRP A 160 19.34 -36.14 -28.69
CA TRP A 160 19.72 -36.66 -27.39
C TRP A 160 19.47 -35.62 -26.31
N ASN A 161 19.20 -36.09 -25.10
CA ASN A 161 18.79 -35.15 -24.06
C ASN A 161 19.63 -35.23 -22.79
N HIS A 162 20.11 -36.41 -22.42
CA HIS A 162 20.87 -36.60 -21.20
C HIS A 162 22.33 -36.86 -21.55
N ILE A 163 23.22 -36.04 -20.99
CA ILE A 163 24.64 -36.10 -21.31
C ILE A 163 25.45 -35.96 -20.02
N ILE A 164 26.58 -36.65 -19.96
CA ILE A 164 27.55 -36.49 -18.88
C ILE A 164 28.84 -35.94 -19.47
N LEU A 165 29.34 -34.86 -18.89
CA LEU A 165 30.63 -34.29 -19.28
C LEU A 165 31.58 -34.38 -18.11
N LEU A 166 32.77 -34.92 -18.35
CA LEU A 166 33.82 -34.98 -17.35
C LEU A 166 35.07 -34.35 -17.93
N VAL A 167 35.65 -33.39 -17.21
CA VAL A 167 36.79 -32.63 -17.68
C VAL A 167 37.83 -32.55 -16.59
N SER A 168 39.08 -32.34 -17.01
CA SER A 168 40.18 -32.23 -16.06
C SER A 168 40.07 -30.93 -15.27
N ASP A 169 40.75 -30.90 -14.13
CA ASP A 169 40.73 -29.73 -13.25
C ASP A 169 41.83 -28.78 -13.69
N ASP A 170 41.48 -27.86 -14.59
CA ASP A 170 42.43 -26.90 -15.12
C ASP A 170 41.63 -25.78 -15.78
N HIS A 171 42.37 -24.79 -16.32
CA HIS A 171 41.72 -23.65 -16.95
C HIS A 171 40.88 -24.06 -18.15
N GLU A 172 41.43 -24.93 -19.01
CA GLU A 172 40.71 -25.34 -20.21
C GLU A 172 39.41 -26.06 -19.85
N GLY A 173 39.44 -26.92 -18.84
CA GLY A 173 38.22 -27.58 -18.40
C GLY A 173 37.21 -26.58 -17.87
N ARG A 174 37.66 -25.63 -17.04
CA ARG A 174 36.75 -24.63 -16.49
C ARG A 174 36.14 -23.78 -17.61
N ALA A 175 36.96 -23.35 -18.56
CA ALA A 175 36.45 -22.50 -19.64
C ALA A 175 35.45 -23.26 -20.51
N ALA A 176 35.76 -24.51 -20.88
CA ALA A 176 34.84 -25.28 -21.70
C ALA A 176 33.53 -25.54 -20.95
N GLN A 177 33.63 -25.86 -19.66
CA GLN A 177 32.42 -26.06 -18.86
C GLN A 177 31.58 -24.79 -18.80
N LYS A 178 32.24 -23.65 -18.61
CA LYS A 178 31.51 -22.38 -18.57
C LYS A 178 30.81 -22.09 -19.89
N ARG A 179 31.51 -22.31 -21.00
CA ARG A 179 30.89 -22.08 -22.30
C ARG A 179 29.69 -22.99 -22.52
N LEU A 180 29.85 -24.28 -22.21
CA LEU A 180 28.77 -25.23 -22.44
C LEU A 180 27.57 -24.92 -21.56
N GLU A 181 27.81 -24.55 -20.29
CA GLU A 181 26.69 -24.25 -19.40
C GLU A 181 26.03 -22.91 -19.74
N THR A 182 26.79 -21.96 -20.27
CA THR A 182 26.19 -20.70 -20.72
C THR A 182 25.47 -20.86 -22.06
N LEU A 183 25.75 -21.92 -22.81
CA LEU A 183 25.02 -22.14 -24.05
C LEU A 183 23.79 -23.01 -23.86
N LEU A 184 23.90 -24.10 -23.08
CA LEU A 184 22.88 -25.13 -23.07
C LEU A 184 21.62 -24.73 -22.31
N GLU A 185 21.74 -23.85 -21.31
CA GLU A 185 20.61 -23.56 -20.43
C GLU A 185 19.45 -22.89 -21.16
N GLU A 186 19.65 -22.40 -22.37
CA GLU A 186 18.57 -21.78 -23.12
C GLU A 186 17.50 -22.80 -23.51
N ARG A 187 17.83 -24.09 -23.51
CA ARG A 187 16.83 -25.14 -23.65
C ARG A 187 16.33 -25.65 -22.30
N GLU A 188 16.85 -25.11 -21.19
CA GLU A 188 16.51 -25.58 -19.85
C GLU A 188 16.76 -27.08 -19.72
N SER A 189 17.92 -27.51 -20.24
CA SER A 189 18.28 -28.93 -20.22
C SER A 189 18.99 -29.33 -18.93
N LYS A 190 19.99 -28.55 -18.51
CA LYS A 190 20.66 -28.73 -17.23
C LYS A 190 21.26 -30.14 -17.12
N ALA A 191 22.29 -30.36 -17.94
CA ALA A 191 23.05 -31.61 -17.94
C ALA A 191 23.26 -32.12 -16.53
N GLU A 192 22.94 -33.40 -16.33
CA GLU A 192 22.66 -33.91 -14.99
C GLU A 192 23.86 -33.86 -14.04
N LYS A 193 25.07 -34.14 -14.52
CA LYS A 193 26.19 -34.26 -13.61
C LYS A 193 27.45 -33.71 -14.26
N VAL A 194 28.39 -33.29 -13.41
CA VAL A 194 29.72 -32.87 -13.83
C VAL A 194 30.73 -33.50 -12.90
N LEU A 195 31.86 -33.92 -13.44
CA LEU A 195 32.89 -34.62 -12.68
C LEU A 195 34.18 -33.82 -12.71
N GLN A 196 34.74 -33.56 -11.54
CA GLN A 196 35.99 -32.82 -11.41
C GLN A 196 37.15 -33.81 -11.48
N PHE A 197 37.70 -33.97 -12.69
CA PHE A 197 38.75 -34.94 -12.93
C PHE A 197 40.10 -34.33 -12.56
N ASP A 198 40.79 -34.93 -11.59
CA ASP A 198 42.09 -34.42 -11.19
C ASP A 198 43.12 -34.69 -12.28
N PRO A 199 43.86 -33.68 -12.74
CA PRO A 199 44.84 -33.90 -13.80
C PRO A 199 46.16 -34.43 -13.27
N GLY A 200 46.87 -35.13 -14.13
CA GLY A 200 48.19 -35.64 -13.80
C GLY A 200 48.21 -36.82 -12.87
N THR A 201 47.07 -37.42 -12.58
CA THR A 201 47.02 -38.56 -11.66
C THR A 201 47.21 -39.86 -12.42
N LYS A 202 47.26 -40.96 -11.68
CA LYS A 202 47.44 -42.29 -12.25
C LYS A 202 46.28 -43.23 -11.97
N ASN A 203 45.57 -43.05 -10.87
CA ASN A 203 44.41 -43.86 -10.54
C ASN A 203 43.14 -43.03 -10.75
N VAL A 204 42.23 -43.55 -11.57
CA VAL A 204 41.04 -42.79 -11.95
C VAL A 204 39.79 -43.66 -11.78
N THR A 205 39.99 -44.97 -11.57
CA THR A 205 38.89 -45.92 -11.63
C THR A 205 37.79 -45.65 -10.60
N ALA A 206 38.11 -44.94 -9.52
CA ALA A 206 37.09 -44.67 -8.50
C ALA A 206 35.98 -43.79 -9.05
N LEU A 207 36.32 -42.77 -9.82
CA LEU A 207 35.32 -41.82 -10.30
C LEU A 207 34.36 -42.44 -11.32
N LEU A 208 34.87 -43.32 -12.18
CA LEU A 208 34.04 -43.85 -13.26
C LEU A 208 32.87 -44.67 -12.75
N MET A 209 32.98 -45.19 -11.53
CA MET A 209 31.87 -45.98 -10.97
C MET A 209 30.60 -45.15 -10.83
N GLU A 210 30.72 -43.91 -10.35
CA GLU A 210 29.54 -43.10 -10.09
C GLU A 210 28.78 -42.82 -11.38
N ALA A 211 29.49 -42.45 -12.45
CA ALA A 211 28.84 -42.15 -13.72
C ALA A 211 28.19 -43.39 -14.31
N ARG A 212 28.76 -44.57 -14.06
CA ARG A 212 28.22 -45.80 -14.61
C ARG A 212 26.84 -46.11 -14.04
N GLU A 213 26.47 -45.49 -12.92
CA GLU A 213 25.20 -45.78 -12.28
C GLU A 213 24.08 -44.87 -12.76
N LEU A 214 24.39 -43.66 -13.21
CA LEU A 214 23.36 -42.72 -13.60
C LEU A 214 22.64 -43.16 -14.86
N GLU A 215 21.58 -42.44 -15.20
CA GLU A 215 20.66 -42.83 -16.27
C GLU A 215 21.01 -42.06 -17.55
N ALA A 216 22.06 -42.53 -18.22
CA ALA A 216 22.44 -42.06 -19.55
C ALA A 216 23.62 -42.91 -20.01
N ARG A 217 23.91 -42.83 -21.31
CA ARG A 217 25.00 -43.61 -21.88
C ARG A 217 25.98 -42.76 -22.67
N VAL A 218 25.49 -41.73 -23.36
CA VAL A 218 26.37 -40.87 -24.14
C VAL A 218 27.18 -40.01 -23.17
N ILE A 219 28.48 -39.92 -23.40
CA ILE A 219 29.37 -39.15 -22.56
C ILE A 219 30.25 -38.28 -23.44
N ILE A 220 30.77 -37.21 -22.85
CA ILE A 220 31.67 -36.28 -23.52
C ILE A 220 32.95 -36.15 -22.70
N LEU A 221 34.09 -36.29 -23.34
CA LEU A 221 35.39 -36.17 -22.68
C LEU A 221 36.18 -35.06 -23.35
N SER A 222 36.90 -34.28 -22.56
CA SER A 222 37.71 -33.19 -23.09
C SER A 222 38.85 -32.93 -22.10
N ALA A 223 40.07 -33.26 -22.50
CA ALA A 223 41.24 -33.09 -21.64
C ALA A 223 42.48 -33.04 -22.54
N SER A 224 43.65 -33.15 -21.92
CA SER A 224 44.89 -33.15 -22.68
C SER A 224 45.17 -34.52 -23.27
N GLU A 225 46.10 -34.56 -24.23
CA GLU A 225 46.44 -35.81 -24.88
C GLU A 225 47.14 -36.78 -23.93
N ASP A 226 48.06 -36.28 -23.11
CA ASP A 226 48.91 -37.16 -22.31
C ASP A 226 48.10 -37.96 -21.30
N ASP A 227 47.17 -37.31 -20.60
CA ASP A 227 46.40 -37.98 -19.56
C ASP A 227 45.16 -38.69 -20.09
N ALA A 228 44.78 -38.44 -21.34
CA ALA A 228 43.57 -39.07 -21.88
C ALA A 228 43.71 -40.59 -21.94
N ALA A 229 44.90 -41.08 -22.32
CA ALA A 229 45.10 -42.52 -22.48
C ALA A 229 44.80 -43.28 -21.20
N THR A 230 45.01 -42.66 -20.05
CA THR A 230 44.73 -43.33 -18.77
C THR A 230 43.25 -43.70 -18.66
N VAL A 231 42.38 -42.84 -19.18
CA VAL A 231 40.94 -43.09 -19.08
C VAL A 231 40.56 -44.35 -19.86
N TYR A 232 41.07 -44.49 -21.07
CA TYR A 232 40.71 -45.65 -21.90
C TYR A 232 41.17 -46.95 -21.26
N ARG A 233 42.36 -46.96 -20.65
CA ARG A 233 42.95 -48.19 -20.17
C ARG A 233 42.07 -48.84 -19.10
N ALA A 234 41.57 -48.04 -18.15
CA ALA A 234 40.67 -48.59 -17.15
C ALA A 234 39.27 -48.80 -17.71
N ALA A 235 38.89 -48.03 -18.74
CA ALA A 235 37.54 -48.12 -19.27
C ALA A 235 37.25 -49.48 -19.88
N ALA A 236 38.21 -50.03 -20.64
CA ALA A 236 38.00 -51.32 -21.28
C ALA A 236 37.86 -52.44 -20.27
N MET A 237 38.54 -52.32 -19.12
CA MET A 237 38.42 -53.34 -18.09
C MET A 237 37.01 -53.39 -17.51
N LEU A 238 36.42 -52.23 -17.27
CA LEU A 238 35.09 -52.15 -16.70
C LEU A 238 33.98 -52.14 -17.75
N ASP A 239 34.35 -52.06 -19.03
CA ASP A 239 33.41 -52.16 -20.15
C ASP A 239 32.33 -51.07 -20.10
N MET A 240 32.77 -49.81 -20.07
CA MET A 240 31.90 -48.71 -20.45
C MET A 240 32.04 -48.34 -21.91
N THR A 241 32.84 -49.11 -22.67
CA THR A 241 32.99 -48.92 -24.10
C THR A 241 32.24 -49.98 -24.91
N GLY A 242 31.40 -50.77 -24.26
CA GLY A 242 30.65 -51.83 -24.92
C GLY A 242 29.49 -51.30 -25.73
N SER A 243 28.44 -52.11 -25.81
CA SER A 243 27.27 -51.74 -26.59
C SER A 243 26.50 -50.62 -25.91
N GLY A 244 25.84 -49.80 -26.73
CA GLY A 244 24.99 -48.74 -26.24
C GLY A 244 25.70 -47.48 -25.79
N TYR A 245 27.01 -47.38 -26.00
CA TYR A 245 27.78 -46.22 -25.57
C TYR A 245 28.24 -45.40 -26.77
N VAL A 246 28.26 -44.08 -26.59
CA VAL A 246 28.74 -43.15 -27.59
C VAL A 246 29.71 -42.19 -26.91
N TRP A 247 30.88 -41.99 -27.52
CA TRP A 247 31.88 -41.10 -26.98
C TRP A 247 32.12 -39.95 -27.94
N LEU A 248 31.96 -38.72 -27.44
CA LEU A 248 32.28 -37.52 -28.19
C LEU A 248 33.46 -36.84 -27.52
N VAL A 249 34.45 -36.46 -28.32
CA VAL A 249 35.73 -35.98 -27.83
C VAL A 249 36.14 -34.73 -28.62
N GLY A 250 37.21 -34.10 -28.15
CA GLY A 250 37.62 -32.80 -28.67
C GLY A 250 38.61 -32.84 -29.82
N GLU A 251 39.79 -32.27 -29.64
CA GLU A 251 40.80 -32.24 -30.70
C GLU A 251 42.09 -32.96 -30.30
N ARG A 252 42.70 -32.59 -29.18
CA ARG A 252 44.04 -33.09 -28.85
C ARG A 252 44.05 -34.58 -28.54
N GLU A 253 42.93 -35.14 -28.10
CA GLU A 253 42.89 -36.52 -27.64
C GLU A 253 43.06 -37.53 -28.78
N ILE A 254 42.63 -37.20 -29.99
CA ILE A 254 42.60 -38.20 -31.05
C ILE A 254 44.00 -38.61 -31.51
N SER A 255 44.93 -37.67 -31.59
CA SER A 255 46.30 -37.97 -32.01
C SER A 255 47.08 -38.53 -30.83
N GLY A 256 48.40 -38.63 -30.99
CA GLY A 256 49.26 -39.05 -29.90
C GLY A 256 49.13 -40.53 -29.57
N ASN A 257 49.56 -40.86 -28.35
CA ASN A 257 49.49 -42.24 -27.88
C ASN A 257 48.06 -42.71 -27.67
N ALA A 258 47.11 -41.79 -27.45
CA ALA A 258 45.71 -42.18 -27.39
C ALA A 258 45.18 -42.68 -28.72
N LEU A 259 45.80 -42.28 -29.83
CA LEU A 259 45.44 -42.85 -31.13
C LEU A 259 45.70 -44.35 -31.15
N ARG A 260 46.73 -44.81 -30.43
CA ARG A 260 47.01 -46.24 -30.39
C ARG A 260 46.00 -46.99 -29.52
N TYR A 261 45.66 -46.43 -28.37
CA TYR A 261 44.73 -47.08 -27.43
C TYR A 261 43.41 -46.31 -27.43
N ALA A 262 42.40 -46.88 -28.09
CA ALA A 262 41.06 -46.31 -28.13
C ALA A 262 40.12 -47.35 -28.70
N PRO A 263 38.93 -47.54 -28.13
CA PRO A 263 37.96 -48.45 -28.74
C PRO A 263 37.31 -47.82 -29.97
N ASP A 264 36.98 -48.68 -30.93
CA ASP A 264 36.45 -48.19 -32.19
C ASP A 264 35.06 -47.57 -31.98
N GLY A 265 34.64 -46.78 -32.97
CA GLY A 265 33.39 -46.05 -32.89
C GLY A 265 33.49 -44.67 -32.28
N ILE A 266 34.68 -44.26 -31.83
CA ILE A 266 34.85 -42.94 -31.24
C ILE A 266 34.66 -41.88 -32.31
N ILE A 267 33.88 -40.85 -31.99
CA ILE A 267 33.62 -39.76 -32.92
C ILE A 267 34.52 -38.59 -32.57
N GLY A 268 35.37 -38.19 -33.52
CA GLY A 268 36.30 -37.11 -33.28
C GLY A 268 36.04 -35.89 -34.15
N LEU A 269 36.71 -34.79 -33.85
CA LEU A 269 36.55 -33.54 -34.58
C LEU A 269 37.91 -33.02 -35.01
N GLN A 270 37.96 -32.43 -36.21
CA GLN A 270 39.20 -31.90 -36.75
C GLN A 270 38.93 -30.56 -37.43
N LEU A 271 40.00 -29.78 -37.57
CA LEU A 271 39.90 -28.49 -38.22
C LEU A 271 40.16 -28.61 -39.72
N ILE A 272 39.60 -27.66 -40.47
CA ILE A 272 39.72 -27.70 -41.93
C ILE A 272 41.04 -27.11 -42.42
N ASN A 273 41.70 -26.28 -41.61
CA ASN A 273 42.97 -25.65 -41.97
C ASN A 273 43.96 -25.75 -40.81
N GLY A 274 44.05 -26.94 -40.23
CA GLY A 274 44.85 -27.14 -39.04
C GLY A 274 46.32 -26.76 -39.16
N LYS A 275 47.08 -27.48 -39.98
CA LYS A 275 48.52 -27.24 -40.13
C LYS A 275 48.80 -26.75 -41.54
N ASN A 276 48.65 -25.44 -41.75
CA ASN A 276 49.09 -24.79 -42.98
C ASN A 276 49.39 -23.33 -42.63
N GLU A 277 50.66 -23.05 -42.30
CA GLU A 277 51.02 -21.70 -41.87
C GLU A 277 50.89 -20.70 -43.00
N SER A 278 51.22 -21.12 -44.22
CA SER A 278 51.20 -20.20 -45.36
C SER A 278 49.79 -19.65 -45.57
N ALA A 279 48.77 -20.50 -45.44
CA ALA A 279 47.39 -20.03 -45.57
C ALA A 279 47.07 -18.96 -44.53
N HIS A 280 47.46 -19.20 -43.28
CA HIS A 280 47.24 -18.20 -42.24
C HIS A 280 48.05 -16.93 -42.50
N ILE A 281 49.31 -17.09 -42.92
CA ILE A 281 50.14 -15.93 -43.22
C ILE A 281 49.56 -15.15 -44.40
N SER A 282 49.05 -15.87 -45.40
CA SER A 282 48.43 -15.21 -46.55
C SER A 282 47.27 -14.33 -46.11
N ASP A 283 46.48 -14.81 -45.14
CA ASP A 283 45.39 -13.99 -44.60
C ASP A 283 45.92 -12.86 -43.74
N ALA A 284 47.05 -13.09 -43.04
CA ALA A 284 47.57 -12.09 -42.11
C ALA A 284 47.91 -10.78 -42.83
N VAL A 285 48.57 -10.88 -43.98
CA VAL A 285 48.86 -9.66 -44.74
C VAL A 285 47.59 -9.06 -45.30
N GLY A 286 46.63 -9.90 -45.69
CA GLY A 286 45.40 -9.40 -46.29
C GLY A 286 44.58 -8.56 -45.33
N VAL A 287 44.42 -9.02 -44.09
CA VAL A 287 43.60 -8.28 -43.13
C VAL A 287 44.28 -6.98 -42.74
N VAL A 288 45.61 -6.97 -42.66
CA VAL A 288 46.30 -5.74 -42.29
C VAL A 288 46.43 -4.79 -43.48
N ALA A 289 46.49 -5.34 -44.71
CA ALA A 289 46.55 -4.47 -45.89
C ALA A 289 45.27 -3.67 -46.05
N GLN A 290 44.11 -4.33 -45.87
CA GLN A 290 42.84 -3.64 -45.95
C GLN A 290 42.59 -2.72 -44.76
N ALA A 291 43.41 -2.80 -43.72
CA ALA A 291 43.26 -1.95 -42.55
C ALA A 291 44.28 -0.82 -42.53
N VAL A 292 45.49 -1.05 -43.05
CA VAL A 292 46.53 -0.03 -43.01
C VAL A 292 46.14 1.18 -43.86
N HIS A 293 45.27 0.99 -44.84
CA HIS A 293 44.89 2.10 -45.72
C HIS A 293 44.07 3.14 -44.96
N GLU A 294 43.17 2.69 -44.09
CA GLU A 294 42.42 3.63 -43.26
C GLU A 294 43.22 4.13 -42.07
N LEU A 295 44.42 3.61 -41.86
CA LEU A 295 45.23 4.00 -40.71
C LEU A 295 45.78 5.41 -40.86
N LEU A 296 46.52 5.66 -41.94
CA LEU A 296 47.14 6.96 -42.15
C LEU A 296 46.16 8.05 -42.54
N GLU A 297 44.95 7.70 -42.96
CA GLU A 297 43.94 8.67 -43.35
C GLU A 297 43.21 9.26 -42.15
N LYS A 298 43.32 8.63 -40.98
CA LYS A 298 42.68 9.10 -39.76
C LYS A 298 43.45 10.29 -39.20
N GLU A 299 42.76 11.06 -38.35
CA GLU A 299 43.33 12.26 -37.76
C GLU A 299 44.09 11.93 -36.48
N ASN A 300 44.97 12.86 -36.09
CA ASN A 300 45.75 12.76 -34.86
C ASN A 300 46.58 11.48 -34.80
N ILE A 301 47.08 11.03 -35.95
CA ILE A 301 47.90 9.83 -36.00
C ILE A 301 49.31 10.18 -35.51
N THR A 302 49.79 9.44 -34.53
CA THR A 302 51.13 9.62 -33.98
C THR A 302 51.83 8.27 -33.94
N ASP A 303 53.00 8.19 -34.55
CA ASP A 303 53.71 6.93 -34.66
C ASP A 303 54.14 6.45 -33.28
N PRO A 304 53.90 5.19 -32.93
CA PRO A 304 54.42 4.65 -31.67
C PRO A 304 55.93 4.75 -31.64
N PRO A 305 56.52 5.10 -30.49
CA PRO A 305 57.97 5.28 -30.45
C PRO A 305 58.70 3.97 -30.67
N ARG A 306 59.86 4.08 -31.30
CA ARG A 306 60.77 2.94 -31.47
C ARG A 306 61.72 2.78 -30.30
N GLY A 307 61.70 3.70 -29.35
CA GLY A 307 62.63 3.65 -28.24
C GLY A 307 62.20 2.77 -27.10
N CYS A 308 62.38 1.45 -27.24
CA CYS A 308 62.14 0.56 -26.12
C CYS A 308 62.99 0.97 -24.92
N VAL A 309 64.27 1.28 -25.16
CA VAL A 309 65.17 1.74 -24.10
C VAL A 309 64.81 3.14 -23.64
N GLY A 310 64.53 4.04 -24.57
CA GLY A 310 64.32 5.44 -24.23
C GLY A 310 63.00 5.75 -23.56
N ASN A 311 61.91 5.58 -24.30
CA ASN A 311 60.59 5.95 -23.82
C ASN A 311 59.98 4.83 -22.97
N THR A 312 59.22 5.23 -21.96
CA THR A 312 58.49 4.29 -21.11
C THR A 312 57.00 4.60 -21.07
N ASN A 313 56.45 5.22 -22.11
CA ASN A 313 55.05 5.61 -22.14
C ASN A 313 54.32 4.83 -23.23
N ILE A 314 53.04 5.16 -23.43
CA ILE A 314 52.17 4.45 -24.37
C ILE A 314 51.89 5.36 -25.55
N TRP A 315 51.85 4.77 -26.74
CA TRP A 315 51.56 5.52 -27.95
C TRP A 315 50.12 6.03 -27.93
N LYS A 316 49.92 7.22 -28.50
CA LYS A 316 48.56 7.73 -28.65
C LYS A 316 47.71 6.80 -29.49
N THR A 317 48.30 6.19 -30.53
CA THR A 317 47.61 5.18 -31.33
C THR A 317 47.61 3.87 -30.55
N GLY A 318 46.75 3.82 -29.54
CA GLY A 318 46.62 2.67 -28.68
C GLY A 318 45.41 1.85 -29.04
N PRO A 319 44.30 2.07 -28.31
CA PRO A 319 43.06 1.34 -28.63
C PRO A 319 42.50 1.68 -29.98
N LEU A 320 42.95 2.77 -30.61
CA LEU A 320 42.42 3.15 -31.91
C LEU A 320 42.70 2.09 -32.97
N PHE A 321 43.91 1.54 -32.98
CA PHE A 321 44.25 0.52 -33.97
C PHE A 321 43.36 -0.71 -33.82
N LYS A 322 43.12 -1.12 -32.58
CA LYS A 322 42.23 -2.25 -32.36
C LYS A 322 40.80 -1.91 -32.76
N ARG A 323 40.36 -0.68 -32.45
CA ARG A 323 38.96 -0.32 -32.67
C ARG A 323 38.58 -0.40 -34.14
N VAL A 324 39.55 -0.29 -35.03
CA VAL A 324 39.23 -0.31 -36.45
C VAL A 324 39.22 -1.74 -37.00
N LEU A 325 39.93 -2.68 -36.37
CA LEU A 325 39.97 -4.04 -36.89
C LEU A 325 38.65 -4.77 -36.68
N MET A 326 37.99 -4.59 -35.54
CA MET A 326 36.74 -5.30 -35.31
C MET A 326 35.61 -4.82 -36.20
N SER A 327 35.78 -3.69 -36.89
CA SER A 327 34.82 -3.25 -37.88
C SER A 327 35.21 -3.68 -39.30
N SER A 328 36.43 -4.15 -39.49
CA SER A 328 36.87 -4.63 -40.80
C SER A 328 36.16 -5.94 -41.15
N LYS A 329 35.99 -6.17 -42.44
CA LYS A 329 35.31 -7.36 -42.95
C LYS A 329 36.07 -7.86 -44.17
N TYR A 330 36.97 -8.83 -43.96
CA TYR A 330 37.68 -9.45 -45.06
C TYR A 330 36.69 -10.20 -45.95
N ALA A 331 36.82 -10.01 -47.26
CA ALA A 331 35.85 -10.60 -48.19
C ALA A 331 36.01 -12.10 -48.28
N ASP A 332 37.17 -12.57 -48.76
CA ASP A 332 37.41 -13.99 -48.92
C ASP A 332 38.90 -14.22 -49.10
N GLY A 333 39.38 -15.34 -48.56
CA GLY A 333 40.78 -15.70 -48.68
C GLY A 333 40.96 -17.14 -49.09
N VAL A 334 42.15 -17.69 -48.86
CA VAL A 334 42.41 -19.09 -49.21
C VAL A 334 41.54 -20.02 -48.35
N THR A 335 41.31 -19.64 -47.10
CA THR A 335 40.47 -20.43 -46.20
C THR A 335 39.03 -19.95 -46.16
N GLY A 336 38.67 -18.99 -46.99
CA GLY A 336 37.33 -18.44 -46.99
C GLY A 336 37.24 -17.13 -46.22
N ARG A 337 36.00 -16.78 -45.86
CA ARG A 337 35.76 -15.55 -45.14
C ARG A 337 36.40 -15.59 -43.75
N VAL A 338 37.11 -14.53 -43.40
CA VAL A 338 37.77 -14.42 -42.11
C VAL A 338 37.22 -13.17 -41.42
N GLU A 339 36.61 -13.35 -40.25
CA GLU A 339 36.05 -12.26 -39.47
C GLU A 339 36.39 -12.46 -38.00
N PHE A 340 36.38 -11.35 -37.27
CA PHE A 340 36.68 -11.36 -35.84
C PHE A 340 35.39 -11.19 -35.04
N ASN A 341 35.32 -11.91 -33.92
CA ASN A 341 34.18 -11.78 -33.02
C ASN A 341 34.34 -10.49 -32.20
N GLU A 342 33.45 -10.28 -31.24
CA GLU A 342 33.54 -9.11 -30.37
C GLU A 342 34.71 -9.19 -29.40
N ASP A 343 35.29 -10.38 -29.21
CA ASP A 343 36.46 -10.55 -28.36
C ASP A 343 37.75 -10.74 -29.15
N GLY A 344 37.70 -10.62 -30.47
CA GLY A 344 38.90 -10.71 -31.29
C GLY A 344 39.36 -12.13 -31.58
N ASP A 345 38.42 -12.98 -31.98
CA ASP A 345 38.71 -14.38 -32.28
C ASP A 345 38.05 -14.78 -33.59
N ARG A 346 38.55 -15.85 -34.18
CA ARG A 346 38.00 -16.37 -35.42
C ARG A 346 36.53 -16.73 -35.25
N LYS A 347 35.71 -16.31 -36.21
CA LYS A 347 34.27 -16.52 -36.16
C LYS A 347 33.78 -16.89 -37.55
N PHE A 348 32.74 -17.72 -37.61
CA PHE A 348 32.39 -18.50 -38.81
C PHE A 348 33.58 -19.37 -39.27
N ALA A 349 33.97 -20.29 -38.40
CA ALA A 349 34.98 -21.27 -38.75
C ALA A 349 34.33 -22.46 -39.44
N GLN A 350 35.15 -23.33 -40.03
CA GLN A 350 34.68 -24.52 -40.72
C GLN A 350 35.32 -25.75 -40.08
N TYR A 351 34.51 -26.78 -39.88
CA TYR A 351 34.93 -27.97 -39.15
C TYR A 351 34.60 -29.22 -39.96
N SER A 352 35.39 -30.27 -39.72
CA SER A 352 35.16 -31.58 -40.32
C SER A 352 34.91 -32.60 -39.22
N ILE A 353 33.85 -33.38 -39.38
CA ILE A 353 33.47 -34.39 -38.39
C ILE A 353 34.12 -35.71 -38.81
N MET A 354 35.15 -36.13 -38.07
CA MET A 354 35.90 -37.32 -38.40
C MET A 354 35.34 -38.53 -37.66
N ASN A 355 35.93 -39.69 -37.90
CA ASN A 355 35.50 -40.93 -37.29
C ASN A 355 36.65 -41.91 -37.31
N LEU A 356 36.58 -42.91 -36.43
CA LEU A 356 37.53 -44.01 -36.39
C LEU A 356 36.85 -45.29 -36.81
N GLN A 357 37.40 -45.96 -37.82
CA GLN A 357 36.83 -47.20 -38.34
C GLN A 357 37.95 -48.23 -38.41
N ASN A 358 38.15 -48.95 -37.30
CA ASN A 358 39.14 -50.03 -37.22
C ASN A 358 40.55 -49.53 -37.55
N ARG A 359 41.01 -48.58 -36.72
CA ARG A 359 42.34 -47.98 -36.84
C ARG A 359 42.52 -47.32 -38.21
N LYS A 360 41.46 -46.67 -38.70
CA LYS A 360 41.50 -45.97 -39.98
C LYS A 360 40.54 -44.79 -39.90
N LEU A 361 41.09 -43.58 -39.81
CA LEU A 361 40.26 -42.38 -39.73
C LEU A 361 39.53 -42.15 -41.05
N VAL A 362 38.25 -41.79 -40.96
CA VAL A 362 37.43 -41.54 -42.12
C VAL A 362 36.64 -40.25 -41.91
N GLN A 363 36.16 -39.68 -43.01
CA GLN A 363 35.36 -38.48 -43.00
C GLN A 363 33.88 -38.84 -43.04
N VAL A 364 33.08 -38.13 -42.25
CA VAL A 364 31.66 -38.45 -42.12
C VAL A 364 30.80 -37.24 -42.46
N GLY A 365 31.06 -36.11 -41.80
CA GLY A 365 30.24 -34.93 -41.99
C GLY A 365 31.07 -33.67 -41.89
N ILE A 366 30.44 -32.56 -42.27
CA ILE A 366 31.07 -31.24 -42.27
C ILE A 366 30.11 -30.26 -41.61
N TYR A 367 30.64 -29.40 -40.75
CA TYR A 367 29.86 -28.34 -40.11
C TYR A 367 30.51 -27.00 -40.38
N ASN A 368 29.69 -26.01 -40.73
CA ASN A 368 30.19 -24.65 -40.96
C ASN A 368 29.04 -23.66 -40.78
N GLY A 369 29.05 -22.93 -39.67
CA GLY A 369 27.99 -21.98 -39.40
C GLY A 369 26.81 -22.63 -38.71
N THR A 370 25.79 -22.97 -39.50
CA THR A 370 24.66 -23.77 -39.02
C THR A 370 24.48 -25.05 -39.81
N HIS A 371 25.12 -25.19 -40.97
CA HIS A 371 24.98 -26.38 -41.79
C HIS A 371 25.66 -27.57 -41.13
N VAL A 372 24.97 -28.69 -41.09
CA VAL A 372 25.54 -29.98 -40.69
C VAL A 372 25.14 -30.99 -41.76
N ILE A 373 26.13 -31.42 -42.55
CA ILE A 373 25.87 -32.18 -43.76
C ILE A 373 26.51 -33.56 -43.60
N PRO A 374 25.74 -34.62 -43.38
CA PRO A 374 26.29 -35.97 -43.48
C PRO A 374 26.63 -36.31 -44.93
N ASN A 375 27.52 -37.29 -45.08
CA ASN A 375 27.99 -37.70 -46.39
C ASN A 375 27.58 -39.14 -46.66
N ASP A 376 28.09 -39.69 -47.77
CA ASP A 376 27.66 -41.01 -48.23
C ASP A 376 28.03 -42.10 -47.23
N ARG A 377 29.20 -42.00 -46.61
CA ARG A 377 29.68 -43.05 -45.72
C ARG A 377 28.73 -43.23 -44.55
N LYS A 378 28.60 -44.49 -44.10
CA LYS A 378 27.67 -44.86 -43.05
C LYS A 378 28.39 -44.83 -41.70
N ILE A 379 27.80 -44.11 -40.75
CA ILE A 379 28.39 -44.00 -39.41
C ILE A 379 28.36 -45.36 -38.73
N ILE A 380 29.46 -45.71 -38.07
CA ILE A 380 29.58 -46.98 -37.35
C ILE A 380 29.66 -46.67 -35.86
N TRP A 381 28.77 -47.30 -35.09
CA TRP A 381 28.72 -47.11 -33.65
C TRP A 381 29.40 -48.27 -32.95
N PRO A 382 29.91 -48.04 -31.73
CA PRO A 382 30.52 -49.14 -30.97
C PRO A 382 29.49 -50.21 -30.64
N GLY A 383 29.99 -51.42 -30.43
CA GLY A 383 29.12 -52.56 -30.17
C GLY A 383 28.59 -53.25 -31.40
N GLY A 384 28.95 -52.80 -32.61
CA GLY A 384 28.55 -53.44 -33.84
C GLY A 384 27.20 -53.00 -34.38
N GLU A 385 26.48 -52.15 -33.66
CA GLU A 385 25.15 -51.74 -34.11
C GLU A 385 25.26 -50.84 -35.33
N THR A 386 24.17 -50.80 -36.10
CA THR A 386 24.08 -49.99 -37.31
C THR A 386 22.92 -49.00 -37.23
N GLU A 387 22.45 -48.71 -36.03
CA GLU A 387 21.35 -47.79 -35.80
C GLU A 387 21.76 -46.75 -34.76
N LYS A 388 20.85 -45.84 -34.46
CA LYS A 388 21.11 -44.80 -33.49
C LYS A 388 20.45 -45.16 -32.17
N PRO A 389 21.22 -45.52 -31.14
CA PRO A 389 20.61 -45.85 -29.85
C PRO A 389 19.96 -44.63 -29.22
N ARG A 390 18.94 -44.89 -28.39
CA ARG A 390 18.22 -43.82 -27.72
C ARG A 390 19.11 -43.03 -26.78
N GLY A 391 20.23 -43.60 -26.34
CA GLY A 391 21.17 -42.90 -25.49
C GLY A 391 20.94 -43.08 -24.01
N TYR A 392 19.77 -43.52 -23.59
CA TYR A 392 19.50 -43.76 -22.18
C TYR A 392 18.26 -44.64 -22.06
N GLN A 393 18.28 -45.53 -21.07
CA GLN A 393 17.13 -46.37 -20.74
C GLN A 393 16.75 -46.11 -19.29
N MET A 394 15.44 -46.01 -19.04
CA MET A 394 14.99 -45.74 -17.69
C MET A 394 15.31 -46.91 -16.77
N SER A 395 15.76 -46.59 -15.56
CA SER A 395 16.03 -47.61 -14.56
C SER A 395 14.76 -47.90 -13.77
N THR A 396 14.81 -48.98 -12.98
CA THR A 396 13.76 -49.28 -12.01
C THR A 396 14.47 -49.50 -10.68
N ARG A 397 14.84 -48.39 -10.04
CA ARG A 397 15.34 -48.38 -8.68
C ARG A 397 15.23 -46.95 -8.15
N LEU A 398 14.22 -46.69 -7.33
CA LEU A 398 13.98 -45.34 -6.84
C LEU A 398 14.38 -45.21 -5.37
N LYS A 399 15.20 -44.21 -5.10
CA LYS A 399 15.62 -43.90 -3.73
C LYS A 399 14.71 -42.82 -3.16
N ILE A 400 14.21 -43.06 -1.96
CA ILE A 400 13.25 -42.16 -1.31
C ILE A 400 13.87 -41.67 -0.01
N VAL A 401 13.86 -40.36 0.17
CA VAL A 401 14.41 -39.72 1.37
C VAL A 401 13.26 -39.09 2.13
N THR A 402 13.15 -39.40 3.42
CA THR A 402 12.04 -38.94 4.25
C THR A 402 12.56 -38.40 5.56
N ILE A 403 12.12 -37.20 5.93
CA ILE A 403 12.48 -36.61 7.20
C ILE A 403 11.55 -37.14 8.29
N HIS A 404 12.07 -37.16 9.52
CA HIS A 404 11.27 -37.55 10.68
C HIS A 404 10.17 -36.51 10.92
N GLN A 405 8.97 -36.99 11.26
CA GLN A 405 7.86 -36.12 11.57
C GLN A 405 6.92 -36.85 12.52
N GLU A 406 6.09 -36.08 13.23
CA GLU A 406 5.23 -36.66 14.24
C GLU A 406 4.00 -37.38 13.65
N PRO A 407 3.19 -36.75 12.80
CA PRO A 407 1.95 -37.41 12.37
C PRO A 407 2.07 -38.27 11.13
N PHE A 408 3.21 -38.24 10.44
CA PHE A 408 3.28 -38.85 9.11
C PHE A 408 4.22 -40.04 9.04
N VAL A 409 5.37 -40.00 9.72
CA VAL A 409 6.35 -41.07 9.69
C VAL A 409 6.77 -41.39 11.12
N TYR A 410 6.13 -42.39 11.72
CA TYR A 410 6.61 -42.90 12.98
C TYR A 410 7.89 -43.72 12.77
N VAL A 411 8.72 -43.78 13.79
CA VAL A 411 9.95 -44.57 13.75
C VAL A 411 10.08 -45.36 15.04
N LYS A 412 10.36 -46.65 14.93
CA LYS A 412 10.49 -47.53 16.08
C LYS A 412 11.65 -48.49 15.86
N PRO A 413 12.36 -48.87 16.93
CA PRO A 413 13.42 -49.88 16.79
C PRO A 413 12.84 -51.25 16.48
N THR A 414 13.66 -52.07 15.83
CA THR A 414 13.23 -53.41 15.44
C THR A 414 13.25 -54.35 16.64
N MET A 415 12.87 -55.60 16.37
CA MET A 415 12.86 -56.63 17.39
C MET A 415 14.15 -57.45 17.33
N SER A 416 14.19 -58.57 18.05
CA SER A 416 15.41 -59.37 18.14
C SER A 416 15.77 -60.01 16.79
N ASP A 417 14.78 -60.47 16.04
CA ASP A 417 15.04 -61.20 14.79
C ASP A 417 15.53 -60.31 13.66
N GLY A 418 15.42 -58.99 13.80
CA GLY A 418 15.86 -58.09 12.75
C GLY A 418 14.76 -57.17 12.27
N THR A 419 13.54 -57.71 12.13
CA THR A 419 12.38 -56.91 11.81
C THR A 419 11.69 -56.49 13.10
N CYS A 420 10.48 -55.94 12.98
CA CYS A 420 9.68 -55.55 14.14
C CYS A 420 8.36 -56.29 14.12
N LYS A 421 7.84 -56.58 15.32
CA LYS A 421 6.63 -57.38 15.44
C LYS A 421 5.44 -56.65 14.83
N GLU A 422 4.58 -57.42 14.17
CA GLU A 422 3.40 -56.86 13.53
C GLU A 422 2.28 -56.67 14.55
N GLU A 423 1.64 -55.51 14.51
CA GLU A 423 0.54 -55.17 15.40
C GLU A 423 -0.70 -54.87 14.57
N PHE A 424 -1.79 -54.55 15.26
CA PHE A 424 -3.08 -54.34 14.61
C PHE A 424 -3.82 -53.20 15.29
N THR A 425 -4.64 -52.50 14.51
CA THR A 425 -5.35 -51.33 15.00
C THR A 425 -6.71 -51.74 15.55
N VAL A 426 -7.58 -50.76 15.80
CA VAL A 426 -8.93 -51.05 16.29
C VAL A 426 -9.69 -51.92 15.30
N ASN A 427 -9.50 -51.68 14.00
CA ASN A 427 -10.07 -52.55 12.98
C ASN A 427 -9.34 -53.88 12.87
N GLY A 428 -8.11 -53.95 13.39
CA GLY A 428 -7.34 -55.17 13.31
C GLY A 428 -6.69 -55.42 11.97
N ASP A 429 -6.79 -54.48 11.04
CA ASP A 429 -6.15 -54.65 9.74
C ASP A 429 -4.64 -54.48 9.88
N PRO A 430 -3.83 -55.30 9.21
CA PRO A 430 -2.38 -55.15 9.31
C PRO A 430 -1.93 -53.78 8.81
N VAL A 431 -0.88 -53.26 9.45
CA VAL A 431 -0.27 -52.00 9.07
C VAL A 431 1.14 -52.29 8.58
N LYS A 432 1.48 -51.73 7.42
CA LYS A 432 2.75 -52.07 6.77
C LYS A 432 3.93 -51.57 7.59
N LYS A 433 5.04 -52.29 7.51
CA LYS A 433 6.24 -52.06 8.30
C LYS A 433 7.48 -52.11 7.42
N VAL A 434 7.44 -51.36 6.32
CA VAL A 434 8.57 -51.33 5.39
C VAL A 434 9.85 -50.98 6.14
N ILE A 435 10.95 -51.62 5.74
CA ILE A 435 12.22 -51.40 6.42
C ILE A 435 12.73 -50.01 6.12
N CYS A 436 13.13 -49.27 7.15
CA CYS A 436 13.64 -47.92 6.99
C CYS A 436 15.00 -47.82 7.66
N THR A 437 16.02 -47.51 6.86
CA THR A 437 17.41 -47.51 7.31
C THR A 437 17.87 -46.08 7.59
N GLY A 438 17.56 -45.59 8.79
CA GLY A 438 17.97 -44.27 9.20
C GLY A 438 19.01 -44.28 10.30
N PRO A 439 19.76 -43.18 10.43
CA PRO A 439 20.73 -43.07 11.53
C PRO A 439 20.04 -42.94 12.87
N ASN A 440 20.76 -43.35 13.91
CA ASN A 440 20.24 -43.37 15.27
C ASN A 440 20.59 -42.06 15.99
N ASP A 441 20.36 -42.03 17.30
CA ASP A 441 20.73 -40.93 18.18
C ASP A 441 19.98 -39.66 17.85
N THR A 442 20.34 -38.56 18.50
CA THR A 442 19.69 -37.27 18.27
C THR A 442 20.34 -36.49 17.14
N SER A 443 21.67 -36.43 17.12
CA SER A 443 22.40 -35.74 16.07
C SER A 443 23.55 -36.60 15.57
N PRO A 444 23.82 -36.57 14.27
CA PRO A 444 24.95 -37.35 13.72
C PRO A 444 26.30 -36.67 13.86
N GLY A 445 26.42 -35.64 14.69
CA GLY A 445 27.67 -34.92 14.84
C GLY A 445 28.77 -35.76 15.45
N SER A 446 28.63 -36.12 16.72
CA SER A 446 29.65 -36.91 17.39
C SER A 446 29.65 -38.36 16.89
N PRO A 447 28.54 -39.08 16.92
CA PRO A 447 28.55 -40.47 16.44
C PRO A 447 28.17 -40.58 14.97
N ARG A 448 28.41 -41.78 14.43
CA ARG A 448 28.00 -42.08 13.06
C ARG A 448 27.66 -43.57 13.02
N HIS A 449 26.37 -43.86 13.21
CA HIS A 449 25.87 -45.23 13.22
C HIS A 449 24.64 -45.33 12.34
N THR A 450 24.58 -46.38 11.54
CA THR A 450 23.43 -46.67 10.68
C THR A 450 22.82 -47.98 11.13
N VAL A 451 21.59 -47.94 11.60
CA VAL A 451 20.91 -49.13 12.10
C VAL A 451 19.54 -49.23 11.42
N PRO A 452 19.16 -50.41 10.93
CA PRO A 452 17.83 -50.55 10.34
C PRO A 452 16.74 -50.37 11.39
N GLN A 453 15.65 -49.72 10.97
CA GLN A 453 14.44 -49.63 11.76
C GLN A 453 13.26 -49.88 10.81
N CYS A 454 12.05 -49.85 11.37
CA CYS A 454 10.84 -49.89 10.57
C CYS A 454 10.03 -48.63 10.85
N CYS A 455 9.64 -47.95 9.78
CA CYS A 455 8.85 -46.73 9.91
C CYS A 455 7.49 -46.94 9.27
N TYR A 456 6.46 -46.46 9.97
CA TYR A 456 5.10 -46.74 9.54
C TYR A 456 4.23 -45.53 9.84
N GLY A 457 3.25 -45.30 8.98
CA GLY A 457 2.35 -44.19 9.18
C GLY A 457 1.43 -43.93 8.00
N PHE A 458 1.35 -42.67 7.58
CA PHE A 458 0.40 -42.24 6.58
C PHE A 458 0.98 -42.12 5.17
N CYS A 459 2.03 -41.33 4.99
CA CYS A 459 2.53 -41.02 3.65
C CYS A 459 3.13 -42.23 2.95
N ILE A 460 3.82 -43.11 3.69
CA ILE A 460 4.46 -44.25 3.07
C ILE A 460 3.43 -45.18 2.44
N ASP A 461 2.21 -45.23 3.01
CA ASP A 461 1.14 -45.99 2.38
C ASP A 461 0.85 -45.46 0.98
N LEU A 462 0.83 -44.13 0.84
CA LEU A 462 0.68 -43.53 -0.48
C LEU A 462 1.80 -44.00 -1.42
N LEU A 463 3.01 -44.17 -0.88
CA LEU A 463 4.09 -44.72 -1.69
C LEU A 463 3.79 -46.14 -2.14
N ILE A 464 3.25 -46.97 -1.24
CA ILE A 464 2.92 -48.34 -1.59
C ILE A 464 1.80 -48.37 -2.62
N LYS A 465 0.75 -47.60 -2.39
CA LYS A 465 -0.37 -47.58 -3.34
C LYS A 465 0.07 -47.06 -4.69
N LEU A 466 0.89 -46.01 -4.72
CA LEU A 466 1.38 -45.48 -5.97
C LEU A 466 2.27 -46.48 -6.69
N ALA A 467 3.12 -47.20 -5.95
CA ALA A 467 4.04 -48.14 -6.55
C ALA A 467 3.33 -49.31 -7.22
N ARG A 468 2.06 -49.54 -6.89
CA ARG A 468 1.32 -50.63 -7.54
C ARG A 468 1.04 -50.30 -9.00
N THR A 469 0.58 -49.08 -9.28
CA THR A 469 0.29 -48.70 -10.66
C THR A 469 1.58 -48.55 -11.46
N MET A 470 2.56 -47.83 -10.91
CA MET A 470 3.86 -47.68 -11.55
C MET A 470 4.80 -48.72 -10.96
N GLN A 471 5.09 -49.76 -11.73
CA GLN A 471 5.81 -50.93 -11.23
C GLN A 471 7.28 -50.57 -11.04
N PHE A 472 7.63 -50.21 -9.82
CA PHE A 472 9.01 -49.99 -9.43
C PHE A 472 9.24 -50.44 -7.99
N THR A 473 10.51 -50.66 -7.66
CA THR A 473 10.91 -51.01 -6.31
C THR A 473 11.51 -49.80 -5.62
N TYR A 474 11.69 -49.89 -4.31
CA TYR A 474 12.13 -48.76 -3.52
C TYR A 474 12.91 -49.23 -2.30
N GLU A 475 13.75 -48.34 -1.79
CA GLU A 475 14.50 -48.61 -0.56
C GLU A 475 14.73 -47.25 0.12
N VAL A 476 13.88 -46.94 1.08
CA VAL A 476 13.94 -45.63 1.73
C VAL A 476 15.09 -45.59 2.73
N HIS A 477 15.58 -44.38 2.99
CA HIS A 477 16.56 -44.15 4.03
C HIS A 477 16.48 -42.70 4.47
N LEU A 478 16.53 -42.48 5.78
CA LEU A 478 16.32 -41.15 6.33
C LEU A 478 17.50 -40.23 6.01
N VAL A 479 17.24 -38.92 6.08
CA VAL A 479 18.27 -37.95 5.74
C VAL A 479 19.25 -37.83 6.91
N ALA A 480 20.46 -37.33 6.59
CA ALA A 480 21.53 -37.28 7.57
C ALA A 480 21.35 -36.12 8.55
N ASP A 481 21.29 -34.89 8.05
CA ASP A 481 21.28 -33.73 8.92
C ASP A 481 20.04 -33.70 9.81
N GLY A 482 18.88 -34.03 9.24
CA GLY A 482 17.65 -34.01 10.00
C GLY A 482 16.86 -32.71 9.93
N LYS A 483 17.21 -31.82 9.02
CA LYS A 483 16.50 -30.57 8.83
C LYS A 483 16.02 -30.45 7.40
N PHE A 484 14.91 -29.72 7.21
CA PHE A 484 14.34 -29.57 5.87
C PHE A 484 15.32 -28.86 4.94
N GLY A 485 15.83 -27.71 5.36
CA GLY A 485 16.91 -27.08 4.62
C GLY A 485 16.54 -25.85 3.82
N THR A 486 17.52 -24.99 3.59
CA THR A 486 17.37 -23.81 2.76
C THR A 486 18.73 -23.49 2.15
N GLN A 487 18.83 -22.32 1.52
CA GLN A 487 20.06 -21.90 0.86
C GLN A 487 20.72 -20.77 1.65
N GLU A 488 22.05 -20.74 1.60
CA GLU A 488 22.82 -19.72 2.29
C GLU A 488 24.18 -19.59 1.61
N ARG A 489 25.05 -18.76 2.17
CA ARG A 489 26.39 -18.53 1.65
C ARG A 489 27.42 -19.16 2.57
N VAL A 490 28.44 -19.78 1.97
CA VAL A 490 29.51 -20.45 2.69
C VAL A 490 30.83 -19.96 2.14
N GLN A 491 31.80 -19.74 3.04
CA GLN A 491 33.16 -19.31 2.70
C GLN A 491 33.19 -17.98 1.97
N ASN A 492 32.09 -17.22 2.01
CA ASN A 492 31.98 -15.91 1.38
C ASN A 492 32.24 -15.94 -0.12
N SER A 493 32.21 -17.12 -0.73
CA SER A 493 32.48 -17.24 -2.16
C SER A 493 31.19 -17.04 -2.95
N ASN A 494 31.33 -17.04 -4.28
CA ASN A 494 30.18 -16.89 -5.16
C ASN A 494 29.32 -18.14 -5.19
N LYS A 495 29.77 -19.25 -4.61
CA LYS A 495 29.01 -20.48 -4.64
C LYS A 495 28.01 -20.53 -3.49
N LYS A 496 26.75 -20.76 -3.81
CA LYS A 496 25.68 -20.90 -2.82
C LYS A 496 25.03 -22.26 -3.03
N GLU A 497 25.07 -23.09 -1.99
CA GLU A 497 24.59 -24.47 -2.09
C GLU A 497 23.54 -24.73 -1.03
N TRP A 498 22.81 -25.83 -1.22
CA TRP A 498 21.76 -26.24 -0.30
C TRP A 498 22.29 -27.23 0.72
N ASN A 499 21.73 -27.19 1.92
CA ASN A 499 22.07 -28.13 2.98
C ASN A 499 20.80 -28.75 3.52
N GLY A 500 20.94 -29.90 4.16
CA GLY A 500 19.79 -30.58 4.73
C GLY A 500 19.08 -31.47 3.72
N MET A 501 17.81 -31.77 4.02
CA MET A 501 17.04 -32.71 3.19
C MET A 501 17.00 -32.29 1.73
N MET A 502 16.98 -30.98 1.46
CA MET A 502 16.86 -30.51 0.09
C MET A 502 18.05 -30.94 -0.76
N GLY A 503 19.25 -30.97 -0.18
CA GLY A 503 20.45 -31.15 -0.98
C GLY A 503 20.52 -32.49 -1.69
N GLU A 504 20.10 -33.56 -1.02
CA GLU A 504 20.29 -34.89 -1.58
C GLU A 504 19.54 -35.07 -2.89
N LEU A 505 18.36 -34.48 -3.01
CA LEU A 505 17.65 -34.52 -4.28
C LEU A 505 18.42 -33.76 -5.36
N LEU A 506 19.18 -32.74 -4.95
CA LEU A 506 19.84 -31.90 -5.94
C LEU A 506 21.02 -32.60 -6.61
N SER A 507 21.79 -33.39 -5.85
CA SER A 507 23.04 -33.97 -6.39
C SER A 507 23.06 -35.48 -6.19
N GLY A 508 22.41 -36.20 -7.10
CA GLY A 508 22.70 -37.61 -7.32
C GLY A 508 22.64 -38.51 -6.11
N GLN A 509 21.60 -38.35 -5.28
CA GLN A 509 21.42 -39.28 -4.18
C GLN A 509 19.97 -39.68 -3.93
N ALA A 510 19.03 -39.22 -4.74
CA ALA A 510 17.64 -39.62 -4.62
C ALA A 510 16.92 -39.19 -5.90
N ASP A 511 15.67 -39.62 -6.03
CA ASP A 511 14.85 -39.22 -7.16
C ASP A 511 13.43 -38.81 -6.80
N MET A 512 13.03 -38.94 -5.54
CA MET A 512 11.72 -38.47 -5.09
C MET A 512 11.82 -38.04 -3.64
N ILE A 513 10.89 -37.19 -3.22
CA ILE A 513 10.76 -36.76 -1.84
C ILE A 513 9.31 -36.93 -1.42
N VAL A 514 9.07 -37.71 -0.38
CA VAL A 514 7.73 -37.90 0.18
C VAL A 514 7.82 -37.53 1.65
N ALA A 515 7.38 -36.33 1.98
CA ALA A 515 7.51 -35.78 3.32
C ALA A 515 6.71 -34.47 3.36
N PRO A 516 6.45 -33.94 4.56
CA PRO A 516 5.77 -32.65 4.64
C PRO A 516 6.66 -31.51 4.16
N LEU A 517 6.83 -31.41 2.85
CA LEU A 517 7.64 -30.37 2.22
C LEU A 517 6.73 -29.28 1.68
N THR A 518 6.77 -28.11 2.31
CA THR A 518 5.88 -27.03 1.92
C THR A 518 6.31 -26.43 0.59
N ILE A 519 5.32 -25.99 -0.19
CA ILE A 519 5.54 -25.33 -1.47
C ILE A 519 5.82 -23.86 -1.21
N ASN A 520 6.84 -23.32 -1.88
CA ASN A 520 7.20 -21.93 -1.73
C ASN A 520 7.92 -21.47 -2.98
N ASN A 521 8.01 -20.15 -3.14
CA ASN A 521 8.61 -19.59 -4.35
C ASN A 521 10.06 -20.00 -4.51
N GLU A 522 10.83 -19.95 -3.42
CA GLU A 522 12.27 -20.23 -3.52
C GLU A 522 12.53 -21.67 -3.95
N ARG A 523 11.88 -22.63 -3.28
CA ARG A 523 12.11 -24.03 -3.62
C ARG A 523 11.53 -24.39 -4.98
N ALA A 524 10.49 -23.70 -5.42
CA ALA A 524 9.89 -23.98 -6.70
C ALA A 524 10.69 -23.42 -7.87
N GLN A 525 11.80 -22.73 -7.61
CA GLN A 525 12.61 -22.18 -8.69
C GLN A 525 13.10 -23.27 -9.62
N TYR A 526 13.77 -24.29 -9.06
CA TYR A 526 14.22 -25.44 -9.85
C TYR A 526 13.95 -26.74 -9.10
N ILE A 527 12.70 -27.19 -9.17
CA ILE A 527 12.19 -28.51 -8.82
C ILE A 527 10.80 -28.57 -9.44
N GLU A 528 10.38 -29.73 -9.94
CA GLU A 528 9.05 -29.87 -10.52
C GLU A 528 8.11 -30.50 -9.52
N PHE A 529 7.38 -29.66 -8.78
CA PHE A 529 6.37 -30.13 -7.84
C PHE A 529 5.14 -30.64 -8.58
N SER A 530 4.61 -31.77 -8.12
CA SER A 530 3.36 -32.28 -8.66
C SER A 530 2.18 -31.60 -7.96
N LYS A 531 0.98 -32.12 -8.23
CA LYS A 531 -0.20 -31.60 -7.56
C LYS A 531 -0.13 -31.85 -6.06
N PRO A 532 -0.68 -30.94 -5.26
CA PRO A 532 -0.71 -31.17 -3.81
C PRO A 532 -1.80 -32.15 -3.45
N PHE A 533 -1.53 -32.97 -2.43
CA PHE A 533 -2.45 -34.01 -2.00
C PHE A 533 -3.01 -33.78 -0.59
N LYS A 534 -2.69 -32.64 0.04
CA LYS A 534 -3.27 -32.32 1.34
C LYS A 534 -3.15 -30.82 1.55
N TYR A 535 -4.27 -30.12 1.52
CA TYR A 535 -4.25 -28.68 1.77
C TYR A 535 -4.03 -28.44 3.26
N GLN A 536 -3.19 -27.47 3.57
CA GLN A 536 -2.75 -27.30 4.94
C GLN A 536 -2.59 -25.82 5.24
N GLY A 537 -1.92 -25.52 6.34
CA GLY A 537 -1.70 -24.14 6.76
C GLY A 537 -0.75 -24.12 7.92
N LEU A 538 -0.68 -22.99 8.59
CA LEU A 538 0.17 -22.85 9.77
C LEU A 538 -0.49 -21.91 10.77
N THR A 539 -0.49 -22.32 12.04
CA THR A 539 -1.26 -21.65 13.08
C THR A 539 -0.40 -21.54 14.33
N ILE A 540 -1.04 -21.16 15.44
CA ILE A 540 -0.37 -20.95 16.71
C ILE A 540 -1.08 -21.78 17.77
N LEU A 541 -0.31 -22.31 18.73
CA LEU A 541 -0.86 -22.99 19.89
C LEU A 541 -0.20 -22.47 21.15
N VAL A 542 -0.99 -22.37 22.23
CA VAL A 542 -0.51 -21.88 23.52
C VAL A 542 -1.12 -22.72 24.63
N LYS A 543 -0.56 -22.58 25.82
CA LYS A 543 -1.09 -23.27 26.98
C LYS A 543 -2.45 -22.69 27.38
N LYS A 544 -3.27 -23.53 28.01
CA LYS A 544 -4.59 -23.13 28.48
C LYS A 544 -4.61 -23.06 30.00
N GLU A 545 -5.63 -22.42 30.53
CA GLU A 545 -5.72 -22.13 31.96
C GLU A 545 -6.90 -22.88 32.58
N ILE A 546 -6.66 -23.47 33.74
CA ILE A 546 -7.66 -24.33 34.39
C ILE A 546 -8.80 -23.47 34.91
N PRO A 547 -10.07 -23.90 34.73
CA PRO A 547 -11.19 -23.09 35.24
C PRO A 547 -11.47 -23.35 36.72
N ARG A 548 -12.55 -22.77 37.23
CA ARG A 548 -12.89 -22.87 38.64
C ARG A 548 -13.32 -24.30 38.97
N SER A 549 -13.58 -24.57 40.24
CA SER A 549 -13.91 -25.90 40.72
C SER A 549 -15.40 -26.16 40.56
N THR A 550 -15.84 -27.33 41.06
CA THR A 550 -17.25 -27.70 41.00
C THR A 550 -18.09 -26.71 41.80
N LEU A 551 -17.88 -26.68 43.11
CA LEU A 551 -17.96 -25.56 44.05
C LEU A 551 -17.82 -26.03 45.49
N ASP A 552 -17.75 -25.08 46.43
CA ASP A 552 -18.10 -25.36 47.81
C ASP A 552 -19.59 -25.10 47.98
N SER A 553 -20.22 -25.86 48.88
CA SER A 553 -21.68 -25.84 48.97
C SER A 553 -22.22 -24.46 49.32
N PHE A 554 -21.69 -23.85 50.37
CA PHE A 554 -22.22 -22.58 50.86
C PHE A 554 -21.23 -21.44 50.78
N MET A 555 -20.01 -21.67 50.31
CA MET A 555 -19.02 -20.60 50.24
C MET A 555 -19.34 -19.62 49.10
N GLN A 556 -19.88 -20.12 48.00
CA GLN A 556 -20.08 -19.29 46.82
C GLN A 556 -21.05 -18.12 47.02
N PRO A 557 -22.27 -18.31 47.53
CA PRO A 557 -23.33 -17.33 47.29
C PRO A 557 -23.48 -16.21 48.32
N PHE A 558 -22.89 -16.32 49.50
CA PHE A 558 -23.18 -15.35 50.55
C PHE A 558 -21.96 -15.11 51.43
N GLN A 559 -21.96 -13.97 52.12
CA GLN A 559 -21.02 -13.70 53.19
C GLN A 559 -21.24 -14.64 54.37
N SER A 560 -20.16 -14.92 55.09
CA SER A 560 -20.32 -15.57 56.39
C SER A 560 -21.13 -14.70 57.33
N THR A 561 -21.10 -13.38 57.13
CA THR A 561 -21.87 -12.47 57.98
C THR A 561 -23.37 -12.64 57.78
N LEU A 562 -23.82 -12.77 56.52
CA LEU A 562 -25.25 -12.84 56.25
C LEU A 562 -25.90 -14.04 56.91
N TRP A 563 -25.23 -15.19 56.88
CA TRP A 563 -25.79 -16.38 57.54
C TRP A 563 -26.01 -16.13 59.02
N LEU A 564 -25.04 -15.49 59.69
CA LEU A 564 -25.21 -15.16 61.10
C LEU A 564 -26.26 -14.07 61.28
N LEU A 565 -26.26 -13.05 60.43
CA LEU A 565 -27.12 -11.91 60.64
C LEU A 565 -28.59 -12.25 60.38
N VAL A 566 -28.86 -13.01 59.31
CA VAL A 566 -30.24 -13.35 59.01
C VAL A 566 -30.82 -14.30 60.06
N GLY A 567 -29.99 -15.20 60.59
CA GLY A 567 -30.49 -16.15 61.57
C GLY A 567 -30.91 -15.49 62.87
N LEU A 568 -30.10 -14.57 63.38
CA LEU A 568 -30.49 -13.86 64.60
C LEU A 568 -31.72 -12.99 64.37
N SER A 569 -31.83 -12.38 63.18
CA SER A 569 -33.01 -11.60 62.87
C SER A 569 -34.27 -12.43 62.97
N VAL A 570 -34.18 -13.72 62.63
CA VAL A 570 -35.31 -14.63 62.85
C VAL A 570 -35.63 -14.71 64.34
N HIS A 571 -34.60 -14.90 65.17
CA HIS A 571 -34.80 -14.85 66.61
C HIS A 571 -35.30 -13.49 67.05
N VAL A 572 -34.78 -12.42 66.43
CA VAL A 572 -35.20 -11.07 66.80
C VAL A 572 -36.71 -10.91 66.59
N VAL A 573 -37.20 -11.30 65.42
CA VAL A 573 -38.64 -11.22 65.18
C VAL A 573 -39.38 -12.26 66.01
N ALA A 574 -38.80 -13.46 66.17
CA ALA A 574 -39.50 -14.54 66.86
C ALA A 574 -39.87 -14.13 68.29
N VAL A 575 -38.91 -13.57 69.03
CA VAL A 575 -39.17 -13.24 70.43
C VAL A 575 -40.23 -12.14 70.53
N MET A 576 -40.25 -11.21 69.58
CA MET A 576 -41.16 -10.08 69.70
C MET A 576 -42.58 -10.40 69.26
N LEU A 577 -42.82 -11.57 68.65
CA LEU A 577 -44.19 -12.01 68.43
C LEU A 577 -44.94 -12.15 69.75
N TYR A 578 -44.28 -12.73 70.75
CA TYR A 578 -44.95 -12.92 72.05
C TYR A 578 -45.37 -11.59 72.64
N LEU A 579 -44.61 -10.53 72.37
CA LEU A 579 -44.95 -9.22 72.91
C LEU A 579 -46.33 -8.75 72.45
N LEU A 580 -46.76 -9.22 71.29
CA LEU A 580 -48.07 -8.84 70.75
C LEU A 580 -49.22 -9.68 71.30
N ASP A 581 -48.99 -10.46 72.36
CA ASP A 581 -50.04 -11.28 72.95
C ASP A 581 -50.67 -10.65 74.18
N ARG A 582 -50.51 -9.35 74.39
CA ARG A 582 -51.12 -8.65 75.51
C ARG A 582 -52.01 -7.52 75.02
N PHE A 583 -52.78 -7.77 73.96
CA PHE A 583 -53.66 -6.76 73.40
C PHE A 583 -55.08 -6.86 73.95
N SER A 584 -55.71 -8.02 73.77
CA SER A 584 -57.09 -8.21 74.22
C SER A 584 -57.21 -9.45 75.12
N THR A 602 -47.23 -20.14 75.25
CA THR A 602 -47.14 -20.39 73.82
C THR A 602 -45.89 -19.75 73.22
N LEU A 603 -44.99 -19.31 74.09
CA LEU A 603 -43.75 -18.69 73.63
C LEU A 603 -42.91 -19.67 72.82
N SER A 604 -42.78 -20.90 73.31
CA SER A 604 -42.06 -21.92 72.56
C SER A 604 -42.75 -22.22 71.24
N SER A 605 -44.09 -22.32 71.27
CA SER A 605 -44.84 -22.57 70.03
C SER A 605 -44.66 -21.44 69.04
N ALA A 606 -44.82 -20.20 69.50
CA ALA A 606 -44.69 -19.05 68.60
C ALA A 606 -43.28 -18.95 68.04
N MET A 607 -42.27 -19.21 68.87
CA MET A 607 -40.89 -19.18 68.40
C MET A 607 -40.67 -20.22 67.31
N TRP A 608 -41.20 -21.43 67.52
CA TRP A 608 -41.04 -22.49 66.53
C TRP A 608 -41.70 -22.14 65.21
N PHE A 609 -42.73 -21.30 65.24
CA PHE A 609 -43.46 -20.94 64.02
C PHE A 609 -42.55 -20.27 63.01
N SER A 610 -41.84 -19.22 63.44
CA SER A 610 -41.10 -18.42 62.48
C SER A 610 -39.83 -19.11 62.00
N TRP A 611 -39.20 -19.92 62.86
CA TRP A 611 -37.96 -20.57 62.43
C TRP A 611 -38.21 -21.57 61.31
N GLY A 612 -39.44 -22.09 61.21
CA GLY A 612 -39.74 -23.06 60.19
C GLY A 612 -40.18 -22.47 58.87
N VAL A 613 -40.88 -21.33 58.91
CA VAL A 613 -41.48 -20.78 57.69
C VAL A 613 -40.42 -20.46 56.65
N LEU A 614 -39.23 -20.04 57.09
CA LEU A 614 -38.20 -19.68 56.13
C LEU A 614 -37.64 -20.92 55.42
N LEU A 615 -37.76 -22.09 56.03
CA LEU A 615 -37.16 -23.28 55.47
C LEU A 615 -38.12 -24.10 54.61
N ASN A 616 -39.33 -23.60 54.36
CA ASN A 616 -40.30 -24.30 53.52
C ASN A 616 -40.51 -25.73 54.01
N SER A 617 -40.61 -25.87 55.32
CA SER A 617 -40.74 -27.17 55.96
C SER A 617 -42.21 -27.47 56.22
N GLY A 618 -42.47 -28.61 56.85
CA GLY A 618 -43.78 -28.91 57.36
C GLY A 618 -43.98 -28.20 58.69
N ILE A 619 -44.48 -28.94 59.69
CA ILE A 619 -44.59 -28.55 61.10
C ILE A 619 -45.35 -27.23 61.23
N GLY A 620 -45.54 -26.77 62.46
CA GLY A 620 -46.23 -25.51 62.69
C GLY A 620 -47.68 -25.70 63.08
N GLU A 621 -48.00 -25.41 64.33
CA GLU A 621 -49.36 -25.53 64.84
C GLU A 621 -49.91 -24.23 65.38
N GLY A 622 -49.09 -23.45 66.07
CA GLY A 622 -49.52 -22.16 66.60
C GLY A 622 -49.94 -21.19 65.52
N ALA A 623 -51.05 -20.50 65.75
CA ALA A 623 -51.57 -19.51 64.83
C ALA A 623 -51.66 -18.14 65.51
N PRO A 624 -51.57 -17.05 64.76
CA PRO A 624 -51.70 -15.72 65.37
C PRO A 624 -53.16 -15.38 65.62
N ARG A 625 -53.46 -14.95 66.85
CA ARG A 625 -54.82 -14.59 67.23
C ARG A 625 -55.09 -13.10 67.06
N SER A 626 -54.22 -12.24 67.58
CA SER A 626 -54.42 -10.81 67.48
C SER A 626 -54.25 -10.34 66.04
N PHE A 627 -54.94 -9.25 65.70
CA PHE A 627 -54.81 -8.67 64.37
C PHE A 627 -53.43 -8.08 64.13
N SER A 628 -52.76 -7.64 65.20
CA SER A 628 -51.45 -7.01 65.03
C SER A 628 -50.43 -7.98 64.46
N ALA A 629 -50.32 -9.18 65.03
CA ALA A 629 -49.36 -10.15 64.53
C ALA A 629 -49.72 -10.63 63.14
N ARG A 630 -51.01 -10.60 62.79
CA ARG A 630 -51.44 -11.09 61.48
C ARG A 630 -50.77 -10.34 60.35
N ILE A 631 -50.70 -9.01 60.47
CA ILE A 631 -49.99 -8.23 59.45
C ILE A 631 -48.51 -8.51 59.52
N LEU A 632 -47.97 -8.70 60.73
CA LEU A 632 -46.55 -8.97 60.90
C LEU A 632 -46.14 -10.25 60.18
N GLY A 633 -46.92 -11.32 60.35
CA GLY A 633 -46.55 -12.59 59.74
C GLY A 633 -46.58 -12.54 58.23
N MET A 634 -47.55 -11.81 57.66
CA MET A 634 -47.71 -11.75 56.21
C MET A 634 -46.43 -11.26 55.54
N VAL A 635 -45.91 -10.11 56.00
CA VAL A 635 -44.67 -9.60 55.43
C VAL A 635 -43.52 -10.53 55.77
N TRP A 636 -43.56 -11.18 56.92
CA TRP A 636 -42.48 -12.10 57.30
C TRP A 636 -42.39 -13.23 56.29
N ALA A 637 -43.53 -13.76 55.85
CA ALA A 637 -43.54 -14.82 54.84
C ALA A 637 -42.98 -14.32 53.52
N GLY A 638 -43.37 -13.10 53.12
CA GLY A 638 -42.85 -12.55 51.88
C GLY A 638 -41.35 -12.38 51.90
N PHE A 639 -40.79 -12.11 53.09
CA PHE A 639 -39.35 -12.00 53.23
C PHE A 639 -38.67 -13.28 52.76
N ALA A 640 -39.33 -14.43 52.93
CA ALA A 640 -38.71 -15.72 52.63
C ALA A 640 -38.36 -15.86 51.16
N MET A 641 -39.20 -15.30 50.27
CA MET A 641 -39.02 -15.51 48.84
C MET A 641 -37.64 -15.08 48.38
N ILE A 642 -37.31 -13.82 48.67
CA ILE A 642 -36.22 -13.14 47.99
C ILE A 642 -34.88 -13.75 48.37
N ILE A 643 -34.68 -14.07 49.65
CA ILE A 643 -33.46 -14.76 50.05
C ILE A 643 -33.33 -16.07 49.30
N VAL A 644 -34.41 -16.85 49.26
CA VAL A 644 -34.39 -18.09 48.48
C VAL A 644 -34.30 -17.79 47.00
N ALA A 645 -35.07 -16.81 46.51
CA ALA A 645 -35.03 -16.49 45.09
C ALA A 645 -33.65 -15.98 44.68
N SER A 646 -33.10 -15.01 45.43
CA SER A 646 -31.79 -14.47 45.09
C SER A 646 -30.73 -15.57 45.11
N TYR A 647 -30.81 -16.47 46.08
CA TYR A 647 -29.87 -17.58 46.13
C TYR A 647 -29.89 -18.38 44.84
N THR A 648 -31.09 -18.64 44.31
CA THR A 648 -31.21 -19.43 43.09
C THR A 648 -30.51 -18.74 41.93
N ALA A 649 -30.74 -17.44 41.76
CA ALA A 649 -30.08 -16.71 40.69
C ALA A 649 -28.58 -16.64 40.91
N ASN A 650 -28.13 -16.44 42.16
CA ASN A 650 -26.71 -16.34 42.43
C ASN A 650 -25.95 -17.57 41.95
N LEU A 651 -26.40 -18.75 42.37
CA LEU A 651 -25.74 -19.97 41.91
C LEU A 651 -25.91 -20.15 40.41
N ALA A 652 -27.04 -19.70 39.86
CA ALA A 652 -27.19 -19.70 38.40
C ALA A 652 -26.21 -18.75 37.74
N ALA A 653 -26.01 -17.57 38.34
CA ALA A 653 -25.09 -16.60 37.76
C ALA A 653 -23.66 -17.14 37.72
N PHE A 654 -23.22 -17.76 38.80
CA PHE A 654 -21.84 -18.24 38.87
C PHE A 654 -21.57 -19.35 37.86
N LEU A 655 -22.54 -20.25 37.65
CA LEU A 655 -22.29 -21.41 36.80
C LEU A 655 -22.19 -21.06 35.32
N VAL A 656 -22.67 -19.89 34.90
CA VAL A 656 -22.52 -19.45 33.52
C VAL A 656 -21.92 -18.05 33.53
N LEU A 657 -20.59 -17.98 33.56
CA LEU A 657 -19.78 -16.84 33.20
C LEU A 657 -18.33 -17.25 33.30
N ASP A 658 -17.50 -16.76 32.36
CA ASP A 658 -16.08 -17.08 32.39
C ASP A 658 -15.17 -15.88 32.22
N ARG A 659 -15.64 -14.76 31.65
CA ARG A 659 -14.85 -13.56 31.45
C ARG A 659 -13.60 -13.88 30.65
N PRO A 660 -13.72 -14.21 29.36
CA PRO A 660 -12.54 -14.57 28.58
C PRO A 660 -11.48 -13.48 28.62
N GLU A 661 -10.28 -13.85 29.03
CA GLU A 661 -9.25 -12.86 29.30
C GLU A 661 -8.59 -12.38 28.02
N GLU A 662 -7.91 -13.26 27.31
CA GLU A 662 -7.21 -12.90 26.08
C GLU A 662 -6.66 -14.15 25.40
N ARG A 663 -6.61 -14.09 24.07
CA ARG A 663 -5.95 -15.12 23.26
C ARG A 663 -5.28 -14.45 22.08
N ILE A 664 -4.20 -15.05 21.61
CA ILE A 664 -3.51 -14.53 20.44
C ILE A 664 -4.41 -14.72 19.22
N THR A 665 -4.94 -13.61 18.71
CA THR A 665 -5.86 -13.69 17.58
C THR A 665 -5.17 -14.18 16.32
N GLY A 666 -3.95 -13.69 16.07
CA GLY A 666 -3.24 -14.05 14.86
C GLY A 666 -2.00 -13.21 14.65
N ILE A 667 -1.86 -12.64 13.45
CA ILE A 667 -0.71 -11.78 13.16
C ILE A 667 -1.06 -10.30 13.29
N ASN A 668 -2.15 -9.98 13.99
CA ASN A 668 -2.55 -8.60 14.22
C ASN A 668 -2.54 -8.21 15.68
N ASP A 669 -2.43 -9.16 16.59
CA ASP A 669 -2.38 -8.86 18.02
C ASP A 669 -1.14 -8.05 18.34
N PRO A 670 -1.27 -6.87 18.96
CA PRO A 670 -0.08 -6.10 19.33
C PRO A 670 0.81 -6.80 20.33
N ARG A 671 0.44 -7.98 20.81
CA ARG A 671 1.32 -8.73 21.71
C ARG A 671 2.46 -9.39 20.98
N LEU A 672 2.48 -9.35 19.65
CA LEU A 672 3.55 -9.92 18.84
C LEU A 672 4.27 -8.90 17.97
N ARG A 673 3.54 -7.96 17.37
CA ARG A 673 4.18 -6.96 16.52
C ARG A 673 5.13 -6.08 17.31
N ASN A 674 4.75 -5.71 18.53
CA ASN A 674 5.65 -5.00 19.41
C ASN A 674 6.08 -5.92 20.53
N PRO A 675 7.05 -6.80 20.29
CA PRO A 675 7.35 -7.85 21.26
C PRO A 675 7.87 -7.30 22.57
N SER A 676 7.49 -7.97 23.66
CA SER A 676 8.01 -7.68 24.99
C SER A 676 9.01 -8.76 25.38
N ASP A 677 9.45 -8.73 26.63
CA ASP A 677 10.33 -9.76 27.17
C ASP A 677 9.58 -10.77 28.02
N LYS A 678 8.25 -10.69 28.05
CA LYS A 678 7.43 -11.68 28.73
C LYS A 678 6.96 -12.79 27.82
N PHE A 679 7.27 -12.72 26.53
CA PHE A 679 6.95 -13.75 25.55
C PHE A 679 8.22 -14.23 24.89
N ILE A 680 8.39 -15.55 24.80
CA ILE A 680 9.45 -16.17 24.03
C ILE A 680 8.81 -17.21 23.12
N TYR A 681 8.95 -17.02 21.82
CA TYR A 681 8.32 -17.90 20.84
C TYR A 681 9.26 -18.08 19.66
N ALA A 682 9.36 -19.31 19.18
CA ALA A 682 10.36 -19.65 18.16
C ALA A 682 9.78 -20.66 17.20
N THR A 683 10.54 -20.93 16.14
CA THR A 683 10.18 -21.86 15.09
C THR A 683 11.31 -22.88 14.92
N VAL A 684 11.23 -23.67 13.87
CA VAL A 684 12.24 -24.67 13.58
C VAL A 684 13.28 -24.07 12.64
N LYS A 685 14.55 -24.30 12.93
CA LYS A 685 15.63 -23.69 12.16
C LYS A 685 15.60 -24.14 10.71
N GLN A 686 15.97 -23.22 9.81
CA GLN A 686 16.18 -23.55 8.40
C GLN A 686 14.97 -24.23 7.78
N SER A 687 13.78 -23.74 8.11
CA SER A 687 12.54 -24.39 7.75
C SER A 687 11.71 -23.50 6.83
N SER A 688 10.54 -24.03 6.43
CA SER A 688 9.66 -23.30 5.53
C SER A 688 9.18 -22.00 6.17
N VAL A 689 8.82 -22.03 7.46
CA VAL A 689 8.33 -20.85 8.13
C VAL A 689 9.39 -19.75 8.14
N ASP A 690 10.66 -20.14 8.33
CA ASP A 690 11.72 -19.13 8.43
C ASP A 690 11.86 -18.34 7.14
N ILE A 691 11.63 -18.99 5.99
CA ILE A 691 11.75 -18.29 4.71
C ILE A 691 10.70 -17.20 4.60
N TYR A 692 9.48 -17.47 5.03
CA TYR A 692 8.38 -16.52 4.86
C TYR A 692 8.64 -15.23 5.63
N PHE A 693 9.19 -15.33 6.84
CA PHE A 693 9.39 -14.15 7.65
C PHE A 693 10.52 -13.27 7.11
N ARG A 694 11.65 -13.87 6.74
CA ARG A 694 12.82 -13.08 6.38
C ARG A 694 12.58 -12.23 5.15
N ARG A 695 11.89 -12.78 4.14
CA ARG A 695 11.68 -12.02 2.91
C ARG A 695 10.75 -10.84 3.11
N GLN A 696 9.79 -10.95 4.01
CA GLN A 696 8.86 -9.86 4.25
C GLN A 696 9.60 -8.65 4.82
N VAL A 697 9.16 -7.46 4.42
CA VAL A 697 9.86 -6.24 4.82
C VAL A 697 9.30 -5.69 6.12
N GLU A 698 7.98 -5.46 6.17
CA GLU A 698 7.38 -4.82 7.32
C GLU A 698 7.57 -5.62 8.60
N LEU A 699 7.65 -6.94 8.50
CA LEU A 699 7.82 -7.80 9.66
C LEU A 699 9.28 -7.98 10.06
N SER A 700 10.16 -7.05 9.66
CA SER A 700 11.58 -7.19 9.99
C SER A 700 11.80 -7.18 11.49
N THR A 701 11.13 -6.28 12.21
CA THR A 701 11.29 -6.24 13.67
C THR A 701 10.74 -7.50 14.32
N MET A 702 9.88 -8.23 13.62
CA MET A 702 9.43 -9.52 14.14
C MET A 702 10.55 -10.55 14.08
N TYR A 703 11.40 -10.47 13.06
CA TYR A 703 12.35 -11.55 12.79
C TYR A 703 13.47 -11.61 13.83
N ARG A 704 14.05 -10.46 14.17
CA ARG A 704 15.21 -10.45 15.07
C ARG A 704 14.90 -11.11 16.39
N HIS A 705 13.75 -10.79 16.99
CA HIS A 705 13.37 -11.38 18.25
C HIS A 705 13.19 -12.89 18.12
N MET A 706 12.62 -13.33 17.00
CA MET A 706 12.34 -14.76 16.81
C MET A 706 13.64 -15.57 16.68
N GLU A 707 14.62 -15.04 15.95
CA GLU A 707 15.79 -15.83 15.60
C GLU A 707 16.61 -16.29 16.79
N LYS A 708 16.52 -15.61 17.93
CA LYS A 708 17.50 -15.82 18.99
C LYS A 708 17.18 -17.05 19.85
N HIS A 709 16.00 -17.64 19.69
CA HIS A 709 15.60 -18.79 20.51
C HIS A 709 15.16 -19.99 19.67
N ASN A 710 15.64 -20.08 18.44
CA ASN A 710 15.22 -21.16 17.55
C ASN A 710 15.67 -22.51 18.09
N TYR A 711 14.90 -23.55 17.77
CA TYR A 711 15.13 -24.89 18.29
C TYR A 711 15.63 -25.82 17.20
N GLU A 712 15.79 -27.09 17.57
CA GLU A 712 16.43 -28.06 16.68
C GLU A 712 15.40 -28.80 15.83
N SER A 713 14.43 -29.46 16.45
CA SER A 713 13.51 -30.32 15.71
C SER A 713 12.12 -30.17 16.29
N ALA A 714 11.13 -30.67 15.53
CA ALA A 714 9.73 -30.50 15.90
C ALA A 714 9.42 -31.13 17.24
N ALA A 715 9.91 -32.34 17.48
CA ALA A 715 9.59 -33.04 18.73
C ALA A 715 10.16 -32.30 19.93
N GLU A 716 11.34 -31.71 19.79
CA GLU A 716 11.98 -31.03 20.91
C GLU A 716 11.15 -29.84 21.39
N ALA A 717 10.61 -29.06 20.45
CA ALA A 717 9.88 -27.86 20.84
C ALA A 717 8.55 -28.19 21.50
N ILE A 718 7.78 -29.09 20.91
CA ILE A 718 6.44 -29.39 21.43
C ILE A 718 6.53 -29.99 22.82
N GLN A 719 7.53 -30.84 23.06
CA GLN A 719 7.74 -31.39 24.39
C GLN A 719 8.17 -30.32 25.39
N ALA A 720 8.70 -29.19 24.91
CA ALA A 720 9.17 -28.14 25.79
C ALA A 720 8.13 -27.06 26.06
N VAL A 721 6.98 -27.09 25.38
CA VAL A 721 5.95 -26.10 25.65
C VAL A 721 5.05 -26.51 26.81
N ARG A 722 4.97 -27.82 27.10
CA ARG A 722 4.21 -28.26 28.26
C ARG A 722 4.80 -27.70 29.55
N ASP A 723 6.13 -27.73 29.67
CA ASP A 723 6.81 -27.03 30.74
C ASP A 723 6.90 -25.56 30.39
N ASN A 724 6.74 -24.69 31.39
CA ASN A 724 6.64 -23.25 31.15
C ASN A 724 8.03 -22.64 30.99
N LYS A 725 8.56 -22.76 29.76
CA LYS A 725 9.74 -22.02 29.35
C LYS A 725 9.50 -21.16 28.12
N LEU A 726 8.38 -21.35 27.44
CA LEU A 726 7.98 -20.52 26.31
C LEU A 726 6.46 -20.59 26.19
N HIS A 727 5.89 -19.65 25.45
CA HIS A 727 4.44 -19.51 25.42
C HIS A 727 3.82 -19.84 24.06
N ALA A 728 4.53 -19.63 22.97
CA ALA A 728 3.98 -19.86 21.64
C ALA A 728 4.96 -20.64 20.79
N PHE A 729 4.44 -21.31 19.76
CA PHE A 729 5.24 -22.12 18.86
C PHE A 729 4.55 -22.16 17.50
N ILE A 730 5.03 -21.35 16.56
CA ILE A 730 4.44 -21.24 15.23
C ILE A 730 4.94 -22.40 14.39
N TRP A 731 4.00 -23.11 13.76
CA TRP A 731 4.34 -24.26 12.92
C TRP A 731 3.12 -24.61 12.06
N ASP A 732 3.26 -25.66 11.26
CA ASP A 732 2.23 -26.06 10.32
C ASP A 732 0.92 -26.42 11.04
N SER A 733 -0.17 -26.50 10.27
CA SER A 733 -1.47 -26.81 10.85
C SER A 733 -1.70 -28.31 10.95
N ALA A 734 -1.34 -29.06 9.91
CA ALA A 734 -1.60 -30.49 9.90
C ALA A 734 -0.86 -31.20 11.02
N VAL A 735 0.39 -30.82 11.26
CA VAL A 735 1.16 -31.46 12.34
C VAL A 735 0.54 -31.15 13.70
N LEU A 736 0.15 -29.90 13.92
CA LEU A 736 -0.24 -29.50 15.27
C LEU A 736 -1.66 -29.92 15.62
N GLU A 737 -2.57 -29.97 14.64
CA GLU A 737 -3.94 -30.39 14.93
C GLU A 737 -3.98 -31.79 15.51
N PHE A 738 -3.17 -32.70 14.95
CA PHE A 738 -3.01 -34.02 15.53
C PHE A 738 -2.51 -33.93 16.97
N GLU A 739 -1.52 -33.09 17.22
CA GLU A 739 -0.91 -33.04 18.54
C GLU A 739 -1.88 -32.50 19.59
N ALA A 740 -2.91 -31.76 19.17
CA ALA A 740 -3.87 -31.24 20.13
C ALA A 740 -4.66 -32.36 20.79
N SER A 741 -5.04 -33.38 20.02
CA SER A 741 -5.89 -34.43 20.54
C SER A 741 -5.16 -35.31 21.55
N GLN A 742 -3.95 -35.76 21.20
CA GLN A 742 -3.26 -36.74 22.04
C GLN A 742 -2.86 -36.13 23.38
N LYS A 743 -1.99 -35.13 23.35
CA LYS A 743 -1.62 -34.40 24.56
C LYS A 743 -2.71 -33.38 24.82
N CYS A 744 -3.61 -33.71 25.74
CA CYS A 744 -4.90 -33.04 25.83
C CYS A 744 -4.84 -31.76 26.66
N ASP A 745 -3.64 -31.20 26.84
CA ASP A 745 -3.47 -29.94 27.56
C ASP A 745 -3.10 -28.78 26.64
N LEU A 746 -3.26 -28.94 25.33
CA LEU A 746 -2.86 -27.93 24.36
C LEU A 746 -4.01 -27.65 23.40
N VAL A 747 -4.20 -26.38 23.07
CA VAL A 747 -5.31 -25.95 22.22
C VAL A 747 -4.80 -24.93 21.21
N THR A 748 -5.30 -25.03 19.99
CA THR A 748 -4.98 -24.08 18.93
C THR A 748 -6.01 -22.95 18.91
N THR A 749 -5.59 -21.81 18.38
CA THR A 749 -6.45 -20.64 18.25
C THR A 749 -6.22 -19.98 16.90
N GLY A 750 -6.96 -18.91 16.65
CA GLY A 750 -6.77 -18.10 15.46
C GLY A 750 -7.24 -18.78 14.20
N GLU A 751 -6.88 -18.16 13.07
CA GLU A 751 -7.21 -18.66 11.75
C GLU A 751 -5.95 -18.71 10.90
N LEU A 752 -5.82 -19.77 10.11
CA LEU A 752 -4.66 -19.93 9.24
C LEU A 752 -4.65 -18.85 8.17
N PHE A 753 -3.46 -18.34 7.85
CA PHE A 753 -3.31 -17.29 6.86
C PHE A 753 -2.48 -17.70 5.66
N PHE A 754 -1.27 -18.20 5.87
CA PHE A 754 -0.43 -18.69 4.80
C PHE A 754 -0.91 -20.08 4.40
N ARG A 755 -1.54 -20.18 3.23
CA ARG A 755 -2.19 -21.42 2.84
C ARG A 755 -1.56 -22.00 1.59
N SER A 756 -1.28 -23.29 1.65
CA SER A 756 -0.78 -24.10 0.53
C SER A 756 -0.88 -25.55 0.98
N GLY A 757 -0.38 -26.46 0.15
CA GLY A 757 -0.47 -27.88 0.46
C GLY A 757 0.85 -28.58 0.19
N PHE A 758 1.06 -29.67 0.93
CA PHE A 758 2.26 -30.47 0.73
C PHE A 758 2.22 -31.13 -0.64
N GLY A 759 3.39 -31.54 -1.11
CA GLY A 759 3.49 -32.10 -2.45
C GLY A 759 4.65 -33.05 -2.58
N ILE A 760 4.59 -33.89 -3.62
CA ILE A 760 5.66 -34.82 -3.93
C ILE A 760 6.55 -34.20 -5.00
N GLY A 761 7.85 -34.20 -4.76
CA GLY A 761 8.76 -33.52 -5.66
C GLY A 761 9.87 -34.39 -6.25
N MET A 762 10.16 -34.17 -7.53
CA MET A 762 11.21 -34.87 -8.24
C MET A 762 12.20 -33.87 -8.83
N ARG A 763 13.28 -34.39 -9.41
CA ARG A 763 14.25 -33.53 -10.06
C ARG A 763 13.70 -33.00 -11.37
N LYS A 764 14.30 -31.90 -11.84
CA LYS A 764 13.85 -31.25 -13.06
C LYS A 764 14.03 -32.16 -14.26
N ASP A 765 12.99 -32.25 -15.09
CA ASP A 765 13.02 -33.00 -16.34
C ASP A 765 13.31 -34.49 -16.11
N SER A 766 12.42 -35.12 -15.37
CA SER A 766 12.48 -36.56 -15.19
C SER A 766 11.29 -37.22 -15.89
N PRO A 767 11.48 -38.43 -16.43
CA PRO A 767 10.39 -39.06 -17.19
C PRO A 767 9.22 -39.52 -16.34
N TRP A 768 9.30 -39.40 -15.02
CA TRP A 768 8.21 -39.82 -14.14
C TRP A 768 7.21 -38.71 -13.84
N LYS A 769 7.42 -37.51 -14.38
CA LYS A 769 6.50 -36.40 -14.10
C LYS A 769 5.09 -36.68 -14.59
N GLN A 770 4.92 -36.88 -15.89
CA GLN A 770 3.59 -36.85 -16.49
C GLN A 770 2.68 -37.98 -16.02
N GLN A 771 3.21 -38.98 -15.32
CA GLN A 771 2.41 -40.12 -14.90
C GLN A 771 2.04 -40.08 -13.42
N VAL A 772 2.91 -39.53 -12.55
CA VAL A 772 2.60 -39.51 -11.13
C VAL A 772 1.47 -38.52 -10.84
N SER A 773 1.46 -37.38 -11.53
CA SER A 773 0.44 -36.37 -11.25
C SER A 773 -0.95 -36.89 -11.56
N LEU A 774 -1.11 -37.63 -12.65
CA LEU A 774 -2.42 -38.18 -12.99
C LEU A 774 -2.88 -39.16 -11.92
N SER A 775 -1.98 -40.00 -11.42
CA SER A 775 -2.36 -41.00 -10.43
C SER A 775 -2.74 -40.36 -9.10
N ILE A 776 -1.91 -39.44 -8.61
CA ILE A 776 -2.16 -38.87 -7.27
C ILE A 776 -3.48 -38.11 -7.24
N LEU A 777 -3.79 -37.37 -8.30
CA LEU A 777 -5.06 -36.65 -8.36
C LEU A 777 -6.22 -37.64 -8.44
N LYS A 778 -6.03 -38.74 -9.17
CA LYS A 778 -7.09 -39.74 -9.30
C LYS A 778 -7.49 -40.32 -7.95
N SER A 779 -6.58 -40.31 -6.98
CA SER A 779 -6.89 -40.85 -5.67
C SER A 779 -7.98 -40.05 -4.98
N HIS A 780 -7.95 -38.72 -5.11
CA HIS A 780 -8.93 -37.88 -4.44
C HIS A 780 -10.35 -38.18 -4.91
N GLU A 781 -10.55 -38.31 -6.21
CA GLU A 781 -11.89 -38.50 -6.75
C GLU A 781 -12.51 -39.82 -6.28
N ASN A 782 -11.71 -40.89 -6.28
CA ASN A 782 -12.23 -42.19 -5.88
C ASN A 782 -12.62 -42.22 -4.40
N GLY A 783 -11.94 -41.42 -3.57
CA GLY A 783 -12.16 -41.44 -2.14
C GLY A 783 -11.14 -42.22 -1.34
N PHE A 784 -10.06 -42.68 -1.97
CA PHE A 784 -9.04 -43.41 -1.25
C PHE A 784 -8.39 -42.56 -0.16
N MET A 785 -8.26 -41.25 -0.39
CA MET A 785 -7.66 -40.36 0.60
C MET A 785 -8.46 -40.30 1.88
N GLU A 786 -9.79 -40.22 1.80
CA GLU A 786 -10.61 -40.13 2.99
C GLU A 786 -10.53 -41.38 3.87
N ASP A 787 -10.39 -42.55 3.26
CA ASP A 787 -10.27 -43.77 4.05
C ASP A 787 -9.04 -43.71 4.96
N LEU A 788 -7.92 -43.23 4.43
CA LEU A 788 -6.71 -43.11 5.25
C LEU A 788 -6.87 -42.03 6.32
N ASP A 789 -7.72 -41.03 6.07
CA ASP A 789 -7.87 -39.92 7.00
C ASP A 789 -8.40 -40.41 8.35
N LYS A 790 -9.45 -41.22 8.34
CA LYS A 790 -10.09 -41.63 9.59
C LYS A 790 -9.15 -42.47 10.44
N THR A 791 -8.35 -43.33 9.81
CA THR A 791 -7.56 -44.29 10.55
C THR A 791 -6.38 -43.66 11.27
N TRP A 792 -5.83 -42.56 10.75
CA TRP A 792 -4.55 -42.06 11.24
C TRP A 792 -4.63 -40.74 11.99
N VAL A 793 -5.49 -39.81 11.58
CA VAL A 793 -5.47 -38.44 12.09
C VAL A 793 -6.68 -38.15 12.98
N ARG A 794 -7.88 -38.23 12.42
CA ARG A 794 -9.09 -37.82 13.13
C ARG A 794 -9.74 -39.04 13.76
N TYR A 795 -9.24 -39.43 14.94
CA TYR A 795 -9.81 -40.57 15.65
C TYR A 795 -10.08 -40.34 17.12
N GLN A 796 -9.35 -39.46 17.81
CA GLN A 796 -9.53 -39.21 19.23
C GLN A 796 -9.74 -37.73 19.45
N GLU A 797 -10.70 -37.37 20.30
CA GLU A 797 -11.05 -35.98 20.52
C GLU A 797 -11.45 -35.75 21.97
N CYS A 798 -10.65 -34.99 22.70
CA CYS A 798 -11.09 -34.35 23.94
C CYS A 798 -11.31 -32.88 23.62
N ASP A 799 -12.48 -32.59 23.03
CA ASP A 799 -12.76 -31.30 22.42
C ASP A 799 -14.13 -30.77 22.83
N SER A 800 -14.37 -30.73 24.14
CA SER A 800 -15.65 -30.26 24.64
C SER A 800 -15.71 -28.73 24.67
N ARG A 801 -15.34 -28.10 23.56
CA ARG A 801 -15.41 -26.64 23.38
C ARG A 801 -14.78 -25.88 24.55
N SER A 802 -15.41 -24.77 24.93
CA SER A 802 -14.95 -23.94 26.03
C SER A 802 -16.03 -23.65 27.07
N ASN A 803 -17.28 -23.57 26.64
CA ASN A 803 -18.37 -23.32 27.59
C ASN A 803 -18.48 -24.45 28.61
N ALA A 804 -18.52 -25.69 28.12
CA ALA A 804 -18.41 -26.90 28.93
C ALA A 804 -19.35 -26.90 30.13
N PRO A 805 -20.66 -27.07 29.94
CA PRO A 805 -21.56 -27.18 31.09
C PRO A 805 -21.12 -28.32 32.00
N ALA A 806 -20.71 -27.98 33.20
CA ALA A 806 -20.03 -28.90 34.10
C ALA A 806 -21.06 -29.78 34.81
N THR A 807 -20.95 -31.09 34.59
CA THR A 807 -21.76 -32.06 35.32
C THR A 807 -21.24 -32.11 36.75
N LEU A 808 -21.93 -31.42 37.67
CA LEU A 808 -21.45 -31.32 39.04
C LEU A 808 -21.39 -32.70 39.69
N THR A 809 -20.31 -32.96 40.41
CA THR A 809 -20.01 -34.28 40.93
C THR A 809 -20.03 -34.29 42.46
N PHE A 810 -19.61 -35.41 43.03
CA PHE A 810 -19.66 -35.60 44.48
C PHE A 810 -18.77 -34.63 45.25
N GLU A 811 -17.85 -33.94 44.57
CA GLU A 811 -17.05 -32.91 45.24
C GLU A 811 -17.96 -31.86 45.87
N ASN A 812 -19.07 -31.54 45.21
CA ASN A 812 -20.04 -30.63 45.79
C ASN A 812 -20.81 -31.29 46.94
N MET A 813 -21.03 -32.60 46.84
CA MET A 813 -21.89 -33.30 47.81
C MET A 813 -21.32 -33.24 49.21
N ALA A 814 -19.99 -33.11 49.34
CA ALA A 814 -19.38 -33.10 50.67
C ALA A 814 -19.86 -31.93 51.50
N GLY A 815 -20.06 -30.77 50.86
CA GLY A 815 -20.43 -29.57 51.58
C GLY A 815 -21.83 -29.59 52.18
N VAL A 816 -22.64 -30.58 51.83
CA VAL A 816 -24.00 -30.69 52.34
C VAL A 816 -24.24 -31.99 53.10
N PHE A 817 -23.75 -33.11 52.56
CA PHE A 817 -23.96 -34.38 53.26
C PHE A 817 -23.18 -34.47 54.55
N MET A 818 -22.09 -33.70 54.68
CA MET A 818 -21.41 -33.61 55.96
C MET A 818 -22.33 -32.98 57.01
N LEU A 819 -23.11 -31.98 56.62
CA LEU A 819 -24.00 -31.31 57.55
C LEU A 819 -25.10 -32.26 58.02
N VAL A 820 -25.74 -32.96 57.08
CA VAL A 820 -26.83 -33.84 57.47
C VAL A 820 -26.32 -35.00 58.31
N ALA A 821 -25.13 -35.51 58.02
CA ALA A 821 -24.56 -36.58 58.84
C ALA A 821 -24.28 -36.11 60.26
N GLY A 822 -24.05 -34.80 60.43
CA GLY A 822 -23.85 -34.29 61.78
C GLY A 822 -25.10 -34.36 62.63
N GLY A 823 -26.25 -34.01 62.06
CA GLY A 823 -27.47 -33.91 62.85
C GLY A 823 -27.89 -35.23 63.47
N ILE A 824 -27.76 -36.33 62.73
CA ILE A 824 -28.18 -37.63 63.24
C ILE A 824 -27.33 -38.03 64.44
N VAL A 825 -26.06 -37.66 64.44
CA VAL A 825 -25.17 -38.04 65.54
C VAL A 825 -25.00 -36.94 66.56
N ALA A 826 -25.30 -35.68 66.21
CA ALA A 826 -25.25 -34.60 67.19
C ALA A 826 -26.53 -34.47 67.99
N GLY A 827 -27.59 -35.18 67.62
CA GLY A 827 -28.83 -35.14 68.37
C GLY A 827 -28.96 -36.29 69.35
N ILE A 828 -28.09 -37.29 69.22
CA ILE A 828 -28.23 -38.50 70.04
C ILE A 828 -28.05 -38.18 71.52
N PHE A 829 -27.07 -37.35 71.86
CA PHE A 829 -26.96 -36.92 73.25
C PHE A 829 -27.98 -35.84 73.59
N LEU A 830 -28.51 -35.14 72.58
CA LEU A 830 -29.66 -34.27 72.82
C LEU A 830 -30.89 -35.08 73.20
N ILE A 831 -31.03 -36.28 72.62
CA ILE A 831 -32.09 -37.18 73.02
C ILE A 831 -31.90 -37.62 74.47
N PHE A 832 -30.66 -37.94 74.83
CA PHE A 832 -30.38 -38.51 76.15
C PHE A 832 -30.73 -37.53 77.26
N ILE A 833 -30.39 -36.25 77.09
CA ILE A 833 -30.61 -35.28 78.15
C ILE A 833 -32.10 -34.98 78.31
N GLU A 834 -32.83 -34.87 77.21
CA GLU A 834 -34.20 -34.38 77.28
C GLU A 834 -35.13 -35.40 77.92
N ILE A 835 -34.96 -36.68 77.61
CA ILE A 835 -35.74 -37.71 78.30
C ILE A 835 -35.37 -37.74 79.77
N ALA A 836 -34.10 -37.51 80.09
CA ALA A 836 -33.71 -37.32 81.48
C ALA A 836 -34.27 -36.02 82.04
N TYR A 837 -34.36 -34.98 81.20
CA TYR A 837 -34.95 -33.71 81.64
C TYR A 837 -36.41 -33.89 82.06
N LYS A 838 -37.14 -34.77 81.38
CA LYS A 838 -38.50 -35.06 81.82
C LYS A 838 -38.51 -35.69 83.20
N ARG A 839 -37.54 -36.57 83.48
CA ARG A 839 -37.42 -37.16 84.80
C ARG A 839 -37.00 -36.16 85.85
N HIS A 840 -36.44 -35.01 85.45
CA HIS A 840 -36.00 -33.99 86.40
C HIS A 840 -37.09 -33.00 86.76
N LYS A 841 -38.23 -33.04 86.08
CA LYS A 841 -39.34 -32.13 86.37
C LYS A 841 -40.66 -32.69 85.86
N SER B 65 74.07 -18.25 5.21
CA SER B 65 74.83 -17.83 4.03
C SER B 65 73.91 -17.71 2.82
N ILE B 66 73.03 -16.72 2.85
CA ILE B 66 72.04 -16.49 1.81
C ILE B 66 72.23 -15.09 1.23
N GLY B 67 72.31 -15.02 -0.09
CA GLY B 67 72.49 -13.75 -0.77
C GLY B 67 71.19 -12.97 -0.86
N ILE B 68 71.27 -11.66 -0.60
CA ILE B 68 70.13 -10.77 -0.67
C ILE B 68 70.48 -9.61 -1.59
N ALA B 69 69.58 -9.30 -2.53
CA ALA B 69 69.78 -8.22 -3.48
C ALA B 69 68.74 -7.14 -3.24
N VAL B 70 69.19 -5.89 -3.18
CA VAL B 70 68.32 -4.74 -2.98
C VAL B 70 68.51 -3.81 -4.17
N ILE B 71 67.43 -3.53 -4.88
CA ILE B 71 67.47 -2.65 -6.04
C ILE B 71 66.81 -1.33 -5.67
N LEU B 72 67.32 -0.25 -6.27
CA LEU B 72 66.84 1.09 -5.98
C LEU B 72 66.55 1.82 -7.29
N VAL B 73 65.37 2.39 -7.40
CA VAL B 73 64.99 3.22 -8.54
C VAL B 73 64.48 4.55 -8.00
N GLY B 74 65.00 5.64 -8.54
CA GLY B 74 64.65 6.96 -8.06
C GLY B 74 65.60 7.44 -6.98
N THR B 75 65.35 8.67 -6.53
CA THR B 75 66.19 9.30 -5.53
C THR B 75 65.88 8.74 -4.14
N SER B 76 66.93 8.59 -3.34
CA SER B 76 66.81 8.04 -1.99
C SER B 76 68.11 8.31 -1.23
N ASP B 77 68.04 8.13 0.08
CA ASP B 77 69.22 8.21 0.93
C ASP B 77 69.85 6.82 0.98
N GLU B 78 70.77 6.56 0.06
CA GLU B 78 71.32 5.21 -0.10
C GLU B 78 72.09 4.79 1.14
N VAL B 79 72.96 5.65 1.68
CA VAL B 79 73.75 5.29 2.84
C VAL B 79 72.86 5.08 4.06
N ALA B 80 71.78 5.86 4.18
CA ALA B 80 70.84 5.67 5.28
C ALA B 80 70.18 4.30 5.19
N ILE B 81 69.96 3.79 3.97
CA ILE B 81 69.39 2.46 3.81
C ILE B 81 70.36 1.42 4.35
N LYS B 82 71.65 1.55 4.03
CA LYS B 82 72.64 0.64 4.57
C LYS B 82 72.74 0.75 6.09
N ASP B 83 72.53 1.95 6.62
CA ASP B 83 72.54 2.11 8.07
C ASP B 83 71.36 1.39 8.71
N ALA B 84 70.17 1.60 8.17
CA ALA B 84 68.96 0.97 8.71
C ALA B 84 68.88 -0.52 8.41
N HIS B 85 69.74 -1.04 7.54
CA HIS B 85 69.77 -2.48 7.30
C HIS B 85 70.11 -3.24 8.58
N GLU B 86 71.09 -2.75 9.34
CA GLU B 86 71.45 -3.35 10.63
C GLU B 86 70.57 -2.74 11.72
N LYS B 87 69.31 -3.16 11.72
CA LYS B 87 68.33 -2.70 12.69
C LYS B 87 67.53 -3.82 13.33
N ASP B 88 67.89 -5.08 13.09
CA ASP B 88 67.20 -6.23 13.64
C ASP B 88 68.21 -7.21 14.24
N ASP B 89 67.69 -8.14 15.04
CA ASP B 89 68.51 -9.12 15.75
C ASP B 89 68.53 -10.41 14.95
N PHE B 90 69.70 -10.71 14.36
CA PHE B 90 69.94 -11.95 13.65
C PHE B 90 71.03 -12.76 14.34
N HIS B 91 70.97 -12.81 15.68
CA HIS B 91 72.07 -13.34 16.47
C HIS B 91 71.83 -14.78 16.93
N HIS B 92 70.57 -15.18 17.09
CA HIS B 92 70.24 -16.47 17.66
C HIS B 92 70.04 -17.57 16.61
N LEU B 93 70.19 -17.25 15.33
CA LEU B 93 69.95 -18.21 14.27
C LEU B 93 71.05 -18.08 13.21
N SER B 94 71.50 -19.22 12.69
CA SER B 94 72.57 -19.26 11.70
C SER B 94 72.01 -18.82 10.35
N VAL B 95 72.18 -17.54 10.03
CA VAL B 95 71.70 -16.98 8.77
C VAL B 95 72.85 -16.33 8.00
N VAL B 96 73.65 -15.53 8.70
CA VAL B 96 74.74 -14.71 8.15
C VAL B 96 74.35 -14.19 6.76
N PRO B 97 73.35 -13.32 6.68
CA PRO B 97 72.90 -12.85 5.36
C PRO B 97 73.83 -11.77 4.81
N ARG B 98 74.04 -11.84 3.50
CA ARG B 98 74.84 -10.86 2.79
C ARG B 98 73.95 -9.76 2.24
N VAL B 99 74.40 -8.52 2.40
CA VAL B 99 73.64 -7.34 2.01
C VAL B 99 74.36 -6.65 0.87
N GLU B 100 73.62 -6.34 -0.19
CA GLU B 100 74.18 -5.67 -1.35
C GLU B 100 73.14 -4.74 -1.95
N LEU B 101 73.53 -3.51 -2.25
CA LEU B 101 72.66 -2.51 -2.83
C LEU B 101 73.14 -2.16 -4.23
N VAL B 102 72.20 -2.06 -5.17
CA VAL B 102 72.49 -1.71 -6.55
C VAL B 102 71.49 -0.67 -7.02
N ALA B 103 71.98 0.41 -7.60
CA ALA B 103 71.13 1.47 -8.13
C ALA B 103 71.12 1.41 -9.65
N MET B 104 69.95 1.64 -10.24
CA MET B 104 69.80 1.61 -11.68
C MET B 104 68.62 2.49 -12.08
N ASN B 105 68.61 2.88 -13.35
CA ASN B 105 67.54 3.70 -13.90
C ASN B 105 66.36 2.82 -14.27
N GLU B 106 65.36 3.41 -14.93
CA GLU B 106 64.16 2.70 -15.38
C GLU B 106 64.01 2.79 -16.90
N THR B 107 65.10 2.54 -17.63
CA THR B 107 65.12 2.68 -19.08
C THR B 107 64.14 1.73 -19.77
N ASP B 108 64.36 0.43 -19.63
CA ASP B 108 63.55 -0.56 -20.33
C ASP B 108 63.62 -1.87 -19.57
N PRO B 109 62.66 -2.79 -19.80
CA PRO B 109 62.71 -4.09 -19.13
C PRO B 109 63.96 -4.89 -19.42
N LYS B 110 64.56 -4.72 -20.61
CA LYS B 110 65.74 -5.49 -20.96
C LYS B 110 66.90 -5.17 -20.03
N SER B 111 67.12 -3.88 -19.74
CA SER B 111 68.16 -3.51 -18.80
C SER B 111 67.87 -4.08 -17.41
N ILE B 112 66.61 -4.03 -16.98
CA ILE B 112 66.25 -4.55 -15.66
C ILE B 112 66.55 -6.03 -15.57
N ILE B 113 66.15 -6.80 -16.59
CA ILE B 113 66.33 -8.24 -16.53
C ILE B 113 67.81 -8.61 -16.64
N THR B 114 68.57 -7.89 -17.48
CA THR B 114 69.99 -8.14 -17.58
C THR B 114 70.68 -7.87 -16.24
N ARG B 115 70.34 -6.74 -15.61
CA ARG B 115 70.96 -6.41 -14.33
C ARG B 115 70.60 -7.45 -13.28
N ILE B 116 69.34 -7.85 -13.20
CA ILE B 116 68.94 -8.79 -12.15
C ILE B 116 69.59 -10.16 -12.37
N CYS B 117 69.73 -10.57 -13.64
CA CYS B 117 70.42 -11.84 -13.87
C CYS B 117 71.90 -11.75 -13.56
N ASP B 118 72.54 -10.61 -13.85
CA ASP B 118 73.93 -10.43 -13.46
C ASP B 118 74.10 -10.50 -11.94
N LEU B 119 73.20 -9.85 -11.20
CA LEU B 119 73.24 -9.94 -9.74
C LEU B 119 73.06 -11.38 -9.26
N MET B 120 72.06 -12.08 -9.78
CA MET B 120 71.82 -13.44 -9.27
C MET B 120 72.94 -14.39 -9.67
N SER B 121 73.65 -14.10 -10.77
CA SER B 121 74.80 -14.92 -11.14
C SER B 121 76.02 -14.61 -10.29
N ASP B 122 76.25 -13.33 -9.97
CA ASP B 122 77.47 -12.95 -9.26
C ASP B 122 77.46 -13.41 -7.81
N ARG B 123 76.48 -12.93 -7.03
CA ARG B 123 76.44 -13.18 -5.59
C ARG B 123 75.57 -14.37 -5.23
N LYS B 124 75.02 -15.07 -6.21
CA LYS B 124 74.13 -16.21 -5.98
C LYS B 124 72.95 -15.81 -5.09
N ILE B 125 72.15 -14.87 -5.60
CA ILE B 125 71.06 -14.31 -4.83
C ILE B 125 69.92 -15.33 -4.73
N GLN B 126 69.36 -15.46 -3.53
CA GLN B 126 68.24 -16.35 -3.28
C GLN B 126 66.93 -15.59 -3.04
N GLY B 127 66.93 -14.28 -3.25
CA GLY B 127 65.75 -13.47 -3.05
C GLY B 127 66.04 -12.00 -3.24
N VAL B 128 65.14 -11.29 -3.93
CA VAL B 128 65.37 -9.90 -4.31
C VAL B 128 64.19 -9.06 -3.85
N VAL B 129 64.50 -7.88 -3.31
CA VAL B 129 63.49 -6.91 -2.95
C VAL B 129 63.50 -5.79 -3.99
N PHE B 130 62.49 -4.93 -3.93
CA PHE B 130 62.29 -3.96 -4.99
C PHE B 130 61.62 -2.72 -4.44
N ALA B 131 62.03 -1.55 -4.94
CA ALA B 131 61.40 -0.29 -4.63
C ALA B 131 61.33 0.55 -5.91
N ASP B 132 60.35 1.45 -5.97
CA ASP B 132 60.13 2.25 -7.15
C ASP B 132 59.38 3.52 -6.76
N ASP B 133 59.18 4.41 -7.73
CA ASP B 133 58.51 5.68 -7.48
C ASP B 133 57.52 6.06 -8.59
N THR B 134 57.28 5.18 -9.55
CA THR B 134 56.41 5.48 -10.68
C THR B 134 55.01 4.92 -10.42
N ASP B 135 54.13 5.11 -11.41
CA ASP B 135 52.73 4.68 -11.33
C ASP B 135 52.41 3.68 -12.44
N GLN B 136 53.31 2.73 -12.67
CA GLN B 136 53.15 1.72 -13.71
C GLN B 136 53.06 0.34 -13.08
N GLU B 137 51.96 -0.37 -13.37
CA GLU B 137 51.81 -1.75 -12.94
C GLU B 137 52.34 -2.74 -13.98
N ALA B 138 52.63 -2.28 -15.19
CA ALA B 138 53.22 -3.14 -16.19
C ALA B 138 54.57 -3.70 -15.73
N ILE B 139 55.35 -2.89 -15.01
CA ILE B 139 56.61 -3.39 -14.46
C ILE B 139 56.33 -4.47 -13.42
N ALA B 140 55.25 -4.32 -12.65
CA ALA B 140 54.88 -5.37 -11.70
C ALA B 140 54.55 -6.66 -12.43
N GLN B 141 53.83 -6.57 -13.54
CA GLN B 141 53.57 -7.77 -14.36
C GLN B 141 54.87 -8.35 -14.89
N ILE B 142 55.81 -7.49 -15.29
CA ILE B 142 57.10 -7.96 -15.80
C ILE B 142 57.84 -8.75 -14.74
N LEU B 143 57.90 -8.20 -13.51
CA LEU B 143 58.53 -8.93 -12.42
C LEU B 143 57.79 -10.23 -12.12
N ASP B 144 56.46 -10.22 -12.21
CA ASP B 144 55.70 -11.44 -12.03
C ASP B 144 56.14 -12.50 -13.03
N PHE B 145 56.28 -12.12 -14.29
CA PHE B 145 56.64 -13.10 -15.32
C PHE B 145 58.09 -13.53 -15.20
N ILE B 146 58.98 -12.64 -14.76
CA ILE B 146 60.37 -13.04 -14.51
C ILE B 146 60.42 -14.05 -13.36
N SER B 147 59.66 -13.81 -12.30
CA SER B 147 59.60 -14.77 -11.20
C SER B 147 58.94 -16.07 -11.64
N ALA B 148 58.05 -16.01 -12.63
CA ALA B 148 57.55 -17.24 -13.24
C ALA B 148 58.67 -17.98 -13.94
N GLN B 149 59.54 -17.25 -14.64
CA GLN B 149 60.66 -17.88 -15.31
C GLN B 149 61.64 -18.51 -14.32
N THR B 150 61.94 -17.81 -13.23
CA THR B 150 62.95 -18.24 -12.26
C THR B 150 62.30 -18.42 -10.90
N LEU B 151 62.50 -19.59 -10.29
CA LEU B 151 61.76 -20.01 -9.10
C LEU B 151 62.06 -19.19 -7.85
N THR B 152 63.09 -18.35 -7.87
CA THR B 152 63.48 -17.64 -6.65
C THR B 152 62.38 -16.66 -6.23
N PRO B 153 62.20 -16.46 -4.92
CA PRO B 153 61.15 -15.54 -4.45
C PRO B 153 61.56 -14.09 -4.62
N ILE B 154 60.55 -13.23 -4.81
CA ILE B 154 60.73 -11.81 -5.07
C ILE B 154 59.74 -11.04 -4.20
N LEU B 155 60.15 -9.86 -3.72
CA LEU B 155 59.30 -8.99 -2.91
C LEU B 155 59.24 -7.60 -3.53
N GLY B 156 58.06 -7.19 -3.96
CA GLY B 156 57.82 -5.86 -4.49
C GLY B 156 57.40 -4.86 -3.43
N ILE B 157 58.35 -4.39 -2.62
CA ILE B 157 58.02 -3.71 -1.37
C ILE B 157 57.32 -2.38 -1.63
N HIS B 158 57.91 -1.51 -2.45
CA HIS B 158 57.51 -0.12 -2.44
C HIS B 158 57.27 0.38 -3.86
N GLY B 159 56.46 1.43 -3.96
CA GLY B 159 56.18 2.09 -5.21
C GLY B 159 55.12 1.39 -6.03
N GLY B 160 55.27 1.49 -7.35
CA GLY B 160 54.40 0.77 -8.25
C GLY B 160 54.52 -0.74 -8.13
N SER B 161 55.62 -1.22 -7.51
CA SER B 161 55.77 -2.65 -7.29
C SER B 161 54.68 -3.20 -6.39
N SER B 162 54.09 -2.35 -5.54
CA SER B 162 53.04 -2.79 -4.64
C SER B 162 51.66 -2.82 -5.30
N MET B 163 51.54 -2.38 -6.54
CA MET B 163 50.25 -2.44 -7.22
C MET B 163 49.80 -3.88 -7.40
N ILE B 164 48.50 -4.09 -7.25
CA ILE B 164 47.95 -5.45 -7.26
C ILE B 164 47.62 -5.86 -8.68
N MET B 165 48.21 -6.96 -9.13
CA MET B 165 47.87 -7.53 -10.43
C MET B 165 46.54 -8.29 -10.32
N ALA B 166 46.02 -8.70 -11.48
CA ALA B 166 44.76 -9.45 -11.48
C ALA B 166 44.89 -10.76 -10.74
N ASP B 167 45.97 -11.50 -10.98
CA ASP B 167 46.24 -12.75 -10.29
C ASP B 167 47.72 -13.08 -10.46
N LYS B 168 48.15 -14.17 -9.83
CA LYS B 168 49.53 -14.63 -9.94
C LYS B 168 49.52 -16.12 -10.20
N ASP B 169 50.36 -16.55 -11.15
CA ASP B 169 50.45 -17.97 -11.47
C ASP B 169 51.01 -18.75 -10.28
N GLU B 170 50.62 -20.01 -10.20
CA GLU B 170 51.12 -20.87 -9.12
C GLU B 170 52.62 -21.13 -9.26
N SER B 171 53.16 -21.07 -10.47
CA SER B 171 54.59 -21.29 -10.68
C SER B 171 55.44 -20.11 -10.26
N SER B 172 54.97 -18.87 -10.48
CA SER B 172 55.74 -17.71 -10.07
C SER B 172 55.69 -17.58 -8.55
N MET B 173 56.54 -16.70 -8.02
CA MET B 173 56.59 -16.45 -6.58
C MET B 173 56.76 -14.97 -6.31
N PHE B 174 55.83 -14.19 -6.84
CA PHE B 174 55.81 -12.74 -6.68
C PHE B 174 54.90 -12.35 -5.53
N PHE B 175 55.48 -11.82 -4.46
CA PHE B 175 54.74 -11.26 -3.34
C PHE B 175 55.05 -9.77 -3.16
N GLN B 176 54.07 -9.07 -2.60
CA GLN B 176 54.14 -7.64 -2.39
C GLN B 176 53.41 -7.30 -1.10
N PHE B 177 53.80 -6.18 -0.49
CA PHE B 177 53.10 -5.66 0.68
C PHE B 177 51.99 -4.74 0.18
N GLY B 178 50.78 -5.28 0.10
CA GLY B 178 49.65 -4.53 -0.37
C GLY B 178 48.35 -5.24 -0.07
N PRO B 179 47.33 -4.48 0.31
CA PRO B 179 46.03 -5.08 0.65
C PRO B 179 45.24 -5.45 -0.60
N SER B 180 44.61 -6.62 -0.54
CA SER B 180 43.78 -7.11 -1.63
C SER B 180 42.47 -6.32 -1.71
N ILE B 181 41.79 -6.46 -2.85
CA ILE B 181 40.61 -5.63 -3.15
C ILE B 181 39.53 -5.80 -2.10
N GLU B 182 39.35 -7.04 -1.61
CA GLU B 182 38.34 -7.28 -0.58
C GLU B 182 38.64 -6.48 0.68
N GLN B 183 39.91 -6.22 0.96
CA GLN B 183 40.27 -5.42 2.13
C GLN B 183 39.72 -4.01 2.00
N GLN B 184 39.95 -3.35 0.86
CA GLN B 184 39.37 -2.02 0.67
C GLN B 184 37.85 -2.08 0.70
N ALA B 185 37.27 -3.10 0.08
CA ALA B 185 35.82 -3.22 0.08
C ALA B 185 35.27 -3.24 1.50
N SER B 186 35.80 -4.13 2.34
CA SER B 186 35.31 -4.24 3.71
C SER B 186 35.59 -2.99 4.51
N VAL B 187 36.77 -2.39 4.35
CA VAL B 187 37.10 -1.20 5.12
C VAL B 187 36.18 -0.04 4.75
N MET B 188 35.95 0.19 3.45
CA MET B 188 35.05 1.27 3.07
C MET B 188 33.62 0.98 3.49
N LEU B 189 33.19 -0.28 3.45
CA LEU B 189 31.86 -0.61 3.93
C LEU B 189 31.73 -0.28 5.42
N ASN B 190 32.75 -0.62 6.21
CA ASN B 190 32.70 -0.30 7.64
C ASN B 190 32.72 1.20 7.87
N ILE B 191 33.50 1.94 7.10
CA ILE B 191 33.57 3.38 7.27
C ILE B 191 32.24 4.03 6.86
N MET B 192 31.54 3.42 5.90
CA MET B 192 30.18 3.86 5.62
C MET B 192 29.22 3.52 6.75
N GLU B 193 29.44 2.37 7.40
CA GLU B 193 28.60 1.97 8.52
C GLU B 193 28.74 2.93 9.70
N GLU B 194 29.96 3.41 9.95
CA GLU B 194 30.17 4.27 11.11
C GLU B 194 29.32 5.52 11.04
N TYR B 195 29.25 6.16 9.88
CA TYR B 195 28.33 7.26 9.68
C TYR B 195 26.95 6.74 9.28
N ASP B 196 26.02 7.67 9.10
CA ASP B 196 24.61 7.32 8.95
C ASP B 196 24.22 7.18 7.47
N TRP B 197 25.19 7.24 6.56
CA TRP B 197 24.90 7.02 5.14
C TRP B 197 24.49 5.56 4.98
N TYR B 198 23.22 5.33 4.67
CA TYR B 198 22.67 3.98 4.57
C TYR B 198 22.33 3.58 3.14
N ILE B 199 22.61 4.43 2.16
CA ILE B 199 22.28 4.18 0.78
C ILE B 199 23.43 4.63 -0.10
N PHE B 200 23.71 3.85 -1.14
CA PHE B 200 24.80 4.18 -2.06
C PHE B 200 24.56 3.48 -3.39
N SER B 201 25.43 3.79 -4.35
CA SER B 201 25.41 3.17 -5.66
C SER B 201 26.84 3.13 -6.19
N ILE B 202 27.16 2.08 -6.94
CA ILE B 202 28.52 1.88 -7.41
C ILE B 202 28.54 1.91 -8.93
N VAL B 203 29.69 2.30 -9.48
CA VAL B 203 29.89 2.35 -10.92
C VAL B 203 31.38 2.18 -11.19
N THR B 204 31.71 1.38 -12.21
CA THR B 204 33.11 1.09 -12.51
C THR B 204 33.24 0.66 -13.96
N THR B 205 34.46 0.80 -14.47
CA THR B 205 34.81 0.31 -15.79
C THR B 205 35.48 -1.06 -15.66
N TYR B 206 36.01 -1.58 -16.77
CA TYR B 206 36.63 -2.90 -16.77
C TYR B 206 38.04 -2.82 -16.17
N PHE B 207 38.67 -4.00 -16.04
CA PHE B 207 40.03 -4.56 -16.01
C PHE B 207 40.42 -5.02 -14.61
N PRO B 208 40.12 -4.30 -13.48
CA PRO B 208 40.70 -4.74 -12.20
C PRO B 208 40.08 -6.01 -11.65
N GLY B 209 39.83 -7.01 -12.49
CA GLY B 209 39.14 -8.21 -12.06
C GLY B 209 37.85 -7.87 -11.32
N TYR B 210 37.14 -6.87 -11.84
CA TYR B 210 36.16 -6.14 -11.05
C TYR B 210 35.02 -7.01 -10.56
N GLN B 211 34.76 -8.14 -11.21
CA GLN B 211 33.64 -8.99 -10.81
C GLN B 211 33.74 -9.38 -9.34
N ASP B 212 34.96 -9.61 -8.84
CA ASP B 212 35.12 -9.97 -7.44
C ASP B 212 34.64 -8.85 -6.52
N PHE B 213 34.89 -7.60 -6.88
CA PHE B 213 34.47 -6.48 -6.04
C PHE B 213 32.95 -6.46 -5.87
N VAL B 214 32.22 -6.49 -6.98
CA VAL B 214 30.77 -6.43 -6.90
C VAL B 214 30.20 -7.68 -6.24
N ASN B 215 30.79 -8.84 -6.54
CA ASN B 215 30.33 -10.07 -5.91
C ASN B 215 30.49 -10.03 -4.40
N LYS B 216 31.65 -9.56 -3.92
CA LYS B 216 31.91 -9.48 -2.49
C LYS B 216 30.98 -8.49 -1.82
N ILE B 217 30.79 -7.31 -2.42
CA ILE B 217 29.93 -6.32 -1.78
C ILE B 217 28.48 -6.80 -1.75
N ARG B 218 28.03 -7.46 -2.81
CA ARG B 218 26.66 -7.99 -2.83
C ARG B 218 26.49 -9.12 -1.82
N SER B 219 27.51 -9.97 -1.66
CA SER B 219 27.42 -11.04 -0.67
C SER B 219 27.37 -10.47 0.75
N THR B 220 28.21 -9.48 1.03
CA THR B 220 28.29 -8.97 2.40
C THR B 220 27.10 -8.09 2.76
N ILE B 221 26.52 -7.39 1.78
CA ILE B 221 25.47 -6.41 2.10
C ILE B 221 24.22 -7.12 2.62
N GLU B 222 23.92 -8.32 2.12
CA GLU B 222 22.64 -8.94 2.39
C GLU B 222 22.52 -9.49 3.80
N ASN B 223 23.58 -10.12 4.31
CA ASN B 223 23.44 -10.95 5.51
C ASN B 223 23.09 -10.12 6.74
N SER B 224 23.70 -8.95 6.90
CA SER B 224 23.57 -8.19 8.13
C SER B 224 22.13 -7.70 8.33
N PHE B 225 21.75 -7.55 9.60
CA PHE B 225 20.41 -7.07 9.93
C PHE B 225 20.18 -5.66 9.42
N VAL B 226 21.19 -4.79 9.55
CA VAL B 226 21.04 -3.40 9.15
C VAL B 226 20.71 -3.32 7.66
N GLY B 227 19.72 -2.49 7.34
CA GLY B 227 19.13 -2.47 6.02
C GLY B 227 19.76 -1.55 5.00
N TRP B 228 20.94 -1.90 4.50
CA TRP B 228 21.47 -1.20 3.33
C TRP B 228 20.53 -1.41 2.15
N GLU B 229 20.30 -0.34 1.40
CA GLU B 229 19.41 -0.38 0.23
C GLU B 229 20.11 0.29 -0.94
N LEU B 230 20.88 -0.49 -1.69
CA LEU B 230 21.55 0.03 -2.88
C LEU B 230 20.55 0.14 -4.03
N GLU B 231 20.81 1.08 -4.94
CA GLU B 231 19.93 1.30 -6.08
C GLU B 231 20.74 1.71 -7.29
N GLU B 232 20.35 1.15 -8.44
CA GLU B 232 20.89 1.56 -9.74
C GLU B 232 22.41 1.37 -9.83
N VAL B 233 22.83 0.10 -9.74
CA VAL B 233 24.22 -0.25 -10.03
C VAL B 233 24.44 -0.18 -11.53
N LEU B 234 25.52 0.49 -11.94
CA LEU B 234 25.79 0.74 -13.35
C LEU B 234 27.17 0.19 -13.73
N LEU B 235 27.28 -0.31 -14.95
CA LEU B 235 28.54 -0.74 -15.53
C LEU B 235 28.84 0.15 -16.72
N LEU B 236 30.04 0.71 -16.79
CA LEU B 236 30.41 1.69 -17.80
C LEU B 236 31.58 1.18 -18.62
N ASP B 237 31.54 1.42 -19.93
CA ASP B 237 32.62 1.10 -20.85
C ASP B 237 33.25 2.40 -21.31
N MET B 238 34.48 2.67 -20.88
CA MET B 238 35.20 3.87 -21.28
C MET B 238 36.01 3.69 -22.56
N SER B 239 36.10 2.47 -23.08
CA SER B 239 36.87 2.24 -24.29
C SER B 239 36.11 2.65 -25.54
N LEU B 240 34.81 2.91 -25.42
CA LEU B 240 34.01 3.26 -26.58
C LEU B 240 34.49 4.56 -27.21
N ASP B 241 34.65 4.55 -28.53
CA ASP B 241 35.08 5.74 -29.25
C ASP B 241 33.90 6.70 -29.43
N ASP B 242 34.13 7.96 -29.06
CA ASP B 242 33.10 9.00 -29.14
C ASP B 242 31.83 8.60 -28.39
N GLY B 243 32.00 7.97 -27.23
CA GLY B 243 30.88 7.56 -26.40
C GLY B 243 30.53 8.60 -25.36
N ASP B 244 30.97 9.85 -25.59
CA ASP B 244 30.72 10.92 -24.63
C ASP B 244 29.23 11.19 -24.50
N SER B 245 28.50 11.20 -25.62
CA SER B 245 27.05 11.41 -25.58
C SER B 245 26.37 10.30 -24.78
N LYS B 246 26.78 9.05 -25.01
CA LYS B 246 26.25 7.95 -24.22
C LYS B 246 26.51 8.18 -22.74
N ILE B 247 27.77 8.44 -22.39
CA ILE B 247 28.15 8.63 -20.98
C ILE B 247 27.29 9.73 -20.35
N GLN B 248 27.12 10.84 -21.06
CA GLN B 248 26.24 11.89 -20.56
C GLN B 248 24.80 11.41 -20.41
N ASN B 249 24.38 10.45 -21.24
CA ASN B 249 23.02 9.92 -21.13
C ASN B 249 22.86 9.07 -19.86
N GLN B 250 23.65 8.00 -19.73
CA GLN B 250 23.43 7.10 -18.60
C GLN B 250 24.09 7.55 -17.30
N LEU B 251 24.81 8.67 -17.27
CA LEU B 251 25.19 9.21 -15.96
C LEU B 251 24.16 10.17 -15.39
N LYS B 252 23.04 10.38 -16.07
CA LYS B 252 21.95 11.17 -15.52
C LYS B 252 21.02 10.35 -14.63
N LYS B 253 21.27 9.04 -14.49
CA LYS B 253 20.40 8.16 -13.72
C LYS B 253 20.98 7.82 -12.34
N LEU B 254 21.69 8.76 -11.71
CA LEU B 254 22.25 8.57 -10.38
C LEU B 254 21.47 9.44 -9.40
N GLN B 255 20.78 8.81 -8.46
CA GLN B 255 19.98 9.52 -7.47
C GLN B 255 20.53 9.41 -6.06
N SER B 256 21.42 8.46 -5.80
CA SER B 256 21.90 8.25 -4.45
C SER B 256 22.77 9.44 -4.01
N PRO B 257 22.67 9.85 -2.75
CA PRO B 257 23.58 10.90 -2.25
C PRO B 257 25.04 10.50 -2.27
N ILE B 258 25.35 9.21 -2.16
CA ILE B 258 26.73 8.73 -2.11
C ILE B 258 26.97 7.83 -3.31
N ILE B 259 28.15 7.96 -3.92
CA ILE B 259 28.51 7.18 -5.09
C ILE B 259 29.89 6.56 -4.87
N LEU B 260 30.16 5.50 -5.60
CA LEU B 260 31.43 4.79 -5.53
C LEU B 260 32.03 4.66 -6.92
N LEU B 261 33.35 4.77 -7.01
CA LEU B 261 34.05 4.75 -8.29
C LEU B 261 35.22 3.78 -8.22
N TYR B 262 35.54 3.18 -9.37
CA TYR B 262 36.62 2.19 -9.44
C TYR B 262 37.16 2.21 -10.87
N CYS B 263 38.30 2.87 -11.06
CA CYS B 263 38.88 3.05 -12.38
C CYS B 263 40.37 3.31 -12.21
N THR B 264 41.03 3.75 -13.29
CA THR B 264 42.46 4.04 -13.27
C THR B 264 42.67 5.54 -13.07
N LYS B 265 43.94 5.96 -13.11
CA LYS B 265 44.28 7.35 -12.78
C LYS B 265 43.75 8.32 -13.83
N GLU B 266 44.01 8.05 -15.11
CA GLU B 266 43.58 8.98 -16.15
C GLU B 266 42.07 8.94 -16.34
N GLU B 267 41.46 7.77 -16.19
CA GLU B 267 40.01 7.66 -16.32
C GLU B 267 39.29 8.42 -15.23
N ALA B 268 39.87 8.51 -14.04
CA ALA B 268 39.26 9.28 -12.96
C ALA B 268 39.16 10.76 -13.34
N THR B 269 40.26 11.33 -13.84
CA THR B 269 40.23 12.72 -14.29
C THR B 269 39.28 12.90 -15.46
N TYR B 270 39.29 11.94 -16.41
CA TYR B 270 38.41 12.05 -17.57
C TYR B 270 36.94 12.05 -17.16
N ILE B 271 36.58 11.19 -16.21
CA ILE B 271 35.18 11.12 -15.79
C ILE B 271 34.82 12.30 -14.90
N PHE B 272 35.79 12.87 -14.16
CA PHE B 272 35.52 14.08 -13.42
C PHE B 272 35.22 15.25 -14.36
N GLU B 273 35.98 15.35 -15.45
CA GLU B 273 35.76 16.45 -16.40
C GLU B 273 34.39 16.37 -17.06
N VAL B 274 33.73 15.23 -16.97
CA VAL B 274 32.36 15.10 -17.50
C VAL B 274 31.33 15.25 -16.39
N ALA B 275 31.60 14.66 -15.22
CA ALA B 275 30.65 14.69 -14.12
C ALA B 275 30.48 16.10 -13.55
N ASN B 276 31.52 16.92 -13.62
CA ASN B 276 31.38 18.29 -13.13
C ASN B 276 30.33 19.06 -13.95
N SER B 277 30.32 18.86 -15.26
CA SER B 277 29.42 19.59 -16.13
C SER B 277 27.99 19.07 -16.08
N VAL B 278 27.80 17.76 -15.90
CA VAL B 278 26.47 17.18 -15.98
C VAL B 278 25.57 17.68 -14.85
N GLY B 279 26.13 18.05 -13.71
CA GLY B 279 25.33 18.60 -12.63
C GLY B 279 25.60 17.96 -11.28
N LEU B 280 26.57 17.04 -11.24
CA LEU B 280 26.92 16.34 -10.01
C LEU B 280 28.27 16.87 -9.54
N THR B 281 28.31 17.41 -8.33
CA THR B 281 29.52 18.01 -7.80
C THR B 281 29.45 17.99 -6.27
N GLY B 282 30.35 18.73 -5.64
CA GLY B 282 30.51 18.73 -4.20
C GLY B 282 29.50 19.55 -3.41
N TYR B 283 28.47 20.09 -4.07
CA TYR B 283 27.46 20.87 -3.36
C TYR B 283 26.73 20.00 -2.34
N GLY B 284 26.36 18.78 -2.71
CA GLY B 284 25.66 17.89 -1.82
C GLY B 284 26.06 16.44 -1.93
N TYR B 285 27.09 16.15 -2.72
CA TYR B 285 27.51 14.79 -2.99
C TYR B 285 28.89 14.52 -2.42
N THR B 286 29.22 13.24 -2.29
CA THR B 286 30.49 12.80 -1.73
C THR B 286 30.92 11.53 -2.44
N TRP B 287 32.21 11.43 -2.74
CA TRP B 287 32.75 10.32 -3.52
C TRP B 287 33.75 9.52 -2.69
N ILE B 288 33.80 8.22 -2.98
CA ILE B 288 34.73 7.29 -2.34
C ILE B 288 35.45 6.52 -3.43
N VAL B 289 36.78 6.41 -3.31
CA VAL B 289 37.57 5.65 -4.28
C VAL B 289 38.60 4.82 -3.54
N PRO B 290 39.02 3.70 -4.16
CA PRO B 290 40.09 2.88 -3.55
C PRO B 290 41.47 3.49 -3.73
N SER B 291 42.50 2.75 -3.34
CA SER B 291 43.85 3.29 -3.33
C SER B 291 44.42 3.46 -4.73
N LEU B 292 43.89 2.75 -5.72
CA LEU B 292 44.52 2.69 -7.04
C LEU B 292 44.65 4.06 -7.69
N VAL B 293 43.74 4.99 -7.39
CA VAL B 293 43.77 6.31 -8.02
C VAL B 293 44.38 7.36 -7.11
N ALA B 294 45.14 6.96 -6.10
CA ALA B 294 45.71 7.91 -5.15
C ALA B 294 47.19 7.65 -5.01
N GLY B 295 47.93 8.74 -4.80
CA GLY B 295 49.36 8.69 -4.55
C GLY B 295 49.74 9.56 -3.38
N ASP B 296 50.78 9.16 -2.64
CA ASP B 296 51.15 9.88 -1.42
C ASP B 296 51.47 11.34 -1.71
N THR B 297 52.55 11.59 -2.46
CA THR B 297 52.90 12.95 -2.83
C THR B 297 52.36 13.36 -4.19
N ASP B 298 51.67 12.47 -4.89
CA ASP B 298 51.15 12.79 -6.21
C ASP B 298 50.09 13.89 -6.12
N THR B 299 50.08 14.75 -7.13
CA THR B 299 49.08 15.80 -7.26
C THR B 299 48.13 15.45 -8.39
N VAL B 300 46.95 16.07 -8.35
CA VAL B 300 45.89 15.75 -9.30
C VAL B 300 45.39 17.04 -9.92
N PRO B 301 44.79 17.00 -11.12
CA PRO B 301 44.22 18.21 -11.72
C PRO B 301 43.08 18.76 -10.88
N SER B 302 42.61 19.94 -11.29
CA SER B 302 41.54 20.64 -10.57
C SER B 302 40.20 19.93 -10.71
N GLU B 303 40.10 18.91 -11.56
CA GLU B 303 38.84 18.20 -11.73
C GLU B 303 38.41 17.44 -10.48
N PHE B 304 39.30 17.29 -9.50
CA PHE B 304 38.93 16.63 -8.25
C PHE B 304 38.12 17.59 -7.39
N PRO B 305 36.86 17.28 -7.06
CA PRO B 305 36.11 18.14 -6.16
C PRO B 305 36.63 18.02 -4.73
N THR B 306 36.53 19.13 -4.00
CA THR B 306 36.95 19.14 -2.60
C THR B 306 36.08 18.22 -1.78
N GLY B 307 36.70 17.46 -0.87
CA GLY B 307 35.97 16.53 -0.04
C GLY B 307 36.02 15.08 -0.46
N LEU B 308 36.82 14.75 -1.47
CA LEU B 308 36.96 13.35 -1.88
C LEU B 308 37.69 12.56 -0.81
N ILE B 309 37.32 11.30 -0.67
CA ILE B 309 37.86 10.42 0.36
C ILE B 309 38.35 9.15 -0.29
N SER B 310 39.52 8.66 0.16
CA SER B 310 40.04 7.38 -0.30
C SER B 310 40.82 6.73 0.83
N VAL B 311 41.15 5.46 0.64
CA VAL B 311 41.95 4.69 1.58
C VAL B 311 43.28 4.36 0.92
N SER B 312 44.36 4.51 1.66
CA SER B 312 45.70 4.26 1.13
C SER B 312 46.52 3.55 2.19
N TYR B 313 47.74 3.19 1.85
CA TYR B 313 48.63 2.50 2.75
C TYR B 313 49.26 3.49 3.72
N ASP B 314 49.91 2.95 4.76
CA ASP B 314 50.57 3.77 5.77
C ASP B 314 51.92 4.29 5.26
N GLU B 315 52.10 4.28 3.93
CA GLU B 315 53.35 4.73 3.34
C GLU B 315 53.60 6.22 3.57
N TRP B 316 52.66 6.92 4.21
CA TRP B 316 52.87 8.32 4.57
C TRP B 316 54.11 8.48 5.46
N ASP B 317 54.24 7.63 6.47
CA ASP B 317 55.36 7.70 7.40
C ASP B 317 56.20 6.44 7.46
N TYR B 318 55.85 5.40 6.69
CA TYR B 318 56.59 4.15 6.68
C TYR B 318 57.15 3.82 5.30
N GLY B 319 57.63 4.84 4.58
CA GLY B 319 58.33 4.62 3.33
C GLY B 319 59.83 4.56 3.54
N LEU B 320 60.23 4.01 4.67
CA LEU B 320 61.59 4.00 5.15
C LEU B 320 62.26 2.66 4.86
N PRO B 321 63.59 2.59 4.99
CA PRO B 321 64.27 1.29 4.88
C PRO B 321 63.81 0.27 5.92
N ALA B 322 62.94 0.67 6.86
CA ALA B 322 62.39 -0.29 7.80
C ALA B 322 61.66 -1.42 7.08
N ARG B 323 61.00 -1.10 5.96
CA ARG B 323 60.36 -2.13 5.16
C ARG B 323 61.40 -3.09 4.57
N VAL B 324 62.55 -2.56 4.15
CA VAL B 324 63.63 -3.41 3.67
C VAL B 324 64.12 -4.33 4.78
N ARG B 325 64.25 -3.79 5.99
CA ARG B 325 64.62 -4.61 7.13
C ARG B 325 63.58 -5.69 7.39
N ASP B 326 62.30 -5.36 7.24
CA ASP B 326 61.24 -6.35 7.41
C ASP B 326 61.37 -7.47 6.37
N GLY B 327 61.65 -7.11 5.12
CA GLY B 327 61.83 -8.12 4.10
C GLY B 327 63.03 -9.03 4.39
N ILE B 328 64.14 -8.43 4.81
CA ILE B 328 65.30 -9.22 5.21
C ILE B 328 64.92 -10.17 6.34
N ALA B 329 64.20 -9.66 7.34
CA ALA B 329 63.83 -10.48 8.48
C ALA B 329 62.93 -11.64 8.05
N ILE B 330 61.95 -11.38 7.19
CA ILE B 330 61.02 -12.45 6.81
C ILE B 330 61.73 -13.51 6.00
N ILE B 331 62.59 -13.11 5.05
CA ILE B 331 63.27 -14.13 4.24
C ILE B 331 64.22 -14.94 5.11
N THR B 332 64.96 -14.27 6.01
CA THR B 332 65.91 -14.99 6.86
C THR B 332 65.18 -15.93 7.81
N THR B 333 64.06 -15.50 8.37
CA THR B 333 63.35 -16.38 9.31
C THR B 333 62.65 -17.52 8.60
N ALA B 334 62.21 -17.31 7.35
CA ALA B 334 61.68 -18.43 6.58
C ALA B 334 62.76 -19.47 6.30
N ALA B 335 63.95 -19.00 5.90
CA ALA B 335 65.06 -19.92 5.69
C ALA B 335 65.41 -20.66 6.97
N SER B 336 65.43 -19.96 8.10
CA SER B 336 65.70 -20.61 9.38
C SER B 336 64.63 -21.63 9.71
N ASP B 337 63.36 -21.29 9.46
CA ASP B 337 62.27 -22.20 9.78
C ASP B 337 62.36 -23.49 8.97
N MET B 338 62.72 -23.40 7.70
CA MET B 338 62.84 -24.61 6.89
C MET B 338 64.22 -25.25 6.98
N LEU B 339 65.26 -24.53 6.55
CA LEU B 339 66.49 -25.17 6.13
C LEU B 339 67.16 -25.92 7.29
N SER B 340 67.08 -25.37 8.50
CA SER B 340 67.64 -26.07 9.65
C SER B 340 66.76 -27.24 10.06
N GLU B 341 65.44 -27.06 10.05
CA GLU B 341 64.53 -28.10 10.53
C GLU B 341 64.56 -29.33 9.64
N HIS B 342 64.47 -29.14 8.33
CA HIS B 342 64.46 -30.26 7.38
C HIS B 342 65.85 -30.64 6.91
N SER B 343 66.89 -29.88 7.29
CA SER B 343 68.27 -30.10 6.85
C SER B 343 68.40 -30.04 5.33
N PHE B 344 67.43 -29.44 4.65
CA PHE B 344 67.46 -29.27 3.21
C PHE B 344 67.79 -27.82 2.88
N ILE B 345 68.83 -27.62 2.07
CA ILE B 345 69.28 -26.27 1.72
C ILE B 345 69.37 -26.12 0.21
N PRO B 346 68.36 -25.52 -0.43
CA PRO B 346 68.39 -25.33 -1.88
C PRO B 346 69.22 -24.11 -2.25
N GLU B 347 70.34 -24.34 -2.92
CA GLU B 347 71.20 -23.27 -3.42
C GLU B 347 71.56 -23.59 -4.86
N PRO B 348 70.61 -23.48 -5.78
CA PRO B 348 70.89 -23.81 -7.19
C PRO B 348 71.83 -22.81 -7.83
N LYS B 349 72.55 -23.28 -8.83
CA LYS B 349 73.43 -22.43 -9.63
C LYS B 349 72.59 -21.64 -10.62
N SER B 350 72.29 -20.39 -10.26
CA SER B 350 71.42 -19.54 -11.08
C SER B 350 72.26 -18.81 -12.11
N SER B 351 72.10 -19.18 -13.38
CA SER B 351 72.74 -18.49 -14.48
C SER B 351 71.76 -17.52 -15.14
N CYS B 352 72.32 -16.57 -15.87
CA CYS B 352 71.50 -15.60 -16.60
C CYS B 352 70.79 -16.23 -17.79
N TYR B 353 71.46 -17.09 -18.52
CA TYR B 353 70.88 -17.77 -19.68
C TYR B 353 70.89 -19.28 -19.48
N ASN B 354 69.99 -19.95 -20.21
CA ASN B 354 69.89 -21.41 -20.24
C ASN B 354 69.64 -21.98 -18.85
N THR B 355 68.48 -21.62 -18.29
CA THR B 355 68.02 -22.16 -17.01
C THR B 355 66.86 -23.12 -17.19
N HIS B 356 66.68 -23.68 -18.39
CA HIS B 356 65.59 -24.64 -18.61
C HIS B 356 65.77 -25.89 -17.77
N GLU B 357 67.01 -26.38 -17.66
CA GLU B 357 67.30 -27.58 -16.88
C GLU B 357 67.42 -27.31 -15.39
N LYS B 358 67.13 -26.09 -14.93
CA LYS B 358 67.24 -25.76 -13.52
C LYS B 358 66.10 -26.30 -12.68
N ARG B 359 65.07 -26.89 -13.31
CA ARG B 359 63.91 -27.41 -12.60
C ARG B 359 64.19 -28.75 -11.92
N ILE B 360 65.45 -29.17 -11.83
CA ILE B 360 65.77 -30.45 -11.19
C ILE B 360 65.42 -30.42 -9.72
N TYR B 361 65.61 -29.27 -9.06
CA TYR B 361 65.31 -29.12 -7.64
C TYR B 361 64.00 -28.36 -7.51
N GLN B 362 62.96 -29.05 -7.05
CA GLN B 362 61.65 -28.44 -6.88
C GLN B 362 61.69 -27.39 -5.79
N SER B 363 61.09 -26.23 -6.06
CA SER B 363 61.01 -25.14 -5.09
C SER B 363 59.73 -25.18 -4.27
N ASN B 364 58.85 -26.15 -4.52
CA ASN B 364 57.60 -26.25 -3.76
C ASN B 364 57.85 -26.54 -2.29
N MET B 365 58.98 -27.17 -1.96
CA MET B 365 59.34 -27.33 -0.55
C MET B 365 59.44 -25.97 0.15
N LEU B 366 60.05 -25.00 -0.54
CA LEU B 366 60.16 -23.65 -0.01
C LEU B 366 58.80 -22.97 0.07
N ASN B 367 57.83 -23.45 -0.71
CA ASN B 367 56.63 -22.66 -0.95
C ASN B 367 55.75 -22.56 0.28
N ARG B 368 55.61 -23.68 1.01
CA ARG B 368 54.64 -23.75 2.09
C ARG B 368 55.09 -22.97 3.31
N TYR B 369 56.37 -23.04 3.66
CA TYR B 369 56.85 -22.53 4.93
C TYR B 369 57.23 -21.06 4.88
N LEU B 370 57.07 -20.41 3.73
CA LEU B 370 57.32 -18.97 3.65
C LEU B 370 56.10 -18.15 4.05
N ILE B 371 54.89 -18.72 3.96
CA ILE B 371 53.67 -17.95 4.18
C ILE B 371 53.36 -17.74 5.66
N ASN B 372 54.14 -18.33 6.56
CA ASN B 372 53.94 -18.18 8.01
C ASN B 372 55.25 -17.77 8.64
N VAL B 373 55.46 -16.45 8.76
CA VAL B 373 56.66 -15.91 9.38
C VAL B 373 56.24 -14.84 10.38
N THR B 374 57.10 -14.61 11.37
CA THR B 374 56.84 -13.62 12.39
C THR B 374 58.16 -13.10 12.94
N PHE B 375 58.11 -11.90 13.54
CA PHE B 375 59.29 -11.28 14.10
C PHE B 375 58.87 -10.15 15.04
N GLU B 376 59.42 -10.16 16.25
CA GLU B 376 59.21 -9.09 17.23
C GLU B 376 57.72 -8.85 17.50
N GLY B 377 56.95 -9.94 17.51
CA GLY B 377 55.51 -9.83 17.72
C GLY B 377 54.79 -9.10 16.61
N ARG B 378 55.17 -9.34 15.37
CA ARG B 378 54.52 -8.72 14.21
C ARG B 378 53.88 -9.81 13.36
N ASN B 379 52.61 -9.61 13.03
CA ASN B 379 51.82 -10.57 12.26
C ASN B 379 52.03 -10.34 10.77
N LEU B 380 52.88 -11.18 10.16
CA LEU B 380 53.20 -11.08 8.75
C LEU B 380 52.77 -12.31 7.97
N SER B 381 51.63 -12.89 8.34
CA SER B 381 51.13 -14.08 7.66
C SER B 381 50.80 -13.77 6.20
N PHE B 382 51.19 -14.66 5.30
CA PHE B 382 50.96 -14.50 3.88
C PHE B 382 49.78 -15.36 3.43
N SER B 383 49.47 -15.27 2.14
CA SER B 383 48.37 -16.04 1.56
C SER B 383 48.74 -16.45 0.14
N GLU B 384 48.07 -17.50 -0.33
CA GLU B 384 48.27 -17.92 -1.72
C GLU B 384 47.84 -16.85 -2.71
N ASP B 385 46.91 -15.98 -2.29
CA ASP B 385 46.48 -14.87 -3.15
C ASP B 385 47.59 -13.85 -3.38
N GLY B 386 48.67 -13.91 -2.60
CA GLY B 386 49.77 -12.98 -2.71
C GLY B 386 49.63 -11.76 -1.83
N TYR B 387 48.51 -11.61 -1.14
CA TYR B 387 48.28 -10.48 -0.25
C TYR B 387 48.20 -10.95 1.19
N GLN B 388 48.83 -10.19 2.09
CA GLN B 388 48.77 -10.47 3.51
C GLN B 388 47.53 -9.83 4.12
N MET B 389 46.99 -10.48 5.16
CA MET B 389 45.66 -10.14 5.66
C MET B 389 45.66 -9.34 6.95
N HIS B 390 46.82 -8.83 7.40
CA HIS B 390 46.90 -8.05 8.63
C HIS B 390 47.69 -6.77 8.38
N PRO B 391 47.12 -5.84 7.62
CA PRO B 391 47.84 -4.59 7.34
C PRO B 391 47.51 -3.49 8.33
N LYS B 392 48.17 -2.35 8.17
CA LYS B 392 47.76 -1.10 8.81
C LYS B 392 47.34 -0.11 7.74
N LEU B 393 46.18 0.49 7.93
CA LEU B 393 45.59 1.34 6.89
C LEU B 393 45.21 2.68 7.47
N VAL B 394 45.15 3.68 6.59
CA VAL B 394 44.85 5.06 6.97
C VAL B 394 43.77 5.59 6.04
N ILE B 395 43.13 6.68 6.49
CA ILE B 395 42.08 7.35 5.73
C ILE B 395 42.53 8.78 5.50
N ILE B 396 42.45 9.23 4.25
CA ILE B 396 42.93 10.55 3.86
C ILE B 396 41.80 11.34 3.23
N LEU B 397 41.90 12.66 3.33
CA LEU B 397 40.85 13.57 2.90
C LEU B 397 41.44 14.67 2.03
N LEU B 398 40.64 15.15 1.08
CA LEU B 398 41.06 16.24 0.21
C LEU B 398 40.57 17.57 0.77
N ASN B 399 41.50 18.37 1.29
CA ASN B 399 41.18 19.66 1.88
C ASN B 399 40.97 20.69 0.76
N LYS B 400 40.94 21.97 1.12
CA LYS B 400 40.79 23.01 0.11
C LYS B 400 41.95 22.99 -0.88
N GLU B 401 43.16 22.75 -0.40
CA GLU B 401 44.32 22.61 -1.27
C GLU B 401 44.34 21.20 -1.86
N ARG B 402 45.43 20.84 -2.53
CA ARG B 402 45.58 19.51 -3.11
C ARG B 402 46.40 18.57 -2.24
N LYS B 403 46.79 19.00 -1.05
CA LYS B 403 47.50 18.13 -0.12
C LYS B 403 46.49 17.27 0.64
N TRP B 404 46.90 16.05 0.98
CA TRP B 404 46.02 15.08 1.63
C TRP B 404 46.33 15.05 3.12
N GLU B 405 45.30 15.23 3.94
CA GLU B 405 45.45 15.18 5.39
C GLU B 405 44.92 13.86 5.93
N ARG B 406 45.56 13.37 6.99
CA ARG B 406 45.15 12.11 7.58
C ARG B 406 43.88 12.29 8.40
N VAL B 407 43.08 11.23 8.49
CA VAL B 407 41.80 11.29 9.19
C VAL B 407 41.76 10.25 10.30
N GLY B 408 41.91 8.98 9.95
CA GLY B 408 41.81 7.91 10.92
C GLY B 408 42.66 6.71 10.54
N LYS B 409 42.91 5.88 11.53
CA LYS B 409 43.70 4.66 11.37
C LYS B 409 42.79 3.44 11.47
N TRP B 410 43.13 2.40 10.69
CA TRP B 410 42.36 1.17 10.65
C TRP B 410 43.27 0.00 11.02
N LYS B 411 42.81 -0.84 11.94
CA LYS B 411 43.56 -2.01 12.36
C LYS B 411 42.66 -2.93 13.17
N ASP B 412 42.97 -4.21 13.15
CA ASP B 412 42.28 -5.23 13.94
C ASP B 412 40.77 -5.22 13.68
N LYS B 413 40.40 -5.03 12.41
CA LYS B 413 39.00 -5.01 11.99
C LYS B 413 38.19 -4.01 12.82
N SER B 414 38.78 -2.84 13.04
CA SER B 414 38.19 -1.82 13.90
C SER B 414 38.58 -0.45 13.37
N LEU B 415 37.58 0.40 13.11
CA LEU B 415 37.81 1.77 12.71
C LEU B 415 37.98 2.62 13.96
N GLN B 416 39.07 3.39 14.02
CA GLN B 416 39.41 4.18 15.20
C GLN B 416 39.83 5.59 14.79
N MET B 417 39.05 6.21 13.91
CA MET B 417 39.31 7.58 13.51
C MET B 417 38.93 8.54 14.64
N LYS B 418 39.51 9.75 14.59
CA LYS B 418 39.27 10.75 15.63
C LYS B 418 38.57 11.97 15.02
N TYR B 419 37.26 11.81 14.79
CA TYR B 419 36.21 12.83 14.75
C TYR B 419 34.99 12.21 15.40
N TYR B 420 33.88 12.96 15.40
CA TYR B 420 32.62 12.38 15.83
C TYR B 420 31.49 12.71 14.86
N VAL B 421 31.54 13.87 14.21
CA VAL B 421 30.52 14.27 13.26
C VAL B 421 31.23 14.77 12.01
N TRP B 422 30.51 14.73 10.89
CA TRP B 422 31.10 15.10 9.61
C TRP B 422 30.88 16.59 9.35
N PRO B 423 31.94 17.38 9.25
CA PRO B 423 31.77 18.81 8.95
C PRO B 423 31.21 19.01 7.54
N ARG B 424 30.42 20.06 7.39
CA ARG B 424 29.82 20.41 6.11
C ARG B 424 30.37 21.74 5.61
N MET B 425 30.34 21.91 4.30
CA MET B 425 30.82 23.13 3.66
C MET B 425 29.84 24.29 3.86
N ASP B 434 20.12 27.19 3.30
CA ASP B 434 20.44 26.18 4.29
C ASP B 434 19.21 25.36 4.66
N ASP B 435 19.25 24.07 4.35
CA ASP B 435 18.14 23.16 4.64
C ASP B 435 18.63 21.95 5.42
N HIS B 436 19.45 22.19 6.44
CA HIS B 436 19.91 21.16 7.37
C HIS B 436 19.58 21.64 8.78
N LEU B 437 18.95 20.78 9.57
CA LEU B 437 18.36 21.20 10.83
C LEU B 437 18.72 20.23 11.95
N SER B 438 18.77 20.75 13.17
CA SER B 438 18.82 19.94 14.37
C SER B 438 17.42 19.79 14.94
N ILE B 439 17.22 18.74 15.74
CA ILE B 439 15.91 18.42 16.28
C ILE B 439 16.10 17.84 17.68
N VAL B 440 15.25 18.26 18.61
CA VAL B 440 15.30 17.80 19.99
C VAL B 440 14.08 16.92 20.27
N THR B 441 14.28 15.91 21.11
CA THR B 441 13.21 14.97 21.46
C THR B 441 13.47 14.45 22.86
N LEU B 442 12.47 13.77 23.41
CA LEU B 442 12.51 13.30 24.79
C LEU B 442 12.09 11.84 24.86
N GLU B 443 12.62 11.13 25.86
CA GLU B 443 12.16 9.79 26.14
C GLU B 443 10.71 9.81 26.61
N GLU B 444 9.91 8.89 26.10
CA GLU B 444 8.52 8.76 26.49
C GLU B 444 8.04 7.38 26.06
N ALA B 445 7.27 6.73 26.94
CA ALA B 445 6.97 5.30 26.73
C ALA B 445 6.15 5.03 25.47
N PRO B 446 5.04 5.72 25.19
CA PRO B 446 4.22 5.33 24.03
C PRO B 446 4.67 5.93 22.71
N PHE B 447 5.40 7.04 22.71
CA PHE B 447 5.66 7.80 21.49
C PHE B 447 7.10 7.68 21.01
N VAL B 448 8.07 7.98 21.87
CA VAL B 448 9.47 8.01 21.48
C VAL B 448 10.21 7.07 22.43
N ILE B 449 10.38 5.82 22.01
CA ILE B 449 11.08 4.82 22.81
C ILE B 449 12.54 4.81 22.42
N VAL B 450 13.41 4.45 23.36
CA VAL B 450 14.84 4.38 23.13
C VAL B 450 15.33 2.97 23.39
N GLU B 451 16.17 2.46 22.51
CA GLU B 451 16.71 1.11 22.62
C GLU B 451 18.22 1.14 22.42
N SER B 452 18.90 0.19 23.07
CA SER B 452 20.34 0.12 22.98
C SER B 452 20.79 -0.31 21.59
N VAL B 453 22.02 0.05 21.25
CA VAL B 453 22.57 -0.29 19.94
C VAL B 453 22.84 -1.79 19.86
N ASP B 454 22.80 -2.33 18.65
CA ASP B 454 23.14 -3.73 18.45
C ASP B 454 24.61 -3.95 18.79
N PRO B 455 24.94 -4.89 19.67
CA PRO B 455 26.31 -5.03 20.15
C PRO B 455 27.25 -5.76 19.19
N LEU B 456 26.81 -6.07 17.97
CA LEU B 456 27.63 -6.81 17.02
C LEU B 456 28.27 -5.89 15.97
N SER B 457 27.45 -5.10 15.28
CA SER B 457 27.95 -4.32 14.15
C SER B 457 28.45 -2.95 14.60
N GLY B 458 27.60 -2.18 15.26
CA GLY B 458 27.90 -0.81 15.65
C GLY B 458 26.73 0.14 15.51
N THR B 459 25.83 -0.13 14.58
CA THR B 459 24.53 0.53 14.51
C THR B 459 23.45 -0.50 14.80
N CYS B 460 22.20 -0.08 14.67
CA CYS B 460 21.09 -0.99 14.92
C CYS B 460 20.27 -1.19 13.66
N MET B 461 19.15 -1.88 13.78
CA MET B 461 18.39 -2.35 12.63
C MET B 461 17.70 -1.18 11.92
N ARG B 462 16.97 -1.52 10.87
CA ARG B 462 16.27 -0.54 10.05
C ARG B 462 15.00 -0.09 10.75
N ASN B 463 14.16 0.67 10.03
CA ASN B 463 12.93 1.25 10.59
C ASN B 463 13.23 2.06 11.85
N THR B 464 14.34 2.78 11.83
CA THR B 464 14.82 3.49 13.01
C THR B 464 15.76 4.59 12.57
N VAL B 465 15.81 5.68 13.34
CA VAL B 465 16.71 6.79 13.12
C VAL B 465 17.58 6.93 14.36
N PRO B 466 18.88 7.11 14.22
CA PRO B 466 19.76 7.11 15.40
C PRO B 466 19.65 8.41 16.19
N CYS B 467 19.26 8.28 17.46
CA CYS B 467 19.40 9.39 18.40
C CYS B 467 20.87 9.65 18.71
N GLN B 468 21.17 10.67 19.49
CA GLN B 468 22.49 10.88 20.01
C GLN B 468 22.19 11.64 21.22
N LYS B 469 22.62 11.14 22.35
CA LYS B 469 22.46 11.75 23.67
C LYS B 469 23.81 12.17 24.23
N ARG B 470 23.80 13.20 25.07
CA ARG B 470 24.99 13.71 25.72
C ARG B 470 24.97 13.36 27.20
N ILE B 471 26.14 13.06 27.75
CA ILE B 471 26.28 12.63 29.13
C ILE B 471 27.44 13.37 29.77
N ILE B 472 27.27 13.75 31.03
CA ILE B 472 28.34 14.31 31.85
C ILE B 472 28.57 13.37 33.03
N SER B 473 29.84 13.10 33.35
CA SER B 473 30.21 12.15 34.38
C SER B 473 30.82 12.83 35.60
N GLU B 474 31.77 13.73 35.37
CA GLU B 474 32.47 14.41 36.46
C GLU B 474 32.03 15.86 36.57
N ASN B 475 31.91 16.34 37.81
CA ASN B 475 31.57 17.74 38.04
C ASN B 475 32.79 18.64 38.08
N LYS B 476 33.96 18.09 38.43
CA LYS B 476 35.18 18.89 38.47
C LYS B 476 35.55 19.39 37.07
N THR B 477 35.44 18.53 36.07
CA THR B 477 35.76 18.90 34.70
C THR B 477 34.64 18.45 33.78
N ASP B 478 34.35 19.25 32.76
CA ASP B 478 33.31 18.93 31.79
C ASP B 478 33.90 18.14 30.64
N GLU B 479 33.19 17.10 30.20
CA GLU B 479 33.63 16.24 29.11
C GLU B 479 33.36 16.96 27.79
N GLU B 480 34.42 17.38 27.13
CA GLU B 480 34.33 18.06 25.84
C GLU B 480 33.77 17.11 24.80
N PRO B 481 32.78 17.59 24.00
CA PRO B 481 32.01 16.71 23.11
C PRO B 481 32.00 15.23 23.43
N GLY B 482 31.55 14.88 24.63
CA GLY B 482 31.39 13.49 25.01
C GLY B 482 30.00 12.98 24.66
N TYR B 483 29.93 12.00 23.76
CA TYR B 483 28.66 11.55 23.23
C TYR B 483 28.63 10.03 23.18
N ILE B 484 27.42 9.49 23.32
CA ILE B 484 27.16 8.07 23.15
C ILE B 484 26.15 7.92 22.01
N LYS B 485 26.22 6.80 21.31
CA LYS B 485 25.39 6.55 20.14
C LYS B 485 24.28 5.59 20.51
N LYS B 486 23.04 5.99 20.23
CA LYS B 486 21.87 5.16 20.48
C LYS B 486 20.87 5.38 19.36
N CYS B 487 19.99 4.41 19.16
CA CYS B 487 18.96 4.52 18.15
C CYS B 487 17.59 4.35 18.78
N CYS B 488 16.58 4.85 18.08
CA CYS B 488 15.30 5.17 18.69
C CYS B 488 14.20 5.20 17.64
N LYS B 489 13.02 4.70 18.00
CA LYS B 489 11.91 4.50 17.08
C LYS B 489 10.61 4.80 17.81
N GLY B 490 9.50 4.61 17.11
CA GLY B 490 8.19 4.80 17.70
C GLY B 490 7.13 5.35 16.78
N PHE B 491 6.48 6.44 17.20
CA PHE B 491 5.37 7.05 16.46
C PHE B 491 5.77 8.40 15.87
N CYS B 492 6.26 9.30 16.72
CA CYS B 492 6.73 10.59 16.23
C CYS B 492 7.89 10.42 15.27
N ILE B 493 8.71 9.38 15.46
CA ILE B 493 9.81 9.13 14.53
C ILE B 493 9.28 8.86 13.13
N ASP B 494 8.26 7.99 13.02
CA ASP B 494 7.68 7.70 11.73
C ASP B 494 6.98 8.90 11.12
N ILE B 495 6.26 9.67 11.95
CA ILE B 495 5.58 10.84 11.40
C ILE B 495 6.62 11.85 10.88
N LEU B 496 7.72 12.03 11.60
CA LEU B 496 8.76 12.95 11.15
C LEU B 496 9.44 12.44 9.89
N LYS B 497 9.66 11.14 9.80
CA LYS B 497 10.25 10.57 8.59
C LYS B 497 9.35 10.80 7.38
N LYS B 498 8.04 10.62 7.56
CA LYS B 498 7.13 10.85 6.44
C LYS B 498 7.06 12.33 6.07
N ILE B 499 7.12 13.22 7.04
CA ILE B 499 7.19 14.65 6.72
C ILE B 499 8.45 14.95 5.93
N SER B 500 9.60 14.39 6.35
CA SER B 500 10.86 14.63 5.66
C SER B 500 10.81 14.10 4.24
N LYS B 501 10.19 12.94 4.03
CA LYS B 501 10.03 12.43 2.68
C LYS B 501 9.10 13.32 1.85
N SER B 502 8.08 13.89 2.49
CA SER B 502 7.13 14.72 1.76
C SER B 502 7.77 16.02 1.29
N VAL B 503 8.46 16.72 2.19
CA VAL B 503 9.12 17.98 1.87
C VAL B 503 10.62 17.79 1.99
N LYS B 504 11.33 18.09 0.91
CA LYS B 504 12.75 17.73 0.80
C LYS B 504 13.58 18.55 1.79
N PHE B 505 14.02 17.90 2.86
CA PHE B 505 14.98 18.47 3.80
C PHE B 505 15.47 17.36 4.71
N THR B 506 16.77 17.36 4.96
CA THR B 506 17.40 16.37 5.82
C THR B 506 17.23 16.78 7.29
N TYR B 507 17.83 16.01 8.18
CA TYR B 507 17.63 16.25 9.60
C TYR B 507 18.64 15.48 10.42
N ASP B 508 18.94 15.99 11.61
CA ASP B 508 19.70 15.30 12.63
C ASP B 508 18.95 15.50 13.95
N LEU B 509 19.08 14.53 14.85
CA LEU B 509 18.27 14.50 16.06
C LEU B 509 19.14 14.15 17.26
N TYR B 510 18.92 14.86 18.37
CA TYR B 510 19.66 14.62 19.60
C TYR B 510 18.78 14.93 20.81
N LEU B 511 19.08 14.29 21.94
CA LEU B 511 18.23 14.33 23.11
C LEU B 511 18.47 15.60 23.92
N VAL B 512 17.92 15.62 25.14
CA VAL B 512 17.91 16.80 26.00
C VAL B 512 18.78 16.53 27.22
N THR B 513 19.44 17.58 27.69
CA THR B 513 20.30 17.45 28.87
C THR B 513 19.47 17.17 30.12
N ASN B 514 18.44 17.97 30.37
CA ASN B 514 17.66 17.85 31.60
C ASN B 514 16.38 18.67 31.44
N GLY B 515 15.54 18.61 32.46
CA GLY B 515 14.36 19.44 32.55
C GLY B 515 13.07 18.83 32.03
N LYS B 516 13.14 17.66 31.39
CA LYS B 516 11.95 17.03 30.81
C LYS B 516 11.26 18.05 29.90
N HIS B 517 9.93 18.11 29.94
CA HIS B 517 9.22 19.17 29.23
C HIS B 517 9.65 20.54 29.73
N GLY B 518 9.44 20.81 31.02
CA GLY B 518 10.01 21.99 31.63
C GLY B 518 9.05 22.96 32.27
N LYS B 519 9.48 23.56 33.38
CA LYS B 519 8.73 24.62 34.06
C LYS B 519 9.63 25.84 34.19
N LYS B 520 9.03 27.01 33.97
CA LYS B 520 9.78 28.26 33.96
C LYS B 520 10.22 28.64 35.37
N ILE B 521 11.43 29.21 35.49
CA ILE B 521 11.96 29.62 36.79
C ILE B 521 12.48 31.05 36.70
N ASN B 522 11.97 31.90 37.60
CA ASN B 522 12.02 33.38 37.53
C ASN B 522 12.00 33.88 36.08
N GLY B 523 11.06 33.39 35.28
CA GLY B 523 11.00 33.86 33.91
C GLY B 523 12.01 33.23 32.97
N THR B 524 12.69 32.17 33.42
CA THR B 524 13.67 31.47 32.59
C THR B 524 13.27 29.99 32.53
N TRP B 525 13.48 29.38 31.36
CA TRP B 525 12.96 28.06 31.10
C TRP B 525 14.03 26.98 31.21
N ASN B 526 13.57 25.75 31.44
CA ASN B 526 14.40 24.56 31.38
C ASN B 526 13.65 23.52 30.57
N GLY B 527 14.40 22.62 29.92
CA GLY B 527 13.77 21.54 29.18
C GLY B 527 13.61 21.80 27.70
N MET B 528 12.49 21.37 27.13
CA MET B 528 12.24 21.58 25.71
C MET B 528 12.17 23.06 25.37
N ILE B 529 11.33 23.81 26.09
CA ILE B 529 11.17 25.23 25.78
C ILE B 529 12.47 25.96 26.02
N GLY B 530 13.21 25.58 27.07
CA GLY B 530 14.52 26.18 27.30
C GLY B 530 15.49 25.91 26.17
N GLU B 531 15.50 24.68 25.65
CA GLU B 531 16.44 24.32 24.60
C GLU B 531 16.06 24.96 23.27
N VAL B 532 14.77 25.28 23.08
CA VAL B 532 14.33 25.85 21.81
C VAL B 532 14.23 27.37 21.85
N VAL B 533 14.25 27.98 23.04
CA VAL B 533 14.02 29.42 23.11
C VAL B 533 15.30 30.19 22.80
N MET B 534 16.46 29.67 23.18
CA MET B 534 17.69 30.43 23.00
C MET B 534 18.14 30.39 21.54
N LYS B 535 18.50 29.22 21.05
CA LYS B 535 18.97 29.03 19.67
C LYS B 535 19.14 27.53 19.44
N ARG B 536 19.68 27.20 18.26
CA ARG B 536 20.30 25.91 17.96
C ARG B 536 19.37 24.72 18.19
N ALA B 537 18.06 24.93 18.25
CA ALA B 537 17.11 23.81 18.25
C ALA B 537 16.22 23.82 17.01
N TYR B 538 15.47 24.90 16.78
CA TYR B 538 14.68 25.13 15.58
C TYR B 538 13.54 24.15 15.40
N MET B 539 13.44 23.13 16.25
CA MET B 539 12.35 22.16 16.13
C MET B 539 12.25 21.28 17.37
N ALA B 540 11.05 21.22 17.96
CA ALA B 540 10.78 20.34 19.09
C ALA B 540 9.71 19.34 18.67
N VAL B 541 10.01 18.05 18.81
CA VAL B 541 9.07 16.98 18.51
C VAL B 541 9.02 16.03 19.69
N GLY B 542 7.90 15.33 19.81
CA GLY B 542 7.73 14.40 20.90
C GLY B 542 6.38 14.51 21.57
N SER B 543 6.39 14.67 22.89
CA SER B 543 5.16 14.77 23.68
C SER B 543 5.10 16.16 24.29
N LEU B 544 4.57 17.11 23.53
CA LEU B 544 4.38 18.49 24.00
C LEU B 544 2.90 18.80 24.05
N THR B 545 2.43 19.24 25.22
CA THR B 545 1.09 19.75 25.33
C THR B 545 1.04 21.17 24.77
N ILE B 546 -0.15 21.77 24.80
CA ILE B 546 -0.34 23.12 24.28
C ILE B 546 -1.11 23.94 25.31
N ASN B 547 -0.65 25.17 25.53
CA ASN B 547 -1.26 26.07 26.50
C ASN B 547 -0.88 27.50 26.15
N GLU B 548 -1.57 28.46 26.78
CA GLU B 548 -1.30 29.85 26.49
C GLU B 548 0.11 30.26 26.91
N GLU B 549 0.58 29.75 28.05
CA GLU B 549 1.89 30.15 28.55
C GLU B 549 3.00 29.76 27.58
N ARG B 550 2.97 28.52 27.08
CA ARG B 550 3.98 28.11 26.12
C ARG B 550 3.76 28.75 24.76
N SER B 551 2.49 28.98 24.38
CA SER B 551 2.22 29.68 23.13
C SER B 551 2.72 31.11 23.13
N GLU B 552 2.90 31.70 24.31
CA GLU B 552 3.39 33.07 24.41
C GLU B 552 4.83 33.22 23.97
N VAL B 553 5.60 32.14 23.91
CA VAL B 553 7.01 32.19 23.58
C VAL B 553 7.30 31.58 22.21
N VAL B 554 6.69 30.44 21.92
CA VAL B 554 6.93 29.73 20.67
C VAL B 554 5.62 29.59 19.92
N ASP B 555 5.69 28.99 18.74
CA ASP B 555 4.54 28.80 17.87
C ASP B 555 4.08 27.35 17.91
N PHE B 556 3.08 27.04 17.10
CA PHE B 556 2.49 25.71 17.10
C PHE B 556 1.88 25.40 15.75
N SER B 557 1.65 24.11 15.50
CA SER B 557 1.01 23.62 14.30
C SER B 557 -0.32 22.97 14.65
N VAL B 558 -0.99 22.42 13.65
CA VAL B 558 -2.29 21.77 13.87
C VAL B 558 -2.08 20.48 14.65
N PRO B 559 -2.85 20.25 15.72
CA PRO B 559 -2.69 19.01 16.47
C PRO B 559 -3.21 17.81 15.70
N PHE B 560 -2.78 16.62 16.13
CA PHE B 560 -3.17 15.38 15.48
C PHE B 560 -3.77 14.33 16.40
N ILE B 561 -3.60 14.44 17.72
CA ILE B 561 -4.17 13.50 18.66
C ILE B 561 -4.94 14.27 19.74
N GLU B 562 -6.19 13.90 19.94
CA GLU B 562 -6.97 14.46 21.03
C GLU B 562 -6.43 13.95 22.37
N THR B 563 -6.45 14.82 23.38
CA THR B 563 -5.92 14.47 24.68
C THR B 563 -6.50 15.40 25.73
N GLY B 564 -6.01 15.28 26.95
CA GLY B 564 -6.46 16.12 28.04
C GLY B 564 -6.12 15.47 29.38
N ILE B 565 -6.89 15.86 30.39
CA ILE B 565 -6.75 15.34 31.74
C ILE B 565 -7.71 14.18 31.93
N SER B 566 -7.26 13.16 32.65
CA SER B 566 -8.08 11.98 32.88
C SER B 566 -7.79 11.42 34.26
N VAL B 567 -8.63 10.49 34.69
CA VAL B 567 -8.55 9.89 36.01
C VAL B 567 -8.47 8.38 35.85
N MET B 568 -7.56 7.75 36.59
CA MET B 568 -7.42 6.30 36.60
C MET B 568 -7.60 5.77 38.01
N VAL B 569 -8.50 4.79 38.15
CA VAL B 569 -8.76 4.14 39.42
C VAL B 569 -8.69 2.63 39.19
N SER B 570 -8.25 1.90 40.21
CA SER B 570 -8.14 0.46 40.09
C SER B 570 -9.51 -0.17 39.85
N ARG B 571 -9.54 -1.26 39.09
CA ARG B 571 -10.78 -1.91 38.74
C ARG B 571 -11.49 -2.43 39.99
N SER B 572 -12.73 -2.01 40.18
CA SER B 572 -13.51 -2.52 41.31
C SER B 572 -13.93 -3.94 41.04
N ASN B 573 -13.48 -4.87 41.90
CA ASN B 573 -13.80 -6.28 41.77
C ASN B 573 -15.19 -6.55 42.33
N GLY B 574 -16.21 -6.27 41.54
CA GLY B 574 -17.58 -6.47 41.96
C GLY B 574 -18.51 -5.60 41.13
N THR B 575 -19.79 -5.72 41.44
CA THR B 575 -20.84 -4.96 40.76
C THR B 575 -21.56 -4.08 41.78
N VAL B 576 -22.63 -3.44 41.32
CA VAL B 576 -23.46 -2.59 42.17
C VAL B 576 -24.93 -2.85 41.87
N SER B 577 -25.63 -3.47 42.80
CA SER B 577 -27.06 -3.76 42.67
C SER B 577 -27.76 -3.36 43.95
N PRO B 578 -27.83 -2.05 44.24
CA PRO B 578 -28.41 -1.62 45.53
C PRO B 578 -29.87 -1.98 45.70
N SER B 579 -30.64 -2.03 44.61
CA SER B 579 -32.07 -2.28 44.64
C SER B 579 -32.41 -3.46 43.75
N ALA B 580 -31.66 -4.55 43.93
CA ALA B 580 -31.77 -5.70 43.03
C ALA B 580 -33.17 -6.32 43.07
N PHE B 581 -33.74 -6.47 44.27
CA PHE B 581 -34.97 -7.25 44.39
C PHE B 581 -36.18 -6.49 43.86
N LEU B 582 -36.15 -5.16 43.95
CA LEU B 582 -37.22 -4.37 43.34
C LEU B 582 -36.94 -4.00 41.89
N GLU B 583 -35.73 -4.26 41.40
CA GLU B 583 -35.40 -3.92 40.02
C GLU B 583 -36.27 -4.61 38.99
N PRO B 584 -36.49 -5.93 39.04
CA PRO B 584 -37.25 -6.60 37.98
C PRO B 584 -38.74 -6.30 38.11
N PHE B 585 -39.51 -6.93 37.22
CA PHE B 585 -40.96 -6.95 37.30
C PHE B 585 -41.50 -5.53 37.10
N SER B 586 -42.78 -5.31 37.43
CA SER B 586 -43.40 -4.01 37.28
C SER B 586 -43.79 -3.46 38.66
N ALA B 587 -43.46 -2.19 38.89
CA ALA B 587 -43.66 -1.61 40.22
C ALA B 587 -45.11 -1.21 40.48
N ASP B 588 -45.99 -1.37 39.49
CA ASP B 588 -47.36 -0.90 39.67
C ASP B 588 -48.38 -2.05 39.65
N VAL B 589 -48.09 -3.14 38.95
CA VAL B 589 -49.03 -4.26 38.85
C VAL B 589 -49.38 -4.88 40.19
N TRP B 590 -48.59 -4.61 41.23
CA TRP B 590 -48.84 -5.20 42.54
C TRP B 590 -50.19 -4.77 43.09
N VAL B 591 -50.61 -3.54 42.81
CA VAL B 591 -51.93 -3.10 43.25
C VAL B 591 -53.02 -3.83 42.49
N MET B 592 -52.79 -4.14 41.21
CA MET B 592 -53.75 -4.94 40.46
C MET B 592 -53.87 -6.35 41.04
N MET B 593 -52.75 -6.89 41.53
CA MET B 593 -52.79 -8.15 42.26
C MET B 593 -53.61 -8.04 43.54
N PHE B 594 -53.36 -6.99 44.33
CA PHE B 594 -54.02 -6.84 45.63
C PHE B 594 -55.52 -6.64 45.49
N VAL B 595 -55.94 -5.83 44.50
CA VAL B 595 -57.37 -5.61 44.33
C VAL B 595 -58.06 -6.90 43.92
N MET B 596 -57.39 -7.75 43.15
CA MET B 596 -58.00 -9.02 42.81
C MET B 596 -58.08 -9.93 44.04
N LEU B 597 -57.10 -9.84 44.94
CA LEU B 597 -57.26 -10.49 46.25
C LEU B 597 -58.56 -10.05 46.91
N LEU B 598 -58.81 -8.73 46.92
CA LEU B 598 -60.03 -8.23 47.55
C LEU B 598 -61.28 -8.78 46.86
N ILE B 599 -61.30 -8.79 45.53
CA ILE B 599 -62.51 -9.20 44.83
C ILE B 599 -62.75 -10.71 45.02
N VAL B 600 -61.68 -11.51 45.02
CA VAL B 600 -61.88 -12.94 45.21
C VAL B 600 -62.26 -13.24 46.67
N SER B 601 -61.80 -12.41 47.61
CA SER B 601 -62.30 -12.54 48.98
C SER B 601 -63.80 -12.26 49.04
N ALA B 602 -64.25 -11.24 48.32
CA ALA B 602 -65.68 -10.97 48.25
C ALA B 602 -66.43 -12.14 47.62
N VAL B 603 -65.87 -12.74 46.58
CA VAL B 603 -66.51 -13.90 45.95
C VAL B 603 -66.59 -15.06 46.95
N ALA B 604 -65.53 -15.26 47.73
CA ALA B 604 -65.55 -16.31 48.75
C ALA B 604 -66.64 -16.04 49.78
N VAL B 605 -66.80 -14.78 50.20
CA VAL B 605 -67.90 -14.42 51.09
C VAL B 605 -69.24 -14.76 50.45
N PHE B 606 -69.36 -14.49 49.15
CA PHE B 606 -70.59 -14.84 48.43
C PHE B 606 -70.85 -16.34 48.47
N VAL B 607 -69.80 -17.14 48.28
CA VAL B 607 -69.97 -18.58 48.18
C VAL B 607 -70.49 -19.16 49.49
N PHE B 608 -70.07 -18.59 50.62
CA PHE B 608 -70.36 -19.19 51.92
C PHE B 608 -71.86 -19.23 52.22
N GLU B 609 -72.67 -18.48 51.49
CA GLU B 609 -74.11 -18.48 51.74
C GLU B 609 -74.71 -19.85 51.47
N TYR B 610 -74.26 -20.52 50.42
CA TYR B 610 -74.75 -21.85 50.10
C TYR B 610 -74.37 -22.87 51.16
N SER B 630 -67.32 -22.47 61.08
CA SER B 630 -66.17 -21.73 61.61
C SER B 630 -65.32 -21.17 60.48
N PHE B 631 -65.81 -20.12 59.83
CA PHE B 631 -65.13 -19.48 58.71
C PHE B 631 -65.21 -17.97 58.88
N THR B 632 -64.09 -17.28 58.61
CA THR B 632 -64.04 -15.83 58.71
C THR B 632 -63.23 -15.25 57.57
N ILE B 633 -63.52 -13.98 57.28
CA ILE B 633 -62.88 -13.29 56.16
C ILE B 633 -61.38 -13.14 56.40
N GLY B 634 -60.99 -12.90 57.65
CA GLY B 634 -59.56 -12.84 57.96
C GLY B 634 -58.86 -14.15 57.66
N LYS B 635 -59.48 -15.27 58.03
CA LYS B 635 -58.92 -16.58 57.71
C LYS B 635 -58.84 -16.78 56.19
N ALA B 636 -59.87 -16.36 55.46
CA ALA B 636 -59.85 -16.53 54.01
C ALA B 636 -58.71 -15.73 53.37
N ILE B 637 -58.56 -14.47 53.77
CA ILE B 637 -57.50 -13.65 53.18
C ILE B 637 -56.12 -14.15 53.61
N TRP B 638 -56.00 -14.66 54.84
CA TRP B 638 -54.75 -15.27 55.27
C TRP B 638 -54.41 -16.47 54.42
N LEU B 639 -55.41 -17.33 54.17
CA LEU B 639 -55.23 -18.47 53.27
C LEU B 639 -54.72 -18.02 51.92
N LEU B 640 -55.36 -17.00 51.34
CA LEU B 640 -54.99 -16.59 49.99
C LEU B 640 -53.57 -16.03 49.96
N TRP B 641 -53.27 -15.12 50.88
CA TRP B 641 -51.94 -14.52 50.96
C TRP B 641 -50.88 -15.55 51.34
N GLY B 642 -51.27 -16.70 51.86
CA GLY B 642 -50.32 -17.78 52.05
C GLY B 642 -50.07 -18.55 50.78
N LEU B 643 -51.15 -19.04 50.15
CA LEU B 643 -50.99 -19.80 48.92
C LEU B 643 -50.30 -19.02 47.81
N VAL B 644 -50.40 -17.68 47.82
CA VAL B 644 -49.73 -16.93 46.77
C VAL B 644 -48.22 -17.08 46.87
N PHE B 645 -47.69 -17.32 48.07
CA PHE B 645 -46.24 -17.39 48.29
C PHE B 645 -45.90 -18.73 48.96
N ASN B 646 -45.75 -19.77 48.16
CA ASN B 646 -45.17 -21.04 48.61
C ASN B 646 -45.92 -21.64 49.79
N ASN B 647 -47.21 -21.29 49.94
CA ASN B 647 -48.13 -21.84 50.94
C ASN B 647 -47.44 -22.19 52.25
N SER B 648 -46.62 -21.28 52.76
CA SER B 648 -45.74 -21.61 53.88
C SER B 648 -46.52 -21.81 55.16
N VAL B 649 -47.42 -20.90 55.49
CA VAL B 649 -48.16 -20.98 56.75
C VAL B 649 -49.25 -22.05 56.61
N PRO B 650 -49.32 -23.02 57.51
CA PRO B 650 -50.45 -23.96 57.49
C PRO B 650 -51.75 -23.24 57.80
N VAL B 651 -52.79 -23.55 57.03
CA VAL B 651 -54.07 -22.89 57.15
C VAL B 651 -55.18 -23.91 56.99
N GLN B 652 -56.26 -23.71 57.75
CA GLN B 652 -57.46 -24.53 57.64
C GLN B 652 -58.28 -24.05 56.43
N ASN B 653 -58.35 -24.90 55.41
CA ASN B 653 -59.02 -24.52 54.17
C ASN B 653 -60.55 -24.55 54.35
N PRO B 654 -61.28 -23.81 53.51
CA PRO B 654 -62.74 -23.83 53.61
C PRO B 654 -63.31 -25.14 53.09
N LYS B 655 -64.55 -25.40 53.46
CA LYS B 655 -65.26 -26.60 53.04
C LYS B 655 -66.13 -26.39 51.81
N GLY B 656 -66.17 -25.17 51.27
CA GLY B 656 -67.00 -24.91 50.10
C GLY B 656 -66.43 -25.56 48.86
N THR B 657 -67.31 -26.24 48.10
CA THR B 657 -66.87 -26.94 46.89
C THR B 657 -66.38 -25.96 45.84
N THR B 658 -67.19 -24.95 45.52
CA THR B 658 -66.81 -23.99 44.48
C THR B 658 -65.67 -23.09 44.93
N SER B 659 -65.66 -22.67 46.20
CA SER B 659 -64.52 -21.93 46.72
C SER B 659 -63.23 -22.70 46.55
N LYS B 660 -63.31 -24.04 46.62
CA LYS B 660 -62.10 -24.85 46.50
C LYS B 660 -61.53 -24.81 45.09
N ILE B 661 -62.38 -24.94 44.07
CA ILE B 661 -61.88 -24.79 42.71
C ILE B 661 -61.41 -23.35 42.44
N MET B 662 -62.05 -22.36 43.07
CA MET B 662 -61.60 -20.98 42.93
C MET B 662 -60.18 -20.81 43.48
N VAL B 663 -59.93 -21.32 44.69
CA VAL B 663 -58.59 -21.21 45.24
C VAL B 663 -57.61 -22.06 44.45
N SER B 664 -58.08 -23.13 43.82
CA SER B 664 -57.20 -23.91 42.95
C SER B 664 -56.72 -23.08 41.76
N VAL B 665 -57.65 -22.41 41.07
CA VAL B 665 -57.20 -21.57 39.95
C VAL B 665 -56.35 -20.42 40.46
N TRP B 666 -56.63 -19.92 41.66
CA TRP B 666 -55.76 -18.92 42.25
C TRP B 666 -54.35 -19.46 42.43
N ALA B 667 -54.24 -20.72 42.87
CA ALA B 667 -52.93 -21.34 43.03
C ALA B 667 -52.23 -21.50 41.69
N PHE B 668 -52.99 -21.75 40.63
CA PHE B 668 -52.41 -21.76 39.29
C PHE B 668 -51.78 -20.40 38.97
N PHE B 669 -52.53 -19.34 39.24
CA PHE B 669 -51.97 -17.99 39.07
C PHE B 669 -50.71 -17.83 39.89
N ALA B 670 -50.73 -18.28 41.15
CA ALA B 670 -49.59 -18.09 42.03
C ALA B 670 -48.35 -18.80 41.51
N VAL B 671 -48.52 -20.05 41.05
CA VAL B 671 -47.37 -20.82 40.60
C VAL B 671 -46.79 -20.21 39.33
N ILE B 672 -47.64 -19.77 38.41
CA ILE B 672 -47.09 -19.17 37.19
C ILE B 672 -46.39 -17.86 37.52
N PHE B 673 -47.00 -17.16 38.37
CA PHE B 673 -46.44 -15.94 38.63
C PHE B 673 -45.10 -16.11 39.21
N LEU B 674 -44.99 -16.92 40.23
CA LEU B 674 -43.73 -16.98 40.94
C LEU B 674 -42.61 -17.48 40.15
N ALA B 675 -42.88 -18.45 39.32
CA ALA B 675 -41.83 -18.95 38.52
C ALA B 675 -41.31 -17.89 37.59
N SER B 676 -42.17 -17.09 37.00
CA SER B 676 -41.69 -16.08 36.13
C SER B 676 -40.86 -15.10 36.86
N TYR B 677 -41.22 -14.74 38.07
CA TYR B 677 -40.41 -13.84 38.79
C TYR B 677 -39.06 -14.34 38.96
N THR B 678 -38.87 -15.58 39.34
CA THR B 678 -37.50 -16.01 39.50
C THR B 678 -36.71 -15.96 38.27
N ALA B 679 -37.33 -16.40 37.21
CA ALA B 679 -36.58 -16.44 36.00
C ALA B 679 -36.20 -15.13 35.54
N ASN B 680 -37.13 -14.22 35.62
CA ASN B 680 -36.84 -12.95 35.17
C ASN B 680 -35.85 -12.27 35.93
N LEU B 681 -35.84 -12.46 37.21
CA LEU B 681 -34.87 -11.86 38.02
C LEU B 681 -33.51 -12.25 37.63
N ALA B 682 -33.22 -13.47 37.27
CA ALA B 682 -31.87 -13.72 36.79
C ALA B 682 -31.52 -12.83 35.62
N ALA B 683 -32.47 -12.67 34.79
CA ALA B 683 -32.20 -11.92 33.58
C ALA B 683 -31.45 -10.63 33.89
N PHE B 684 -31.66 -10.17 35.10
CA PHE B 684 -31.03 -8.97 35.58
C PHE B 684 -29.78 -9.07 36.35
N MET B 685 -29.24 -10.25 36.54
CA MET B 685 -27.97 -10.27 37.24
C MET B 685 -26.90 -10.78 36.37
N ILE B 686 -27.14 -10.81 35.09
CA ILE B 686 -26.11 -11.29 34.24
C ILE B 686 -26.07 -10.51 32.95
N GLN B 687 -26.65 -9.34 32.97
CA GLN B 687 -26.55 -8.51 31.83
C GLN B 687 -26.49 -7.06 32.28
N GLU B 688 -25.82 -6.75 33.38
CA GLU B 688 -25.77 -5.35 33.84
C GLU B 688 -24.41 -4.74 34.19
N GLU B 689 -24.29 -3.47 33.85
CA GLU B 689 -23.07 -2.66 33.94
C GLU B 689 -22.41 -2.26 35.24
N TYR B 690 -21.07 -2.34 35.26
CA TYR B 690 -20.27 -1.89 36.39
C TYR B 690 -20.19 -0.37 36.41
N VAL B 691 -20.15 0.19 37.61
CA VAL B 691 -20.08 1.63 37.82
C VAL B 691 -18.92 1.94 38.76
N ASP B 692 -18.01 2.79 38.31
CA ASP B 692 -16.91 3.21 39.17
C ASP B 692 -17.39 4.16 40.26
N GLN B 693 -16.67 4.17 41.37
CA GLN B 693 -17.07 4.96 42.54
C GLN B 693 -16.52 6.39 42.48
N VAL B 694 -16.72 7.05 41.36
CA VAL B 694 -16.37 8.46 41.20
C VAL B 694 -17.04 8.98 39.94
N SER B 695 -17.48 10.24 39.97
CA SER B 695 -18.10 10.85 38.79
C SER B 695 -17.09 11.68 38.00
N GLY B 696 -16.34 12.53 38.69
CA GLY B 696 -15.35 13.35 38.04
C GLY B 696 -14.58 14.17 39.05
N LEU B 697 -13.73 15.06 38.53
CA LEU B 697 -12.96 15.94 39.41
C LEU B 697 -13.83 17.02 40.05
N SER B 698 -15.08 17.17 39.62
CA SER B 698 -15.98 18.16 40.19
C SER B 698 -16.80 17.62 41.36
N ASP B 699 -16.70 16.32 41.65
CA ASP B 699 -17.47 15.74 42.74
C ASP B 699 -16.87 16.14 44.09
N LYS B 700 -17.72 16.10 45.12
CA LYS B 700 -17.27 16.42 46.47
C LYS B 700 -16.23 15.42 46.96
N LYS B 701 -16.25 14.19 46.45
CA LYS B 701 -15.28 13.19 46.87
C LYS B 701 -13.86 13.61 46.53
N PHE B 702 -13.68 14.52 45.57
CA PHE B 702 -12.37 15.10 45.29
C PHE B 702 -12.23 16.50 45.86
N GLN B 703 -13.30 17.08 46.42
CA GLN B 703 -13.23 18.43 46.95
C GLN B 703 -12.74 18.44 48.40
N ARG B 704 -13.35 17.62 49.25
CA ARG B 704 -13.03 17.57 50.68
C ARG B 704 -12.50 16.19 51.02
N PRO B 705 -11.16 16.03 51.06
CA PRO B 705 -10.62 14.69 51.37
C PRO B 705 -10.88 14.25 52.80
N ASN B 706 -10.64 15.12 53.78
CA ASN B 706 -10.72 14.73 55.18
C ASN B 706 -12.15 14.66 55.70
N ASP B 707 -13.15 15.05 54.91
CA ASP B 707 -14.55 14.99 55.31
C ASP B 707 -15.13 13.58 55.17
N PHE B 708 -14.30 12.56 55.02
CA PHE B 708 -14.75 11.20 54.79
C PHE B 708 -13.92 10.20 55.58
N SER B 709 -13.99 8.93 55.19
CA SER B 709 -13.10 7.87 55.67
C SER B 709 -11.68 8.24 55.28
N PRO B 710 -10.65 7.50 55.70
CA PRO B 710 -9.27 7.83 55.28
C PRO B 710 -9.23 8.24 53.82
N PRO B 711 -8.78 9.47 53.55
CA PRO B 711 -9.12 10.12 52.29
C PRO B 711 -8.48 9.45 51.08
N PHE B 712 -9.00 9.81 49.91
CA PHE B 712 -8.43 9.35 48.66
C PHE B 712 -6.96 9.73 48.60
N ARG B 713 -6.10 8.72 48.56
CA ARG B 713 -4.65 8.91 48.56
C ARG B 713 -4.20 8.98 47.10
N PHE B 714 -4.41 10.14 46.49
CA PHE B 714 -4.10 10.32 45.08
C PHE B 714 -3.06 11.42 44.90
N GLY B 715 -2.11 11.17 44.02
CA GLY B 715 -1.10 12.15 43.67
C GLY B 715 -0.87 12.18 42.18
N THR B 716 0.16 12.91 41.75
CA THR B 716 0.48 12.98 40.33
C THR B 716 1.97 13.21 40.18
N VAL B 717 2.48 12.90 39.00
CA VAL B 717 3.87 13.28 38.71
C VAL B 717 3.96 14.80 38.60
N PRO B 718 4.86 15.44 39.32
CA PRO B 718 4.93 16.90 39.30
C PRO B 718 5.60 17.39 38.02
N ASN B 719 5.92 18.69 38.02
CA ASN B 719 6.81 19.33 37.05
C ASN B 719 6.17 19.50 35.68
N GLY B 720 4.97 18.95 35.47
CA GLY B 720 4.37 18.92 34.15
C GLY B 720 3.26 19.95 33.95
N SER B 721 2.60 19.84 32.80
CA SER B 721 1.49 20.73 32.47
C SER B 721 0.30 20.54 33.40
N THR B 722 0.01 19.30 33.79
CA THR B 722 -1.17 19.04 34.62
C THR B 722 -1.07 19.74 35.97
N GLU B 723 0.12 19.72 36.58
CA GLU B 723 0.30 20.41 37.85
C GLU B 723 0.06 21.91 37.71
N ARG B 724 0.60 22.50 36.64
CA ARG B 724 0.45 23.93 36.44
C ARG B 724 -1.01 24.31 36.18
N ASN B 725 -1.73 23.43 35.48
CA ASN B 725 -3.17 23.66 35.27
C ASN B 725 -3.93 23.56 36.59
N ILE B 726 -3.60 22.56 37.41
CA ILE B 726 -4.30 22.37 38.68
C ILE B 726 -4.05 23.55 39.63
N ARG B 727 -2.80 24.00 39.70
CA ARG B 727 -2.38 25.03 40.66
C ARG B 727 -2.96 26.43 40.32
N ASN B 728 -3.78 26.55 39.27
CA ASN B 728 -4.39 27.83 38.92
C ASN B 728 -5.89 27.87 39.11
N ASN B 729 -6.59 26.73 38.99
CA ASN B 729 -8.03 26.71 39.13
C ASN B 729 -8.52 26.02 40.39
N TYR B 730 -7.75 25.09 40.94
CA TYR B 730 -8.12 24.37 42.15
C TYR B 730 -7.04 24.50 43.21
N ALA B 731 -6.58 25.74 43.44
CA ALA B 731 -5.53 25.99 44.41
C ALA B 731 -5.93 25.59 45.81
N GLU B 732 -7.24 25.52 46.10
CA GLU B 732 -7.68 25.12 47.42
C GLU B 732 -7.26 23.69 47.73
N MET B 733 -7.50 22.78 46.80
CA MET B 733 -7.22 21.37 47.00
C MET B 733 -5.79 20.98 46.64
N HIS B 734 -5.03 21.90 46.03
CA HIS B 734 -3.67 21.56 45.63
C HIS B 734 -2.78 21.29 46.83
N ALA B 735 -3.03 21.98 47.95
CA ALA B 735 -2.20 21.80 49.14
C ALA B 735 -2.23 20.37 49.65
N TYR B 736 -3.35 19.67 49.45
CA TYR B 736 -3.45 18.28 49.91
C TYR B 736 -2.55 17.34 49.11
N MET B 737 -2.15 17.73 47.90
CA MET B 737 -1.37 16.85 47.05
C MET B 737 0.11 16.81 47.42
N GLY B 738 0.57 17.66 48.32
CA GLY B 738 1.98 17.73 48.63
C GLY B 738 2.53 16.53 49.37
N LYS B 739 1.66 15.74 50.00
CA LYS B 739 2.14 14.63 50.81
C LYS B 739 2.72 13.51 49.97
N PHE B 740 2.01 13.09 48.92
CA PHE B 740 2.40 11.89 48.19
C PHE B 740 3.48 12.19 47.15
N ASN B 741 3.15 13.00 46.14
CA ASN B 741 4.09 13.45 45.13
C ASN B 741 4.86 12.27 44.51
N GLN B 742 4.11 11.41 43.82
CA GLN B 742 4.70 10.24 43.18
C GLN B 742 5.70 10.65 42.12
N ARG B 743 6.63 9.75 41.82
CA ARG B 743 7.67 9.98 40.85
C ARG B 743 7.54 9.00 39.68
N GLY B 744 7.91 9.46 38.49
CA GLY B 744 7.90 8.62 37.31
C GLY B 744 6.49 8.15 36.95
N VAL B 745 6.43 7.00 36.28
CA VAL B 745 5.18 6.38 35.87
C VAL B 745 5.08 4.95 36.40
N ASP B 746 6.10 4.13 36.13
CA ASP B 746 6.06 2.72 36.54
C ASP B 746 5.99 2.58 38.05
N ASP B 747 6.67 3.46 38.79
CA ASP B 747 6.59 3.40 40.24
C ASP B 747 5.16 3.64 40.71
N ALA B 748 4.47 4.61 40.09
CA ALA B 748 3.06 4.82 40.39
C ALA B 748 2.23 3.60 40.01
N LEU B 749 2.59 2.94 38.90
CA LEU B 749 1.85 1.75 38.50
C LEU B 749 1.95 0.65 39.55
N LEU B 750 3.17 0.34 40.00
CA LEU B 750 3.33 -0.64 41.07
C LEU B 750 2.68 -0.18 42.37
N SER B 751 2.72 1.11 42.67
CA SER B 751 2.09 1.61 43.88
C SER B 751 0.58 1.39 43.87
N LEU B 752 -0.05 1.66 42.72
CA LEU B 752 -1.48 1.41 42.60
C LEU B 752 -1.77 -0.09 42.63
N LYS B 753 -0.89 -0.89 42.02
CA LYS B 753 -1.08 -2.34 42.06
C LYS B 753 -0.97 -2.89 43.48
N THR B 754 -0.18 -2.25 44.33
CA THR B 754 0.08 -2.74 45.67
C THR B 754 -0.74 -2.04 46.74
N GLY B 755 -1.73 -1.25 46.35
CA GLY B 755 -2.64 -0.65 47.31
C GLY B 755 -2.18 0.64 47.96
N LYS B 756 -1.01 1.17 47.58
CA LYS B 756 -0.56 2.41 48.17
C LYS B 756 -1.25 3.63 47.60
N LEU B 757 -2.03 3.48 46.52
CA LEU B 757 -2.76 4.59 45.93
C LEU B 757 -4.14 4.09 45.51
N ASP B 758 -5.06 5.04 45.33
CA ASP B 758 -6.41 4.71 44.92
C ASP B 758 -6.95 5.61 43.81
N ALA B 759 -6.17 6.59 43.35
CA ALA B 759 -6.55 7.42 42.22
C ALA B 759 -5.30 8.04 41.65
N PHE B 760 -5.38 8.48 40.39
CA PHE B 760 -4.22 8.98 39.69
C PHE B 760 -4.64 10.04 38.70
N ILE B 761 -3.81 11.09 38.57
CA ILE B 761 -4.06 12.20 37.67
C ILE B 761 -2.84 12.35 36.76
N TYR B 762 -3.07 12.30 35.45
CA TYR B 762 -1.99 12.46 34.47
C TYR B 762 -2.64 12.67 33.11
N ASP B 763 -1.82 12.62 32.06
CA ASP B 763 -2.26 12.88 30.70
C ASP B 763 -3.29 11.84 30.25
N ALA B 764 -3.85 12.06 29.07
CA ALA B 764 -4.90 11.19 28.54
C ALA B 764 -4.36 10.08 27.66
N ALA B 765 -3.57 10.42 26.64
CA ALA B 765 -3.14 9.43 25.67
C ALA B 765 -2.27 8.35 26.30
N VAL B 766 -1.34 8.76 27.17
CA VAL B 766 -0.44 7.79 27.79
C VAL B 766 -1.22 6.85 28.70
N LEU B 767 -2.19 7.37 29.44
CA LEU B 767 -3.03 6.51 30.28
C LEU B 767 -3.85 5.55 29.43
N ASN B 768 -4.43 6.05 28.34
CA ASN B 768 -5.24 5.20 27.48
C ASN B 768 -4.40 4.07 26.89
N TYR B 769 -3.17 4.37 26.48
CA TYR B 769 -2.30 3.32 25.96
C TYR B 769 -1.89 2.34 27.06
N MET B 770 -1.55 2.84 28.25
CA MET B 770 -1.11 1.96 29.33
C MET B 770 -2.23 1.05 29.80
N ALA B 771 -3.48 1.48 29.62
CA ALA B 771 -4.61 0.64 30.02
C ALA B 771 -4.60 -0.70 29.31
N GLY B 772 -4.48 -0.67 27.98
CA GLY B 772 -4.56 -1.91 27.21
C GLY B 772 -3.39 -2.84 27.45
N ARG B 773 -2.18 -2.29 27.54
CA ARG B 773 -0.98 -3.11 27.52
C ARG B 773 -0.81 -3.93 28.80
N ASP B 774 -1.42 -3.47 29.90
CA ASP B 774 -1.13 -4.07 31.20
C ASP B 774 -1.63 -5.51 31.23
N GLU B 775 -0.93 -6.33 32.03
CA GLU B 775 -1.26 -7.75 32.14
C GLU B 775 -2.64 -7.93 32.75
N GLY B 776 -3.36 -8.94 32.25
CA GLY B 776 -4.76 -9.09 32.65
C GLY B 776 -5.52 -7.85 32.24
N CYS B 777 -6.51 -7.47 33.06
CA CYS B 777 -7.16 -6.19 32.85
C CYS B 777 -7.63 -5.66 34.20
N LYS B 778 -6.81 -4.82 34.84
CA LYS B 778 -7.04 -4.38 36.20
C LYS B 778 -7.11 -2.87 36.35
N LEU B 779 -6.87 -2.12 35.28
CA LEU B 779 -6.82 -0.67 35.36
C LEU B 779 -7.77 -0.09 34.31
N VAL B 780 -8.67 0.78 34.77
CA VAL B 780 -9.76 1.28 33.94
C VAL B 780 -9.90 2.78 34.14
N THR B 781 -9.99 3.51 33.03
CA THR B 781 -10.22 4.95 33.11
C THR B 781 -11.66 5.23 33.50
N ILE B 782 -11.89 6.42 34.06
CA ILE B 782 -13.22 6.77 34.54
C ILE B 782 -14.14 7.08 33.36
N GLY B 783 -15.40 6.69 33.50
CA GLY B 783 -16.38 6.95 32.46
C GLY B 783 -16.09 6.16 31.20
N SER B 784 -16.54 6.70 30.07
CA SER B 784 -16.33 6.10 28.76
C SER B 784 -15.16 6.76 28.03
N GLY B 785 -14.10 7.12 28.76
CA GLY B 785 -13.00 7.84 28.17
C GLY B 785 -13.19 9.34 28.10
N LYS B 786 -14.05 9.89 28.95
CA LYS B 786 -14.33 11.33 28.90
C LYS B 786 -13.06 12.13 29.19
N VAL B 787 -12.95 13.28 28.53
CA VAL B 787 -11.83 14.20 28.72
C VAL B 787 -12.39 15.51 29.25
N PHE B 788 -11.63 16.16 30.12
CA PHE B 788 -12.11 17.34 30.82
C PHE B 788 -11.34 18.60 30.46
N ALA B 789 -10.34 18.51 29.60
CA ALA B 789 -9.64 19.69 29.10
C ALA B 789 -9.18 19.37 27.68
N SER B 790 -9.98 19.79 26.69
CA SER B 790 -9.73 19.41 25.32
C SER B 790 -8.55 20.18 24.74
N THR B 791 -7.36 19.56 24.78
CA THR B 791 -6.15 20.10 24.18
C THR B 791 -5.58 19.06 23.24
N GLY B 792 -4.39 19.34 22.69
CA GLY B 792 -3.76 18.41 21.78
C GLY B 792 -2.26 18.58 21.74
N TYR B 793 -1.59 17.51 21.30
CA TYR B 793 -0.16 17.56 21.06
C TYR B 793 0.12 18.34 19.78
N GLY B 794 1.39 18.37 19.38
CA GLY B 794 1.72 19.08 18.16
C GLY B 794 3.21 19.14 17.95
N ILE B 795 3.60 20.00 17.00
CA ILE B 795 4.99 20.18 16.62
C ILE B 795 5.37 21.62 16.92
N ALA B 796 6.47 21.81 17.64
CA ALA B 796 6.92 23.13 18.06
C ALA B 796 8.10 23.57 17.20
N ILE B 797 8.01 24.78 16.66
CA ILE B 797 9.05 25.35 15.81
C ILE B 797 9.41 26.72 16.35
N GLN B 798 10.56 27.23 15.92
CA GLN B 798 11.03 28.53 16.38
C GLN B 798 10.09 29.63 15.89
N LYS B 799 10.02 30.70 16.68
CA LYS B 799 9.04 31.75 16.42
C LYS B 799 9.35 32.50 15.14
N ASP B 800 8.31 32.71 14.33
CA ASP B 800 8.37 33.60 13.17
C ASP B 800 9.38 33.13 12.12
N SER B 801 9.20 31.90 11.64
CA SER B 801 9.97 31.38 10.53
C SER B 801 9.03 30.99 9.39
N GLY B 802 9.64 30.54 8.28
CA GLY B 802 8.87 30.21 7.09
C GLY B 802 8.39 28.78 6.99
N TRP B 803 8.72 27.92 7.95
CA TRP B 803 8.40 26.50 7.83
C TRP B 803 7.00 26.16 8.34
N LYS B 804 6.32 27.11 9.01
CA LYS B 804 5.05 26.79 9.64
C LYS B 804 4.01 26.38 8.62
N ARG B 805 3.88 27.14 7.54
CA ARG B 805 2.89 26.82 6.52
C ARG B 805 3.17 25.46 5.88
N GLN B 806 4.43 25.20 5.56
CA GLN B 806 4.78 23.93 4.93
C GLN B 806 4.47 22.76 5.85
N VAL B 807 4.81 22.89 7.13
CA VAL B 807 4.54 21.81 8.07
C VAL B 807 3.03 21.59 8.22
N ASP B 808 2.26 22.67 8.32
CA ASP B 808 0.82 22.51 8.47
C ASP B 808 0.19 21.85 7.25
N LEU B 809 0.59 22.27 6.05
CA LEU B 809 0.08 21.62 4.84
C LEU B 809 0.50 20.16 4.77
N ALA B 810 1.71 19.84 5.22
CA ALA B 810 2.12 18.43 5.24
C ALA B 810 1.27 17.61 6.19
N ILE B 811 1.02 18.12 7.39
CA ILE B 811 0.23 17.37 8.36
C ILE B 811 -1.19 17.18 7.85
N LEU B 812 -1.78 18.23 7.27
CA LEU B 812 -3.10 18.09 6.68
C LEU B 812 -3.09 17.10 5.51
N GLN B 813 -2.02 17.08 4.72
CA GLN B 813 -1.91 16.10 3.65
C GLN B 813 -1.90 14.68 4.21
N LEU B 814 -1.22 14.47 5.34
CA LEU B 814 -1.28 13.17 6.00
C LEU B 814 -2.70 12.85 6.44
N PHE B 815 -3.39 13.82 7.07
CA PHE B 815 -4.81 13.60 7.39
C PHE B 815 -5.61 13.26 6.15
N GLY B 816 -5.16 13.70 4.98
CA GLY B 816 -5.92 13.46 3.76
C GLY B 816 -6.10 12.00 3.42
N ASP B 817 -5.03 11.20 3.50
CA ASP B 817 -5.05 9.84 3.02
C ASP B 817 -5.19 8.79 4.11
N GLY B 818 -5.24 9.21 5.38
CA GLY B 818 -5.62 8.29 6.45
C GLY B 818 -4.56 7.33 6.93
N GLU B 819 -3.28 7.59 6.66
CA GLU B 819 -2.23 6.70 7.15
C GLU B 819 -2.18 6.62 8.67
N MET B 820 -2.65 7.66 9.36
CA MET B 820 -2.71 7.62 10.82
C MET B 820 -3.59 6.47 11.30
N GLU B 821 -4.58 6.08 10.51
CA GLU B 821 -5.39 4.92 10.89
C GLU B 821 -4.51 3.68 11.02
N GLU B 822 -3.69 3.41 10.00
CA GLU B 822 -2.79 2.26 10.07
C GLU B 822 -1.77 2.40 11.18
N LEU B 823 -1.18 3.60 11.32
CA LEU B 823 -0.16 3.79 12.34
C LEU B 823 -0.75 3.59 13.75
N GLU B 824 -1.93 4.14 14.00
CA GLU B 824 -2.57 3.99 15.30
C GLU B 824 -2.96 2.54 15.55
N ALA B 825 -3.45 1.84 14.53
CA ALA B 825 -3.76 0.43 14.71
C ALA B 825 -2.51 -0.40 14.95
N LEU B 826 -1.36 0.05 14.46
CA LEU B 826 -0.14 -0.72 14.64
C LEU B 826 0.55 -0.39 15.96
N TRP B 827 0.32 0.79 16.52
CA TRP B 827 1.04 1.23 17.71
C TRP B 827 0.15 1.40 18.94
N LEU B 828 -0.96 2.13 18.80
CA LEU B 828 -1.71 2.61 19.96
C LEU B 828 -2.84 1.68 20.40
N THR B 829 -3.06 0.56 19.71
CA THR B 829 -4.19 -0.28 20.05
C THR B 829 -3.92 -1.09 21.31
N GLY B 830 -5.00 -1.59 21.91
CA GLY B 830 -4.92 -2.40 23.12
C GLY B 830 -5.72 -3.67 22.95
N ILE B 831 -5.78 -4.44 24.05
CA ILE B 831 -6.45 -5.74 24.07
C ILE B 831 -7.74 -5.69 24.90
N CYS B 832 -7.68 -5.12 26.11
CA CYS B 832 -8.84 -5.05 26.99
C CYS B 832 -9.63 -3.79 26.68
N HIS B 833 -10.37 -3.84 25.57
CA HIS B 833 -11.34 -2.78 25.28
C HIS B 833 -12.39 -2.76 26.37
N ASN B 834 -12.73 -1.55 26.82
CA ASN B 834 -13.52 -1.37 28.03
C ASN B 834 -14.90 -2.02 27.93
N GLU B 835 -15.73 -1.52 27.01
CA GLU B 835 -17.09 -2.00 26.83
C GLU B 835 -17.80 -2.15 28.17
N LYS B 836 -18.37 -3.32 28.43
CA LYS B 836 -18.96 -3.62 29.73
C LYS B 836 -18.96 -5.13 29.98
N ASN B 837 -17.99 -5.61 30.75
CA ASN B 837 -17.89 -7.03 31.04
C ASN B 837 -18.30 -7.32 32.48
N GLU B 838 -19.09 -8.37 32.65
CA GLU B 838 -19.56 -8.76 33.97
C GLU B 838 -18.44 -9.45 34.75
N VAL B 839 -18.17 -8.96 35.96
CA VAL B 839 -17.08 -9.50 36.76
C VAL B 839 -17.54 -10.72 37.53
N MET B 840 -18.75 -11.21 37.26
CA MET B 840 -19.33 -12.34 37.98
C MET B 840 -19.40 -12.03 39.47
N SER B 841 -20.20 -11.03 39.84
CA SER B 841 -20.36 -10.66 41.23
C SER B 841 -20.79 -11.87 42.06
N SER B 842 -20.30 -11.91 43.29
CA SER B 842 -20.47 -13.08 44.13
C SER B 842 -20.40 -12.66 45.59
N GLN B 843 -20.82 -13.56 46.47
CA GLN B 843 -20.53 -13.54 47.90
C GLN B 843 -21.40 -12.50 48.61
N LEU B 844 -21.98 -11.57 47.84
CA LEU B 844 -23.16 -10.81 48.24
C LEU B 844 -23.07 -10.08 49.58
N ASP B 845 -22.25 -9.03 49.66
CA ASP B 845 -22.13 -8.24 50.88
C ASP B 845 -23.48 -7.66 51.28
N ILE B 846 -23.54 -7.18 52.53
CA ILE B 846 -24.74 -6.55 53.07
C ILE B 846 -25.16 -5.33 52.25
N ASP B 847 -24.20 -4.70 51.58
CA ASP B 847 -24.36 -3.41 50.89
C ASP B 847 -25.68 -3.28 50.13
N ASN B 848 -26.20 -4.38 49.59
CA ASN B 848 -27.42 -4.35 48.78
C ASN B 848 -28.67 -4.81 49.53
N MET B 849 -28.57 -5.68 50.53
CA MET B 849 -29.75 -6.08 51.30
C MET B 849 -30.28 -4.99 52.21
N ALA B 850 -29.74 -3.77 52.12
CA ALA B 850 -30.29 -2.65 52.86
C ALA B 850 -31.76 -2.47 52.56
N GLY B 851 -32.17 -2.72 51.32
CA GLY B 851 -33.58 -2.57 50.97
C GLY B 851 -34.48 -3.51 51.75
N VAL B 852 -34.16 -4.80 51.74
CA VAL B 852 -35.01 -5.77 52.44
C VAL B 852 -34.99 -5.52 53.94
N PHE B 853 -33.82 -5.15 54.49
CA PHE B 853 -33.79 -4.97 55.94
C PHE B 853 -34.49 -3.67 56.37
N TYR B 854 -34.42 -2.62 55.54
CA TYR B 854 -35.15 -1.41 55.85
C TYR B 854 -36.65 -1.62 55.69
N MET B 855 -37.06 -2.46 54.73
CA MET B 855 -38.47 -2.81 54.63
C MET B 855 -38.93 -3.60 55.85
N LEU B 856 -38.07 -4.48 56.36
CA LEU B 856 -38.37 -5.17 57.62
C LEU B 856 -38.56 -4.18 58.75
N GLY B 857 -37.64 -3.21 58.85
CA GLY B 857 -37.77 -2.19 59.89
C GLY B 857 -39.05 -1.39 59.78
N ALA B 858 -39.40 -0.98 58.55
CA ALA B 858 -40.64 -0.25 58.35
C ALA B 858 -41.86 -1.08 58.72
N ALA B 859 -41.83 -2.36 58.37
CA ALA B 859 -42.93 -3.25 58.75
C ALA B 859 -43.06 -3.35 60.27
N MET B 860 -41.94 -3.50 60.97
CA MET B 860 -42.00 -3.55 62.43
C MET B 860 -42.54 -2.24 63.00
N ALA B 861 -42.09 -1.11 62.47
CA ALA B 861 -42.55 0.18 62.97
C ALA B 861 -44.05 0.35 62.78
N LEU B 862 -44.55 0.07 61.58
CA LEU B 862 -45.99 0.22 61.33
C LEU B 862 -46.78 -0.76 62.17
N SER B 863 -46.26 -1.98 62.37
CA SER B 863 -46.97 -2.95 63.20
C SER B 863 -47.11 -2.46 64.64
N LEU B 864 -46.01 -1.97 65.23
CA LEU B 864 -46.08 -1.48 66.60
C LEU B 864 -46.99 -0.25 66.71
N ILE B 865 -46.92 0.65 65.71
CA ILE B 865 -47.76 1.84 65.75
C ILE B 865 -49.24 1.45 65.70
N THR B 866 -49.59 0.53 64.80
CA THR B 866 -50.97 0.08 64.71
C THR B 866 -51.40 -0.62 65.99
N PHE B 867 -50.51 -1.43 66.57
CA PHE B 867 -50.81 -2.10 67.83
C PHE B 867 -51.18 -1.09 68.90
N ILE B 868 -50.32 -0.09 69.12
CA ILE B 868 -50.56 0.84 70.22
C ILE B 868 -51.78 1.71 69.92
N CYS B 869 -51.99 2.08 68.65
CA CYS B 869 -53.14 2.90 68.31
C CYS B 869 -54.44 2.14 68.54
N GLU B 870 -54.52 0.90 68.10
CA GLU B 870 -55.73 0.10 68.30
C GLU B 870 -55.93 -0.22 69.78
N HIS B 871 -54.84 -0.38 70.52
CA HIS B 871 -54.97 -0.59 71.97
C HIS B 871 -55.57 0.64 72.65
N LEU B 872 -55.10 1.83 72.27
CA LEU B 872 -55.68 3.04 72.84
C LEU B 872 -57.13 3.21 72.44
N PHE B 873 -57.47 2.87 71.18
CA PHE B 873 -58.86 2.92 70.76
C PHE B 873 -59.73 1.96 71.57
N TYR B 874 -59.23 0.75 71.82
CA TYR B 874 -60.00 -0.23 72.59
C TYR B 874 -60.18 0.23 74.04
N TRP B 875 -59.14 0.83 74.62
CA TRP B 875 -59.26 1.32 75.99
C TRP B 875 -60.29 2.43 76.11
N GLN B 876 -60.53 3.18 75.05
CA GLN B 876 -61.54 4.23 75.04
C GLN B 876 -62.93 3.63 74.80
N LYS C 25 28.70 43.13 -49.63
CA LYS C 25 27.48 43.48 -50.35
C LYS C 25 26.95 44.83 -49.90
N ILE C 26 25.70 45.12 -50.25
CA ILE C 26 25.05 46.39 -49.95
C ILE C 26 23.85 46.11 -49.05
N VAL C 27 23.77 46.84 -47.94
CA VAL C 27 22.69 46.68 -46.97
C VAL C 27 21.74 47.85 -47.12
N ASN C 28 20.44 47.56 -47.20
CA ASN C 28 19.40 48.56 -47.34
C ASN C 28 18.46 48.51 -46.14
N ILE C 29 18.13 49.67 -45.59
CA ILE C 29 17.16 49.78 -44.52
C ILE C 29 16.18 50.89 -44.87
N GLY C 30 15.00 50.85 -44.24
CA GLY C 30 13.95 51.78 -44.53
C GLY C 30 13.26 52.27 -43.27
N ALA C 31 12.44 53.32 -43.45
CA ALA C 31 11.69 53.89 -42.34
C ALA C 31 10.54 54.71 -42.91
N VAL C 32 9.56 54.99 -42.05
CA VAL C 32 8.43 55.85 -42.38
C VAL C 32 8.27 56.89 -41.28
N LEU C 33 8.17 58.15 -41.67
CA LEU C 33 8.16 59.27 -40.73
C LEU C 33 7.13 60.28 -41.20
N SER C 34 7.17 61.48 -40.59
CA SER C 34 6.21 62.53 -40.93
C SER C 34 6.87 63.91 -41.06
N THR C 35 8.19 63.96 -41.29
CA THR C 35 8.88 65.23 -41.43
C THR C 35 10.13 65.02 -42.28
N ARG C 36 10.32 65.90 -43.27
CA ARG C 36 11.49 65.79 -44.15
C ARG C 36 12.78 66.09 -43.41
N LYS C 37 12.73 66.98 -42.41
CA LYS C 37 13.92 67.25 -41.60
C LYS C 37 14.37 66.00 -40.86
N HIS C 38 13.41 65.21 -40.38
CA HIS C 38 13.76 63.93 -39.78
C HIS C 38 14.43 63.02 -40.80
N GLU C 39 13.94 63.02 -42.05
CA GLU C 39 14.61 62.24 -43.09
C GLU C 39 16.04 62.70 -43.29
N GLN C 40 16.26 64.02 -43.27
CA GLN C 40 17.61 64.55 -43.42
C GLN C 40 18.51 64.10 -42.27
N MET C 41 17.98 64.10 -41.05
CA MET C 41 18.83 63.67 -39.94
C MET C 41 19.05 62.16 -39.94
N PHE C 42 18.11 61.37 -40.46
CA PHE C 42 18.42 59.96 -40.74
C PHE C 42 19.54 59.83 -41.75
N ARG C 43 19.52 60.65 -42.81
CA ARG C 43 20.61 60.61 -43.78
C ARG C 43 21.95 60.90 -43.11
N GLU C 44 21.98 61.95 -42.28
CA GLU C 44 23.23 62.30 -41.60
C GLU C 44 23.67 61.19 -40.65
N ALA C 45 22.73 60.59 -39.93
CA ALA C 45 23.07 59.53 -38.98
C ALA C 45 23.62 58.29 -39.70
N VAL C 46 22.99 57.89 -40.81
CA VAL C 46 23.48 56.72 -41.53
C VAL C 46 24.81 57.02 -42.20
N ASN C 47 25.02 58.25 -42.66
CA ASN C 47 26.33 58.61 -43.19
C ASN C 47 27.40 58.54 -42.12
N GLN C 48 27.08 58.98 -40.90
CA GLN C 48 28.01 58.85 -39.79
C GLN C 48 28.28 57.39 -39.47
N ALA C 49 27.23 56.56 -39.46
CA ALA C 49 27.40 55.14 -39.17
C ALA C 49 28.16 54.41 -40.27
N ASN C 50 28.19 54.95 -41.48
CA ASN C 50 28.95 54.32 -42.57
C ASN C 50 30.41 54.13 -42.20
N LYS C 51 30.98 55.07 -41.44
CA LYS C 51 32.38 54.94 -41.03
C LYS C 51 32.59 53.72 -40.14
N ARG C 52 31.66 53.48 -39.21
CA ARG C 52 31.78 52.35 -38.29
C ARG C 52 31.58 51.02 -39.01
N ILE C 58 30.85 47.18 -46.03
CA ILE C 58 29.47 47.02 -45.57
C ILE C 58 28.69 48.31 -45.81
N GLN C 59 28.24 48.51 -47.04
CA GLN C 59 27.50 49.71 -47.40
C GLN C 59 26.15 49.73 -46.70
N LEU C 60 25.77 50.91 -46.23
CA LEU C 60 24.48 51.14 -45.58
C LEU C 60 23.73 52.23 -46.35
N GLN C 61 22.50 51.92 -46.75
CA GLN C 61 21.67 52.83 -47.51
C GLN C 61 20.33 53.01 -46.82
N ALA C 62 19.81 54.23 -46.87
CA ALA C 62 18.57 54.58 -46.20
C ALA C 62 17.48 54.89 -47.22
N THR C 63 16.28 54.37 -46.97
CA THR C 63 15.09 54.68 -47.75
C THR C 63 14.00 55.16 -46.81
N SER C 64 13.18 56.10 -47.29
CA SER C 64 12.15 56.68 -46.45
C SER C 64 10.87 56.87 -47.26
N VAL C 65 9.74 56.76 -46.57
CA VAL C 65 8.43 56.98 -47.15
C VAL C 65 7.64 57.89 -46.22
N THR C 66 6.93 58.85 -46.80
CA THR C 66 6.07 59.72 -46.01
C THR C 66 4.82 58.95 -45.58
N HIS C 67 4.00 59.60 -44.76
CA HIS C 67 2.79 59.00 -44.21
C HIS C 67 1.56 59.68 -44.78
N LYS C 68 0.52 58.89 -45.01
CA LYS C 68 -0.73 59.35 -45.59
C LYS C 68 -1.90 58.97 -44.68
N PRO C 69 -3.00 59.75 -44.70
CA PRO C 69 -4.16 59.49 -43.83
C PRO C 69 -5.03 58.33 -44.29
N ASN C 70 -4.40 57.21 -44.62
CA ASN C 70 -5.12 56.00 -45.02
C ASN C 70 -4.19 54.81 -44.88
N ALA C 71 -4.71 53.72 -44.31
CA ALA C 71 -3.92 52.51 -44.15
C ALA C 71 -3.72 51.79 -45.49
N ILE C 72 -4.63 52.00 -46.45
CA ILE C 72 -4.54 51.29 -47.72
C ILE C 72 -3.33 51.75 -48.52
N GLN C 73 -3.14 53.06 -48.64
CA GLN C 73 -2.05 53.59 -49.44
C GLN C 73 -0.70 53.17 -48.88
N MET C 74 -0.54 53.25 -47.55
CA MET C 74 0.71 52.84 -46.94
C MET C 74 0.91 51.33 -47.02
N ALA C 75 -0.17 50.56 -46.86
CA ALA C 75 -0.09 49.11 -46.99
C ALA C 75 0.26 48.67 -48.40
N LEU C 76 0.01 49.52 -49.39
CA LEU C 76 0.51 49.25 -50.74
C LEU C 76 1.96 49.71 -50.89
N SER C 77 2.25 50.94 -50.45
CA SER C 77 3.57 51.51 -50.62
C SER C 77 4.64 50.69 -49.89
N VAL C 78 4.25 49.91 -48.88
CA VAL C 78 5.24 49.14 -48.13
C VAL C 78 6.03 48.24 -49.06
N CYS C 79 5.37 47.38 -49.83
CA CYS C 79 6.18 46.60 -50.76
C CYS C 79 6.37 47.30 -52.09
N GLU C 80 5.59 48.35 -52.39
CA GLU C 80 5.96 49.20 -53.52
C GLU C 80 7.39 49.72 -53.37
N ASP C 81 7.84 49.91 -52.13
CA ASP C 81 9.22 50.30 -51.86
C ASP C 81 10.11 49.13 -51.47
N LEU C 82 9.55 48.03 -50.94
CA LEU C 82 10.34 46.83 -50.73
C LEU C 82 10.90 46.30 -52.05
N ILE C 83 10.10 46.35 -53.12
CA ILE C 83 10.54 45.83 -54.41
C ILE C 83 11.78 46.57 -54.88
N SER C 84 11.74 47.90 -54.84
CA SER C 84 12.86 48.69 -55.34
C SER C 84 14.04 48.70 -54.38
N SER C 85 13.79 48.59 -53.08
CA SER C 85 14.85 48.75 -52.08
C SER C 85 15.40 47.45 -51.54
N GLN C 86 14.56 46.45 -51.31
CA GLN C 86 14.97 45.17 -50.72
C GLN C 86 15.66 45.39 -49.38
N VAL C 87 14.90 45.93 -48.43
CA VAL C 87 15.47 46.32 -47.15
C VAL C 87 15.74 45.09 -46.30
N TYR C 88 16.49 45.29 -45.21
CA TYR C 88 16.74 44.25 -44.23
C TYR C 88 16.12 44.54 -42.87
N ALA C 89 15.77 45.80 -42.61
CA ALA C 89 15.11 46.20 -41.38
C ALA C 89 14.40 47.52 -41.63
N ILE C 90 13.25 47.70 -40.97
CA ILE C 90 12.39 48.86 -41.19
C ILE C 90 12.13 49.54 -39.86
N LEU C 91 12.19 50.87 -39.85
CA LEU C 91 11.89 51.68 -38.69
C LEU C 91 10.54 52.37 -38.87
N VAL C 92 9.94 52.78 -37.76
CA VAL C 92 8.60 53.36 -37.78
C VAL C 92 8.42 54.25 -36.56
N SER C 93 7.67 55.33 -36.74
CA SER C 93 7.28 56.22 -35.66
C SER C 93 5.79 56.51 -35.78
N HIS C 94 5.26 57.33 -34.87
CA HIS C 94 3.84 57.61 -34.87
C HIS C 94 3.58 58.97 -35.49
N PRO C 95 2.39 59.18 -36.07
CA PRO C 95 2.04 60.50 -36.58
C PRO C 95 1.69 61.43 -35.43
N PRO C 96 1.66 62.75 -35.69
CA PRO C 96 1.27 63.69 -34.62
C PRO C 96 -0.16 63.51 -34.14
N THR C 97 -0.92 62.59 -34.72
CA THR C 97 -2.27 62.32 -34.24
C THR C 97 -2.21 61.74 -32.83
N PRO C 98 -3.23 61.99 -31.99
CA PRO C 98 -3.18 61.52 -30.60
C PRO C 98 -3.23 60.00 -30.46
N ASN C 99 -4.16 59.35 -31.15
CA ASN C 99 -4.43 57.93 -30.91
C ASN C 99 -3.25 57.06 -31.35
N ASP C 100 -2.95 57.06 -32.65
CA ASP C 100 -1.85 56.28 -33.22
C ASP C 100 -1.97 54.79 -32.91
N HIS C 101 -3.17 54.35 -32.52
CA HIS C 101 -3.39 52.94 -32.18
C HIS C 101 -3.51 52.04 -33.40
N PHE C 102 -3.57 52.61 -34.60
CA PHE C 102 -3.71 51.85 -35.84
C PHE C 102 -2.49 51.92 -36.74
N THR C 103 -1.67 52.96 -36.60
CA THR C 103 -0.56 53.15 -37.53
C THR C 103 0.49 52.04 -37.55
N PRO C 104 0.95 51.49 -36.41
CA PRO C 104 2.06 50.53 -36.48
C PRO C 104 1.65 49.13 -36.93
N THR C 105 0.37 48.78 -36.85
CA THR C 105 -0.04 47.41 -37.18
C THR C 105 0.22 47.03 -38.63
N PRO C 106 -0.18 47.83 -39.64
CA PRO C 106 -0.09 47.33 -41.02
C PRO C 106 1.31 46.96 -41.47
N VAL C 107 2.34 47.69 -41.04
CA VAL C 107 3.70 47.35 -41.42
C VAL C 107 4.17 46.07 -40.74
N SER C 108 3.53 45.66 -39.65
CA SER C 108 3.97 44.47 -38.92
C SER C 108 3.64 43.19 -39.68
N TYR C 109 2.34 42.95 -39.92
CA TYR C 109 1.95 41.70 -40.57
C TYR C 109 2.40 41.66 -42.03
N THR C 110 2.49 42.81 -42.69
CA THR C 110 2.97 42.82 -44.07
C THR C 110 4.42 42.37 -44.15
N ALA C 111 5.26 42.84 -43.24
CA ALA C 111 6.64 42.37 -43.21
C ALA C 111 6.72 40.92 -42.77
N GLY C 112 5.88 40.52 -41.80
CA GLY C 112 5.84 39.13 -41.40
C GLY C 112 5.37 38.18 -42.48
N PHE C 113 4.65 38.71 -43.48
CA PHE C 113 4.24 37.90 -44.62
C PHE C 113 5.44 37.23 -45.27
N TYR C 114 6.59 37.90 -45.26
CA TYR C 114 7.86 37.31 -45.67
C TYR C 114 8.81 37.12 -44.49
N ARG C 115 8.33 37.30 -43.26
CA ARG C 115 9.11 37.09 -42.05
C ARG C 115 10.36 37.98 -42.04
N ILE C 116 10.11 39.29 -42.02
CA ILE C 116 11.17 40.30 -42.04
C ILE C 116 11.06 41.10 -40.76
N PRO C 117 12.14 41.21 -39.97
CA PRO C 117 12.07 41.95 -38.70
C PRO C 117 11.80 43.43 -38.94
N VAL C 118 11.05 44.03 -38.01
CA VAL C 118 10.74 45.45 -38.03
C VAL C 118 10.96 46.01 -36.63
N LEU C 119 11.65 47.14 -36.55
CA LEU C 119 11.96 47.77 -35.27
C LEU C 119 11.07 48.98 -35.07
N GLY C 120 10.44 49.06 -33.89
CA GLY C 120 9.59 50.18 -33.55
C GLY C 120 10.29 51.18 -32.66
N LEU C 121 9.73 52.38 -32.60
CA LEU C 121 10.32 53.47 -31.83
C LEU C 121 9.40 53.97 -30.73
N THR C 122 8.13 54.23 -31.04
CA THR C 122 7.24 54.97 -30.15
C THR C 122 5.88 54.28 -30.06
N THR C 123 5.87 52.96 -29.86
CA THR C 123 4.64 52.19 -29.73
C THR C 123 4.50 51.78 -28.27
N ARG C 124 3.82 52.61 -27.49
CA ARG C 124 3.63 52.33 -26.07
C ARG C 124 2.54 51.31 -25.80
N MET C 125 1.60 51.12 -26.73
CA MET C 125 0.53 50.16 -26.52
C MET C 125 1.08 48.75 -26.41
N SER C 126 0.45 47.94 -25.56
CA SER C 126 0.94 46.61 -25.25
C SER C 126 0.35 45.52 -26.13
N ILE C 127 -0.48 45.88 -27.13
CA ILE C 127 -1.05 44.86 -27.99
C ILE C 127 0.03 44.18 -28.82
N TYR C 128 1.00 44.95 -29.32
CA TYR C 128 2.07 44.39 -30.14
C TYR C 128 3.06 43.55 -29.36
N SER C 129 3.01 43.58 -28.02
CA SER C 129 3.91 42.75 -27.23
C SER C 129 3.60 41.26 -27.40
N ASP C 130 2.43 40.93 -27.95
CA ASP C 130 2.09 39.55 -28.23
C ASP C 130 3.12 38.90 -29.15
N LYS C 131 3.55 37.70 -28.77
CA LYS C 131 4.52 36.96 -29.56
C LYS C 131 3.90 36.19 -30.71
N SER C 132 2.57 36.06 -30.74
CA SER C 132 1.91 35.31 -31.79
C SER C 132 1.61 36.18 -33.01
N ILE C 133 0.84 37.25 -32.81
CA ILE C 133 0.36 38.05 -33.92
C ILE C 133 1.50 38.80 -34.59
N HIS C 134 2.45 39.30 -33.80
CA HIS C 134 3.53 40.16 -34.28
C HIS C 134 4.88 39.58 -33.90
N LEU C 135 5.08 38.30 -34.22
CA LEU C 135 6.33 37.62 -33.89
C LEU C 135 7.55 38.29 -34.52
N SER C 136 7.35 39.06 -35.59
CA SER C 136 8.44 39.76 -36.28
C SER C 136 8.44 41.24 -35.93
N PHE C 137 8.11 41.57 -34.68
CA PHE C 137 8.06 42.95 -34.22
C PHE C 137 8.83 43.10 -32.93
N LEU C 138 9.57 44.20 -32.80
CA LEU C 138 10.27 44.56 -31.59
C LEU C 138 9.98 46.03 -31.26
N ARG C 139 10.43 46.45 -30.09
CA ARG C 139 10.18 47.80 -29.61
C ARG C 139 11.44 48.40 -29.01
N THR C 140 11.46 49.73 -28.94
CA THR C 140 12.56 50.47 -28.35
C THR C 140 12.21 51.04 -26.98
N VAL C 141 10.96 51.40 -26.75
CA VAL C 141 10.53 52.02 -25.49
C VAL C 141 9.74 51.00 -24.67
N PRO C 142 9.71 51.11 -23.35
CA PRO C 142 8.96 50.15 -22.53
C PRO C 142 7.47 50.43 -22.61
N PRO C 143 6.65 49.39 -22.56
CA PRO C 143 5.19 49.59 -22.55
C PRO C 143 4.65 49.92 -21.17
N TYR C 144 3.32 49.97 -21.05
CA TYR C 144 2.69 50.30 -19.78
C TYR C 144 2.82 49.19 -18.76
N SER C 145 3.04 47.95 -19.20
CA SER C 145 3.11 46.82 -18.27
C SER C 145 4.27 46.99 -17.28
N HIS C 146 5.44 47.38 -17.77
CA HIS C 146 6.59 47.49 -16.88
C HIS C 146 6.51 48.74 -16.02
N GLN C 147 5.96 49.84 -16.57
CA GLN C 147 5.75 51.01 -15.72
C GLN C 147 4.65 50.78 -14.69
N SER C 148 3.87 49.72 -14.85
CA SER C 148 3.01 49.25 -13.76
C SER C 148 3.78 48.36 -12.78
N SER C 149 4.58 47.43 -13.30
CA SER C 149 5.33 46.52 -12.46
C SER C 149 6.37 47.23 -11.60
N VAL C 150 6.75 48.46 -11.98
CA VAL C 150 7.77 49.19 -11.22
C VAL C 150 7.29 49.47 -9.79
N TRP C 151 5.98 49.55 -9.58
CA TRP C 151 5.44 49.95 -8.29
C TRP C 151 5.84 49.02 -7.14
N PHE C 152 6.48 47.89 -7.41
CA PHE C 152 6.85 46.97 -6.33
C PHE C 152 7.80 47.65 -5.34
N GLU C 153 8.83 48.32 -5.85
CA GLU C 153 9.80 48.95 -4.95
C GLU C 153 9.24 50.23 -4.35
N MET C 154 8.39 50.95 -5.09
CA MET C 154 7.71 52.10 -4.51
C MET C 154 6.80 51.69 -3.38
N MET C 155 6.25 50.47 -3.44
CA MET C 155 5.48 49.93 -2.33
C MET C 155 6.40 49.49 -1.20
N ARG C 156 7.53 48.87 -1.52
CA ARG C 156 8.43 48.35 -0.49
C ARG C 156 9.06 49.48 0.33
N VAL C 157 9.36 50.61 -0.31
CA VAL C 157 10.09 51.67 0.38
C VAL C 157 9.24 52.29 1.49
N TYR C 158 7.95 52.48 1.25
CA TYR C 158 7.07 53.10 2.24
C TYR C 158 6.33 52.09 3.12
N ASN C 159 6.65 50.80 2.99
CA ASN C 159 6.16 49.77 3.91
C ASN C 159 4.64 49.70 3.95
N TRP C 160 4.01 49.82 2.78
CA TRP C 160 2.59 49.62 2.67
C TRP C 160 2.29 48.15 2.37
N ASN C 161 1.09 47.70 2.75
CA ASN C 161 0.72 46.31 2.49
C ASN C 161 -0.57 46.15 1.72
N HIS C 162 -1.58 46.98 1.98
CA HIS C 162 -2.90 46.82 1.39
C HIS C 162 -3.06 47.79 0.24
N ILE C 163 -3.48 47.28 -0.92
CA ILE C 163 -3.62 48.07 -2.13
C ILE C 163 -4.98 47.75 -2.76
N ILE C 164 -5.68 48.78 -3.20
CA ILE C 164 -6.90 48.63 -3.99
C ILE C 164 -6.58 49.05 -5.41
N LEU C 165 -6.68 48.10 -6.33
CA LEU C 165 -6.38 48.34 -7.74
C LEU C 165 -7.67 48.26 -8.54
N LEU C 166 -7.98 49.33 -9.27
CA LEU C 166 -9.13 49.36 -10.17
C LEU C 166 -8.62 49.74 -11.55
N VAL C 167 -8.97 48.95 -12.56
CA VAL C 167 -8.48 49.14 -13.91
C VAL C 167 -9.64 48.93 -14.89
N SER C 168 -9.50 49.50 -16.08
CA SER C 168 -10.50 49.31 -17.11
C SER C 168 -10.36 47.91 -17.72
N ASP C 169 -11.30 47.58 -18.61
CA ASP C 169 -11.34 46.26 -19.23
C ASP C 169 -10.76 46.35 -20.64
N ASP C 170 -9.52 45.90 -20.80
CA ASP C 170 -8.85 45.88 -22.09
C ASP C 170 -7.63 44.96 -21.96
N HIS C 171 -6.88 44.84 -23.06
CA HIS C 171 -5.70 43.98 -23.06
C HIS C 171 -4.65 44.48 -22.07
N GLU C 172 -4.34 45.78 -22.11
CA GLU C 172 -3.27 46.32 -21.27
C GLU C 172 -3.62 46.21 -19.79
N GLY C 173 -4.88 46.45 -19.43
CA GLY C 173 -5.28 46.32 -18.05
C GLY C 173 -5.11 44.90 -17.52
N ARG C 174 -5.55 43.92 -18.30
CA ARG C 174 -5.39 42.53 -17.90
C ARG C 174 -3.93 42.14 -17.81
N ALA C 175 -3.12 42.61 -18.75
CA ALA C 175 -1.70 42.27 -18.74
C ALA C 175 -1.00 42.83 -17.50
N ALA C 176 -1.21 44.11 -17.21
CA ALA C 176 -0.60 44.71 -16.03
C ALA C 176 -1.14 44.07 -14.75
N GLN C 177 -2.43 43.76 -14.73
CA GLN C 177 -3.05 43.09 -13.61
C GLN C 177 -2.38 41.75 -13.31
N LYS C 178 -2.23 40.90 -14.33
CA LYS C 178 -1.59 39.61 -14.13
C LYS C 178 -0.14 39.76 -13.71
N ARG C 179 0.60 40.66 -14.36
CA ARG C 179 2.01 40.82 -14.06
C ARG C 179 2.21 41.28 -12.61
N LEU C 180 1.41 42.27 -12.18
CA LEU C 180 1.56 42.77 -10.83
C LEU C 180 1.15 41.71 -9.81
N GLU C 181 0.11 40.94 -10.10
CA GLU C 181 -0.24 39.86 -9.17
C GLU C 181 0.88 38.85 -9.05
N THR C 182 1.50 38.46 -10.16
CA THR C 182 2.62 37.52 -10.07
C THR C 182 3.77 38.11 -9.26
N LEU C 183 4.13 39.36 -9.53
CA LEU C 183 5.27 39.97 -8.86
C LEU C 183 5.02 40.11 -7.35
N LEU C 184 3.79 40.48 -6.96
CA LEU C 184 3.48 40.62 -5.55
C LEU C 184 3.26 39.28 -4.88
N GLU C 185 2.73 38.29 -5.61
CA GLU C 185 2.56 36.94 -5.09
C GLU C 185 3.91 36.28 -4.82
N GLU C 186 4.96 36.74 -5.51
CA GLU C 186 6.30 36.30 -5.14
C GLU C 186 6.55 36.48 -3.65
N ARG C 187 6.09 37.59 -3.07
CA ARG C 187 6.22 37.83 -1.65
C ARG C 187 5.11 37.20 -0.83
N GLU C 188 4.24 36.40 -1.46
CA GLU C 188 3.15 35.70 -0.78
C GLU C 188 2.23 36.67 -0.05
N SER C 189 1.69 37.64 -0.81
CA SER C 189 0.72 38.57 -0.26
C SER C 189 -0.20 39.00 -1.39
N LYS C 190 -1.43 38.49 -1.39
CA LYS C 190 -2.37 38.75 -2.46
C LYS C 190 -2.97 40.14 -2.34
N ALA C 191 -3.32 40.72 -3.49
CA ALA C 191 -4.03 41.98 -3.51
C ALA C 191 -5.43 41.81 -2.95
N GLU C 192 -6.00 42.93 -2.48
CA GLU C 192 -7.29 42.85 -1.81
C GLU C 192 -8.41 42.57 -2.79
N LYS C 193 -8.63 43.46 -3.76
CA LYS C 193 -9.70 43.29 -4.73
C LYS C 193 -9.40 44.11 -5.96
N VAL C 194 -9.91 43.66 -7.11
CA VAL C 194 -9.77 44.37 -8.37
C VAL C 194 -11.16 44.81 -8.80
N LEU C 195 -11.37 46.13 -8.88
CA LEU C 195 -12.66 46.70 -9.24
C LEU C 195 -12.61 47.13 -10.70
N GLN C 196 -13.03 46.23 -11.59
CA GLN C 196 -13.00 46.52 -13.01
C GLN C 196 -14.20 47.37 -13.41
N PHE C 197 -13.93 48.45 -14.13
CA PHE C 197 -14.98 49.36 -14.58
C PHE C 197 -14.97 49.46 -16.11
N ASP C 198 -16.15 49.46 -16.70
CA ASP C 198 -16.27 49.47 -18.14
C ASP C 198 -15.82 50.81 -18.70
N PRO C 199 -15.01 50.84 -19.76
CA PRO C 199 -14.58 52.12 -20.34
C PRO C 199 -15.75 52.88 -20.94
N GLY C 200 -15.68 54.21 -20.84
CA GLY C 200 -16.61 55.08 -21.51
C GLY C 200 -18.04 55.06 -20.99
N THR C 201 -18.26 54.58 -19.77
CA THR C 201 -19.60 54.44 -19.23
C THR C 201 -20.09 55.81 -18.75
N LYS C 202 -21.29 55.86 -18.16
CA LYS C 202 -21.93 57.12 -17.78
C LYS C 202 -21.21 57.78 -16.60
N ASN C 203 -21.15 57.10 -15.47
CA ASN C 203 -20.24 57.48 -14.42
C ASN C 203 -19.57 56.22 -13.89
N VAL C 204 -18.57 56.43 -13.03
CA VAL C 204 -17.99 55.32 -12.28
C VAL C 204 -18.41 55.34 -10.81
N THR C 205 -19.18 56.34 -10.37
CA THR C 205 -19.48 56.50 -8.95
C THR C 205 -20.25 55.32 -8.38
N ALA C 206 -20.90 54.52 -9.23
CA ALA C 206 -21.55 53.30 -8.75
C ALA C 206 -20.55 52.36 -8.11
N LEU C 207 -19.35 52.25 -8.69
CA LEU C 207 -18.32 51.38 -8.15
C LEU C 207 -17.48 52.05 -7.06
N LEU C 208 -17.61 53.36 -6.89
CA LEU C 208 -16.84 54.04 -5.84
C LEU C 208 -17.32 53.66 -4.44
N MET C 209 -18.62 53.39 -4.29
CA MET C 209 -19.18 53.21 -2.95
C MET C 209 -18.52 52.06 -2.21
N GLU C 210 -18.41 50.89 -2.84
CA GLU C 210 -17.80 49.76 -2.15
C GLU C 210 -16.31 50.00 -1.95
N ALA C 211 -15.68 50.76 -2.85
CA ALA C 211 -14.28 51.13 -2.64
C ALA C 211 -14.11 51.97 -1.38
N ARG C 212 -15.10 52.79 -1.05
CA ARG C 212 -15.06 53.56 0.18
C ARG C 212 -15.09 52.66 1.41
N GLU C 213 -15.90 51.61 1.38
CA GLU C 213 -16.12 50.80 2.56
C GLU C 213 -14.95 49.88 2.90
N LEU C 214 -14.20 49.41 1.90
CA LEU C 214 -13.11 48.49 2.16
C LEU C 214 -12.00 49.16 2.97
N GLU C 215 -11.22 48.33 3.66
CA GLU C 215 -10.21 48.81 4.60
C GLU C 215 -8.86 48.92 3.89
N ALA C 216 -8.68 50.05 3.22
CA ALA C 216 -7.41 50.41 2.61
C ALA C 216 -7.46 51.87 2.21
N ARG C 217 -6.29 52.45 1.94
CA ARG C 217 -6.22 53.86 1.56
C ARG C 217 -5.43 54.06 0.29
N VAL C 218 -4.45 53.21 0.03
CA VAL C 218 -3.63 53.32 -1.16
C VAL C 218 -4.38 52.72 -2.34
N ILE C 219 -4.56 53.51 -3.39
CA ILE C 219 -5.26 53.06 -4.59
C ILE C 219 -4.37 53.31 -5.80
N ILE C 220 -4.58 52.52 -6.84
CA ILE C 220 -3.85 52.63 -8.10
C ILE C 220 -4.84 52.74 -9.23
N LEU C 221 -4.63 53.72 -10.11
CA LEU C 221 -5.46 53.92 -11.29
C LEU C 221 -4.57 53.91 -12.52
N SER C 222 -4.97 53.15 -13.53
CA SER C 222 -4.17 53.02 -14.76
C SER C 222 -5.11 52.72 -15.91
N ALA C 223 -5.43 53.74 -16.70
CA ALA C 223 -6.31 53.60 -17.84
C ALA C 223 -6.02 54.73 -18.81
N SER C 224 -6.89 54.91 -19.79
CA SER C 224 -6.75 56.02 -20.73
C SER C 224 -6.96 57.35 -20.02
N GLU C 225 -6.44 58.42 -20.63
CA GLU C 225 -6.60 59.74 -20.04
C GLU C 225 -8.00 60.31 -20.23
N ASP C 226 -8.72 59.89 -21.28
CA ASP C 226 -10.02 60.47 -21.56
C ASP C 226 -11.03 60.15 -20.47
N ASP C 227 -11.15 58.87 -20.11
CA ASP C 227 -12.12 58.47 -19.09
C ASP C 227 -11.65 58.77 -17.68
N ALA C 228 -10.35 59.02 -17.47
CA ALA C 228 -9.84 59.29 -16.14
C ALA C 228 -10.49 60.52 -15.54
N ALA C 229 -10.82 61.51 -16.37
CA ALA C 229 -11.45 62.73 -15.88
C ALA C 229 -12.77 62.44 -15.18
N THR C 230 -13.56 61.51 -15.74
CA THR C 230 -14.82 61.14 -15.10
C THR C 230 -14.59 60.55 -13.72
N VAL C 231 -13.58 59.68 -13.59
CA VAL C 231 -13.24 59.14 -12.28
C VAL C 231 -12.79 60.25 -11.34
N TYR C 232 -11.95 61.16 -11.84
CA TYR C 232 -11.55 62.32 -11.03
C TYR C 232 -12.76 63.14 -10.62
N ARG C 233 -13.64 63.44 -11.59
CA ARG C 233 -14.79 64.30 -11.32
C ARG C 233 -15.76 63.64 -10.35
N ALA C 234 -16.00 62.34 -10.51
CA ALA C 234 -16.88 61.63 -9.59
C ALA C 234 -16.27 61.56 -8.19
N ALA C 235 -14.95 61.40 -8.11
CA ALA C 235 -14.30 61.29 -6.81
C ALA C 235 -14.46 62.57 -6.00
N ALA C 236 -14.42 63.72 -6.66
CA ALA C 236 -14.57 64.99 -5.96
C ALA C 236 -15.92 65.10 -5.26
N MET C 237 -16.95 64.44 -5.80
CA MET C 237 -18.25 64.46 -5.15
C MET C 237 -18.22 63.69 -3.84
N LEU C 238 -17.56 62.53 -3.83
CA LEU C 238 -17.46 61.70 -2.65
C LEU C 238 -16.38 62.16 -1.68
N ASP C 239 -15.55 63.12 -2.10
CA ASP C 239 -14.47 63.66 -1.27
C ASP C 239 -13.50 62.57 -0.83
N MET C 240 -13.21 61.65 -1.74
CA MET C 240 -12.15 60.67 -1.53
C MET C 240 -10.75 61.26 -1.69
N THR C 241 -10.66 62.52 -2.12
CA THR C 241 -9.38 63.19 -2.35
C THR C 241 -8.86 63.89 -1.10
N GLY C 242 -9.52 63.71 0.04
CA GLY C 242 -9.09 64.34 1.27
C GLY C 242 -7.82 63.74 1.84
N SER C 243 -7.59 63.96 3.13
CA SER C 243 -6.37 63.46 3.77
C SER C 243 -6.43 61.94 3.92
N GLY C 244 -5.25 61.33 3.99
CA GLY C 244 -5.14 59.90 4.21
C GLY C 244 -5.22 59.05 2.96
N TYR C 245 -5.28 59.65 1.78
CA TYR C 245 -5.37 58.89 0.54
C TYR C 245 -4.15 59.16 -0.33
N VAL C 246 -3.66 58.12 -0.99
CA VAL C 246 -2.49 58.19 -1.85
C VAL C 246 -2.87 57.64 -3.21
N TRP C 247 -2.54 58.37 -4.28
CA TRP C 247 -2.90 57.98 -5.63
C TRP C 247 -1.64 57.83 -6.47
N LEU C 248 -1.50 56.68 -7.12
CA LEU C 248 -0.40 56.44 -8.05
C LEU C 248 -0.99 56.06 -9.40
N VAL C 249 -0.51 56.73 -10.46
CA VAL C 249 -0.98 56.48 -11.81
C VAL C 249 0.25 56.27 -12.71
N GLY C 250 -0.02 56.11 -14.00
CA GLY C 250 1.04 55.89 -14.97
C GLY C 250 1.56 57.20 -15.52
N GLU C 251 1.44 57.40 -16.84
CA GLU C 251 1.90 58.62 -17.47
C GLU C 251 0.78 59.37 -18.17
N ARG C 252 -0.10 58.66 -18.88
CA ARG C 252 -1.15 59.32 -19.64
C ARG C 252 -2.15 60.06 -18.76
N GLU C 253 -2.35 59.60 -17.52
CA GLU C 253 -3.37 60.17 -16.65
C GLU C 253 -3.04 61.58 -16.18
N ILE C 254 -1.81 62.03 -16.35
CA ILE C 254 -1.41 63.36 -15.92
C ILE C 254 -1.76 64.41 -16.97
N SER C 255 -1.33 64.19 -18.21
CA SER C 255 -1.52 65.19 -19.25
C SER C 255 -2.95 65.18 -19.75
N GLY C 256 -3.19 65.93 -20.83
CA GLY C 256 -4.54 66.04 -21.36
C GLY C 256 -5.44 66.88 -20.48
N ASN C 257 -6.75 66.72 -20.70
CA ASN C 257 -7.74 67.44 -19.93
C ASN C 257 -7.71 67.07 -18.45
N ALA C 258 -7.15 65.90 -18.10
CA ALA C 258 -7.09 65.50 -16.70
C ALA C 258 -6.27 66.46 -15.86
N LEU C 259 -5.32 67.16 -16.48
CA LEU C 259 -4.49 68.10 -15.74
C LEU C 259 -5.29 69.29 -15.20
N ARG C 260 -6.49 69.52 -15.69
CA ARG C 260 -7.29 70.67 -15.27
C ARG C 260 -8.22 70.37 -14.10
N TYR C 261 -8.26 69.13 -13.62
CA TYR C 261 -9.16 68.75 -12.53
C TYR C 261 -8.49 67.88 -11.49
N ALA C 262 -7.19 67.66 -11.59
CA ALA C 262 -6.50 66.74 -10.69
C ALA C 262 -6.37 67.36 -9.31
N PRO C 263 -6.82 66.68 -8.25
CA PRO C 263 -6.54 67.14 -6.89
C PRO C 263 -5.05 67.08 -6.59
N ASP C 264 -4.60 67.98 -5.73
CA ASP C 264 -3.20 68.06 -5.42
C ASP C 264 -2.76 66.84 -4.60
N GLY C 265 -1.45 66.62 -4.57
CA GLY C 265 -0.87 65.48 -3.87
C GLY C 265 -0.77 64.21 -4.69
N ILE C 266 -1.20 64.23 -5.94
CA ILE C 266 -1.11 63.04 -6.79
C ILE C 266 0.35 62.83 -7.20
N ILE C 267 0.82 61.59 -7.05
CA ILE C 267 2.15 61.20 -7.48
C ILE C 267 2.03 60.51 -8.82
N GLY C 268 2.81 60.98 -9.80
CA GLY C 268 2.79 60.42 -11.13
C GLY C 268 4.17 59.92 -11.55
N LEU C 269 4.19 59.15 -12.63
CA LEU C 269 5.42 58.57 -13.15
C LEU C 269 5.64 59.04 -14.59
N GLN C 270 6.88 59.39 -14.90
CA GLN C 270 7.26 59.84 -16.23
C GLN C 270 8.53 59.14 -16.68
N LEU C 271 8.60 58.84 -17.97
CA LEU C 271 9.79 58.24 -18.55
C LEU C 271 10.86 59.32 -18.77
N ILE C 272 12.12 58.92 -18.61
CA ILE C 272 13.23 59.85 -18.80
C ILE C 272 13.43 60.25 -20.26
N ASN C 273 12.78 59.56 -21.18
CA ASN C 273 12.89 59.83 -22.62
C ASN C 273 11.50 59.93 -23.24
N GLY C 274 10.64 60.73 -22.61
CA GLY C 274 9.25 60.85 -23.01
C GLY C 274 9.02 61.15 -24.48
N LYS C 275 9.42 62.33 -24.94
CA LYS C 275 9.28 62.71 -26.35
C LYS C 275 10.64 63.18 -26.87
N ASN C 276 11.48 62.22 -27.27
CA ASN C 276 12.74 62.52 -27.96
C ASN C 276 12.89 61.53 -29.10
N GLU C 277 12.35 61.88 -30.27
CA GLU C 277 12.44 60.98 -31.42
C GLU C 277 13.88 60.85 -31.89
N SER C 278 14.64 61.95 -31.90
CA SER C 278 16.02 61.90 -32.38
C SER C 278 16.89 61.03 -31.49
N ALA C 279 16.65 61.07 -30.18
CA ALA C 279 17.47 60.32 -29.24
C ALA C 279 17.40 58.82 -29.54
N HIS C 280 16.19 58.31 -29.79
CA HIS C 280 16.06 56.91 -30.19
C HIS C 280 16.67 56.66 -31.56
N ILE C 281 16.55 57.62 -32.47
CA ILE C 281 17.10 57.45 -33.82
C ILE C 281 18.60 57.23 -33.76
N SER C 282 19.30 58.02 -32.94
CA SER C 282 20.75 57.95 -32.89
C SER C 282 21.22 56.55 -32.52
N ASP C 283 20.62 55.94 -31.50
CA ASP C 283 20.98 54.58 -31.14
C ASP C 283 20.38 53.57 -32.10
N ALA C 284 19.27 53.91 -32.76
CA ALA C 284 18.60 52.96 -33.64
C ALA C 284 19.50 52.59 -34.82
N VAL C 285 20.05 53.58 -35.51
CA VAL C 285 21.00 53.28 -36.58
C VAL C 285 22.27 52.68 -36.00
N GLY C 286 22.63 53.04 -34.77
CA GLY C 286 23.80 52.46 -34.14
C GLY C 286 23.61 51.00 -33.77
N VAL C 287 22.47 50.66 -33.17
CA VAL C 287 22.28 49.30 -32.69
C VAL C 287 22.16 48.32 -33.86
N VAL C 288 21.52 48.74 -34.95
CA VAL C 288 21.46 47.87 -36.13
C VAL C 288 22.84 47.74 -36.76
N ALA C 289 23.66 48.81 -36.69
CA ALA C 289 24.98 48.76 -37.28
C ALA C 289 25.85 47.70 -36.61
N GLN C 290 25.83 47.64 -35.28
CA GLN C 290 26.59 46.62 -34.58
C GLN C 290 26.03 45.22 -34.81
N ALA C 291 24.81 45.12 -35.34
CA ALA C 291 24.21 43.84 -35.66
C ALA C 291 24.40 43.47 -37.13
N VAL C 292 24.35 44.45 -38.03
CA VAL C 292 24.45 44.16 -39.45
C VAL C 292 25.85 43.66 -39.81
N HIS C 293 26.86 43.99 -39.00
CA HIS C 293 28.20 43.48 -39.25
C HIS C 293 28.23 41.96 -39.17
N GLU C 294 27.53 41.39 -38.19
CA GLU C 294 27.45 39.94 -38.06
C GLU C 294 26.62 39.29 -39.16
N LEU C 295 25.87 40.08 -39.92
CA LEU C 295 24.93 39.53 -40.90
C LEU C 295 25.68 38.96 -42.11
N LEU C 296 26.48 39.78 -42.78
CA LEU C 296 27.13 39.36 -44.02
C LEU C 296 28.25 38.36 -43.79
N GLU C 297 28.77 38.24 -42.58
CA GLU C 297 29.90 37.37 -42.27
C GLU C 297 29.46 36.09 -41.56
N LYS C 298 28.30 35.56 -41.94
CA LYS C 298 27.79 34.31 -41.41
C LYS C 298 27.58 33.31 -42.54
N GLU C 299 27.32 32.06 -42.15
CA GLU C 299 27.15 31.00 -43.13
C GLU C 299 25.70 30.90 -43.59
N ASN C 300 25.54 30.53 -44.87
CA ASN C 300 24.21 30.30 -45.46
C ASN C 300 23.34 31.55 -45.40
N ILE C 301 23.81 32.64 -45.99
CA ILE C 301 23.05 33.88 -46.02
C ILE C 301 22.42 34.07 -47.38
N THR C 302 21.10 34.30 -47.39
CA THR C 302 20.35 34.54 -48.62
C THR C 302 19.51 35.80 -48.43
N ASP C 303 19.63 36.73 -49.38
CA ASP C 303 18.92 38.00 -49.26
C ASP C 303 17.41 37.76 -49.30
N PRO C 304 16.64 38.36 -48.42
CA PRO C 304 15.18 38.28 -48.53
C PRO C 304 14.71 38.90 -49.83
N PRO C 305 14.07 38.12 -50.70
CA PRO C 305 13.71 38.64 -52.02
C PRO C 305 12.78 39.83 -51.93
N ARG C 306 13.01 40.81 -52.82
CA ARG C 306 12.21 42.01 -52.88
C ARG C 306 10.93 41.83 -53.68
N GLY C 307 10.69 40.63 -54.21
CA GLY C 307 9.57 40.40 -55.09
C GLY C 307 8.25 40.24 -54.37
N CYS C 308 7.66 41.35 -53.93
CA CYS C 308 6.28 41.32 -53.47
C CYS C 308 5.42 40.51 -54.42
N VAL C 309 5.36 40.94 -55.69
CA VAL C 309 4.60 40.22 -56.70
C VAL C 309 5.19 38.83 -56.95
N GLY C 310 6.52 38.74 -57.02
CA GLY C 310 7.17 37.53 -57.50
C GLY C 310 7.08 36.30 -56.62
N ASN C 311 7.74 36.34 -55.46
CA ASN C 311 7.90 35.16 -54.62
C ASN C 311 6.84 35.14 -53.52
N THR C 312 6.34 33.94 -53.23
CA THR C 312 5.37 33.73 -52.17
C THR C 312 5.91 32.88 -51.03
N ASN C 313 7.22 32.65 -50.99
CA ASN C 313 7.84 31.82 -49.98
C ASN C 313 8.51 32.71 -48.92
N ILE C 314 9.24 32.08 -47.99
CA ILE C 314 9.84 32.77 -46.86
C ILE C 314 11.36 32.66 -46.99
N TRP C 315 12.04 33.79 -46.84
CA TRP C 315 13.50 33.81 -46.88
C TRP C 315 14.07 33.10 -45.66
N LYS C 316 15.16 32.36 -45.87
CA LYS C 316 15.83 31.68 -44.76
C LYS C 316 16.42 32.68 -43.77
N THR C 317 16.74 33.89 -44.23
CA THR C 317 17.20 34.96 -43.35
C THR C 317 15.97 35.71 -42.82
N GLY C 318 15.19 34.98 -42.02
CA GLY C 318 13.99 35.49 -41.40
C GLY C 318 14.21 35.63 -39.91
N PRO C 319 13.77 34.62 -39.15
CA PRO C 319 14.05 34.63 -37.70
C PRO C 319 15.53 34.61 -37.38
N LEU C 320 16.39 34.27 -38.35
CA LEU C 320 17.83 34.33 -38.14
C LEU C 320 18.27 35.73 -37.72
N PHE C 321 17.62 36.76 -38.26
CA PHE C 321 17.93 38.12 -37.83
C PHE C 321 17.59 38.33 -36.36
N LYS C 322 16.41 37.85 -35.95
CA LYS C 322 16.03 37.93 -34.54
C LYS C 322 16.89 37.04 -33.68
N ARG C 323 17.45 35.97 -34.25
CA ARG C 323 18.30 35.07 -33.47
C ARG C 323 19.56 35.76 -32.99
N VAL C 324 19.97 36.85 -33.63
CA VAL C 324 21.18 37.55 -33.25
C VAL C 324 20.90 38.94 -32.66
N LEU C 325 19.75 39.54 -32.96
CA LEU C 325 19.42 40.84 -32.37
C LEU C 325 19.30 40.74 -30.85
N MET C 326 18.68 39.67 -30.36
CA MET C 326 18.63 39.45 -28.92
C MET C 326 20.02 39.24 -28.31
N SER C 327 20.95 38.70 -29.09
CA SER C 327 22.33 38.53 -28.64
C SER C 327 23.12 39.83 -28.59
N SER C 328 22.63 40.88 -29.25
CA SER C 328 23.34 42.14 -29.27
C SER C 328 23.33 42.80 -27.90
N LYS C 329 24.47 43.38 -27.52
CA LYS C 329 24.62 44.09 -26.25
C LYS C 329 25.28 45.44 -26.58
N TYR C 330 24.45 46.45 -26.78
CA TYR C 330 24.94 47.77 -27.18
C TYR C 330 25.75 48.40 -26.05
N ALA C 331 26.77 49.17 -26.41
CA ALA C 331 27.67 49.74 -25.41
C ALA C 331 27.00 50.88 -24.66
N ASP C 332 26.69 51.97 -25.36
CA ASP C 332 26.04 53.12 -24.76
C ASP C 332 25.67 54.10 -25.86
N GLY C 333 24.56 54.81 -25.66
CA GLY C 333 24.15 55.86 -26.59
C GLY C 333 23.71 57.11 -25.86
N VAL C 334 23.07 58.04 -26.59
CA VAL C 334 22.52 59.23 -25.94
C VAL C 334 21.45 58.84 -24.94
N THR C 335 20.70 57.77 -25.22
CA THR C 335 19.71 57.23 -24.31
C THR C 335 20.30 56.22 -23.34
N GLY C 336 21.61 56.22 -23.15
CA GLY C 336 22.24 55.27 -22.27
C GLY C 336 22.23 53.86 -22.86
N ARG C 337 22.29 52.88 -21.96
CA ARG C 337 22.30 51.49 -22.36
C ARG C 337 20.96 51.10 -22.98
N VAL C 338 21.00 50.44 -24.13
CA VAL C 338 19.82 49.94 -24.81
C VAL C 338 20.03 48.45 -25.03
N GLU C 339 19.44 47.63 -24.17
CA GLU C 339 19.58 46.18 -24.23
C GLU C 339 18.20 45.55 -24.10
N PHE C 340 18.01 44.42 -24.78
CA PHE C 340 16.71 43.76 -24.86
C PHE C 340 16.73 42.46 -24.08
N ASN C 341 15.65 42.19 -23.36
CA ASN C 341 15.51 40.97 -22.57
C ASN C 341 15.03 39.83 -23.47
N GLU C 342 14.65 38.71 -22.84
CA GLU C 342 14.15 37.57 -23.59
C GLU C 342 12.79 37.86 -24.22
N ASP C 343 11.99 38.71 -23.57
CA ASP C 343 10.67 39.05 -24.11
C ASP C 343 10.79 39.74 -25.46
N GLY C 344 11.74 40.66 -25.58
CA GLY C 344 11.91 41.46 -26.78
C GLY C 344 11.53 42.91 -26.65
N ASP C 345 11.62 43.49 -25.46
CA ASP C 345 11.23 44.87 -25.20
C ASP C 345 12.39 45.62 -24.55
N ARG C 346 12.15 46.90 -24.27
CA ARG C 346 13.16 47.73 -23.63
C ARG C 346 13.43 47.24 -22.21
N LYS C 347 14.69 47.29 -21.81
CA LYS C 347 15.12 46.83 -20.51
C LYS C 347 16.02 47.88 -19.85
N PHE C 348 15.97 47.92 -18.52
CA PHE C 348 16.84 48.77 -17.71
C PHE C 348 16.67 50.25 -18.08
N ALA C 349 15.42 50.68 -18.12
CA ALA C 349 15.11 52.07 -18.44
C ALA C 349 15.25 52.95 -17.21
N GLN C 350 14.92 54.22 -17.36
CA GLN C 350 14.97 55.19 -16.28
C GLN C 350 13.62 55.89 -16.17
N TYR C 351 13.08 55.94 -14.95
CA TYR C 351 11.81 56.58 -14.69
C TYR C 351 12.01 57.78 -13.78
N SER C 352 11.40 58.90 -14.15
CA SER C 352 11.47 60.13 -13.39
C SER C 352 10.22 60.24 -12.52
N ILE C 353 10.41 60.22 -11.20
CA ILE C 353 9.29 60.21 -10.26
C ILE C 353 8.81 61.64 -10.09
N MET C 354 7.63 61.94 -10.65
CA MET C 354 7.10 63.30 -10.64
C MET C 354 6.10 63.48 -9.50
N ASN C 355 5.53 64.68 -9.43
CA ASN C 355 4.52 65.01 -8.43
C ASN C 355 3.74 66.21 -8.93
N LEU C 356 2.56 66.40 -8.35
CA LEU C 356 1.71 67.55 -8.64
C LEU C 356 1.69 68.46 -7.42
N GLN C 357 1.90 69.76 -7.64
CA GLN C 357 1.95 70.72 -6.55
C GLN C 357 1.48 72.07 -7.09
N ASN C 358 0.30 72.51 -6.63
CA ASN C 358 -0.26 73.80 -6.99
C ASN C 358 -0.37 73.96 -8.51
N ARG C 359 -0.87 72.91 -9.16
CA ARG C 359 -1.08 72.89 -10.61
C ARG C 359 0.22 73.14 -11.38
N LYS C 360 1.35 72.72 -10.80
CA LYS C 360 2.65 72.88 -11.43
C LYS C 360 3.50 71.67 -11.06
N LEU C 361 3.65 70.73 -12.00
CA LEU C 361 4.39 69.52 -11.72
C LEU C 361 5.87 69.82 -11.50
N VAL C 362 6.50 69.04 -10.63
CA VAL C 362 7.91 69.17 -10.31
C VAL C 362 8.53 67.78 -10.24
N GLN C 363 9.83 67.75 -10.00
CA GLN C 363 10.58 66.50 -9.91
C GLN C 363 10.86 66.17 -8.45
N VAL C 364 10.80 64.88 -8.13
CA VAL C 364 11.04 64.41 -6.77
C VAL C 364 12.23 63.46 -6.74
N GLY C 365 12.13 62.35 -7.49
CA GLY C 365 13.17 61.34 -7.47
C GLY C 365 13.41 60.75 -8.85
N ILE C 366 14.42 59.89 -8.92
CA ILE C 366 14.82 59.23 -10.16
C ILE C 366 14.96 57.74 -9.87
N TYR C 367 14.45 56.91 -10.78
CA TYR C 367 14.56 55.47 -10.68
C TYR C 367 15.43 54.93 -11.80
N ASN C 368 16.31 53.97 -11.48
CA ASN C 368 17.17 53.36 -12.48
C ASN C 368 17.63 52.01 -11.93
N GLY C 369 17.12 50.92 -12.52
CA GLY C 369 17.53 49.60 -12.10
C GLY C 369 16.76 49.14 -10.89
N THR C 370 17.41 49.20 -9.73
CA THR C 370 16.74 49.08 -8.43
C THR C 370 16.95 50.30 -7.56
N HIS C 371 17.67 51.31 -8.06
CA HIS C 371 18.01 52.49 -7.27
C HIS C 371 16.87 53.50 -7.31
N VAL C 372 16.33 53.83 -6.14
CA VAL C 372 15.39 54.93 -5.99
C VAL C 372 16.09 56.01 -5.18
N ILE C 373 16.13 57.23 -5.71
CA ILE C 373 16.95 58.30 -5.17
C ILE C 373 16.02 59.41 -4.67
N PRO C 374 15.90 59.59 -3.36
CA PRO C 374 15.19 60.77 -2.85
C PRO C 374 16.05 62.02 -2.99
N ASN C 375 15.37 63.15 -3.15
CA ASN C 375 16.07 64.42 -3.38
C ASN C 375 15.06 65.56 -3.29
N ASP C 376 15.58 66.78 -3.45
CA ASP C 376 14.78 67.99 -3.58
C ASP C 376 13.90 68.26 -2.36
N ARG C 377 12.82 69.00 -2.57
CA ARG C 377 11.97 69.46 -1.48
C ARG C 377 11.14 68.30 -0.92
N LYS C 378 10.53 68.57 0.23
CA LYS C 378 9.66 67.58 0.87
C LYS C 378 8.41 67.34 0.03
N ILE C 379 7.97 66.08 0.02
CA ILE C 379 6.82 65.68 -0.78
C ILE C 379 5.54 66.09 -0.06
N ILE C 380 4.64 66.73 -0.81
CA ILE C 380 3.35 67.18 -0.29
C ILE C 380 2.30 66.15 -0.67
N TRP C 381 1.52 65.71 0.30
CA TRP C 381 0.50 64.70 0.12
C TRP C 381 -0.89 65.27 0.36
N PRO C 382 -1.94 64.65 -0.20
CA PRO C 382 -3.28 65.24 -0.11
C PRO C 382 -3.75 65.40 1.34
N GLY C 383 -4.55 66.45 1.55
CA GLY C 383 -5.05 66.78 2.87
C GLY C 383 -4.22 67.79 3.63
N GLY C 384 -3.05 68.16 3.11
CA GLY C 384 -2.17 69.11 3.77
C GLY C 384 -1.22 68.50 4.76
N GLU C 385 -1.43 67.25 5.17
CA GLU C 385 -0.53 66.60 6.11
C GLU C 385 0.81 66.33 5.44
N THR C 386 1.89 66.48 6.21
CA THR C 386 3.24 66.28 5.72
C THR C 386 3.90 65.05 6.35
N GLU C 387 3.11 64.02 6.62
CA GLU C 387 3.60 62.79 7.22
C GLU C 387 3.34 61.62 6.29
N LYS C 388 3.73 60.43 6.74
CA LYS C 388 3.48 59.20 5.99
C LYS C 388 2.47 58.34 6.73
N PRO C 389 1.20 58.38 6.36
CA PRO C 389 0.20 57.56 7.05
C PRO C 389 0.43 56.08 6.80
N ARG C 390 -0.07 55.26 7.74
CA ARG C 390 0.11 53.82 7.66
C ARG C 390 -0.62 53.19 6.48
N GLY C 391 -1.51 53.93 5.83
CA GLY C 391 -2.21 53.43 4.66
C GLY C 391 -3.45 52.61 4.95
N TYR C 392 -3.75 52.35 6.21
CA TYR C 392 -4.95 51.61 6.57
C TYR C 392 -5.20 51.76 8.06
N GLN C 393 -6.45 52.02 8.40
CA GLN C 393 -6.88 52.17 9.80
C GLN C 393 -7.93 51.12 10.11
N MET C 394 -7.70 50.36 11.18
CA MET C 394 -8.53 49.20 11.48
C MET C 394 -9.94 49.62 11.84
N SER C 395 -10.90 48.77 11.51
CA SER C 395 -12.30 48.98 11.82
C SER C 395 -12.70 48.12 13.02
N THR C 396 -13.90 48.39 13.54
CA THR C 396 -14.44 47.66 14.67
C THR C 396 -15.82 47.05 14.40
N ARG C 397 -16.36 47.22 13.20
CA ARG C 397 -17.64 46.64 12.83
C ARG C 397 -17.38 45.60 11.74
N LEU C 398 -17.07 44.38 12.16
CA LEU C 398 -16.83 43.27 11.25
C LEU C 398 -18.12 42.48 11.02
N LYS C 399 -18.09 41.64 9.99
CA LYS C 399 -19.27 40.94 9.53
C LYS C 399 -19.13 39.43 9.76
N ILE C 400 -20.26 38.77 10.01
CA ILE C 400 -20.28 37.36 10.38
C ILE C 400 -21.25 36.62 9.45
N VAL C 401 -20.87 35.43 9.03
CA VAL C 401 -21.70 34.54 8.23
C VAL C 401 -21.78 33.20 8.94
N THR C 402 -23.00 32.66 9.07
CA THR C 402 -23.22 31.42 9.79
C THR C 402 -24.34 30.64 9.10
N ILE C 403 -24.28 29.32 9.19
CA ILE C 403 -25.22 28.44 8.52
C ILE C 403 -26.12 27.81 9.56
N HIS C 404 -27.19 27.16 9.09
CA HIS C 404 -28.19 26.55 9.95
C HIS C 404 -27.77 25.12 10.26
N GLN C 405 -27.55 24.83 11.55
CA GLN C 405 -27.24 23.49 12.03
C GLN C 405 -28.00 23.26 13.33
N GLU C 406 -28.57 22.07 13.47
CA GLU C 406 -29.52 21.83 14.56
C GLU C 406 -28.93 21.98 15.95
N PRO C 407 -27.80 21.37 16.30
CA PRO C 407 -27.31 21.51 17.69
C PRO C 407 -26.50 22.77 17.93
N PHE C 408 -26.21 23.56 16.90
CA PHE C 408 -25.29 24.67 17.03
C PHE C 408 -25.95 26.03 16.84
N VAL C 409 -26.76 26.19 15.80
CA VAL C 409 -27.38 27.47 15.46
C VAL C 409 -28.87 27.23 15.23
N TYR C 410 -29.67 27.47 16.26
CA TYR C 410 -31.12 27.39 16.13
C TYR C 410 -31.63 28.58 15.34
N VAL C 411 -32.78 28.41 14.69
CA VAL C 411 -33.44 29.48 13.96
C VAL C 411 -34.91 29.49 14.36
N LYS C 412 -35.40 30.65 14.80
CA LYS C 412 -36.78 30.81 15.21
C LYS C 412 -37.34 32.11 14.64
N PRO C 413 -38.62 32.16 14.35
CA PRO C 413 -39.23 33.40 13.86
C PRO C 413 -39.46 34.40 15.00
N THR C 414 -39.72 35.64 14.61
CA THR C 414 -39.99 36.69 15.57
C THR C 414 -41.48 37.07 15.56
N MET C 415 -41.88 37.84 16.55
CA MET C 415 -43.26 38.28 16.68
C MET C 415 -43.48 39.54 15.85
N SER C 416 -44.61 40.20 16.05
CA SER C 416 -44.90 41.44 15.33
C SER C 416 -43.96 42.57 15.74
N ASP C 417 -43.58 42.62 17.01
CA ASP C 417 -42.72 43.69 17.50
C ASP C 417 -41.32 43.67 16.92
N GLY C 418 -40.86 42.53 16.41
CA GLY C 418 -39.56 42.47 15.75
C GLY C 418 -38.50 41.76 16.56
N THR C 419 -38.55 41.91 17.88
CA THR C 419 -37.54 41.31 18.75
C THR C 419 -37.86 39.83 18.98
N CYS C 420 -37.14 39.20 19.90
CA CYS C 420 -37.26 37.77 20.15
C CYS C 420 -37.61 37.54 21.62
N LYS C 421 -38.53 36.61 21.85
CA LYS C 421 -38.96 36.33 23.21
C LYS C 421 -37.87 35.60 23.98
N GLU C 422 -37.56 36.07 25.18
CA GLU C 422 -36.53 35.47 26.01
C GLU C 422 -37.12 34.30 26.80
N GLU C 423 -36.36 33.22 26.87
CA GLU C 423 -36.73 32.01 27.58
C GLU C 423 -35.71 31.72 28.68
N PHE C 424 -35.93 30.61 29.39
CA PHE C 424 -35.07 30.24 30.50
C PHE C 424 -34.71 28.78 30.41
N THR C 425 -33.48 28.45 30.80
CA THR C 425 -33.01 27.07 30.82
C THR C 425 -33.40 26.42 32.15
N VAL C 426 -32.80 25.26 32.44
CA VAL C 426 -33.12 24.55 33.68
C VAL C 426 -32.75 25.39 34.90
N ASN C 427 -31.70 26.20 34.81
CA ASN C 427 -31.28 27.06 35.90
C ASN C 427 -32.01 28.40 35.91
N GLY C 428 -32.89 28.66 34.95
CA GLY C 428 -33.61 29.91 34.91
C GLY C 428 -32.79 31.10 34.49
N ASP C 429 -31.67 30.88 33.81
CA ASP C 429 -30.84 31.98 33.36
C ASP C 429 -31.32 32.52 32.02
N PRO C 430 -31.03 33.78 31.71
CA PRO C 430 -31.44 34.34 30.41
C PRO C 430 -30.71 33.68 29.26
N VAL C 431 -31.34 33.71 28.09
CA VAL C 431 -30.79 33.15 26.86
C VAL C 431 -30.66 34.27 25.85
N LYS C 432 -29.45 34.47 25.34
CA LYS C 432 -29.21 35.54 24.39
C LYS C 432 -29.92 35.26 23.06
N LYS C 433 -30.49 36.30 22.47
CA LYS C 433 -31.37 36.18 21.31
C LYS C 433 -30.99 37.20 20.24
N VAL C 434 -29.71 37.23 19.88
CA VAL C 434 -29.22 38.20 18.90
C VAL C 434 -30.01 38.06 17.60
N ILE C 435 -30.44 39.20 17.06
CA ILE C 435 -31.29 39.21 15.88
C ILE C 435 -30.46 38.85 14.65
N CYS C 436 -31.02 38.00 13.79
CA CYS C 436 -30.37 37.57 12.57
C CYS C 436 -31.25 37.88 11.38
N THR C 437 -30.66 38.45 10.34
CA THR C 437 -31.36 38.71 9.08
C THR C 437 -30.90 37.69 8.04
N GLY C 438 -31.86 37.22 7.23
CA GLY C 438 -31.56 36.21 6.23
C GLY C 438 -32.77 35.89 5.38
N PRO C 439 -32.58 34.99 4.41
CA PRO C 439 -33.66 34.67 3.48
C PRO C 439 -34.62 33.62 4.04
N ASN C 440 -35.91 33.95 4.02
CA ASN C 440 -36.94 32.98 4.33
C ASN C 440 -37.07 31.98 3.19
N ASP C 441 -37.79 30.88 3.46
CA ASP C 441 -38.03 29.84 2.47
C ASP C 441 -36.71 29.26 1.95
N THR C 442 -36.05 28.53 2.86
CA THR C 442 -34.71 27.98 2.65
C THR C 442 -34.52 27.36 1.27
N SER C 443 -35.58 26.82 0.69
CA SER C 443 -35.54 26.37 -0.70
C SER C 443 -35.54 27.60 -1.60
N PRO C 444 -34.44 27.89 -2.29
CA PRO C 444 -34.33 29.18 -3.00
C PRO C 444 -35.01 29.18 -4.36
N GLY C 445 -35.87 28.19 -4.62
CA GLY C 445 -36.63 28.20 -5.86
C GLY C 445 -37.51 29.44 -5.98
N SER C 446 -38.21 29.78 -4.91
CA SER C 446 -38.95 31.04 -4.87
C SER C 446 -38.00 32.19 -4.61
N PRO C 447 -38.33 33.40 -5.07
CA PRO C 447 -37.48 34.57 -4.79
C PRO C 447 -37.35 34.80 -3.29
N ARG C 448 -36.16 35.22 -2.87
CA ARG C 448 -35.87 35.39 -1.45
C ARG C 448 -36.44 36.70 -0.92
N HIS C 449 -36.57 36.77 0.40
CA HIS C 449 -37.02 37.97 1.09
C HIS C 449 -36.20 38.12 2.37
N THR C 450 -35.41 39.19 2.44
CA THR C 450 -34.49 39.41 3.56
C THR C 450 -35.30 39.85 4.77
N VAL C 451 -35.81 38.88 5.51
CA VAL C 451 -36.60 39.15 6.71
C VAL C 451 -35.78 38.79 7.95
N PRO C 452 -36.01 39.44 9.09
CA PRO C 452 -35.25 39.12 10.30
C PRO C 452 -35.85 37.97 11.11
N GLN C 453 -34.98 37.20 11.74
CA GLN C 453 -35.40 36.10 12.61
C GLN C 453 -34.60 36.10 13.92
N CYS C 454 -34.74 35.03 14.70
CA CYS C 454 -34.09 34.91 15.99
C CYS C 454 -33.15 33.71 16.00
N CYS C 455 -32.04 33.85 16.73
CA CYS C 455 -31.05 32.80 16.85
C CYS C 455 -30.63 32.66 18.31
N TYR C 456 -30.33 31.43 18.71
CA TYR C 456 -29.82 31.13 20.04
C TYR C 456 -29.31 29.69 20.06
N GLY C 457 -28.14 29.49 20.66
CA GLY C 457 -27.58 28.16 20.72
C GLY C 457 -26.24 28.05 21.40
N PHE C 458 -25.34 27.27 20.81
CA PHE C 458 -24.02 27.01 21.40
C PHE C 458 -22.91 27.82 20.77
N CYS C 459 -23.04 28.18 19.49
CA CYS C 459 -21.97 28.90 18.80
C CYS C 459 -22.01 30.40 19.06
N ILE C 460 -23.17 31.03 18.85
CA ILE C 460 -23.26 32.48 18.99
C ILE C 460 -22.96 32.91 20.43
N ASP C 461 -23.27 32.04 21.40
CA ASP C 461 -22.89 32.33 22.78
C ASP C 461 -21.37 32.45 22.90
N LEU C 462 -20.63 31.54 22.24
CA LEU C 462 -19.19 31.66 22.20
C LEU C 462 -18.75 32.95 21.53
N LEU C 463 -19.54 33.43 20.55
CA LEU C 463 -19.19 34.68 19.87
C LEU C 463 -19.25 35.87 20.81
N ILE C 464 -20.30 35.94 21.64
CA ILE C 464 -20.47 37.08 22.53
C ILE C 464 -19.34 37.17 23.54
N LYS C 465 -18.98 36.04 24.14
CA LYS C 465 -17.88 36.03 25.11
C LYS C 465 -16.59 36.50 24.45
N LEU C 466 -16.31 36.01 23.24
CA LEU C 466 -15.15 36.50 22.50
C LEU C 466 -15.31 37.97 22.15
N ALA C 467 -16.54 38.40 21.83
CA ALA C 467 -16.77 39.78 21.44
C ALA C 467 -16.43 40.75 22.56
N ARG C 468 -16.91 40.45 23.78
CA ARG C 468 -16.65 41.35 24.90
C ARG C 468 -15.18 41.40 25.29
N THR C 469 -14.39 40.40 24.88
CA THR C 469 -12.99 40.38 25.29
C THR C 469 -12.16 41.37 24.49
N MET C 470 -12.40 41.48 23.17
CA MET C 470 -11.63 42.36 22.31
C MET C 470 -12.38 43.66 21.99
N GLN C 471 -13.58 43.84 22.54
CA GLN C 471 -14.32 45.09 22.44
C GLN C 471 -14.59 45.49 20.99
N PHE C 472 -15.36 44.66 20.30
CA PHE C 472 -15.82 44.98 18.96
C PHE C 472 -17.23 44.47 18.76
N THR C 473 -18.03 45.24 18.02
CA THR C 473 -19.41 44.90 17.74
C THR C 473 -19.48 43.90 16.59
N TYR C 474 -20.70 43.64 16.12
CA TYR C 474 -20.90 42.66 15.07
C TYR C 474 -22.31 42.80 14.52
N GLU C 475 -22.55 42.15 13.37
CA GLU C 475 -23.88 42.08 12.78
C GLU C 475 -23.93 40.81 11.94
N VAL C 476 -24.56 39.77 12.49
CA VAL C 476 -24.59 38.48 11.82
C VAL C 476 -25.67 38.45 10.76
N HIS C 477 -25.56 37.50 9.84
CA HIS C 477 -26.55 37.26 8.81
C HIS C 477 -26.24 35.94 8.12
N LEU C 478 -27.29 35.20 7.77
CA LEU C 478 -27.13 33.87 7.18
C LEU C 478 -26.66 34.00 5.74
N VAL C 479 -26.51 32.84 5.08
CA VAL C 479 -26.04 32.79 3.70
C VAL C 479 -27.20 32.38 2.81
N ALA C 480 -27.14 32.80 1.54
CA ALA C 480 -28.26 32.61 0.63
C ALA C 480 -28.42 31.15 0.19
N ASP C 481 -27.33 30.48 -0.18
CA ASP C 481 -27.44 29.17 -0.82
C ASP C 481 -27.66 28.03 0.18
N GLY C 482 -27.12 28.15 1.39
CA GLY C 482 -27.34 27.14 2.41
C GLY C 482 -26.41 25.96 2.39
N LYS C 483 -25.51 25.86 1.40
CA LYS C 483 -24.54 24.78 1.34
C LYS C 483 -23.18 25.28 1.82
N PHE C 484 -22.41 24.36 2.42
CA PHE C 484 -21.10 24.73 2.94
C PHE C 484 -20.20 25.24 1.82
N GLY C 485 -20.04 24.46 0.76
CA GLY C 485 -19.31 24.95 -0.41
C GLY C 485 -17.97 24.28 -0.59
N THR C 486 -17.71 23.85 -1.84
CA THR C 486 -16.40 23.32 -2.21
C THR C 486 -15.93 23.98 -3.49
N GLN C 487 -14.84 23.46 -4.06
CA GLN C 487 -14.28 23.99 -5.29
C GLN C 487 -14.95 23.30 -6.48
N GLU C 488 -15.29 24.09 -7.50
CA GLU C 488 -15.96 23.56 -8.67
C GLU C 488 -15.81 24.56 -9.82
N ARG C 489 -15.59 24.03 -11.02
CA ARG C 489 -15.31 24.88 -12.18
C ARG C 489 -16.58 25.54 -12.70
N VAL C 490 -16.40 26.64 -13.42
CA VAL C 490 -17.51 27.44 -13.93
C VAL C 490 -17.28 27.78 -15.40
N GLN C 491 -18.37 28.01 -16.11
CA GLN C 491 -18.38 28.52 -17.48
C GLN C 491 -17.64 27.60 -18.45
N ASN C 492 -17.35 26.36 -18.05
CA ASN C 492 -16.57 25.43 -18.85
C ASN C 492 -15.26 26.06 -19.30
N SER C 493 -14.67 26.87 -18.42
CA SER C 493 -13.48 27.64 -18.70
C SER C 493 -12.38 27.25 -17.70
N ASN C 494 -11.27 28.00 -17.74
CA ASN C 494 -10.14 27.76 -16.87
C ASN C 494 -10.20 28.57 -15.59
N LYS C 495 -11.40 28.92 -15.12
CA LYS C 495 -11.59 29.70 -13.91
C LYS C 495 -12.17 28.81 -12.82
N LYS C 496 -11.55 28.83 -11.64
CA LYS C 496 -11.98 28.04 -10.50
C LYS C 496 -12.51 28.99 -9.43
N GLU C 497 -13.77 28.81 -9.06
CA GLU C 497 -14.42 29.64 -8.06
C GLU C 497 -14.91 28.79 -6.90
N TRP C 498 -15.36 29.45 -5.84
CA TRP C 498 -15.78 28.79 -4.61
C TRP C 498 -17.28 29.01 -4.41
N ASN C 499 -18.06 27.98 -4.73
CA ASN C 499 -19.50 28.06 -4.56
C ASN C 499 -19.86 28.13 -3.08
N GLY C 500 -21.01 28.75 -2.80
CA GLY C 500 -21.57 28.72 -1.47
C GLY C 500 -20.90 29.67 -0.50
N MET C 501 -21.20 29.45 0.78
CA MET C 501 -20.67 30.31 1.83
C MET C 501 -19.16 30.25 1.91
N MET C 502 -18.54 29.17 1.43
CA MET C 502 -17.09 29.11 1.38
C MET C 502 -16.52 30.28 0.58
N GLY C 503 -17.15 30.60 -0.55
CA GLY C 503 -16.74 31.73 -1.37
C GLY C 503 -17.16 33.08 -0.85
N GLU C 504 -18.20 33.14 -0.02
CA GLU C 504 -18.66 34.43 0.49
C GLU C 504 -17.58 35.12 1.30
N LEU C 505 -16.66 34.35 1.88
CA LEU C 505 -15.54 34.95 2.58
C LEU C 505 -14.54 35.56 1.61
N LEU C 506 -14.37 34.94 0.43
CA LEU C 506 -13.41 35.47 -0.52
C LEU C 506 -13.96 36.63 -1.33
N SER C 507 -15.27 36.87 -1.30
CA SER C 507 -15.88 37.94 -2.06
C SER C 507 -15.83 39.28 -1.36
N GLY C 508 -15.28 39.35 -0.16
CA GLY C 508 -15.23 40.59 0.58
C GLY C 508 -16.53 41.01 1.22
N GLN C 509 -17.53 40.13 1.26
CA GLN C 509 -18.81 40.43 1.88
C GLN C 509 -18.86 39.98 3.34
N ALA C 510 -17.77 39.47 3.88
CA ALA C 510 -17.70 39.05 5.27
C ALA C 510 -16.24 39.00 5.69
N ASP C 511 -16.02 38.79 6.98
CA ASP C 511 -14.66 38.76 7.51
C ASP C 511 -14.38 37.60 8.45
N MET C 512 -15.38 36.86 8.92
CA MET C 512 -15.18 35.75 9.82
C MET C 512 -16.25 34.70 9.58
N ILE C 513 -15.95 33.46 9.98
CA ILE C 513 -16.88 32.34 9.87
C ILE C 513 -16.92 31.66 11.23
N VAL C 514 -18.04 31.77 11.93
CA VAL C 514 -18.25 31.10 13.21
C VAL C 514 -19.37 30.10 12.98
N ALA C 515 -19.00 28.86 12.69
CA ALA C 515 -19.94 27.82 12.28
C ALA C 515 -19.19 26.50 12.25
N PRO C 516 -19.90 25.37 12.23
CA PRO C 516 -19.22 24.08 12.17
C PRO C 516 -18.56 23.83 10.82
N LEU C 517 -17.39 24.44 10.61
CA LEU C 517 -16.62 24.27 9.39
C LEU C 517 -15.48 23.27 9.63
N THR C 518 -15.44 22.24 8.81
CA THR C 518 -14.46 21.17 8.96
C THR C 518 -13.13 21.56 8.33
N ILE C 519 -12.04 21.11 8.96
CA ILE C 519 -10.69 21.37 8.49
C ILE C 519 -10.29 20.24 7.53
N ASN C 520 -9.65 20.61 6.43
CA ASN C 520 -9.21 19.63 5.45
C ASN C 520 -8.13 20.27 4.59
N ASN C 521 -7.46 19.45 3.79
CA ASN C 521 -6.30 19.92 3.02
C ASN C 521 -6.69 21.02 2.05
N GLU C 522 -7.73 20.79 1.25
CA GLU C 522 -8.07 21.76 0.19
C GLU C 522 -8.46 23.11 0.77
N ARG C 523 -9.33 23.11 1.79
CA ARG C 523 -9.79 24.38 2.35
C ARG C 523 -8.66 25.11 3.06
N ALA C 524 -7.71 24.39 3.65
CA ALA C 524 -6.61 25.01 4.36
C ALA C 524 -5.52 25.53 3.42
N GLN C 525 -5.79 25.56 2.12
CA GLN C 525 -4.80 26.09 1.18
C GLN C 525 -4.54 27.58 1.45
N TYR C 526 -5.59 28.41 1.33
CA TYR C 526 -5.45 29.84 1.60
C TYR C 526 -6.58 30.33 2.51
N ILE C 527 -6.44 30.01 3.80
CA ILE C 527 -7.18 30.56 4.95
C ILE C 527 -6.37 30.13 6.16
N GLU C 528 -6.26 30.99 7.18
CA GLU C 528 -5.68 30.57 8.45
C GLU C 528 -6.79 30.05 9.36
N PHE C 529 -6.50 28.95 10.04
CA PHE C 529 -7.39 28.39 11.05
C PHE C 529 -6.76 28.58 12.42
N SER C 530 -7.57 29.02 13.37
CA SER C 530 -7.13 29.04 14.76
C SER C 530 -7.17 27.61 15.32
N LYS C 531 -6.73 27.45 16.55
CA LYS C 531 -6.74 26.14 17.17
C LYS C 531 -8.18 25.65 17.28
N PRO C 532 -8.46 24.38 17.01
CA PRO C 532 -9.84 23.91 17.04
C PRO C 532 -10.41 23.95 18.44
N PHE C 533 -11.73 24.09 18.52
CA PHE C 533 -12.43 24.20 19.80
C PHE C 533 -13.43 23.07 20.01
N LYS C 534 -13.34 21.99 19.24
CA LYS C 534 -14.16 20.81 19.46
C LYS C 534 -13.60 19.64 18.65
N TYR C 535 -13.40 18.49 19.29
CA TYR C 535 -12.85 17.33 18.62
C TYR C 535 -13.98 16.36 18.29
N GLN C 536 -13.83 15.65 17.17
CA GLN C 536 -14.95 14.96 16.56
C GLN C 536 -14.45 13.97 15.52
N GLY C 537 -15.39 13.29 14.88
CA GLY C 537 -15.11 12.36 13.80
C GLY C 537 -16.40 12.00 13.09
N LEU C 538 -16.28 11.13 12.10
CA LEU C 538 -17.45 10.67 11.37
C LEU C 538 -18.06 9.45 12.05
N THR C 539 -19.25 9.09 11.60
CA THR C 539 -19.99 7.97 12.17
C THR C 539 -21.10 7.57 11.20
N ILE C 540 -21.95 6.63 11.63
CA ILE C 540 -23.02 6.10 10.82
C ILE C 540 -24.33 6.24 11.58
N LEU C 541 -25.44 6.32 10.85
CA LEU C 541 -26.77 6.35 11.43
C LEU C 541 -27.66 5.37 10.70
N VAL C 542 -28.32 4.48 11.46
CA VAL C 542 -29.24 3.50 10.92
C VAL C 542 -30.50 3.46 11.76
N LYS C 543 -31.58 2.98 11.16
CA LYS C 543 -32.84 2.86 11.87
C LYS C 543 -32.74 1.79 12.95
N LYS C 544 -33.35 2.07 14.10
CA LYS C 544 -33.31 1.14 15.22
C LYS C 544 -34.09 -0.13 14.90
N GLU C 545 -33.56 -1.26 15.34
CA GLU C 545 -34.24 -2.53 15.15
C GLU C 545 -35.47 -2.61 16.04
N ILE C 546 -36.36 -3.54 15.70
CA ILE C 546 -37.60 -3.74 16.44
C ILE C 546 -37.31 -4.51 17.72
N PRO C 547 -37.69 -3.99 18.88
CA PRO C 547 -37.47 -4.72 20.14
C PRO C 547 -38.25 -6.04 20.17
N ARG C 548 -37.62 -7.04 20.79
CA ARG C 548 -38.24 -8.35 20.91
C ARG C 548 -39.36 -8.31 21.95
N SER C 549 -40.52 -8.83 21.57
CA SER C 549 -41.66 -8.84 22.47
C SER C 549 -41.59 -10.03 23.42
N THR C 550 -42.47 -10.02 24.42
CA THR C 550 -42.49 -11.09 25.42
C THR C 550 -43.49 -12.19 25.10
N LEU C 551 -44.32 -12.03 24.06
CA LEU C 551 -45.30 -13.03 23.65
C LEU C 551 -46.32 -13.28 24.76
N ASP C 552 -47.06 -14.38 24.64
CA ASP C 552 -48.09 -14.72 25.62
C ASP C 552 -47.51 -15.62 26.69
N SER C 553 -47.98 -15.45 27.93
CA SER C 553 -47.43 -16.20 29.05
C SER C 553 -47.60 -17.69 28.87
N PHE C 554 -48.82 -18.13 28.55
CA PHE C 554 -49.10 -19.56 28.49
C PHE C 554 -48.48 -20.21 27.27
N MET C 555 -48.45 -19.50 26.14
CA MET C 555 -48.10 -20.11 24.87
C MET C 555 -46.62 -20.07 24.55
N GLN C 556 -45.92 -19.01 24.96
CA GLN C 556 -44.51 -18.84 24.58
C GLN C 556 -43.63 -20.03 24.96
N PRO C 557 -43.66 -20.55 26.19
CA PRO C 557 -42.70 -21.59 26.57
C PRO C 557 -43.17 -23.02 26.40
N PHE C 558 -44.42 -23.26 26.03
CA PHE C 558 -44.89 -24.62 25.84
C PHE C 558 -45.85 -24.70 24.66
N GLN C 559 -45.72 -25.77 23.88
CA GLN C 559 -46.59 -26.01 22.75
C GLN C 559 -47.98 -26.42 23.23
N SER C 560 -49.00 -26.06 22.45
CA SER C 560 -50.38 -26.37 22.83
C SER C 560 -50.61 -27.86 22.99
N THR C 561 -49.79 -28.68 22.34
CA THR C 561 -49.95 -30.14 22.46
C THR C 561 -49.69 -30.60 23.89
N LEU C 562 -48.71 -30.00 24.56
CA LEU C 562 -48.34 -30.44 25.90
C LEU C 562 -49.50 -30.26 26.89
N TRP C 563 -50.22 -29.15 26.78
CA TRP C 563 -51.29 -28.86 27.73
C TRP C 563 -52.35 -29.96 27.72
N LEU C 564 -52.73 -30.43 26.53
CA LEU C 564 -53.70 -31.51 26.46
C LEU C 564 -53.15 -32.79 27.07
N LEU C 565 -51.91 -33.16 26.70
CA LEU C 565 -51.35 -34.44 27.13
C LEU C 565 -51.19 -34.48 28.65
N VAL C 566 -50.66 -33.41 29.24
CA VAL C 566 -50.53 -33.38 30.69
C VAL C 566 -51.90 -33.38 31.35
N GLY C 567 -52.84 -32.59 30.81
CA GLY C 567 -54.15 -32.49 31.41
C GLY C 567 -54.91 -33.81 31.41
N LEU C 568 -54.91 -34.50 30.26
CA LEU C 568 -55.63 -35.76 30.18
C LEU C 568 -55.01 -36.80 31.10
N SER C 569 -53.68 -36.81 31.21
CA SER C 569 -53.00 -37.79 32.06
C SER C 569 -53.46 -37.69 33.50
N VAL C 570 -53.84 -36.49 33.94
CA VAL C 570 -54.30 -36.31 35.32
C VAL C 570 -55.50 -37.21 35.59
N HIS C 571 -56.51 -37.17 34.71
CA HIS C 571 -57.62 -38.10 34.83
C HIS C 571 -57.14 -39.53 34.71
N VAL C 572 -56.21 -39.79 33.78
CA VAL C 572 -55.69 -41.14 33.59
C VAL C 572 -55.04 -41.64 34.88
N VAL C 573 -54.08 -40.89 35.40
CA VAL C 573 -53.37 -41.32 36.60
C VAL C 573 -54.29 -41.36 37.81
N ALA C 574 -55.47 -40.74 37.73
CA ALA C 574 -56.43 -40.85 38.82
C ALA C 574 -57.20 -42.17 38.76
N VAL C 575 -57.29 -42.78 37.58
CA VAL C 575 -58.18 -43.92 37.40
C VAL C 575 -57.70 -45.11 38.22
N MET C 576 -56.51 -45.63 37.91
CA MET C 576 -56.08 -46.86 38.57
C MET C 576 -55.92 -46.69 40.07
N LEU C 577 -55.75 -45.46 40.56
CA LEU C 577 -55.80 -45.22 42.00
C LEU C 577 -57.07 -45.78 42.61
N TYR C 578 -58.22 -45.50 41.98
CA TYR C 578 -59.47 -46.10 42.45
C TYR C 578 -59.43 -47.61 42.30
N LEU C 579 -58.87 -48.11 41.19
CA LEU C 579 -58.78 -49.55 40.98
C LEU C 579 -57.86 -50.19 42.00
N LEU C 580 -56.80 -49.50 42.41
CA LEU C 580 -55.88 -50.04 43.40
C LEU C 580 -56.48 -50.17 44.79
N ASP C 581 -57.76 -49.84 44.96
CA ASP C 581 -58.42 -49.94 46.25
C ASP C 581 -59.23 -51.22 46.40
N ARG C 582 -59.13 -52.14 45.45
CA ARG C 582 -59.75 -53.46 45.53
C ARG C 582 -58.68 -54.54 45.69
N PHE C 583 -57.65 -54.22 46.47
CA PHE C 583 -56.50 -55.10 46.65
C PHE C 583 -56.64 -56.03 47.85
N SER C 584 -56.80 -55.47 49.04
CA SER C 584 -56.90 -56.28 50.25
C SER C 584 -57.92 -55.69 51.22
N THR C 602 -64.06 -43.97 47.11
CA THR C 602 -63.43 -42.69 47.41
C THR C 602 -63.00 -41.99 46.13
N LEU C 603 -63.90 -42.00 45.13
CA LEU C 603 -63.59 -41.38 43.85
C LEU C 603 -63.40 -39.88 43.99
N SER C 604 -64.25 -39.22 44.79
CA SER C 604 -64.13 -37.78 44.96
C SER C 604 -62.79 -37.41 45.58
N SER C 605 -62.23 -38.30 46.39
CA SER C 605 -60.92 -38.01 47.00
C SER C 605 -59.79 -38.17 45.99
N ALA C 606 -59.77 -39.29 45.26
CA ALA C 606 -58.60 -39.62 44.46
C ALA C 606 -58.31 -38.58 43.39
N MET C 607 -59.34 -38.10 42.71
CA MET C 607 -59.12 -37.15 41.63
C MET C 607 -58.54 -35.83 42.16
N TRP C 608 -58.98 -35.40 43.34
CA TRP C 608 -58.44 -34.18 43.92
C TRP C 608 -56.99 -34.37 44.37
N PHE C 609 -56.65 -35.58 44.82
CA PHE C 609 -55.30 -35.83 45.32
C PHE C 609 -54.26 -35.57 44.25
N SER C 610 -54.52 -36.01 43.02
CA SER C 610 -53.51 -35.90 41.97
C SER C 610 -53.51 -34.53 41.33
N TRP C 611 -54.69 -34.02 40.94
CA TRP C 611 -54.73 -32.73 40.25
C TRP C 611 -54.33 -31.60 41.17
N GLY C 612 -54.24 -31.84 42.47
CA GLY C 612 -53.76 -30.82 43.39
C GLY C 612 -52.25 -30.81 43.50
N VAL C 613 -51.64 -31.98 43.62
CA VAL C 613 -50.20 -32.05 43.91
C VAL C 613 -49.39 -31.46 42.75
N LEU C 614 -49.87 -31.63 41.52
CA LEU C 614 -49.20 -31.00 40.38
C LEU C 614 -49.27 -29.49 40.50
N LEU C 615 -50.32 -28.97 41.12
CA LEU C 615 -50.53 -27.53 41.21
C LEU C 615 -49.79 -26.89 42.38
N ASN C 616 -49.20 -27.70 43.27
CA ASN C 616 -48.49 -27.19 44.45
C ASN C 616 -49.41 -26.36 45.34
N SER C 617 -50.68 -26.75 45.38
CA SER C 617 -51.66 -26.09 46.22
C SER C 617 -51.50 -26.55 47.66
N GLY C 618 -52.33 -26.01 48.54
CA GLY C 618 -52.34 -26.41 49.93
C GLY C 618 -53.67 -27.00 50.33
N ILE C 619 -54.26 -27.79 49.43
CA ILE C 619 -55.58 -28.36 49.64
C ILE C 619 -55.48 -29.88 49.55
N GLY C 620 -56.13 -30.55 50.47
CA GLY C 620 -56.16 -32.00 50.53
C GLY C 620 -56.84 -32.45 51.80
N GLU C 621 -57.48 -33.62 51.71
CA GLU C 621 -58.23 -34.18 52.83
C GLU C 621 -57.62 -35.45 53.38
N GLY C 622 -57.39 -36.46 52.54
CA GLY C 622 -56.86 -37.72 53.01
C GLY C 622 -55.64 -38.20 52.24
N ALA C 623 -55.24 -39.44 52.49
CA ALA C 623 -54.09 -40.05 51.85
C ALA C 623 -54.42 -41.49 51.48
N PRO C 624 -53.80 -42.03 50.43
CA PRO C 624 -54.03 -43.43 50.10
C PRO C 624 -53.48 -44.36 51.18
N ARG C 625 -54.12 -45.52 51.32
CA ARG C 625 -53.77 -46.49 52.33
C ARG C 625 -53.23 -47.80 51.78
N SER C 626 -53.73 -48.26 50.63
CA SER C 626 -53.25 -49.50 50.06
C SER C 626 -51.78 -49.38 49.66
N PHE C 627 -51.05 -50.48 49.85
CA PHE C 627 -49.61 -50.45 49.60
C PHE C 627 -49.30 -50.29 48.11
N SER C 628 -50.19 -50.77 47.25
CA SER C 628 -49.93 -50.69 45.81
C SER C 628 -49.79 -49.25 45.33
N ALA C 629 -50.71 -48.38 45.74
CA ALA C 629 -50.65 -46.98 45.32
C ALA C 629 -49.53 -46.21 45.98
N ARG C 630 -48.97 -46.72 47.08
CA ARG C 630 -47.95 -46.00 47.81
C ARG C 630 -46.73 -45.72 46.95
N ILE C 631 -46.32 -46.70 46.15
CA ILE C 631 -45.17 -46.50 45.27
C ILE C 631 -45.53 -45.53 44.15
N LEU C 632 -46.73 -45.66 43.58
CA LEU C 632 -47.11 -44.80 42.45
C LEU C 632 -47.15 -43.34 42.86
N GLY C 633 -47.68 -43.04 44.04
CA GLY C 633 -47.75 -41.66 44.48
C GLY C 633 -46.38 -41.02 44.61
N MET C 634 -45.40 -41.79 45.10
CA MET C 634 -44.06 -41.24 45.31
C MET C 634 -43.46 -40.70 44.03
N VAL C 635 -43.46 -41.52 42.97
CA VAL C 635 -42.90 -41.08 41.70
C VAL C 635 -43.76 -39.99 41.08
N TRP C 636 -45.07 -40.02 41.32
CA TRP C 636 -45.96 -39.03 40.74
C TRP C 636 -45.61 -37.62 41.20
N ALA C 637 -45.25 -37.47 42.47
CA ALA C 637 -44.86 -36.16 42.98
C ALA C 637 -43.60 -35.67 42.28
N GLY C 638 -42.59 -36.53 42.16
CA GLY C 638 -41.36 -36.14 41.49
C GLY C 638 -41.59 -35.73 40.05
N PHE C 639 -42.65 -36.25 39.43
CA PHE C 639 -43.00 -35.83 38.07
C PHE C 639 -43.32 -34.34 38.04
N ALA C 640 -44.06 -33.86 39.04
CA ALA C 640 -44.47 -32.46 39.06
C ALA C 640 -43.27 -31.53 39.17
N MET C 641 -42.32 -31.85 40.05
CA MET C 641 -41.19 -30.95 40.28
C MET C 641 -40.38 -30.74 39.00
N ILE C 642 -40.15 -31.81 38.24
CA ILE C 642 -39.36 -31.69 37.02
C ILE C 642 -40.03 -30.75 36.03
N ILE C 643 -41.35 -30.90 35.85
CA ILE C 643 -42.07 -30.09 34.85
C ILE C 643 -41.98 -28.62 35.20
N VAL C 644 -42.32 -28.26 36.44
CA VAL C 644 -42.27 -26.85 36.83
C VAL C 644 -40.85 -26.34 36.78
N ALA C 645 -39.88 -27.18 37.15
CA ALA C 645 -38.48 -26.82 36.95
C ALA C 645 -38.16 -26.65 35.47
N SER C 646 -38.69 -27.55 34.64
CA SER C 646 -38.48 -27.42 33.20
C SER C 646 -39.08 -26.11 32.69
N TYR C 647 -40.24 -25.72 33.21
CA TYR C 647 -40.86 -24.47 32.78
C TYR C 647 -39.99 -23.28 33.13
N THR C 648 -39.58 -23.17 34.38
CA THR C 648 -38.82 -22.00 34.82
C THR C 648 -37.44 -21.95 34.21
N ALA C 649 -36.96 -23.05 33.63
CA ALA C 649 -35.62 -23.04 33.04
C ALA C 649 -35.60 -22.26 31.74
N ASN C 650 -36.36 -22.72 30.74
CA ASN C 650 -36.26 -22.13 29.41
C ASN C 650 -36.85 -20.73 29.34
N LEU C 651 -37.84 -20.50 30.15
CA LEU C 651 -38.39 -19.17 30.06
C LEU C 651 -37.20 -18.26 30.25
N ALA C 652 -36.29 -18.69 31.10
CA ALA C 652 -35.06 -18.02 31.33
C ALA C 652 -34.29 -17.93 30.05
N ALA C 653 -34.33 -18.93 29.19
CA ALA C 653 -33.72 -18.83 27.91
C ALA C 653 -34.26 -17.67 27.14
N PHE C 654 -35.57 -17.40 27.17
CA PHE C 654 -36.03 -16.26 26.45
C PHE C 654 -35.43 -15.03 26.95
N LEU C 655 -35.36 -14.85 28.25
CA LEU C 655 -34.74 -13.61 28.62
C LEU C 655 -33.23 -13.57 28.57
N VAL C 656 -32.62 -13.91 27.47
CA VAL C 656 -31.19 -13.68 27.42
C VAL C 656 -30.67 -13.79 25.98
N LEU C 657 -31.55 -14.04 25.03
CA LEU C 657 -31.15 -14.28 23.65
C LEU C 657 -31.75 -13.22 22.73
N ASP C 658 -30.94 -12.75 21.78
CA ASP C 658 -31.38 -11.71 20.85
C ASP C 658 -30.61 -11.87 19.54
N ARG C 659 -31.18 -11.30 18.48
CA ARG C 659 -30.60 -11.38 17.15
C ARG C 659 -29.61 -10.22 16.93
N PRO C 660 -28.66 -10.40 16.00
CA PRO C 660 -27.71 -9.33 15.71
C PRO C 660 -27.89 -8.74 14.32
N GLU C 661 -26.91 -9.00 13.44
CA GLU C 661 -26.99 -8.70 12.02
C GLU C 661 -26.91 -7.21 11.71
N GLU C 662 -27.99 -6.47 11.99
CA GLU C 662 -28.15 -5.11 11.46
C GLU C 662 -26.97 -4.21 11.79
N ARG C 663 -26.39 -4.36 12.99
CA ARG C 663 -25.28 -3.51 13.38
C ARG C 663 -24.11 -3.65 12.42
N ILE C 664 -23.78 -2.57 11.72
CA ILE C 664 -22.69 -2.55 10.76
C ILE C 664 -21.47 -1.93 11.44
N THR C 665 -20.31 -2.09 10.82
CA THR C 665 -19.03 -1.77 11.45
C THR C 665 -18.18 -0.85 10.56
N GLY C 666 -18.77 0.24 10.08
CA GLY C 666 -18.01 1.23 9.35
C GLY C 666 -17.56 0.76 7.98
N ILE C 667 -16.48 1.38 7.50
CA ILE C 667 -15.98 1.09 6.16
C ILE C 667 -15.53 -0.35 6.01
N ASN C 668 -15.00 -0.96 7.08
CA ASN C 668 -14.46 -2.30 6.98
C ASN C 668 -15.50 -3.36 6.68
N ASP C 669 -16.77 -3.08 6.95
CA ASP C 669 -17.83 -4.07 6.75
C ASP C 669 -17.97 -4.39 5.27
N PRO C 670 -17.95 -5.68 4.89
CA PRO C 670 -18.22 -6.04 3.49
C PRO C 670 -19.55 -5.55 2.99
N ARG C 671 -20.51 -5.29 3.88
CA ARG C 671 -21.83 -4.84 3.50
C ARG C 671 -21.83 -3.48 2.82
N LEU C 672 -20.76 -2.70 2.93
CA LEU C 672 -20.68 -1.38 2.33
C LEU C 672 -19.55 -1.24 1.32
N ARG C 673 -19.16 -2.32 0.64
CA ARG C 673 -18.17 -2.25 -0.43
C ARG C 673 -18.70 -2.75 -1.77
N ASN C 674 -19.81 -3.47 -1.78
CA ASN C 674 -20.46 -3.92 -3.02
C ASN C 674 -21.93 -3.54 -2.90
N PRO C 675 -22.27 -2.29 -3.14
CA PRO C 675 -23.63 -1.81 -2.86
C PRO C 675 -24.65 -2.49 -3.76
N SER C 676 -25.52 -3.28 -3.14
CA SER C 676 -26.64 -3.87 -3.85
C SER C 676 -27.76 -2.84 -3.99
N ASP C 677 -28.86 -3.25 -4.62
CA ASP C 677 -30.01 -2.38 -4.81
C ASP C 677 -30.96 -2.40 -3.62
N LYS C 678 -30.49 -2.80 -2.44
CA LYS C 678 -31.28 -2.78 -1.22
C LYS C 678 -30.87 -1.66 -0.27
N PHE C 679 -29.63 -1.19 -0.37
CA PHE C 679 -29.15 -0.13 0.51
C PHE C 679 -28.88 1.15 -0.27
N ILE C 680 -28.99 2.27 0.44
CA ILE C 680 -28.72 3.60 -0.12
C ILE C 680 -27.92 4.38 0.92
N TYR C 681 -26.82 4.98 0.50
CA TYR C 681 -26.07 5.87 1.37
C TYR C 681 -26.72 7.25 1.35
N ALA C 682 -26.09 8.20 2.04
CA ALA C 682 -26.59 9.57 2.08
C ALA C 682 -25.56 10.53 2.65
N THR C 683 -25.34 11.66 1.96
CA THR C 683 -24.49 12.72 2.47
C THR C 683 -25.07 14.06 2.05
N VAL C 684 -24.61 15.11 2.72
CA VAL C 684 -25.01 16.46 2.36
C VAL C 684 -24.19 16.89 1.15
N LYS C 685 -24.87 17.36 0.10
CA LYS C 685 -24.19 17.70 -1.14
C LYS C 685 -23.24 18.86 -0.94
N GLN C 686 -22.18 18.88 -1.74
CA GLN C 686 -21.26 20.02 -1.81
C GLN C 686 -20.67 20.33 -0.43
N SER C 687 -20.23 19.29 0.26
CA SER C 687 -19.82 19.40 1.65
C SER C 687 -18.45 18.76 1.87
N SER C 688 -18.04 18.72 3.14
CA SER C 688 -16.74 18.18 3.49
C SER C 688 -16.63 16.70 3.13
N VAL C 689 -17.71 15.95 3.35
CA VAL C 689 -17.66 14.50 3.15
C VAL C 689 -17.32 14.17 1.70
N ASP C 690 -17.92 14.91 0.75
CA ASP C 690 -17.66 14.63 -0.65
C ASP C 690 -16.19 14.81 -1.00
N ILE C 691 -15.52 15.75 -0.35
CA ILE C 691 -14.10 15.97 -0.64
C ILE C 691 -13.28 14.74 -0.24
N TYR C 692 -13.64 14.11 0.88
CA TYR C 692 -12.85 12.99 1.36
C TYR C 692 -12.94 11.79 0.43
N PHE C 693 -14.13 11.51 -0.11
CA PHE C 693 -14.31 10.33 -0.95
C PHE C 693 -13.66 10.52 -2.32
N ARG C 694 -14.09 11.53 -3.08
CA ARG C 694 -13.69 11.64 -4.47
C ARG C 694 -12.18 11.75 -4.63
N ARG C 695 -11.49 12.27 -3.62
CA ARG C 695 -10.03 12.36 -3.66
C ARG C 695 -9.35 11.05 -3.27
N GLN C 696 -10.10 10.05 -2.82
CA GLN C 696 -9.53 8.73 -2.59
C GLN C 696 -9.56 7.93 -3.89
N VAL C 697 -8.85 6.81 -3.90
CA VAL C 697 -8.74 6.00 -5.11
C VAL C 697 -9.45 4.67 -4.96
N GLU C 698 -9.04 3.85 -3.99
CA GLU C 698 -9.61 2.53 -3.84
C GLU C 698 -11.04 2.57 -3.29
N LEU C 699 -11.47 3.72 -2.79
CA LEU C 699 -12.84 3.86 -2.30
C LEU C 699 -13.82 4.29 -3.39
N SER C 700 -13.34 4.49 -4.63
CA SER C 700 -14.19 4.99 -5.69
C SER C 700 -15.36 4.07 -6.00
N THR C 701 -15.28 2.79 -5.62
CA THR C 701 -16.32 1.84 -5.98
C THR C 701 -17.65 2.19 -5.31
N MET C 702 -17.60 2.92 -4.19
CA MET C 702 -18.82 3.35 -3.53
C MET C 702 -19.19 4.80 -3.86
N TYR C 703 -18.25 5.58 -4.38
CA TYR C 703 -18.58 6.94 -4.77
C TYR C 703 -19.54 6.97 -5.95
N ARG C 704 -19.50 5.95 -6.80
CA ARG C 704 -20.41 5.93 -7.95
C ARG C 704 -21.84 5.75 -7.51
N HIS C 705 -22.07 4.83 -6.56
CA HIS C 705 -23.39 4.71 -5.94
C HIS C 705 -23.75 5.93 -5.10
N MET C 706 -22.77 6.76 -4.76
CA MET C 706 -23.00 7.83 -3.80
C MET C 706 -23.79 9.00 -4.38
N GLU C 707 -23.56 9.36 -5.64
CA GLU C 707 -24.09 10.61 -6.16
C GLU C 707 -25.59 10.53 -6.44
N LYS C 708 -26.13 9.33 -6.57
CA LYS C 708 -27.48 9.16 -7.10
C LYS C 708 -28.58 9.50 -6.09
N HIS C 709 -28.24 9.75 -4.83
CA HIS C 709 -29.27 9.94 -3.82
C HIS C 709 -28.98 11.06 -2.83
N ASN C 710 -27.87 11.78 -2.96
CA ASN C 710 -27.49 12.76 -1.95
C ASN C 710 -28.54 13.88 -1.87
N TYR C 711 -28.67 14.44 -0.67
CA TYR C 711 -29.76 15.34 -0.35
C TYR C 711 -29.31 16.80 -0.40
N GLU C 712 -30.19 17.70 0.03
CA GLU C 712 -29.95 19.14 -0.04
C GLU C 712 -29.38 19.72 1.24
N SER C 713 -29.90 19.35 2.41
CA SER C 713 -29.45 19.92 3.67
C SER C 713 -29.68 18.92 4.78
N ALA C 714 -29.11 19.22 5.96
CA ALA C 714 -29.12 18.27 7.06
C ALA C 714 -30.53 18.02 7.58
N ALA C 715 -31.34 19.07 7.73
CA ALA C 715 -32.63 18.92 8.39
C ALA C 715 -33.55 17.98 7.62
N GLU C 716 -33.54 18.06 6.30
CA GLU C 716 -34.41 17.20 5.51
C GLU C 716 -34.01 15.73 5.64
N ALA C 717 -32.71 15.46 5.70
CA ALA C 717 -32.23 14.06 5.68
C ALA C 717 -32.72 13.29 6.89
N ILE C 718 -32.65 13.90 8.08
CA ILE C 718 -33.06 13.19 9.29
C ILE C 718 -34.53 12.80 9.21
N GLN C 719 -35.39 13.72 8.76
CA GLN C 719 -36.81 13.40 8.64
C GLN C 719 -37.04 12.29 7.62
N ALA C 720 -36.13 12.13 6.65
CA ALA C 720 -36.32 11.12 5.62
C ALA C 720 -35.95 9.72 6.10
N VAL C 721 -35.19 9.58 7.18
CA VAL C 721 -34.76 8.27 7.63
C VAL C 721 -35.64 7.72 8.75
N ARG C 722 -36.49 8.56 9.36
CA ARG C 722 -37.38 8.07 10.42
C ARG C 722 -38.32 7.00 9.88
N ASP C 723 -38.91 7.23 8.72
CA ASP C 723 -39.63 6.19 8.00
C ASP C 723 -38.67 5.47 7.07
N ASN C 724 -39.12 4.33 6.54
CA ASN C 724 -38.24 3.51 5.71
C ASN C 724 -38.05 4.12 4.33
N LYS C 725 -37.17 5.10 4.24
CA LYS C 725 -36.77 5.66 2.95
C LYS C 725 -35.27 5.69 2.74
N LEU C 726 -34.46 5.73 3.80
CA LEU C 726 -33.02 5.63 3.72
C LEU C 726 -32.55 4.59 4.72
N HIS C 727 -31.64 3.72 4.27
CA HIS C 727 -31.14 2.65 5.13
C HIS C 727 -29.94 3.07 5.97
N ALA C 728 -29.22 4.12 5.55
CA ALA C 728 -28.04 4.56 6.27
C ALA C 728 -27.79 6.03 6.00
N PHE C 729 -27.00 6.65 6.87
CA PHE C 729 -26.63 8.05 6.76
C PHE C 729 -25.19 8.22 7.19
N ILE C 730 -24.50 9.19 6.58
CA ILE C 730 -23.11 9.49 6.91
C ILE C 730 -23.01 10.99 7.16
N TRP C 731 -22.51 11.35 8.34
CA TRP C 731 -22.36 12.76 8.72
C TRP C 731 -21.50 12.81 9.97
N ASP C 732 -21.28 14.02 10.47
CA ASP C 732 -20.45 14.20 11.66
C ASP C 732 -21.14 13.63 12.90
N SER C 733 -20.32 13.22 13.87
CA SER C 733 -20.86 12.70 15.13
C SER C 733 -21.40 13.83 16.01
N ALA C 734 -20.72 14.98 16.03
CA ALA C 734 -21.13 16.06 16.91
C ALA C 734 -22.52 16.58 16.58
N VAL C 735 -23.03 16.30 15.39
CA VAL C 735 -24.40 16.60 15.03
C VAL C 735 -25.31 15.39 15.24
N LEU C 736 -24.81 14.20 14.91
CA LEU C 736 -25.62 12.99 15.03
C LEU C 736 -25.81 12.59 16.48
N GLU C 737 -24.75 12.67 17.29
CA GLU C 737 -24.80 12.17 18.66
C GLU C 737 -25.89 12.86 19.48
N PHE C 738 -25.95 14.19 19.42
CA PHE C 738 -27.00 14.92 20.11
C PHE C 738 -28.37 14.53 19.59
N GLU C 739 -28.48 14.32 18.27
CA GLU C 739 -29.77 13.98 17.68
C GLU C 739 -30.28 12.65 18.21
N ALA C 740 -29.40 11.66 18.35
CA ALA C 740 -29.81 10.36 18.86
C ALA C 740 -30.16 10.43 20.35
N SER C 741 -29.39 11.20 21.12
CA SER C 741 -29.60 11.23 22.56
C SER C 741 -30.92 11.90 22.93
N GLN C 742 -31.21 13.04 22.33
CA GLN C 742 -32.47 13.73 22.63
C GLN C 742 -33.64 13.02 21.95
N LYS C 743 -33.63 12.95 20.63
CA LYS C 743 -34.61 12.18 19.89
C LYS C 743 -34.10 10.75 19.82
N CYS C 744 -34.68 9.87 20.62
CA CYS C 744 -34.14 8.54 20.88
C CYS C 744 -34.87 7.43 20.14
N ASP C 745 -35.28 7.71 18.89
CA ASP C 745 -35.76 6.64 18.02
C ASP C 745 -34.60 6.00 17.26
N LEU C 746 -33.52 6.75 17.04
CA LEU C 746 -32.38 6.28 16.25
C LEU C 746 -31.20 5.92 17.15
N VAL C 747 -30.08 5.56 16.53
CA VAL C 747 -28.90 5.12 17.27
C VAL C 747 -27.69 5.22 16.36
N THR C 748 -26.52 5.45 16.96
CA THR C 748 -25.25 5.43 16.25
C THR C 748 -24.55 4.09 16.49
N THR C 749 -23.42 3.89 15.80
CA THR C 749 -22.66 2.64 15.94
C THR C 749 -21.15 2.87 15.89
N GLY C 750 -20.56 3.05 17.06
CA GLY C 750 -19.18 2.67 17.32
C GLY C 750 -18.02 3.51 16.81
N GLU C 751 -17.70 3.41 15.53
CA GLU C 751 -16.36 3.72 15.05
C GLU C 751 -16.28 5.11 14.42
N LEU C 752 -15.04 5.50 14.12
CA LEU C 752 -14.72 6.79 13.52
C LEU C 752 -13.89 6.56 12.25
N PHE C 753 -13.79 7.61 11.44
CA PHE C 753 -13.10 7.52 10.16
C PHE C 753 -11.83 8.36 10.12
N PHE C 754 -11.93 9.66 10.40
CA PHE C 754 -10.76 10.52 10.43
C PHE C 754 -11.07 11.71 11.32
N ARG C 755 -10.11 12.09 12.16
CA ARG C 755 -10.35 13.05 13.23
C ARG C 755 -9.89 14.45 12.81
N SER C 756 -10.81 15.40 12.90
CA SER C 756 -10.50 16.81 12.74
C SER C 756 -11.33 17.59 13.76
N GLY C 757 -11.32 18.91 13.64
CA GLY C 757 -12.07 19.75 14.55
C GLY C 757 -12.52 21.02 13.87
N PHE C 758 -13.62 21.58 14.37
CA PHE C 758 -14.11 22.84 13.84
C PHE C 758 -13.17 23.97 14.22
N GLY C 759 -13.25 25.06 13.48
CA GLY C 759 -12.40 26.21 13.74
C GLY C 759 -12.96 27.46 13.13
N ILE C 760 -12.57 28.60 13.69
CA ILE C 760 -12.99 29.90 13.17
C ILE C 760 -12.24 30.18 11.87
N GLY C 761 -12.97 30.67 10.88
CA GLY C 761 -12.41 30.99 9.57
C GLY C 761 -12.10 32.47 9.49
N MET C 762 -10.93 32.80 8.96
CA MET C 762 -10.47 34.18 8.94
C MET C 762 -9.73 34.41 7.62
N ARG C 763 -9.92 35.61 7.07
CA ARG C 763 -9.29 35.92 5.79
C ARG C 763 -7.77 36.02 5.94
N LYS C 764 -7.08 35.92 4.81
CA LYS C 764 -5.62 35.89 4.82
C LYS C 764 -5.05 37.18 5.42
N ASP C 765 -3.91 37.04 6.09
CA ASP C 765 -3.06 38.08 6.66
C ASP C 765 -3.85 39.29 7.16
N SER C 766 -4.87 39.05 7.96
CA SER C 766 -5.61 40.08 8.65
C SER C 766 -5.15 40.19 10.10
N PRO C 767 -5.19 41.37 10.70
CA PRO C 767 -4.65 41.53 12.06
C PRO C 767 -5.35 40.68 13.11
N TRP C 768 -6.55 40.17 12.84
CA TRP C 768 -7.28 39.43 13.86
C TRP C 768 -6.88 37.96 13.95
N LYS C 769 -6.07 37.45 13.04
CA LYS C 769 -5.78 36.02 13.02
C LYS C 769 -5.01 35.59 14.27
N GLN C 770 -4.09 36.43 14.76
CA GLN C 770 -3.26 36.03 15.89
C GLN C 770 -4.02 36.17 17.21
N GLN C 771 -4.67 37.30 17.42
CA GLN C 771 -5.24 37.59 18.73
C GLN C 771 -6.38 36.65 19.09
N VAL C 772 -7.11 36.15 18.09
CA VAL C 772 -8.21 35.23 18.36
C VAL C 772 -7.69 33.94 18.96
N SER C 773 -6.52 33.49 18.52
CA SER C 773 -6.00 32.19 18.95
C SER C 773 -5.85 32.11 20.47
N LEU C 774 -5.28 33.15 21.08
CA LEU C 774 -5.10 33.12 22.53
C LEU C 774 -6.44 33.10 23.25
N SER C 775 -7.45 33.79 22.71
CA SER C 775 -8.74 33.86 23.37
C SER C 775 -9.39 32.49 23.49
N ILE C 776 -9.50 31.77 22.38
CA ILE C 776 -10.20 30.49 22.38
C ILE C 776 -9.47 29.48 23.26
N LEU C 777 -8.15 29.40 23.13
CA LEU C 777 -7.39 28.45 23.93
C LEU C 777 -7.53 28.74 25.42
N LYS C 778 -7.65 30.01 25.79
CA LYS C 778 -7.81 30.37 27.19
C LYS C 778 -9.11 29.83 27.77
N SER C 779 -10.12 29.62 26.93
CA SER C 779 -11.41 29.17 27.42
C SER C 779 -11.39 27.72 27.88
N HIS C 780 -10.42 26.92 27.41
CA HIS C 780 -10.40 25.51 27.75
C HIS C 780 -10.05 25.27 29.21
N GLU C 781 -8.99 25.92 29.71
CA GLU C 781 -8.50 25.60 31.05
C GLU C 781 -9.38 26.19 32.14
N ASN C 782 -10.10 27.28 31.86
CA ASN C 782 -10.95 27.90 32.87
C ASN C 782 -12.17 27.06 33.21
N GLY C 783 -12.47 26.02 32.43
CA GLY C 783 -13.70 25.29 32.60
C GLY C 783 -14.91 25.97 32.00
N PHE C 784 -14.73 27.13 31.35
CA PHE C 784 -15.86 27.86 30.80
C PHE C 784 -16.57 27.07 29.72
N MET C 785 -15.81 26.40 28.84
CA MET C 785 -16.43 25.65 27.75
C MET C 785 -17.29 24.52 28.27
N GLU C 786 -16.80 23.78 29.27
CA GLU C 786 -17.54 22.65 29.80
C GLU C 786 -18.89 23.07 30.38
N ASP C 787 -18.96 24.29 30.92
CA ASP C 787 -20.25 24.81 31.37
C ASP C 787 -21.22 24.92 30.20
N LEU C 788 -20.74 25.42 29.06
CA LEU C 788 -21.58 25.45 27.87
C LEU C 788 -21.89 24.03 27.38
N ASP C 789 -20.98 23.09 27.58
CA ASP C 789 -21.23 21.71 27.17
C ASP C 789 -22.41 21.13 27.92
N LYS C 790 -22.49 21.34 29.24
CA LYS C 790 -23.60 20.80 30.02
C LYS C 790 -24.92 21.46 29.65
N THR C 791 -24.88 22.71 29.19
CA THR C 791 -26.09 23.45 28.91
C THR C 791 -26.78 23.03 27.61
N TRP C 792 -26.02 22.65 26.59
CA TRP C 792 -26.59 22.50 25.25
C TRP C 792 -26.42 21.13 24.62
N VAL C 793 -25.53 20.27 25.12
CA VAL C 793 -25.24 19.03 24.40
C VAL C 793 -25.70 17.82 25.20
N ARG C 794 -25.09 17.60 26.37
CA ARG C 794 -25.35 16.40 27.16
C ARG C 794 -26.26 16.77 28.33
N TYR C 795 -27.56 16.84 28.04
CA TYR C 795 -28.53 17.17 29.08
C TYR C 795 -29.79 16.31 29.08
N GLN C 796 -30.02 15.49 28.04
CA GLN C 796 -31.10 14.50 28.07
C GLN C 796 -30.52 13.14 27.69
N GLU C 797 -31.09 12.09 28.29
CA GLU C 797 -30.62 10.73 28.07
C GLU C 797 -31.81 9.79 28.01
N CYS C 798 -32.00 9.15 26.86
CA CYS C 798 -32.93 8.04 26.73
C CYS C 798 -32.19 6.72 26.97
N ASP C 799 -32.82 5.62 26.60
CA ASP C 799 -32.29 4.29 26.86
C ASP C 799 -30.94 4.08 26.16
N SER C 800 -30.14 3.20 26.75
CA SER C 800 -28.81 2.85 26.25
C SER C 800 -28.56 1.40 26.63
N ARG C 801 -27.30 0.97 26.55
CA ARG C 801 -26.92 -0.39 26.93
C ARG C 801 -27.66 -1.43 26.08
N SER C 802 -27.25 -1.48 24.81
CA SER C 802 -27.94 -2.24 23.78
C SER C 802 -28.26 -3.69 24.18
N ASN C 803 -27.65 -4.20 25.26
CA ASN C 803 -28.03 -5.51 25.77
C ASN C 803 -29.53 -5.58 26.05
N ALA C 804 -30.10 -4.50 26.56
CA ALA C 804 -31.54 -4.30 26.72
C ALA C 804 -32.20 -5.35 27.59
N PRO C 805 -31.95 -5.36 28.91
CA PRO C 805 -32.77 -6.17 29.83
C PRO C 805 -34.01 -5.39 30.25
N ALA C 806 -35.17 -5.89 29.85
CA ALA C 806 -36.42 -5.15 29.97
C ALA C 806 -37.37 -5.85 30.94
N THR C 807 -38.01 -5.06 31.80
CA THR C 807 -39.03 -5.58 32.70
C THR C 807 -40.29 -5.95 31.93
N LEU C 808 -41.03 -6.92 32.44
CA LEU C 808 -42.37 -7.19 31.95
C LEU C 808 -43.36 -6.21 32.58
N THR C 809 -44.48 -6.00 31.90
CA THR C 809 -45.44 -4.97 32.29
C THR C 809 -46.85 -5.51 32.09
N PHE C 810 -47.83 -4.60 32.04
CA PHE C 810 -49.23 -4.97 31.94
C PHE C 810 -49.57 -5.79 30.71
N GLU C 811 -48.73 -5.75 29.67
CA GLU C 811 -49.01 -6.53 28.47
C GLU C 811 -49.13 -8.02 28.78
N ASN C 812 -48.45 -8.49 29.83
CA ASN C 812 -48.58 -9.87 30.24
C ASN C 812 -49.69 -10.09 31.27
N MET C 813 -50.28 -9.01 31.79
CA MET C 813 -51.36 -9.16 32.76
C MET C 813 -52.56 -9.86 32.15
N ALA C 814 -52.91 -9.51 30.91
CA ALA C 814 -54.05 -10.14 30.26
C ALA C 814 -53.85 -11.64 30.11
N GLY C 815 -52.61 -12.07 29.90
CA GLY C 815 -52.34 -13.49 29.72
C GLY C 815 -52.60 -14.34 30.95
N VAL C 816 -52.77 -13.73 32.12
CA VAL C 816 -52.97 -14.44 33.37
C VAL C 816 -54.26 -14.00 34.07
N PHE C 817 -54.43 -12.70 34.25
CA PHE C 817 -55.61 -12.22 34.98
C PHE C 817 -56.90 -12.55 34.26
N MET C 818 -56.92 -12.47 32.93
CA MET C 818 -58.17 -12.69 32.20
C MET C 818 -58.69 -14.10 32.39
N LEU C 819 -57.80 -15.09 32.37
CA LEU C 819 -58.24 -16.47 32.54
C LEU C 819 -58.75 -16.70 33.96
N VAL C 820 -58.00 -16.23 34.95
CA VAL C 820 -58.39 -16.45 36.34
C VAL C 820 -59.60 -15.61 36.71
N ALA C 821 -59.66 -14.35 36.24
CA ALA C 821 -60.88 -13.56 36.42
C ALA C 821 -62.03 -14.18 35.65
N GLY C 822 -61.74 -14.71 34.45
CA GLY C 822 -62.75 -15.45 33.71
C GLY C 822 -63.21 -16.68 34.46
N GLY C 823 -62.28 -17.35 35.16
CA GLY C 823 -62.67 -18.46 36.01
C GLY C 823 -63.62 -18.04 37.12
N ILE C 824 -63.48 -16.81 37.61
CA ILE C 824 -64.38 -16.32 38.66
C ILE C 824 -65.81 -16.29 38.14
N VAL C 825 -66.02 -15.67 36.98
CA VAL C 825 -67.36 -15.62 36.41
C VAL C 825 -67.78 -16.95 35.81
N ALA C 826 -66.82 -17.83 35.49
CA ALA C 826 -67.15 -19.16 35.02
C ALA C 826 -67.77 -20.01 36.12
N GLY C 827 -67.45 -19.75 37.38
CA GLY C 827 -67.98 -20.51 38.49
C GLY C 827 -69.18 -19.93 39.19
N ILE C 828 -69.59 -18.71 38.81
CA ILE C 828 -70.75 -18.09 39.45
C ILE C 828 -72.00 -18.92 39.20
N PHE C 829 -72.26 -19.27 37.94
CA PHE C 829 -73.40 -20.12 37.64
C PHE C 829 -73.13 -21.58 38.00
N LEU C 830 -71.86 -21.99 38.09
CA LEU C 830 -71.56 -23.32 38.61
C LEU C 830 -72.06 -23.48 40.04
N ILE C 831 -72.06 -22.40 40.81
CA ILE C 831 -72.69 -22.43 42.13
C ILE C 831 -74.17 -22.78 41.98
N PHE C 832 -74.85 -22.11 41.06
CA PHE C 832 -76.27 -22.38 40.83
C PHE C 832 -76.48 -23.82 40.36
N ILE C 833 -75.61 -24.31 39.49
CA ILE C 833 -75.76 -25.67 38.96
C ILE C 833 -75.62 -26.69 40.07
N GLU C 834 -74.57 -26.55 40.89
CA GLU C 834 -74.30 -27.57 41.91
C GLU C 834 -75.36 -27.54 43.01
N ILE C 835 -75.83 -26.36 43.38
CA ILE C 835 -76.88 -26.28 44.39
C ILE C 835 -78.16 -26.92 43.87
N ALA C 836 -78.43 -26.79 42.57
CA ALA C 836 -79.57 -27.47 41.98
C ALA C 836 -79.45 -28.99 42.12
N TYR C 837 -78.22 -29.51 42.02
CA TYR C 837 -78.00 -30.94 42.21
C TYR C 837 -78.36 -31.38 43.62
N LYS C 838 -78.03 -30.57 44.62
CA LYS C 838 -78.35 -30.93 46.00
C LYS C 838 -79.86 -31.04 46.21
N ARG C 839 -80.62 -30.12 45.63
CA ARG C 839 -82.07 -30.17 45.72
C ARG C 839 -82.68 -31.15 44.72
N HIS C 840 -81.90 -31.67 43.77
CA HIS C 840 -82.44 -32.62 42.81
C HIS C 840 -82.64 -34.00 43.40
N LYS C 841 -81.72 -34.46 44.25
CA LYS C 841 -81.83 -35.78 44.86
C LYS C 841 -81.46 -35.73 46.33
N SER D 65 -31.15 44.22 -54.99
CA SER D 65 -30.00 43.90 -55.84
C SER D 65 -28.70 43.95 -55.05
N ILE D 66 -28.62 43.13 -54.00
CA ILE D 66 -27.42 43.12 -53.16
C ILE D 66 -26.24 42.58 -53.96
N GLY D 67 -25.05 43.08 -53.62
CA GLY D 67 -23.83 42.73 -54.31
C GLY D 67 -23.11 41.59 -53.61
N ILE D 68 -22.95 40.48 -54.34
CA ILE D 68 -22.23 39.31 -53.87
C ILE D 68 -21.23 38.90 -54.95
N ALA D 69 -19.95 38.85 -54.60
CA ALA D 69 -18.90 38.48 -55.53
C ALA D 69 -18.18 37.24 -55.02
N VAL D 70 -17.68 36.44 -55.95
CA VAL D 70 -16.94 35.22 -55.64
C VAL D 70 -15.55 35.36 -56.25
N ILE D 71 -14.52 35.21 -55.42
CA ILE D 71 -13.13 35.28 -55.86
C ILE D 71 -12.48 33.95 -55.57
N LEU D 72 -11.80 33.39 -56.57
CA LEU D 72 -11.16 32.09 -56.45
C LEU D 72 -9.73 32.19 -56.95
N VAL D 73 -8.82 31.49 -56.29
CA VAL D 73 -7.40 31.49 -56.63
C VAL D 73 -6.97 30.07 -56.95
N GLY D 74 -6.30 29.89 -58.07
CA GLY D 74 -5.82 28.59 -58.49
C GLY D 74 -6.60 28.01 -59.66
N THR D 75 -6.66 26.68 -59.67
CA THR D 75 -7.35 25.94 -60.72
C THR D 75 -8.69 25.42 -60.20
N SER D 76 -9.73 25.55 -61.03
CA SER D 76 -11.07 25.09 -60.69
C SER D 76 -11.91 25.11 -61.95
N ASP D 77 -13.09 24.48 -61.86
CA ASP D 77 -14.07 24.50 -62.94
C ASP D 77 -15.03 25.65 -62.67
N GLU D 78 -14.77 26.79 -63.31
CA GLU D 78 -15.58 27.97 -63.06
C GLU D 78 -17.02 27.79 -63.55
N VAL D 79 -17.20 27.15 -64.71
CA VAL D 79 -18.53 27.02 -65.28
C VAL D 79 -19.41 26.11 -64.42
N ALA D 80 -18.83 25.07 -63.84
CA ALA D 80 -19.60 24.19 -62.96
C ALA D 80 -20.11 24.95 -61.74
N ILE D 81 -19.25 25.77 -61.13
CA ILE D 81 -19.67 26.57 -59.98
C ILE D 81 -20.72 27.59 -60.40
N LYS D 82 -20.55 28.19 -61.58
CA LYS D 82 -21.54 29.15 -62.07
C LYS D 82 -22.90 28.49 -62.26
N ASP D 83 -22.92 27.27 -62.79
CA ASP D 83 -24.17 26.53 -62.90
C ASP D 83 -24.73 26.20 -61.52
N ALA D 84 -23.87 25.81 -60.58
CA ALA D 84 -24.30 25.52 -59.22
C ALA D 84 -24.85 26.74 -58.51
N HIS D 85 -24.50 27.95 -58.96
CA HIS D 85 -25.07 29.16 -58.36
C HIS D 85 -26.57 29.20 -58.52
N GLU D 86 -27.08 28.86 -59.70
CA GLU D 86 -28.51 28.82 -59.97
C GLU D 86 -29.05 27.41 -59.76
N LYS D 87 -28.85 26.90 -58.54
CA LYS D 87 -29.31 25.56 -58.18
C LYS D 87 -30.14 25.52 -56.91
N ASP D 88 -30.47 26.66 -56.31
CA ASP D 88 -31.26 26.73 -55.09
C ASP D 88 -32.59 27.42 -55.35
N ASP D 89 -33.36 27.61 -54.28
CA ASP D 89 -34.65 28.28 -54.34
C ASP D 89 -34.65 29.43 -53.32
N PHE D 90 -34.81 30.64 -53.82
CA PHE D 90 -34.81 31.83 -52.97
C PHE D 90 -36.02 32.71 -53.27
N HIS D 91 -37.21 32.09 -53.30
CA HIS D 91 -38.42 32.78 -53.76
C HIS D 91 -39.23 33.37 -52.61
N HIS D 92 -39.03 32.92 -51.39
CA HIS D 92 -39.84 33.37 -50.26
C HIS D 92 -39.20 34.53 -49.50
N LEU D 93 -38.26 35.24 -50.11
CA LEU D 93 -37.54 36.31 -49.43
C LEU D 93 -37.04 37.31 -50.47
N SER D 94 -37.24 38.60 -50.18
CA SER D 94 -36.96 39.67 -51.15
C SER D 94 -35.48 40.03 -51.06
N VAL D 95 -34.67 39.39 -51.89
CA VAL D 95 -33.23 39.58 -51.87
C VAL D 95 -32.68 39.98 -53.25
N VAL D 96 -33.14 39.31 -54.30
CA VAL D 96 -32.67 39.43 -55.68
C VAL D 96 -31.16 39.68 -55.74
N PRO D 97 -30.34 38.72 -55.32
CA PRO D 97 -28.90 38.96 -55.26
C PRO D 97 -28.25 38.88 -56.64
N ARG D 98 -27.00 39.34 -56.70
CA ARG D 98 -26.19 39.31 -57.91
C ARG D 98 -25.03 38.34 -57.73
N VAL D 99 -24.69 37.63 -58.80
CA VAL D 99 -23.61 36.65 -58.80
C VAL D 99 -22.57 37.05 -59.83
N GLU D 100 -21.34 37.23 -59.38
CA GLU D 100 -20.23 37.60 -60.26
C GLU D 100 -18.98 36.86 -59.79
N LEU D 101 -18.13 36.48 -60.75
CA LEU D 101 -16.90 35.77 -60.47
C LEU D 101 -15.72 36.50 -61.11
N VAL D 102 -14.60 36.53 -60.40
CA VAL D 102 -13.36 37.14 -60.89
C VAL D 102 -12.21 36.21 -60.53
N ALA D 103 -11.33 35.95 -61.49
CA ALA D 103 -10.15 35.14 -61.26
C ALA D 103 -8.93 36.05 -61.04
N MET D 104 -7.94 35.51 -60.33
CA MET D 104 -6.74 36.27 -60.03
C MET D 104 -5.60 35.29 -59.77
N ASN D 105 -4.38 35.82 -59.77
CA ASN D 105 -3.19 35.04 -59.47
C ASN D 105 -2.89 35.11 -57.98
N GLU D 106 -1.85 34.40 -57.55
CA GLU D 106 -1.42 34.39 -56.15
C GLU D 106 -0.14 35.18 -55.95
N THR D 107 0.02 36.28 -56.69
CA THR D 107 1.26 37.04 -56.71
C THR D 107 1.62 37.64 -55.35
N ASP D 108 0.79 38.53 -54.84
CA ASP D 108 1.12 39.29 -53.64
C ASP D 108 -0.17 39.78 -52.99
N PRO D 109 -0.11 40.14 -51.71
CA PRO D 109 -1.30 40.74 -51.07
C PRO D 109 -1.77 42.02 -51.75
N LYS D 110 -0.85 42.80 -52.32
CA LYS D 110 -1.27 44.06 -52.94
C LYS D 110 -2.19 43.82 -54.13
N SER D 111 -1.94 42.76 -54.90
CA SER D 111 -2.86 42.42 -55.99
C SER D 111 -4.23 42.07 -55.46
N ILE D 112 -4.30 41.32 -54.35
CA ILE D 112 -5.58 40.99 -53.75
C ILE D 112 -6.30 42.24 -53.28
N ILE D 113 -5.56 43.16 -52.67
CA ILE D 113 -6.14 44.43 -52.22
C ILE D 113 -6.69 45.20 -53.41
N THR D 114 -5.93 45.26 -54.50
CA THR D 114 -6.38 45.97 -55.69
C THR D 114 -7.64 45.34 -56.27
N ARG D 115 -7.68 44.00 -56.33
CA ARG D 115 -8.86 43.32 -56.85
C ARG D 115 -10.07 43.60 -55.99
N ILE D 116 -9.90 43.56 -54.66
CA ILE D 116 -11.01 43.87 -53.76
C ILE D 116 -11.47 45.30 -53.97
N CYS D 117 -10.52 46.23 -54.11
CA CYS D 117 -10.87 47.62 -54.36
C CYS D 117 -11.68 47.79 -55.63
N ASP D 118 -11.23 47.14 -56.71
CA ASP D 118 -11.94 47.25 -57.99
C ASP D 118 -13.35 46.68 -57.88
N LEU D 119 -13.48 45.50 -57.26
CA LEU D 119 -14.81 44.89 -57.15
C LEU D 119 -15.74 45.74 -56.29
N MET D 120 -15.24 46.27 -55.17
CA MET D 120 -16.05 47.11 -54.31
C MET D 120 -16.51 48.36 -55.04
N SER D 121 -15.57 49.06 -55.69
CA SER D 121 -15.91 50.30 -56.37
C SER D 121 -16.83 50.06 -57.55
N ASP D 122 -16.70 48.93 -58.24
CA ASP D 122 -17.48 48.67 -59.45
C ASP D 122 -18.88 48.15 -59.13
N ARG D 123 -18.96 46.99 -58.48
CA ARG D 123 -20.24 46.30 -58.37
C ARG D 123 -20.99 46.61 -57.09
N LYS D 124 -20.41 47.41 -56.19
CA LYS D 124 -21.02 47.71 -54.89
C LYS D 124 -21.36 46.43 -54.14
N ILE D 125 -20.39 45.51 -54.12
CA ILE D 125 -20.60 44.21 -53.50
C ILE D 125 -20.71 44.35 -51.99
N GLN D 126 -21.69 43.67 -51.41
CA GLN D 126 -21.90 43.69 -49.96
C GLN D 126 -21.65 42.31 -49.33
N GLY D 127 -20.96 41.43 -50.03
CA GLY D 127 -20.58 40.14 -49.47
C GLY D 127 -19.53 39.44 -50.31
N VAL D 128 -18.46 39.00 -49.67
CA VAL D 128 -17.30 38.44 -50.36
C VAL D 128 -16.99 37.08 -49.79
N VAL D 129 -16.73 36.12 -50.68
CA VAL D 129 -16.23 34.81 -50.29
C VAL D 129 -14.81 34.66 -50.81
N PHE D 130 -14.16 33.56 -50.43
CA PHE D 130 -12.78 33.36 -50.81
C PHE D 130 -12.47 31.87 -50.82
N ALA D 131 -11.78 31.43 -51.85
CA ALA D 131 -11.27 30.07 -51.94
C ALA D 131 -9.88 30.11 -52.55
N ASP D 132 -9.06 29.11 -52.22
CA ASP D 132 -7.69 29.08 -52.69
C ASP D 132 -7.18 27.65 -52.58
N ASP D 133 -6.03 27.40 -53.21
CA ASP D 133 -5.39 26.09 -53.17
C ASP D 133 -4.03 26.13 -52.50
N THR D 134 -3.71 27.19 -51.77
CA THR D 134 -2.43 27.33 -51.09
C THR D 134 -2.60 27.00 -49.60
N ASP D 135 -1.52 27.16 -48.84
CA ASP D 135 -1.44 26.78 -47.44
C ASP D 135 -0.79 27.88 -46.61
N GLN D 136 -1.26 29.11 -46.77
CA GLN D 136 -0.65 30.27 -46.13
C GLN D 136 -1.60 30.85 -45.08
N GLU D 137 -1.01 31.40 -44.01
CA GLU D 137 -1.76 31.95 -42.88
C GLU D 137 -1.78 33.48 -42.84
N ALA D 138 -0.67 34.13 -43.18
CA ALA D 138 -0.66 35.58 -43.19
C ALA D 138 -1.68 36.15 -44.16
N ILE D 139 -2.06 35.40 -45.20
CA ILE D 139 -3.16 35.84 -46.06
C ILE D 139 -4.46 35.90 -45.26
N ALA D 140 -4.69 34.88 -44.41
CA ALA D 140 -5.85 34.93 -43.53
C ALA D 140 -5.78 36.12 -42.59
N GLN D 141 -4.58 36.41 -42.08
CA GLN D 141 -4.42 37.60 -41.22
C GLN D 141 -4.75 38.88 -41.99
N ILE D 142 -4.33 38.97 -43.24
CA ILE D 142 -4.59 40.16 -44.05
C ILE D 142 -6.08 40.31 -44.31
N LEU D 143 -6.77 39.20 -44.61
CA LEU D 143 -8.22 39.25 -44.77
C LEU D 143 -8.90 39.67 -43.47
N ASP D 144 -8.36 39.22 -42.32
CA ASP D 144 -8.88 39.69 -41.05
C ASP D 144 -8.71 41.20 -40.90
N PHE D 145 -7.54 41.72 -41.31
CA PHE D 145 -7.32 43.16 -41.26
C PHE D 145 -8.29 43.90 -42.18
N ILE D 146 -8.57 43.33 -43.35
CA ILE D 146 -9.52 43.95 -44.27
C ILE D 146 -10.92 43.98 -43.67
N SER D 147 -11.33 42.87 -43.07
CA SER D 147 -12.63 42.83 -42.40
C SER D 147 -12.69 43.84 -41.25
N ALA D 148 -11.54 44.10 -40.61
CA ALA D 148 -11.51 45.14 -39.59
C ALA D 148 -11.64 46.53 -40.20
N GLN D 149 -10.93 46.77 -41.31
CA GLN D 149 -10.89 48.09 -41.94
C GLN D 149 -12.17 48.45 -42.68
N THR D 150 -12.99 47.47 -43.06
CA THR D 150 -14.24 47.73 -43.76
C THR D 150 -15.33 46.86 -43.14
N LEU D 151 -16.52 47.44 -42.99
CA LEU D 151 -17.61 46.76 -42.29
C LEU D 151 -18.20 45.60 -43.07
N THR D 152 -17.80 45.41 -44.33
CA THR D 152 -18.39 44.35 -45.14
C THR D 152 -18.03 42.97 -44.58
N PRO D 153 -18.99 42.07 -44.49
CA PRO D 153 -18.68 40.70 -44.04
C PRO D 153 -17.82 39.96 -45.03
N ILE D 154 -16.98 39.06 -44.52
CA ILE D 154 -16.04 38.28 -45.31
C ILE D 154 -16.14 36.83 -44.89
N LEU D 155 -16.06 35.92 -45.86
CA LEU D 155 -16.15 34.49 -45.61
C LEU D 155 -15.02 33.76 -46.31
N GLY D 156 -14.07 33.24 -45.52
CA GLY D 156 -12.99 32.42 -46.05
C GLY D 156 -13.41 30.98 -46.22
N ILE D 157 -14.15 30.71 -47.30
CA ILE D 157 -14.90 29.45 -47.41
C ILE D 157 -13.97 28.24 -47.43
N HIS D 158 -12.97 28.26 -48.32
CA HIS D 158 -12.21 27.04 -48.54
C HIS D 158 -10.74 27.38 -48.80
N GLY D 159 -9.87 26.42 -48.52
CA GLY D 159 -8.45 26.56 -48.75
C GLY D 159 -7.68 26.85 -47.49
N GLY D 160 -6.47 27.36 -47.68
CA GLY D 160 -5.65 27.78 -46.55
C GLY D 160 -6.26 28.90 -45.74
N SER D 161 -7.17 29.66 -46.34
CA SER D 161 -7.85 30.73 -45.61
C SER D 161 -8.71 30.16 -44.49
N SER D 162 -9.38 29.04 -44.72
CA SER D 162 -10.29 28.46 -43.75
C SER D 162 -9.60 28.00 -42.47
N MET D 163 -8.28 27.81 -42.50
CA MET D 163 -7.58 27.38 -41.30
C MET D 163 -7.65 28.46 -40.24
N ILE D 164 -7.84 28.03 -38.98
CA ILE D 164 -8.21 28.95 -37.91
C ILE D 164 -7.08 29.89 -37.59
N MET D 165 -7.39 31.17 -37.43
CA MET D 165 -6.40 32.16 -37.06
C MET D 165 -6.17 32.15 -35.56
N ALA D 166 -5.11 32.84 -35.13
CA ALA D 166 -4.79 32.91 -33.71
C ALA D 166 -5.88 33.63 -32.93
N ASP D 167 -6.27 34.82 -33.38
CA ASP D 167 -7.36 35.57 -32.77
C ASP D 167 -7.99 36.46 -33.82
N LYS D 168 -9.17 36.98 -33.50
CA LYS D 168 -9.91 37.86 -34.41
C LYS D 168 -10.26 39.15 -33.70
N ASP D 169 -10.15 40.25 -34.43
CA ASP D 169 -10.45 41.56 -33.88
C ASP D 169 -11.93 41.66 -33.52
N GLU D 170 -12.21 42.40 -32.45
CA GLU D 170 -13.59 42.56 -31.99
C GLU D 170 -14.44 43.30 -33.02
N SER D 171 -13.88 44.33 -33.66
CA SER D 171 -14.63 45.08 -34.65
C SER D 171 -14.74 44.38 -35.99
N SER D 172 -14.04 43.27 -36.18
CA SER D 172 -14.08 42.56 -37.44
C SER D 172 -15.43 41.86 -37.63
N MET D 173 -15.66 41.41 -38.86
CA MET D 173 -16.88 40.69 -39.21
C MET D 173 -16.51 39.49 -40.08
N PHE D 174 -15.34 38.89 -39.81
CA PHE D 174 -14.84 37.77 -40.59
C PHE D 174 -15.29 36.46 -39.97
N PHE D 175 -15.66 35.51 -40.82
CA PHE D 175 -16.02 34.16 -40.41
C PHE D 175 -15.37 33.17 -41.38
N GLN D 176 -15.50 31.89 -41.06
CA GLN D 176 -14.94 30.84 -41.93
C GLN D 176 -15.55 29.50 -41.54
N PHE D 177 -15.47 28.56 -42.47
CA PHE D 177 -15.97 27.19 -42.27
C PHE D 177 -14.81 26.32 -41.80
N GLY D 178 -14.80 25.97 -40.52
CA GLY D 178 -13.78 25.11 -39.99
C GLY D 178 -13.94 24.87 -38.50
N PRO D 179 -13.56 23.69 -38.03
CA PRO D 179 -13.67 23.39 -36.61
C PRO D 179 -12.56 24.05 -35.80
N SER D 180 -12.90 24.39 -34.56
CA SER D 180 -11.92 24.97 -33.65
C SER D 180 -11.02 23.89 -33.05
N ILE D 181 -10.09 24.33 -32.19
CA ILE D 181 -9.20 23.39 -31.53
C ILE D 181 -9.98 22.53 -30.53
N GLU D 182 -10.94 23.13 -29.83
CA GLU D 182 -11.71 22.40 -28.83
C GLU D 182 -12.52 21.27 -29.46
N GLN D 183 -13.06 21.50 -30.66
CA GLN D 183 -13.78 20.43 -31.35
C GLN D 183 -12.86 19.25 -31.64
N GLN D 184 -11.64 19.53 -32.12
CA GLN D 184 -10.68 18.46 -32.38
C GLN D 184 -10.31 17.73 -31.09
N ALA D 185 -10.14 18.48 -30.00
CA ALA D 185 -9.82 17.84 -28.73
C ALA D 185 -10.95 16.91 -28.29
N SER D 186 -12.20 17.36 -28.40
CA SER D 186 -13.33 16.53 -28.02
C SER D 186 -13.41 15.29 -28.90
N VAL D 187 -13.15 15.45 -30.20
CA VAL D 187 -13.19 14.30 -31.12
C VAL D 187 -12.10 13.30 -30.75
N MET D 188 -10.91 13.79 -30.42
CA MET D 188 -9.83 12.88 -30.04
C MET D 188 -10.14 12.16 -28.74
N LEU D 189 -10.75 12.84 -27.77
CA LEU D 189 -11.17 12.16 -26.55
C LEU D 189 -12.22 11.10 -26.85
N ASN D 190 -13.16 11.40 -27.75
CA ASN D 190 -14.17 10.41 -28.09
C ASN D 190 -13.56 9.19 -28.77
N ILE D 191 -12.60 9.41 -29.66
CA ILE D 191 -11.97 8.28 -30.35
C ILE D 191 -11.10 7.48 -29.39
N MET D 192 -10.48 8.14 -28.40
CA MET D 192 -9.80 7.40 -27.35
C MET D 192 -10.76 6.59 -26.50
N GLU D 193 -11.95 7.13 -26.21
CA GLU D 193 -12.90 6.42 -25.35
C GLU D 193 -13.53 5.24 -26.07
N GLU D 194 -13.76 5.35 -27.38
CA GLU D 194 -14.43 4.28 -28.10
C GLU D 194 -13.63 2.98 -28.04
N TYR D 195 -12.32 3.07 -28.25
CA TYR D 195 -11.43 1.96 -27.97
C TYR D 195 -10.92 2.05 -26.54
N ASP D 196 -9.91 1.24 -26.23
CA ASP D 196 -9.47 1.04 -24.86
C ASP D 196 -8.03 1.48 -24.62
N TRP D 197 -7.59 2.55 -25.25
CA TRP D 197 -6.32 3.18 -24.90
C TRP D 197 -6.60 4.22 -23.84
N TYR D 198 -6.33 3.86 -22.58
CA TYR D 198 -6.70 4.69 -21.45
C TYR D 198 -5.56 5.53 -20.90
N ILE D 199 -4.38 5.48 -21.51
CA ILE D 199 -3.21 6.20 -21.01
C ILE D 199 -2.51 6.87 -22.18
N PHE D 200 -2.01 8.08 -21.97
CA PHE D 200 -1.32 8.82 -23.02
C PHE D 200 -0.48 9.92 -22.40
N SER D 201 0.35 10.54 -23.24
CA SER D 201 1.11 11.73 -22.87
C SER D 201 1.05 12.71 -24.03
N ILE D 202 1.22 13.99 -23.72
CA ILE D 202 1.04 15.07 -24.70
C ILE D 202 2.28 15.95 -24.71
N VAL D 203 2.72 16.32 -25.91
CA VAL D 203 3.84 17.23 -26.11
C VAL D 203 3.47 18.23 -27.20
N THR D 204 4.10 19.39 -27.19
CA THR D 204 3.90 20.40 -28.22
C THR D 204 5.16 21.25 -28.34
N THR D 205 5.28 21.92 -29.49
CA THR D 205 6.44 22.75 -29.81
C THR D 205 6.14 24.24 -29.71
N TYR D 206 5.31 24.63 -28.76
CA TYR D 206 5.02 26.04 -28.47
C TYR D 206 4.43 26.75 -29.70
N PHE D 207 3.30 26.24 -30.14
CA PHE D 207 2.47 27.06 -31.01
C PHE D 207 1.68 28.03 -30.13
N PRO D 208 1.28 29.18 -30.68
CA PRO D 208 0.53 30.15 -29.86
C PRO D 208 -0.69 29.59 -29.15
N GLY D 209 -1.36 28.61 -29.73
CA GLY D 209 -2.54 28.03 -29.13
C GLY D 209 -2.32 26.89 -28.16
N TYR D 210 -1.06 26.61 -27.79
CA TYR D 210 -0.77 25.43 -26.97
C TYR D 210 -1.43 25.49 -25.60
N GLN D 211 -1.42 26.66 -24.95
CA GLN D 211 -1.96 26.77 -23.60
C GLN D 211 -3.46 26.48 -23.58
N ASP D 212 -4.19 26.99 -24.57
CA ASP D 212 -5.62 26.70 -24.65
C ASP D 212 -5.88 25.21 -24.81
N PHE D 213 -5.10 24.55 -25.67
CA PHE D 213 -5.25 23.12 -25.87
C PHE D 213 -5.00 22.34 -24.60
N VAL D 214 -3.91 22.66 -23.90
CA VAL D 214 -3.57 21.89 -22.69
C VAL D 214 -4.59 22.16 -21.58
N ASN D 215 -5.08 23.40 -21.48
CA ASN D 215 -6.13 23.69 -20.50
C ASN D 215 -7.40 22.90 -20.81
N LYS D 216 -7.78 22.85 -22.09
CA LYS D 216 -9.00 22.15 -22.46
C LYS D 216 -8.89 20.66 -22.21
N ILE D 217 -7.73 20.06 -22.52
CA ILE D 217 -7.57 18.63 -22.26
C ILE D 217 -7.54 18.35 -20.76
N ARG D 218 -6.88 19.21 -19.98
CA ARG D 218 -6.80 18.98 -18.55
C ARG D 218 -8.15 19.11 -17.87
N SER D 219 -8.96 20.09 -18.28
CA SER D 219 -10.21 20.36 -17.59
C SER D 219 -11.26 19.26 -17.78
N THR D 220 -11.05 18.33 -18.70
CA THR D 220 -12.02 17.29 -18.98
C THR D 220 -11.79 16.01 -18.16
N ILE D 221 -10.56 15.80 -17.67
CA ILE D 221 -10.21 14.53 -17.05
C ILE D 221 -10.92 14.35 -15.72
N GLU D 222 -10.88 15.36 -14.84
CA GLU D 222 -11.22 15.16 -13.45
C GLU D 222 -12.72 14.90 -13.27
N ASN D 223 -13.56 15.67 -13.94
CA ASN D 223 -15.00 15.52 -13.75
C ASN D 223 -15.52 14.24 -14.40
N SER D 224 -14.85 13.77 -15.45
CA SER D 224 -15.32 12.63 -16.21
C SER D 224 -15.33 11.36 -15.37
N PHE D 225 -16.30 10.48 -15.63
CA PHE D 225 -16.43 9.25 -14.89
C PHE D 225 -15.26 8.29 -15.09
N VAL D 226 -14.81 8.14 -16.34
CA VAL D 226 -13.86 7.08 -16.64
C VAL D 226 -12.46 7.46 -16.17
N GLY D 227 -11.59 6.45 -16.08
CA GLY D 227 -10.28 6.58 -15.50
C GLY D 227 -9.14 6.92 -16.42
N TRP D 228 -9.09 8.16 -16.91
CA TRP D 228 -7.91 8.60 -17.64
C TRP D 228 -6.74 8.77 -16.67
N GLU D 229 -5.59 9.15 -17.23
CA GLU D 229 -4.44 9.56 -16.42
C GLU D 229 -3.52 10.39 -17.30
N LEU D 230 -2.98 11.48 -16.74
CA LEU D 230 -2.08 12.36 -17.46
C LEU D 230 -0.71 12.31 -16.79
N GLU D 231 0.31 11.94 -17.55
CA GLU D 231 1.66 11.86 -17.05
C GLU D 231 2.64 12.42 -18.07
N GLU D 232 3.74 12.98 -17.57
CA GLU D 232 4.81 13.51 -18.41
C GLU D 232 4.31 14.62 -19.34
N VAL D 233 3.63 15.59 -18.73
CA VAL D 233 3.28 16.80 -19.47
C VAL D 233 4.56 17.54 -19.83
N LEU D 234 4.85 17.63 -21.13
CA LEU D 234 6.19 18.02 -21.59
C LEU D 234 6.04 19.01 -22.74
N LEU D 235 6.42 20.26 -22.50
CA LEU D 235 6.41 21.30 -23.51
C LEU D 235 7.83 21.55 -24.00
N LEU D 236 7.98 21.84 -25.29
CA LEU D 236 9.27 22.11 -25.89
C LEU D 236 9.19 23.34 -26.78
N ASP D 237 10.34 23.95 -27.02
CA ASP D 237 10.48 25.07 -27.93
C ASP D 237 11.50 24.70 -29.00
N MET D 238 11.07 24.68 -30.26
CA MET D 238 11.97 24.37 -31.37
C MET D 238 12.63 25.61 -31.94
N SER D 239 12.23 26.80 -31.49
CA SER D 239 12.88 28.02 -31.96
C SER D 239 14.31 28.13 -31.42
N LEU D 240 14.61 27.42 -30.34
CA LEU D 240 15.95 27.47 -29.76
C LEU D 240 16.98 26.89 -30.73
N ASP D 241 18.16 27.49 -30.76
CA ASP D 241 19.23 27.05 -31.63
C ASP D 241 20.07 25.97 -30.94
N ASP D 242 20.37 24.90 -31.69
CA ASP D 242 21.18 23.79 -31.20
C ASP D 242 20.59 23.18 -29.92
N GLY D 243 19.27 23.06 -29.89
CA GLY D 243 18.57 22.41 -28.79
C GLY D 243 18.32 20.94 -28.99
N ASP D 244 18.95 20.32 -29.99
CA ASP D 244 18.64 18.93 -30.34
C ASP D 244 18.95 17.98 -29.19
N SER D 245 20.02 18.24 -28.43
CA SER D 245 20.35 17.38 -27.30
C SER D 245 19.23 17.38 -26.27
N LYS D 246 18.69 18.55 -25.95
CA LYS D 246 17.59 18.64 -24.99
C LYS D 246 16.37 17.89 -25.50
N ILE D 247 16.06 18.03 -26.79
CA ILE D 247 14.89 17.35 -27.36
C ILE D 247 15.07 15.85 -27.28
N GLN D 248 16.25 15.34 -27.66
CA GLN D 248 16.49 13.91 -27.62
C GLN D 248 16.41 13.38 -26.19
N ASN D 249 17.05 14.07 -25.24
CA ASN D 249 17.04 13.61 -23.86
C ASN D 249 15.64 13.63 -23.26
N GLN D 250 14.85 14.66 -23.60
CA GLN D 250 13.49 14.74 -23.07
C GLN D 250 12.59 13.68 -23.69
N LEU D 251 12.68 13.47 -25.01
CA LEU D 251 11.88 12.44 -25.66
C LEU D 251 12.35 11.04 -25.32
N LYS D 252 13.53 10.89 -24.73
CA LYS D 252 13.93 9.60 -24.19
C LYS D 252 13.12 9.19 -22.97
N LYS D 253 12.30 10.08 -22.42
CA LYS D 253 11.54 9.82 -21.21
C LYS D 253 10.04 9.66 -21.48
N LEU D 254 9.68 9.01 -22.57
CA LEU D 254 8.28 8.73 -22.93
C LEU D 254 8.04 7.24 -22.76
N GLN D 255 7.07 6.89 -21.92
CA GLN D 255 6.76 5.49 -21.65
C GLN D 255 5.39 5.06 -22.15
N SER D 256 4.44 5.98 -22.25
CA SER D 256 3.08 5.60 -22.63
C SER D 256 3.05 5.13 -24.09
N PRO D 257 2.21 4.14 -24.41
CA PRO D 257 2.14 3.65 -25.79
C PRO D 257 1.33 4.54 -26.72
N ILE D 258 0.70 5.60 -26.23
CA ILE D 258 -0.10 6.52 -27.04
C ILE D 258 0.46 7.92 -26.87
N ILE D 259 0.72 8.60 -27.98
CA ILE D 259 1.35 9.92 -27.97
C ILE D 259 0.49 10.89 -28.76
N LEU D 260 0.28 12.07 -28.18
CA LEU D 260 -0.46 13.15 -28.82
C LEU D 260 0.44 14.38 -28.90
N LEU D 261 0.60 14.92 -30.10
CA LEU D 261 1.50 16.05 -30.30
C LEU D 261 0.82 17.14 -31.11
N TYR D 262 1.34 18.36 -30.98
CA TYR D 262 0.79 19.54 -31.62
C TYR D 262 1.93 20.29 -32.29
N CYS D 263 1.96 20.30 -33.63
CA CYS D 263 3.05 20.90 -34.38
C CYS D 263 2.49 21.50 -35.66
N THR D 264 3.38 21.85 -36.57
CA THR D 264 3.04 22.39 -37.88
C THR D 264 3.55 21.45 -38.97
N LYS D 265 3.35 21.87 -40.22
CA LYS D 265 3.68 21.01 -41.36
C LYS D 265 5.18 20.75 -41.43
N GLU D 266 6.00 21.79 -41.30
CA GLU D 266 7.44 21.61 -41.42
C GLU D 266 8.06 21.00 -40.18
N GLU D 267 7.49 21.25 -39.00
CA GLU D 267 8.05 20.69 -37.77
C GLU D 267 7.90 19.19 -37.71
N ALA D 268 6.93 18.62 -38.44
CA ALA D 268 6.71 17.17 -38.40
C ALA D 268 7.92 16.41 -38.93
N THR D 269 8.51 16.90 -40.03
CA THR D 269 9.66 16.22 -40.61
C THR D 269 10.81 16.15 -39.60
N TYR D 270 11.03 17.24 -38.86
CA TYR D 270 12.08 17.26 -37.85
C TYR D 270 11.74 16.33 -36.69
N ILE D 271 10.51 16.44 -36.16
CA ILE D 271 10.15 15.75 -34.94
C ILE D 271 10.11 14.23 -35.15
N PHE D 272 9.51 13.80 -36.27
CA PHE D 272 9.40 12.36 -36.50
C PHE D 272 10.77 11.71 -36.68
N GLU D 273 11.69 12.37 -37.38
CA GLU D 273 13.01 11.79 -37.54
C GLU D 273 13.80 11.80 -36.23
N VAL D 274 13.63 12.86 -35.43
CA VAL D 274 14.28 12.88 -34.12
C VAL D 274 13.76 11.73 -33.25
N ALA D 275 12.44 11.50 -33.29
CA ALA D 275 11.88 10.38 -32.54
C ALA D 275 12.38 9.04 -33.09
N ASN D 276 12.46 8.91 -34.42
CA ASN D 276 12.97 7.69 -35.02
C ASN D 276 14.42 7.43 -34.64
N SER D 277 15.17 8.49 -34.32
CA SER D 277 16.51 8.28 -33.77
C SER D 277 16.43 7.54 -32.43
N VAL D 278 15.44 7.88 -31.61
CA VAL D 278 15.25 7.16 -30.35
C VAL D 278 14.78 5.74 -30.61
N GLY D 279 13.78 5.58 -31.47
CA GLY D 279 13.31 4.25 -31.86
C GLY D 279 11.87 3.97 -31.52
N LEU D 280 11.07 5.01 -31.25
CA LEU D 280 9.67 4.85 -30.90
C LEU D 280 8.79 4.95 -32.14
N THR D 281 9.06 4.07 -33.12
CA THR D 281 8.36 4.11 -34.40
C THR D 281 7.56 2.86 -34.71
N GLY D 282 8.19 1.69 -34.67
CA GLY D 282 7.57 0.50 -35.22
C GLY D 282 7.38 -0.68 -34.29
N TYR D 283 7.90 -0.58 -33.07
CA TYR D 283 7.74 -1.66 -32.10
C TYR D 283 6.30 -1.81 -31.62
N GLY D 284 5.39 -0.99 -32.12
CA GLY D 284 4.00 -1.01 -31.72
C GLY D 284 3.63 0.23 -30.93
N TYR D 285 3.05 1.21 -31.63
CA TYR D 285 2.71 2.50 -31.06
C TYR D 285 1.53 3.07 -31.83
N THR D 286 1.24 4.35 -31.62
CA THR D 286 0.21 5.06 -32.37
C THR D 286 0.40 6.54 -32.12
N TRP D 287 0.22 7.33 -33.17
CA TRP D 287 0.35 8.78 -33.09
C TRP D 287 -0.92 9.43 -33.62
N ILE D 288 -1.36 10.49 -32.95
CA ILE D 288 -2.56 11.22 -33.32
C ILE D 288 -2.20 12.69 -33.45
N VAL D 289 -2.64 13.33 -34.52
CA VAL D 289 -2.29 14.72 -34.80
C VAL D 289 -3.52 15.46 -35.29
N PRO D 290 -3.54 16.77 -35.10
CA PRO D 290 -4.61 17.59 -35.69
C PRO D 290 -4.37 17.79 -37.18
N SER D 291 -5.37 18.37 -37.84
CA SER D 291 -5.31 18.57 -39.29
C SER D 291 -4.21 19.55 -39.70
N LEU D 292 -3.65 20.30 -38.76
CA LEU D 292 -2.68 21.35 -39.08
C LEU D 292 -1.37 20.82 -39.61
N VAL D 293 -1.20 19.51 -39.76
CA VAL D 293 0.06 18.95 -40.23
C VAL D 293 -0.19 18.03 -41.43
N ALA D 294 -1.39 18.11 -41.99
CA ALA D 294 -1.77 17.25 -43.11
C ALA D 294 -2.62 18.03 -44.10
N GLY D 295 -2.63 17.56 -45.34
CA GLY D 295 -3.46 18.12 -46.39
C GLY D 295 -4.00 17.03 -47.29
N ASP D 296 -5.20 17.22 -47.82
CA ASP D 296 -5.83 16.17 -48.63
C ASP D 296 -4.97 15.84 -49.85
N THR D 297 -4.54 16.87 -50.59
CA THR D 297 -3.65 16.65 -51.73
C THR D 297 -2.19 16.65 -51.33
N ASP D 298 -1.87 17.04 -50.09
CA ASP D 298 -0.50 17.13 -49.66
C ASP D 298 0.14 15.75 -49.57
N THR D 299 1.46 15.71 -49.78
CA THR D 299 2.25 14.50 -49.66
C THR D 299 3.31 14.69 -48.59
N VAL D 300 3.73 13.57 -47.99
CA VAL D 300 4.66 13.63 -46.86
C VAL D 300 5.91 12.82 -47.18
N PRO D 301 7.07 13.20 -46.63
CA PRO D 301 8.28 12.40 -46.85
C PRO D 301 8.25 11.08 -46.11
N SER D 302 9.36 10.34 -46.15
CA SER D 302 9.45 9.08 -45.43
C SER D 302 9.53 9.26 -43.92
N GLU D 303 9.69 10.50 -43.44
CA GLU D 303 9.78 10.74 -42.01
C GLU D 303 8.52 10.33 -41.26
N PHE D 304 7.36 10.36 -41.90
CA PHE D 304 6.12 10.00 -41.23
C PHE D 304 6.07 8.49 -40.99
N PRO D 305 6.00 8.04 -39.74
CA PRO D 305 5.88 6.61 -39.48
C PRO D 305 4.52 6.08 -39.92
N THR D 306 4.51 4.82 -40.30
CA THR D 306 3.27 4.17 -40.71
C THR D 306 2.35 3.97 -39.51
N GLY D 307 1.05 4.11 -39.75
CA GLY D 307 0.07 3.98 -38.68
C GLY D 307 -0.47 5.29 -38.15
N LEU D 308 -0.05 6.42 -38.69
CA LEU D 308 -0.56 7.71 -38.23
C LEU D 308 -2.05 7.83 -38.49
N ILE D 309 -2.76 8.44 -37.55
CA ILE D 309 -4.18 8.71 -37.67
C ILE D 309 -4.44 10.14 -37.25
N SER D 310 -5.40 10.78 -37.91
CA SER D 310 -5.67 12.19 -37.65
C SER D 310 -7.12 12.50 -38.02
N VAL D 311 -7.51 13.75 -37.80
CA VAL D 311 -8.86 14.23 -38.10
C VAL D 311 -8.74 15.50 -38.93
N SER D 312 -9.62 15.63 -39.93
CA SER D 312 -9.62 16.82 -40.78
C SER D 312 -11.03 17.02 -41.32
N TYR D 313 -11.26 18.21 -41.85
CA TYR D 313 -12.58 18.55 -42.37
C TYR D 313 -12.85 17.80 -43.67
N ASP D 314 -14.13 17.55 -43.95
CA ASP D 314 -14.51 16.88 -45.19
C ASP D 314 -14.10 17.72 -46.39
N GLU D 315 -13.53 17.06 -47.39
CA GLU D 315 -13.14 17.70 -48.64
C GLU D 315 -13.54 16.93 -49.89
N TRP D 316 -13.95 15.67 -49.77
CA TRP D 316 -14.20 14.86 -50.95
C TRP D 316 -15.63 15.00 -51.45
N ASP D 317 -16.58 15.22 -50.53
CA ASP D 317 -17.99 15.27 -50.89
C ASP D 317 -18.63 16.63 -50.65
N TYR D 318 -17.85 17.63 -50.26
CA TYR D 318 -18.44 18.92 -49.88
C TYR D 318 -17.64 20.12 -50.38
N GLY D 319 -16.58 19.91 -51.16
CA GLY D 319 -15.65 21.00 -51.43
C GLY D 319 -16.11 22.12 -52.33
N LEU D 320 -16.24 21.85 -53.63
CA LEU D 320 -16.43 22.95 -54.57
C LEU D 320 -17.87 23.45 -54.66
N PRO D 321 -18.84 22.61 -55.05
CA PRO D 321 -20.16 23.17 -55.42
C PRO D 321 -21.00 23.59 -54.23
N ALA D 322 -20.96 22.80 -53.16
CA ALA D 322 -21.89 22.99 -52.05
C ALA D 322 -21.59 24.25 -51.26
N ARG D 323 -20.31 24.50 -50.96
CA ARG D 323 -19.95 25.53 -49.99
C ARG D 323 -20.31 26.93 -50.48
N VAL D 324 -20.13 27.21 -51.78
CA VAL D 324 -20.43 28.54 -52.28
C VAL D 324 -21.93 28.81 -52.20
N ARG D 325 -22.75 27.82 -52.57
CA ARG D 325 -24.19 27.98 -52.43
C ARG D 325 -24.58 28.14 -50.97
N ASP D 326 -23.91 27.40 -50.08
CA ASP D 326 -24.19 27.54 -48.65
C ASP D 326 -23.92 28.96 -48.18
N GLY D 327 -22.75 29.52 -48.53
CA GLY D 327 -22.42 30.86 -48.09
C GLY D 327 -23.37 31.91 -48.64
N ILE D 328 -23.73 31.77 -49.93
CA ILE D 328 -24.69 32.70 -50.52
C ILE D 328 -26.03 32.60 -49.80
N ALA D 329 -26.46 31.38 -49.48
CA ALA D 329 -27.71 31.21 -48.75
C ALA D 329 -27.66 31.86 -47.38
N ILE D 330 -26.52 31.69 -46.67
CA ILE D 330 -26.40 32.30 -45.34
C ILE D 330 -26.48 33.81 -45.42
N ILE D 331 -25.72 34.43 -46.33
CA ILE D 331 -25.76 35.89 -46.40
C ILE D 331 -27.15 36.36 -46.81
N THR D 332 -27.78 35.66 -47.75
CA THR D 332 -29.11 36.03 -48.22
C THR D 332 -30.13 35.97 -47.08
N THR D 333 -30.14 34.86 -46.33
CA THR D 333 -31.13 34.70 -45.28
C THR D 333 -30.86 35.64 -44.12
N ALA D 334 -29.59 35.92 -43.82
CA ALA D 334 -29.29 36.90 -42.78
C ALA D 334 -29.79 38.29 -43.17
N ALA D 335 -29.57 38.67 -44.44
CA ALA D 335 -30.06 39.96 -44.91
C ALA D 335 -31.58 40.01 -44.81
N SER D 336 -32.26 38.96 -45.25
CA SER D 336 -33.73 38.97 -45.19
C SER D 336 -34.23 39.00 -43.75
N ASP D 337 -33.54 38.33 -42.84
CA ASP D 337 -34.00 38.28 -41.46
C ASP D 337 -33.79 39.61 -40.76
N MET D 338 -32.66 40.28 -41.00
CA MET D 338 -32.36 41.47 -40.20
C MET D 338 -32.80 42.75 -40.90
N LEU D 339 -32.55 42.87 -42.21
CA LEU D 339 -32.91 44.09 -42.93
C LEU D 339 -34.42 44.29 -42.97
N SER D 340 -35.16 43.25 -43.38
CA SER D 340 -36.59 43.41 -43.66
C SER D 340 -37.39 43.70 -42.39
N GLU D 341 -37.06 43.03 -41.28
CA GLU D 341 -37.87 43.17 -40.08
C GLU D 341 -37.76 44.56 -39.48
N HIS D 342 -36.72 45.32 -39.84
CA HIS D 342 -36.56 46.68 -39.34
C HIS D 342 -36.35 47.69 -40.46
N SER D 343 -36.52 47.28 -41.72
CA SER D 343 -36.54 48.17 -42.89
C SER D 343 -35.26 48.98 -43.03
N PHE D 344 -34.16 48.53 -42.46
CA PHE D 344 -32.88 49.22 -42.57
C PHE D 344 -31.90 48.36 -43.37
N ILE D 345 -31.16 49.02 -44.26
CA ILE D 345 -30.18 48.34 -45.09
C ILE D 345 -28.89 49.16 -45.16
N PRO D 346 -27.76 48.61 -44.73
CA PRO D 346 -26.48 49.32 -44.86
C PRO D 346 -25.96 49.21 -46.29
N GLU D 347 -26.08 50.30 -47.04
CA GLU D 347 -25.56 50.39 -48.41
C GLU D 347 -24.73 51.67 -48.52
N PRO D 348 -23.54 51.68 -47.93
CA PRO D 348 -22.69 52.87 -48.02
C PRO D 348 -22.16 53.06 -49.43
N LYS D 349 -21.80 54.31 -49.74
CA LYS D 349 -21.14 54.61 -50.99
C LYS D 349 -19.88 53.77 -51.10
N SER D 350 -19.76 52.99 -52.19
CA SER D 350 -18.71 51.99 -52.32
C SER D 350 -17.38 52.70 -52.59
N SER D 351 -16.90 53.41 -51.59
CA SER D 351 -15.63 54.10 -51.67
C SER D 351 -14.49 53.18 -51.26
N CYS D 352 -13.34 53.37 -51.91
CA CYS D 352 -12.14 52.59 -51.66
C CYS D 352 -11.03 53.44 -51.05
N TYR D 353 -10.69 54.55 -51.68
CA TYR D 353 -9.78 55.52 -51.10
C TYR D 353 -10.57 56.50 -50.24
N ASN D 354 -9.95 56.96 -49.15
CA ASN D 354 -10.57 57.87 -48.20
C ASN D 354 -11.88 57.27 -47.65
N THR D 355 -11.72 56.17 -46.92
CA THR D 355 -12.84 55.47 -46.32
C THR D 355 -13.01 55.78 -44.84
N HIS D 356 -12.30 56.79 -44.34
CA HIS D 356 -12.36 57.11 -42.91
C HIS D 356 -13.74 57.62 -42.51
N GLU D 357 -14.49 58.17 -43.45
CA GLU D 357 -15.80 58.75 -43.16
C GLU D 357 -16.94 57.75 -43.31
N LYS D 358 -16.65 56.47 -43.51
CA LYS D 358 -17.69 55.46 -43.64
C LYS D 358 -18.10 54.84 -42.30
N ARG D 359 -17.59 55.35 -41.18
CA ARG D 359 -17.90 54.82 -39.87
C ARG D 359 -19.12 55.48 -39.23
N ILE D 360 -19.80 56.38 -39.94
CA ILE D 360 -20.96 57.05 -39.38
C ILE D 360 -22.10 56.06 -39.12
N TYR D 361 -22.38 55.18 -40.08
CA TYR D 361 -23.46 54.20 -39.96
C TYR D 361 -22.85 52.85 -39.61
N GLN D 362 -22.58 52.68 -38.31
CA GLN D 362 -22.05 51.42 -37.83
C GLN D 362 -23.07 50.31 -38.01
N SER D 363 -22.59 49.13 -38.42
CA SER D 363 -23.48 47.98 -38.61
C SER D 363 -24.14 47.59 -37.29
N ASN D 364 -23.33 47.13 -36.34
CA ASN D 364 -23.68 46.89 -34.94
C ASN D 364 -24.91 45.99 -34.77
N MET D 365 -25.40 45.40 -35.86
CA MET D 365 -26.52 44.46 -35.78
C MET D 365 -26.35 43.23 -36.64
N LEU D 366 -25.43 43.22 -37.62
CA LEU D 366 -25.24 42.02 -38.43
C LEU D 366 -24.71 40.87 -37.60
N ASN D 367 -23.62 41.09 -36.87
CA ASN D 367 -23.07 40.05 -36.01
C ASN D 367 -24.05 39.60 -34.95
N ARG D 368 -24.95 40.49 -34.52
CA ARG D 368 -26.00 40.12 -33.58
C ARG D 368 -27.06 39.23 -34.22
N TYR D 369 -27.06 39.10 -35.55
CA TYR D 369 -28.04 38.27 -36.25
C TYR D 369 -27.44 37.31 -37.26
N LEU D 370 -26.22 37.55 -37.73
CA LEU D 370 -25.54 36.59 -38.60
C LEU D 370 -25.24 35.27 -37.92
N ILE D 371 -25.27 35.23 -36.58
CA ILE D 371 -24.95 34.02 -35.84
C ILE D 371 -26.17 33.13 -35.62
N ASN D 372 -27.35 33.56 -36.06
CA ASN D 372 -28.58 32.78 -35.92
C ASN D 372 -29.28 32.73 -37.27
N VAL D 373 -28.89 31.78 -38.10
CA VAL D 373 -29.47 31.58 -39.42
C VAL D 373 -29.60 30.09 -39.68
N THR D 374 -30.49 29.74 -40.60
CA THR D 374 -30.66 28.36 -41.02
C THR D 374 -31.23 28.32 -42.43
N PHE D 375 -31.04 27.18 -43.09
CA PHE D 375 -31.56 26.99 -44.45
C PHE D 375 -31.58 25.50 -44.74
N GLU D 376 -32.69 25.04 -45.32
CA GLU D 376 -32.87 23.63 -45.68
C GLU D 376 -32.71 22.70 -44.49
N GLY D 377 -33.06 23.19 -43.30
CA GLY D 377 -32.96 22.40 -42.09
C GLY D 377 -31.56 22.29 -41.51
N ARG D 378 -30.51 22.52 -42.31
CA ARG D 378 -29.15 22.42 -41.83
C ARG D 378 -28.81 23.64 -40.99
N ASN D 379 -28.46 23.41 -39.73
CA ASN D 379 -28.11 24.50 -38.82
C ASN D 379 -26.63 24.83 -38.98
N LEU D 380 -26.33 26.09 -39.29
CA LEU D 380 -24.96 26.56 -39.47
C LEU D 380 -24.71 27.79 -38.61
N SER D 381 -25.26 27.81 -37.40
CA SER D 381 -25.10 28.95 -36.51
C SER D 381 -23.63 29.13 -36.14
N PHE D 382 -23.16 30.37 -36.22
CA PHE D 382 -21.77 30.68 -35.94
C PHE D 382 -21.59 31.17 -34.51
N SER D 383 -20.39 30.97 -33.97
CA SER D 383 -20.06 31.44 -32.64
C SER D 383 -19.37 32.80 -32.71
N GLU D 384 -19.41 33.52 -31.58
CA GLU D 384 -18.69 34.78 -31.50
C GLU D 384 -17.20 34.59 -31.73
N ASP D 385 -16.66 33.43 -31.34
CA ASP D 385 -15.28 33.10 -31.68
C ASP D 385 -15.11 32.97 -33.19
N GLY D 386 -16.06 32.32 -33.86
CA GLY D 386 -16.00 32.19 -35.31
C GLY D 386 -16.27 30.79 -35.79
N TYR D 387 -15.83 29.79 -35.04
CA TYR D 387 -16.04 28.40 -35.42
C TYR D 387 -17.52 28.02 -35.25
N GLN D 388 -18.07 27.32 -36.23
CA GLN D 388 -19.46 26.92 -36.17
C GLN D 388 -19.66 25.75 -35.21
N MET D 389 -20.91 25.57 -34.78
CA MET D 389 -21.23 24.52 -33.81
C MET D 389 -20.99 23.13 -34.39
N HIS D 390 -21.56 22.86 -35.56
CA HIS D 390 -21.74 21.49 -36.06
C HIS D 390 -21.14 21.34 -37.44
N PRO D 391 -19.85 21.01 -37.54
CA PRO D 391 -19.24 20.70 -38.83
C PRO D 391 -19.37 19.21 -39.15
N LYS D 392 -18.92 18.86 -40.35
CA LYS D 392 -18.87 17.47 -40.79
C LYS D 392 -17.42 17.01 -40.71
N LEU D 393 -17.10 16.23 -39.69
CA LEU D 393 -15.74 15.79 -39.43
C LEU D 393 -15.58 14.30 -39.73
N VAL D 394 -14.46 13.95 -40.34
CA VAL D 394 -14.11 12.58 -40.65
C VAL D 394 -12.75 12.28 -40.08
N ILE D 395 -12.51 11.00 -39.79
CA ILE D 395 -11.24 10.54 -39.23
C ILE D 395 -10.50 9.77 -40.31
N ILE D 396 -9.20 10.06 -40.45
CA ILE D 396 -8.41 9.57 -41.57
C ILE D 396 -7.20 8.83 -41.04
N LEU D 397 -6.91 7.67 -41.62
CA LEU D 397 -5.78 6.84 -41.23
C LEU D 397 -4.76 6.80 -42.35
N LEU D 398 -3.48 6.93 -42.00
CA LEU D 398 -2.40 6.77 -42.96
C LEU D 398 -2.07 5.30 -43.12
N ASN D 399 -2.17 4.80 -44.35
CA ASN D 399 -2.00 3.38 -44.62
C ASN D 399 -0.52 3.03 -44.76
N LYS D 400 -0.24 1.76 -45.07
CA LYS D 400 1.13 1.36 -45.35
C LYS D 400 1.65 2.06 -46.59
N GLU D 401 0.82 2.16 -47.63
CA GLU D 401 1.14 2.99 -48.77
C GLU D 401 0.81 4.44 -48.44
N ARG D 402 1.60 5.36 -49.01
CA ARG D 402 1.44 6.78 -48.68
C ARG D 402 0.19 7.35 -49.33
N LYS D 403 -0.98 6.93 -48.88
CA LYS D 403 -2.25 7.43 -49.40
C LYS D 403 -3.28 7.42 -48.28
N TRP D 404 -3.85 8.58 -47.98
CA TRP D 404 -4.85 8.67 -46.94
C TRP D 404 -6.13 7.95 -47.36
N GLU D 405 -6.79 7.31 -46.39
CA GLU D 405 -8.02 6.59 -46.62
C GLU D 405 -9.06 7.00 -45.58
N ARG D 406 -10.34 6.84 -45.95
CA ARG D 406 -11.44 7.23 -45.09
C ARG D 406 -11.76 6.12 -44.11
N VAL D 407 -12.02 6.49 -42.86
CA VAL D 407 -12.24 5.50 -41.80
C VAL D 407 -13.65 5.64 -41.23
N GLY D 408 -13.95 6.80 -40.64
CA GLY D 408 -15.22 6.98 -39.97
C GLY D 408 -15.65 8.43 -39.93
N LYS D 409 -16.95 8.62 -39.70
CA LYS D 409 -17.55 9.94 -39.65
C LYS D 409 -17.74 10.41 -38.21
N TRP D 410 -18.34 11.58 -38.05
CA TRP D 410 -18.64 12.13 -36.73
C TRP D 410 -19.72 13.20 -36.90
N LYS D 411 -20.66 13.25 -35.96
CA LYS D 411 -21.75 14.22 -36.03
C LYS D 411 -22.37 14.37 -34.65
N ASP D 412 -22.26 15.58 -34.09
CA ASP D 412 -22.96 15.96 -32.86
C ASP D 412 -22.60 15.04 -31.69
N LYS D 413 -21.29 14.95 -31.40
CA LYS D 413 -20.77 14.21 -30.26
C LYS D 413 -21.18 12.74 -30.30
N SER D 414 -21.28 12.17 -31.50
CA SER D 414 -21.68 10.78 -31.70
C SER D 414 -20.72 10.16 -32.72
N LEU D 415 -19.65 9.54 -32.23
CA LEU D 415 -18.64 8.95 -33.10
C LEU D 415 -19.10 7.57 -33.57
N GLN D 416 -18.76 7.24 -34.82
CA GLN D 416 -19.09 5.94 -35.40
C GLN D 416 -18.03 5.60 -36.44
N MET D 417 -17.55 4.36 -36.42
CA MET D 417 -16.50 3.91 -37.33
C MET D 417 -16.99 2.70 -38.12
N LYS D 418 -16.16 2.26 -39.07
CA LYS D 418 -16.44 1.07 -39.87
C LYS D 418 -15.75 -0.17 -39.32
N TYR D 419 -14.92 -0.03 -38.28
CA TYR D 419 -14.22 -1.15 -37.67
C TYR D 419 -14.66 -1.30 -36.22
N TYR D 420 -14.78 -2.54 -35.76
CA TYR D 420 -15.03 -2.81 -34.35
C TYR D 420 -13.78 -3.21 -33.59
N VAL D 421 -12.64 -3.30 -34.27
CA VAL D 421 -11.38 -3.63 -33.61
C VAL D 421 -10.24 -3.05 -34.43
N TRP D 422 -9.22 -2.55 -33.76
CA TRP D 422 -8.15 -1.84 -34.43
C TRP D 422 -7.23 -2.82 -35.14
N PRO D 423 -7.07 -2.72 -36.47
CA PRO D 423 -6.07 -3.54 -37.15
C PRO D 423 -4.66 -3.14 -36.72
N ARG D 424 -3.78 -4.13 -36.69
CA ARG D 424 -2.41 -3.93 -36.24
C ARG D 424 -1.45 -4.37 -37.34
N MET D 425 -0.15 -4.34 -37.03
CA MET D 425 0.87 -4.73 -37.98
C MET D 425 1.52 -6.06 -37.58
N ASP D 434 6.07 -12.73 -30.28
CA ASP D 434 4.67 -12.38 -30.10
C ASP D 434 4.26 -12.55 -28.64
N ASP D 435 3.68 -11.50 -28.07
CA ASP D 435 3.26 -11.48 -26.67
C ASP D 435 1.87 -10.89 -26.53
N HIS D 436 0.96 -11.28 -27.43
CA HIS D 436 -0.43 -10.82 -27.41
C HIS D 436 -1.32 -12.04 -27.42
N LEU D 437 -2.13 -12.21 -26.37
CA LEU D 437 -2.91 -13.41 -26.16
C LEU D 437 -4.38 -13.07 -25.95
N SER D 438 -5.26 -13.94 -26.42
CA SER D 438 -6.67 -13.87 -26.09
C SER D 438 -6.97 -14.76 -24.89
N ILE D 439 -8.02 -14.41 -24.15
CA ILE D 439 -8.42 -15.15 -22.96
C ILE D 439 -9.93 -15.28 -22.96
N VAL D 440 -10.43 -16.45 -22.57
CA VAL D 440 -11.86 -16.71 -22.50
C VAL D 440 -12.21 -17.07 -21.05
N THR D 441 -13.44 -16.74 -20.65
CA THR D 441 -13.87 -16.96 -19.28
C THR D 441 -15.39 -17.19 -19.27
N LEU D 442 -15.95 -17.21 -18.07
CA LEU D 442 -17.39 -17.42 -17.88
C LEU D 442 -17.82 -16.72 -16.61
N GLU D 443 -19.09 -16.34 -16.54
CA GLU D 443 -19.56 -15.56 -15.40
C GLU D 443 -20.03 -16.46 -14.26
N GLU D 444 -19.71 -16.05 -13.04
CA GLU D 444 -20.20 -16.71 -11.83
C GLU D 444 -20.28 -15.67 -10.72
N ALA D 445 -21.07 -15.97 -9.69
CA ALA D 445 -21.38 -14.97 -8.67
C ALA D 445 -20.16 -14.40 -7.98
N PRO D 446 -19.23 -15.20 -7.43
CA PRO D 446 -18.13 -14.61 -6.66
C PRO D 446 -16.87 -14.28 -7.44
N PHE D 447 -16.71 -14.78 -8.67
CA PHE D 447 -15.45 -14.65 -9.38
C PHE D 447 -15.52 -13.71 -10.58
N VAL D 448 -16.60 -13.77 -11.36
CA VAL D 448 -16.73 -12.97 -12.58
C VAL D 448 -18.13 -12.35 -12.56
N ILE D 449 -18.21 -11.10 -12.10
CA ILE D 449 -19.47 -10.37 -12.07
C ILE D 449 -19.55 -9.49 -13.32
N VAL D 450 -20.67 -9.56 -14.02
CA VAL D 450 -20.88 -8.77 -15.23
C VAL D 450 -21.80 -7.60 -14.90
N GLU D 451 -21.51 -6.44 -15.49
CA GLU D 451 -22.28 -5.23 -15.23
C GLU D 451 -22.29 -4.37 -16.49
N SER D 452 -23.40 -3.68 -16.72
CA SER D 452 -23.56 -2.88 -17.91
C SER D 452 -22.65 -1.64 -17.86
N VAL D 453 -22.45 -1.03 -19.03
CA VAL D 453 -21.55 0.10 -19.12
C VAL D 453 -22.24 1.37 -18.61
N ASP D 454 -21.43 2.40 -18.40
CA ASP D 454 -21.96 3.68 -17.98
C ASP D 454 -22.80 4.29 -19.09
N PRO D 455 -23.99 4.84 -18.79
CA PRO D 455 -24.85 5.36 -19.85
C PRO D 455 -24.32 6.60 -20.53
N LEU D 456 -23.34 7.30 -19.95
CA LEU D 456 -22.86 8.56 -20.52
C LEU D 456 -21.65 8.35 -21.42
N SER D 457 -20.56 7.81 -20.86
CA SER D 457 -19.31 7.74 -21.61
C SER D 457 -19.35 6.67 -22.68
N GLY D 458 -19.86 5.48 -22.35
CA GLY D 458 -19.83 4.33 -23.22
C GLY D 458 -19.16 3.12 -22.59
N THR D 459 -18.11 3.34 -21.81
CA THR D 459 -17.50 2.32 -20.98
C THR D 459 -17.71 2.67 -19.52
N CYS D 460 -17.71 1.65 -18.66
CA CYS D 460 -18.00 1.85 -17.25
C CYS D 460 -16.74 2.35 -16.53
N MET D 461 -16.80 2.41 -15.20
CA MET D 461 -15.78 3.08 -14.42
C MET D 461 -14.49 2.27 -14.41
N ARG D 462 -13.52 2.75 -13.64
CA ARG D 462 -12.20 2.13 -13.56
C ARG D 462 -12.29 0.85 -12.73
N ASN D 463 -11.12 0.27 -12.43
CA ASN D 463 -11.02 -0.98 -11.67
C ASN D 463 -11.77 -2.10 -12.36
N THR D 464 -11.64 -2.19 -13.67
CA THR D 464 -12.25 -3.27 -14.44
C THR D 464 -11.59 -3.32 -15.82
N VAL D 465 -11.97 -4.32 -16.60
CA VAL D 465 -11.46 -4.49 -17.96
C VAL D 465 -12.65 -4.72 -18.88
N PRO D 466 -12.62 -4.21 -20.07
CA PRO D 466 -13.76 -4.33 -20.94
C PRO D 466 -13.77 -5.64 -21.63
N CYS D 467 -14.87 -6.36 -21.62
CA CYS D 467 -15.00 -7.67 -22.25
C CYS D 467 -16.18 -7.54 -23.14
N GLN D 468 -16.05 -7.98 -24.36
CA GLN D 468 -17.12 -7.84 -25.31
C GLN D 468 -17.60 -9.21 -25.70
N LYS D 469 -18.92 -9.43 -25.58
CA LYS D 469 -19.67 -10.69 -25.79
C LYS D 469 -20.42 -10.83 -27.07
N ARG D 470 -20.77 -12.05 -27.46
CA ARG D 470 -21.39 -12.16 -28.78
C ARG D 470 -22.82 -12.66 -28.65
N ILE D 471 -23.72 -12.06 -29.42
CA ILE D 471 -25.10 -12.52 -29.54
C ILE D 471 -25.54 -12.36 -30.98
N ILE D 472 -26.34 -13.32 -31.46
CA ILE D 472 -26.86 -13.33 -32.82
C ILE D 472 -28.38 -13.33 -32.75
N SER D 473 -29.02 -12.90 -33.83
CA SER D 473 -30.47 -12.79 -33.88
C SER D 473 -31.08 -14.18 -34.07
N GLU D 474 -32.38 -14.21 -34.37
CA GLU D 474 -33.11 -15.46 -34.47
C GLU D 474 -32.51 -16.36 -35.55
N ASN D 475 -32.88 -17.65 -35.49
CA ASN D 475 -32.35 -18.63 -36.41
C ASN D 475 -32.81 -18.42 -37.85
N LYS D 476 -34.01 -17.86 -38.05
CA LYS D 476 -34.50 -17.63 -39.41
C LYS D 476 -33.63 -16.62 -40.15
N THR D 477 -33.37 -15.47 -39.51
CA THR D 477 -32.50 -14.45 -40.08
C THR D 477 -31.40 -14.13 -39.08
N ASP D 478 -30.15 -14.32 -39.49
CA ASP D 478 -29.01 -14.12 -38.61
C ASP D 478 -28.31 -12.81 -38.97
N GLU D 479 -27.50 -12.33 -38.02
CA GLU D 479 -26.87 -11.02 -38.14
C GLU D 479 -25.38 -11.20 -38.36
N GLU D 480 -24.79 -10.27 -39.13
CA GLU D 480 -23.37 -10.26 -39.44
C GLU D 480 -22.60 -9.66 -38.27
N PRO D 481 -21.36 -10.16 -37.96
CA PRO D 481 -20.71 -9.90 -36.66
C PRO D 481 -21.35 -8.88 -35.72
N GLY D 482 -22.51 -9.23 -35.18
CA GLY D 482 -23.18 -8.40 -34.20
C GLY D 482 -22.55 -8.55 -32.83
N TYR D 483 -21.87 -7.51 -32.36
CA TYR D 483 -21.09 -7.56 -31.14
C TYR D 483 -21.54 -6.45 -30.19
N ILE D 484 -21.58 -6.77 -28.90
CA ILE D 484 -21.92 -5.81 -27.86
C ILE D 484 -20.90 -5.93 -26.74
N LYS D 485 -20.44 -4.78 -26.25
CA LYS D 485 -19.37 -4.72 -25.26
C LYS D 485 -19.94 -4.36 -23.89
N LYS D 486 -19.43 -5.03 -22.87
CA LYS D 486 -19.73 -4.71 -21.48
C LYS D 486 -18.42 -4.71 -20.69
N CYS D 487 -18.49 -4.53 -19.37
CA CYS D 487 -17.29 -4.55 -18.56
C CYS D 487 -17.44 -5.56 -17.44
N CYS D 488 -16.37 -6.32 -17.21
CA CYS D 488 -16.35 -7.43 -16.25
C CYS D 488 -15.41 -7.08 -15.11
N LYS D 489 -15.83 -7.36 -13.88
CA LYS D 489 -15.04 -7.05 -12.71
C LYS D 489 -15.31 -8.07 -11.62
N GLY D 490 -14.35 -8.21 -10.71
CA GLY D 490 -14.46 -9.18 -9.64
C GLY D 490 -13.14 -9.59 -9.01
N PHE D 491 -12.91 -10.90 -8.90
CA PHE D 491 -11.73 -11.44 -8.24
C PHE D 491 -10.71 -12.00 -9.24
N CYS D 492 -11.16 -12.92 -10.11
CA CYS D 492 -10.27 -13.46 -11.12
C CYS D 492 -9.77 -12.36 -12.06
N ILE D 493 -10.61 -11.36 -12.33
CA ILE D 493 -10.16 -10.25 -13.16
C ILE D 493 -9.00 -9.52 -12.50
N ASP D 494 -9.12 -9.28 -11.20
CA ASP D 494 -8.04 -8.58 -10.48
C ASP D 494 -6.76 -9.42 -10.46
N ILE D 495 -6.89 -10.74 -10.23
CA ILE D 495 -5.68 -11.56 -10.19
C ILE D 495 -5.04 -11.63 -11.57
N LEU D 496 -5.85 -11.66 -12.63
CA LEU D 496 -5.31 -11.65 -13.99
C LEU D 496 -4.59 -10.34 -14.28
N LYS D 497 -5.17 -9.22 -13.85
CA LYS D 497 -4.50 -7.94 -14.03
C LYS D 497 -3.18 -7.89 -13.29
N LYS D 498 -3.16 -8.43 -12.06
CA LYS D 498 -1.92 -8.49 -11.30
C LYS D 498 -0.86 -9.32 -12.02
N ILE D 499 -1.26 -10.48 -12.56
CA ILE D 499 -0.27 -11.33 -13.22
C ILE D 499 0.23 -10.67 -14.51
N SER D 500 -0.65 -9.97 -15.22
CA SER D 500 -0.23 -9.25 -16.43
C SER D 500 0.72 -8.11 -16.10
N LYS D 501 0.51 -7.43 -14.98
CA LYS D 501 1.46 -6.41 -14.56
C LYS D 501 2.78 -7.05 -14.12
N SER D 502 2.71 -8.26 -13.56
CA SER D 502 3.92 -8.93 -13.10
C SER D 502 4.82 -9.31 -14.28
N VAL D 503 4.26 -9.97 -15.28
CA VAL D 503 5.00 -10.36 -16.48
C VAL D 503 4.37 -9.68 -17.68
N LYS D 504 5.20 -8.97 -18.46
CA LYS D 504 4.72 -8.06 -19.48
C LYS D 504 4.09 -8.83 -20.64
N PHE D 505 2.77 -8.76 -20.74
CA PHE D 505 2.05 -9.16 -21.95
C PHE D 505 0.65 -8.58 -21.87
N THR D 506 0.06 -8.34 -23.03
CA THR D 506 -1.25 -7.72 -23.13
C THR D 506 -2.32 -8.81 -23.22
N TYR D 507 -3.58 -8.37 -23.21
CA TYR D 507 -4.69 -9.30 -23.17
C TYR D 507 -5.97 -8.60 -23.61
N ASP D 508 -6.96 -9.41 -23.96
CA ASP D 508 -8.29 -8.93 -24.31
C ASP D 508 -9.29 -10.03 -24.03
N LEU D 509 -10.33 -9.70 -23.28
CA LEU D 509 -11.27 -10.68 -22.74
C LEU D 509 -12.54 -10.72 -23.56
N TYR D 510 -12.94 -11.93 -23.99
CA TYR D 510 -14.22 -12.12 -24.65
C TYR D 510 -14.89 -13.36 -24.10
N LEU D 511 -16.19 -13.27 -23.87
CA LEU D 511 -16.95 -14.29 -23.16
C LEU D 511 -17.25 -15.46 -24.10
N VAL D 512 -18.07 -16.41 -23.62
CA VAL D 512 -18.45 -17.59 -24.38
C VAL D 512 -19.97 -17.74 -24.26
N THR D 513 -20.54 -18.42 -25.26
CA THR D 513 -21.99 -18.57 -25.36
C THR D 513 -22.45 -20.03 -25.42
N ASN D 514 -21.59 -20.93 -25.88
CA ASN D 514 -21.99 -22.31 -26.16
C ASN D 514 -22.08 -23.13 -24.86
N GLY D 515 -22.99 -22.70 -23.99
CA GLY D 515 -23.35 -23.52 -22.85
C GLY D 515 -22.81 -23.07 -21.49
N LYS D 516 -21.96 -23.91 -20.90
CA LYS D 516 -21.53 -23.77 -19.52
C LYS D 516 -20.10 -24.28 -19.43
N HIS D 517 -19.66 -24.62 -18.21
CA HIS D 517 -18.31 -25.10 -17.96
C HIS D 517 -17.82 -26.07 -19.04
N GLY D 518 -18.57 -27.14 -19.27
CA GLY D 518 -18.23 -28.06 -20.33
C GLY D 518 -18.09 -29.51 -19.89
N LYS D 519 -18.26 -30.43 -20.84
CA LYS D 519 -18.15 -31.85 -20.56
C LYS D 519 -17.84 -32.59 -21.84
N LYS D 520 -17.54 -33.89 -21.70
CA LYS D 520 -17.24 -34.74 -22.85
C LYS D 520 -18.50 -35.44 -23.31
N ILE D 521 -18.92 -35.17 -24.55
CA ILE D 521 -19.99 -35.91 -25.22
C ILE D 521 -19.44 -36.32 -26.58
N ASN D 522 -19.68 -37.59 -26.96
CA ASN D 522 -19.18 -38.22 -28.19
C ASN D 522 -17.83 -37.66 -28.63
N GLY D 523 -16.88 -37.64 -27.69
CA GLY D 523 -15.54 -37.20 -28.01
C GLY D 523 -15.41 -35.72 -28.33
N THR D 524 -16.44 -34.92 -28.02
CA THR D 524 -16.41 -33.49 -28.30
C THR D 524 -16.54 -32.73 -26.98
N TRP D 525 -16.16 -31.45 -27.03
CA TRP D 525 -16.11 -30.62 -25.84
C TRP D 525 -16.79 -29.29 -26.10
N ASN D 526 -17.53 -28.83 -25.10
CA ASN D 526 -18.16 -27.51 -25.09
C ASN D 526 -17.48 -26.61 -24.07
N GLY D 527 -18.01 -25.41 -23.92
CA GLY D 527 -17.55 -24.53 -22.86
C GLY D 527 -16.12 -24.08 -23.06
N MET D 528 -15.48 -23.72 -21.95
CA MET D 528 -14.10 -23.23 -22.00
C MET D 528 -13.16 -24.31 -22.52
N ILE D 529 -13.35 -25.56 -22.09
CA ILE D 529 -12.52 -26.65 -22.56
C ILE D 529 -12.67 -26.80 -24.08
N GLY D 530 -13.89 -26.72 -24.57
CA GLY D 530 -14.10 -26.78 -26.00
C GLY D 530 -13.45 -25.61 -26.73
N GLU D 531 -13.56 -24.41 -26.17
CA GLU D 531 -12.98 -23.24 -26.81
C GLU D 531 -11.46 -23.25 -26.80
N VAL D 532 -10.85 -23.99 -25.88
CA VAL D 532 -9.39 -24.02 -25.82
C VAL D 532 -8.81 -25.26 -26.51
N VAL D 533 -9.62 -26.31 -26.71
CA VAL D 533 -9.12 -27.52 -27.35
C VAL D 533 -8.85 -27.32 -28.84
N MET D 534 -9.47 -26.31 -29.45
CA MET D 534 -9.34 -26.08 -30.89
C MET D 534 -8.29 -25.03 -31.22
N LYS D 535 -7.38 -24.73 -30.28
CA LYS D 535 -6.28 -23.81 -30.51
C LYS D 535 -6.78 -22.44 -30.97
N ARG D 536 -7.84 -21.95 -30.33
CA ARG D 536 -8.40 -20.64 -30.65
C ARG D 536 -8.53 -19.73 -29.44
N ALA D 537 -8.25 -20.22 -28.23
CA ALA D 537 -8.37 -19.42 -27.03
C ALA D 537 -7.04 -19.18 -26.34
N TYR D 538 -6.26 -20.25 -26.11
CA TYR D 538 -4.90 -20.18 -25.57
C TYR D 538 -4.86 -19.82 -24.09
N MET D 539 -6.02 -19.53 -23.49
CA MET D 539 -6.05 -19.18 -22.07
C MET D 539 -7.48 -19.28 -21.58
N ALA D 540 -7.69 -20.04 -20.50
CA ALA D 540 -8.98 -20.15 -19.85
C ALA D 540 -8.85 -19.74 -18.39
N VAL D 541 -9.69 -18.80 -17.96
CA VAL D 541 -9.68 -18.29 -16.60
C VAL D 541 -11.11 -18.27 -16.09
N GLY D 542 -11.25 -18.25 -14.77
CA GLY D 542 -12.56 -18.14 -14.17
C GLY D 542 -12.87 -19.24 -13.18
N SER D 543 -13.98 -19.94 -13.39
CA SER D 543 -14.43 -20.99 -12.49
C SER D 543 -14.27 -22.33 -13.21
N LEU D 544 -13.08 -22.91 -13.10
CA LEU D 544 -12.81 -24.25 -13.63
C LEU D 544 -12.36 -25.14 -12.49
N THR D 545 -13.07 -26.26 -12.32
CA THR D 545 -12.62 -27.28 -11.38
C THR D 545 -11.49 -28.07 -12.00
N ILE D 546 -11.04 -29.11 -11.30
CA ILE D 546 -9.98 -29.96 -11.81
C ILE D 546 -10.33 -31.42 -11.50
N ASN D 547 -10.08 -32.29 -12.47
CA ASN D 547 -10.46 -33.69 -12.38
C ASN D 547 -9.47 -34.52 -13.18
N GLU D 548 -9.85 -35.76 -13.47
CA GLU D 548 -8.96 -36.68 -14.17
C GLU D 548 -8.96 -36.46 -15.68
N GLU D 549 -10.13 -36.43 -16.31
CA GLU D 549 -10.21 -36.38 -17.76
C GLU D 549 -9.54 -35.11 -18.30
N ARG D 550 -9.86 -33.96 -17.71
CA ARG D 550 -9.40 -32.69 -18.26
C ARG D 550 -7.88 -32.56 -18.24
N SER D 551 -7.21 -33.28 -17.33
CA SER D 551 -5.76 -33.24 -17.30
C SER D 551 -5.13 -33.90 -18.52
N GLU D 552 -5.89 -34.70 -19.26
CA GLU D 552 -5.38 -35.36 -20.46
C GLU D 552 -5.44 -34.48 -21.69
N VAL D 553 -6.31 -33.47 -21.70
CA VAL D 553 -6.46 -32.57 -22.85
C VAL D 553 -5.69 -31.27 -22.64
N VAL D 554 -6.02 -30.55 -21.58
CA VAL D 554 -5.29 -29.33 -21.22
C VAL D 554 -4.45 -29.62 -20.00
N ASP D 555 -3.55 -28.68 -19.68
CA ASP D 555 -2.71 -28.80 -18.51
C ASP D 555 -3.18 -27.78 -17.46
N PHE D 556 -2.51 -27.76 -16.31
CA PHE D 556 -2.97 -26.97 -15.18
C PHE D 556 -1.80 -26.43 -14.39
N SER D 557 -2.06 -25.35 -13.66
CA SER D 557 -1.09 -24.70 -12.80
C SER D 557 -1.41 -24.99 -11.33
N VAL D 558 -0.66 -24.36 -10.43
CA VAL D 558 -0.85 -24.60 -9.00
C VAL D 558 -2.15 -23.95 -8.55
N PRO D 559 -3.00 -24.66 -7.82
CA PRO D 559 -4.25 -24.06 -7.34
C PRO D 559 -3.98 -23.02 -6.27
N PHE D 560 -4.95 -22.12 -6.08
CA PHE D 560 -4.83 -21.07 -5.08
C PHE D 560 -6.00 -21.01 -4.10
N ILE D 561 -7.07 -21.78 -4.32
CA ILE D 561 -8.21 -21.80 -3.41
C ILE D 561 -8.62 -23.25 -3.21
N GLU D 562 -8.64 -23.69 -1.95
CA GLU D 562 -9.13 -25.02 -1.64
C GLU D 562 -10.65 -25.07 -1.74
N THR D 563 -11.17 -26.15 -2.29
CA THR D 563 -12.60 -26.29 -2.51
C THR D 563 -12.92 -27.77 -2.71
N GLY D 564 -14.17 -28.05 -3.08
CA GLY D 564 -14.59 -29.41 -3.31
C GLY D 564 -16.11 -29.51 -3.27
N ILE D 565 -16.58 -30.69 -2.88
CA ILE D 565 -18.00 -30.99 -2.79
C ILE D 565 -18.44 -30.82 -1.34
N SER D 566 -19.51 -30.06 -1.14
CA SER D 566 -20.00 -29.79 0.20
C SER D 566 -21.52 -29.91 0.22
N VAL D 567 -22.06 -30.06 1.42
CA VAL D 567 -23.49 -30.22 1.63
C VAL D 567 -24.02 -28.96 2.29
N MET D 568 -25.14 -28.45 1.78
CA MET D 568 -25.75 -27.24 2.32
C MET D 568 -27.21 -27.52 2.59
N VAL D 569 -27.63 -27.27 3.84
CA VAL D 569 -28.99 -27.58 4.29
C VAL D 569 -29.53 -26.37 5.04
N SER D 570 -30.85 -26.29 5.09
CA SER D 570 -31.51 -25.27 5.91
C SER D 570 -31.27 -25.54 7.38
N ARG D 571 -31.03 -24.47 8.14
CA ARG D 571 -30.79 -24.59 9.56
C ARG D 571 -32.10 -24.82 10.29
N SER D 572 -32.23 -25.99 10.92
CA SER D 572 -33.46 -26.34 11.60
C SER D 572 -33.77 -25.36 12.72
N ASN D 573 -35.02 -24.90 12.77
CA ASN D 573 -35.46 -23.98 13.81
C ASN D 573 -35.77 -24.76 15.08
N GLY D 574 -34.89 -24.66 16.06
CA GLY D 574 -35.02 -25.38 17.31
C GLY D 574 -33.66 -25.81 17.81
N THR D 575 -33.67 -26.69 18.81
CA THR D 575 -32.44 -27.18 19.41
C THR D 575 -32.45 -28.70 19.51
N VAL D 576 -31.47 -29.27 20.19
CA VAL D 576 -31.42 -30.71 20.43
C VAL D 576 -31.25 -30.96 21.92
N SER D 577 -32.09 -31.83 22.47
CA SER D 577 -32.08 -32.15 23.89
C SER D 577 -32.83 -33.45 24.15
N PRO D 578 -32.33 -34.59 23.66
CA PRO D 578 -33.08 -35.86 23.84
C PRO D 578 -33.24 -36.24 25.30
N SER D 579 -32.27 -35.92 26.14
CA SER D 579 -32.28 -36.30 27.56
C SER D 579 -31.92 -35.11 28.42
N ALA D 580 -32.57 -33.97 28.17
CA ALA D 580 -32.21 -32.73 28.85
C ALA D 580 -32.44 -32.82 30.35
N PHE D 581 -33.61 -33.30 30.77
CA PHE D 581 -33.99 -33.20 32.18
C PHE D 581 -33.08 -34.02 33.09
N LEU D 582 -32.38 -35.01 32.55
CA LEU D 582 -31.50 -35.84 33.36
C LEU D 582 -30.02 -35.49 33.20
N GLU D 583 -29.65 -34.77 32.13
CA GLU D 583 -28.24 -34.50 31.86
C GLU D 583 -27.53 -33.76 32.99
N PRO D 584 -28.05 -32.68 33.55
CA PRO D 584 -27.30 -31.95 34.58
C PRO D 584 -27.30 -32.71 35.90
N PHE D 585 -26.72 -32.05 36.91
CA PHE D 585 -26.56 -32.60 38.25
C PHE D 585 -25.58 -33.77 38.18
N SER D 586 -26.02 -34.98 38.48
CA SER D 586 -25.14 -36.13 38.50
C SER D 586 -25.95 -37.40 38.32
N ALA D 587 -25.28 -38.47 37.88
CA ALA D 587 -25.92 -39.75 37.66
C ALA D 587 -25.67 -40.76 38.78
N ASP D 588 -25.06 -40.33 39.88
CA ASP D 588 -24.72 -41.23 40.98
C ASP D 588 -25.24 -40.77 42.33
N VAL D 589 -25.48 -39.47 42.50
CA VAL D 589 -25.88 -38.93 43.79
C VAL D 589 -27.27 -39.43 44.20
N TRP D 590 -28.09 -39.85 43.25
CA TRP D 590 -29.48 -40.20 43.56
C TRP D 590 -29.55 -41.43 44.47
N VAL D 591 -28.76 -42.46 44.16
CA VAL D 591 -28.83 -43.69 44.95
C VAL D 591 -28.30 -43.45 46.36
N MET D 592 -27.25 -42.63 46.50
CA MET D 592 -26.74 -42.35 47.84
C MET D 592 -27.69 -41.43 48.61
N MET D 593 -28.43 -40.58 47.91
CA MET D 593 -29.51 -39.85 48.56
C MET D 593 -30.58 -40.81 49.07
N PHE D 594 -30.90 -41.84 48.28
CA PHE D 594 -31.91 -42.82 48.68
C PHE D 594 -31.45 -43.61 49.91
N VAL D 595 -30.18 -44.01 49.94
CA VAL D 595 -29.68 -44.71 51.12
C VAL D 595 -29.61 -43.77 52.31
N MET D 596 -29.34 -42.48 52.08
CA MET D 596 -29.39 -41.51 53.18
C MET D 596 -30.80 -41.38 53.73
N LEU D 597 -31.80 -41.41 52.84
CA LEU D 597 -33.20 -41.55 53.24
C LEU D 597 -33.40 -42.71 54.19
N LEU D 598 -32.92 -43.89 53.79
CA LEU D 598 -33.06 -45.06 54.67
C LEU D 598 -32.36 -44.86 56.00
N ILE D 599 -31.19 -44.22 55.98
CA ILE D 599 -30.46 -43.98 57.22
C ILE D 599 -31.25 -43.06 58.15
N VAL D 600 -31.74 -41.94 57.62
CA VAL D 600 -32.46 -40.98 58.45
C VAL D 600 -33.78 -41.56 58.93
N SER D 601 -34.34 -42.51 58.18
CA SER D 601 -35.62 -43.10 58.58
C SER D 601 -35.55 -43.82 59.92
N ALA D 602 -34.35 -44.15 60.40
CA ALA D 602 -34.19 -44.90 61.63
C ALA D 602 -34.58 -44.12 62.88
N VAL D 603 -34.72 -42.79 62.79
CA VAL D 603 -35.01 -41.98 63.96
C VAL D 603 -36.44 -42.18 64.45
N ALA D 604 -37.29 -42.89 63.71
CA ALA D 604 -38.64 -43.16 64.18
C ALA D 604 -38.62 -43.94 65.50
N VAL D 605 -37.78 -44.98 65.58
CA VAL D 605 -37.66 -45.74 66.82
C VAL D 605 -37.09 -44.87 67.92
N PHE D 606 -36.10 -44.03 67.59
CA PHE D 606 -35.48 -43.16 68.58
C PHE D 606 -36.50 -42.23 69.20
N VAL D 607 -37.40 -41.68 68.37
CA VAL D 607 -38.46 -40.81 68.88
C VAL D 607 -39.47 -41.60 69.68
N PHE D 608 -39.84 -42.79 69.20
CA PHE D 608 -40.84 -43.59 69.89
C PHE D 608 -40.40 -43.97 71.29
N GLU D 609 -39.10 -44.29 71.46
CA GLU D 609 -38.61 -44.65 72.79
C GLU D 609 -38.51 -43.44 73.71
N TYR D 610 -38.67 -42.24 73.17
CA TYR D 610 -38.61 -41.03 73.99
C TYR D 610 -39.96 -40.72 74.64
N SER D 630 -48.86 -43.29 67.28
CA SER D 630 -49.38 -44.04 66.14
C SER D 630 -48.49 -43.84 64.91
N PHE D 631 -47.20 -43.62 65.15
CA PHE D 631 -46.26 -43.39 64.06
C PHE D 631 -45.83 -44.72 63.47
N THR D 632 -46.16 -44.93 62.20
CA THR D 632 -45.88 -46.18 61.49
C THR D 632 -44.51 -46.09 60.82
N ILE D 633 -44.22 -47.07 59.95
CA ILE D 633 -43.01 -47.04 59.16
C ILE D 633 -43.28 -46.62 57.71
N GLY D 634 -44.45 -46.92 57.16
CA GLY D 634 -44.77 -46.47 55.82
C GLY D 634 -44.84 -44.96 55.71
N LYS D 635 -45.53 -44.32 56.65
CA LYS D 635 -45.59 -42.87 56.66
C LYS D 635 -44.25 -42.23 56.99
N ALA D 636 -43.38 -42.93 57.71
CA ALA D 636 -42.10 -42.37 58.11
C ALA D 636 -41.28 -41.97 56.90
N ILE D 637 -41.09 -42.90 55.96
CA ILE D 637 -40.37 -42.58 54.74
C ILE D 637 -41.15 -41.59 53.89
N TRP D 638 -42.48 -41.73 53.87
CA TRP D 638 -43.29 -40.96 52.93
C TRP D 638 -43.26 -39.47 53.24
N LEU D 639 -43.36 -39.11 54.53
CA LEU D 639 -43.34 -37.71 54.91
C LEU D 639 -42.11 -37.01 54.36
N LEU D 640 -40.92 -37.52 54.72
CA LEU D 640 -39.70 -36.85 54.32
C LEU D 640 -39.49 -36.91 52.81
N TRP D 641 -39.76 -38.09 52.21
CA TRP D 641 -39.55 -38.25 50.77
C TRP D 641 -40.44 -37.32 49.96
N GLY D 642 -41.64 -37.03 50.45
CA GLY D 642 -42.44 -36.00 49.83
C GLY D 642 -42.01 -34.59 50.16
N LEU D 643 -41.49 -34.37 51.36
CA LEU D 643 -41.10 -33.01 51.76
C LEU D 643 -39.88 -32.54 50.99
N VAL D 644 -39.06 -33.48 50.49
CA VAL D 644 -37.88 -33.07 49.74
C VAL D 644 -38.28 -32.30 48.49
N PHE D 645 -39.57 -32.32 48.20
CA PHE D 645 -39.90 -31.70 46.96
C PHE D 645 -41.09 -30.81 46.90
N ASN D 646 -40.92 -29.69 47.50
CA ASN D 646 -41.96 -28.75 47.55
C ASN D 646 -43.32 -29.12 48.06
N ASN D 647 -43.28 -29.62 49.30
CA ASN D 647 -44.38 -29.81 50.26
C ASN D 647 -45.47 -30.33 49.54
N SER D 648 -45.07 -31.16 48.74
CA SER D 648 -46.14 -31.42 47.78
C SER D 648 -47.21 -32.33 48.38
N VAL D 649 -46.81 -33.29 49.20
CA VAL D 649 -47.72 -34.31 49.72
C VAL D 649 -48.26 -33.87 51.08
N PRO D 650 -49.58 -33.83 51.26
CA PRO D 650 -50.11 -33.59 52.61
C PRO D 650 -49.95 -34.83 53.47
N VAL D 651 -49.49 -34.61 54.70
CA VAL D 651 -49.15 -35.71 55.59
C VAL D 651 -49.59 -35.40 57.01
N GLN D 652 -49.34 -36.34 57.93
CA GLN D 652 -49.57 -36.14 59.35
C GLN D 652 -48.21 -36.14 60.05
N ASN D 653 -48.02 -35.19 60.94
CA ASN D 653 -46.69 -34.89 61.48
C ASN D 653 -46.49 -35.60 62.82
N PRO D 654 -45.33 -36.23 63.01
CA PRO D 654 -45.01 -36.78 64.33
C PRO D 654 -44.98 -35.70 65.40
N LYS D 655 -45.28 -36.14 66.63
CA LYS D 655 -45.53 -35.25 67.75
C LYS D 655 -44.35 -35.13 68.70
N GLY D 656 -43.17 -35.60 68.31
CA GLY D 656 -41.99 -35.54 69.14
C GLY D 656 -41.25 -34.21 69.01
N THR D 657 -40.02 -34.21 69.52
CA THR D 657 -39.15 -33.04 69.47
C THR D 657 -37.89 -33.29 68.65
N THR D 658 -37.17 -34.37 68.93
CA THR D 658 -36.00 -34.70 68.11
C THR D 658 -36.41 -35.04 66.69
N SER D 659 -37.59 -35.65 66.51
CA SER D 659 -38.15 -35.76 65.17
C SER D 659 -38.29 -34.39 64.53
N LYS D 660 -38.75 -33.41 65.31
CA LYS D 660 -38.92 -32.05 64.80
C LYS D 660 -37.60 -31.47 64.32
N ILE D 661 -36.55 -31.58 65.14
CA ILE D 661 -35.26 -31.00 64.75
C ILE D 661 -34.71 -31.73 63.52
N MET D 662 -34.87 -33.05 63.48
CA MET D 662 -34.36 -33.82 62.34
C MET D 662 -35.07 -33.43 61.05
N VAL D 663 -36.40 -33.33 61.09
CA VAL D 663 -37.11 -32.98 59.87
C VAL D 663 -36.80 -31.55 59.45
N SER D 664 -36.57 -30.65 60.42
CA SER D 664 -36.18 -29.29 60.06
C SER D 664 -34.85 -29.26 59.33
N VAL D 665 -33.83 -29.95 59.86
CA VAL D 665 -32.53 -29.92 59.18
C VAL D 665 -32.63 -30.60 57.83
N TRP D 666 -33.42 -31.67 57.72
CA TRP D 666 -33.59 -32.30 56.42
C TRP D 666 -34.26 -31.36 55.44
N ALA D 667 -35.22 -30.58 55.89
CA ALA D 667 -35.89 -29.61 55.00
C ALA D 667 -34.91 -28.58 54.50
N PHE D 668 -34.02 -28.11 55.38
CA PHE D 668 -32.95 -27.21 54.96
C PHE D 668 -32.10 -27.84 53.85
N PHE D 669 -31.67 -29.08 54.08
CA PHE D 669 -30.97 -29.83 53.04
C PHE D 669 -31.76 -29.84 51.74
N ALA D 670 -32.99 -29.66 52.08
CA ALA D 670 -33.93 -29.61 51.10
C ALA D 670 -33.77 -28.47 50.21
N VAL D 671 -33.71 -27.29 50.76
CA VAL D 671 -33.76 -26.17 49.89
C VAL D 671 -32.67 -26.02 49.00
N ILE D 672 -31.51 -26.25 49.52
CA ILE D 672 -30.42 -26.14 48.67
C ILE D 672 -30.40 -27.10 47.61
N PHE D 673 -30.70 -28.33 47.90
CA PHE D 673 -30.66 -29.31 46.90
C PHE D 673 -31.62 -29.00 45.81
N LEU D 674 -32.84 -28.62 46.12
CA LEU D 674 -33.72 -28.37 45.03
C LEU D 674 -33.34 -27.21 44.26
N ALA D 675 -32.95 -26.17 44.92
CA ALA D 675 -32.63 -24.99 44.20
C ALA D 675 -31.43 -25.12 43.33
N SER D 676 -30.46 -25.83 43.84
CA SER D 676 -29.26 -26.01 43.12
C SER D 676 -29.56 -26.75 41.91
N TYR D 677 -30.38 -27.78 41.99
CA TYR D 677 -30.77 -28.43 40.80
C TYR D 677 -31.49 -27.56 39.90
N THR D 678 -32.36 -26.68 40.35
CA THR D 678 -32.95 -25.88 39.36
C THR D 678 -32.02 -25.06 38.60
N ALA D 679 -31.05 -24.37 39.16
CA ALA D 679 -30.27 -23.58 38.22
C ALA D 679 -29.43 -24.41 37.37
N ASN D 680 -28.70 -25.22 38.05
CA ASN D 680 -27.79 -25.93 37.15
C ASN D 680 -28.47 -26.35 35.86
N LEU D 681 -29.73 -26.79 35.95
CA LEU D 681 -30.46 -27.15 34.74
C LEU D 681 -30.63 -25.94 33.83
N ALA D 682 -30.98 -24.79 34.40
CA ALA D 682 -31.08 -23.58 33.58
C ALA D 682 -29.76 -23.27 32.92
N ALA D 683 -28.66 -23.34 33.68
CA ALA D 683 -27.35 -23.06 33.11
C ALA D 683 -27.02 -24.02 31.98
N PHE D 684 -27.30 -25.31 32.17
CA PHE D 684 -27.03 -26.30 31.13
C PHE D 684 -27.80 -25.98 29.86
N MET D 685 -29.08 -25.65 29.99
CA MET D 685 -29.87 -25.45 28.78
C MET D 685 -29.52 -24.11 28.12
N ILE D 686 -28.91 -23.19 28.85
CA ILE D 686 -28.46 -21.94 28.24
C ILE D 686 -27.40 -22.23 27.18
N GLN D 687 -26.38 -23.00 27.54
CA GLN D 687 -25.24 -23.24 26.64
C GLN D 687 -25.40 -24.58 25.91
N GLU D 688 -26.42 -24.63 25.05
CA GLU D 688 -26.65 -25.81 24.24
C GLU D 688 -25.71 -25.82 23.03
N GLU D 689 -25.85 -26.86 22.20
CA GLU D 689 -25.07 -26.98 20.98
C GLU D 689 -25.94 -27.61 19.90
N TYR D 690 -26.20 -26.86 18.83
CA TYR D 690 -27.04 -27.34 17.75
C TYR D 690 -26.29 -28.35 16.89
N VAL D 691 -26.97 -29.44 16.54
CA VAL D 691 -26.42 -30.50 15.69
C VAL D 691 -27.32 -30.66 14.48
N ASP D 692 -26.74 -30.57 13.29
CA ASP D 692 -27.51 -30.73 12.06
C ASP D 692 -28.00 -32.17 11.92
N GLN D 693 -29.14 -32.32 11.25
CA GLN D 693 -29.79 -33.63 11.12
C GLN D 693 -29.21 -34.44 9.96
N VAL D 694 -27.89 -34.56 9.93
CA VAL D 694 -27.20 -35.39 8.96
C VAL D 694 -25.75 -35.55 9.41
N SER D 695 -25.12 -36.67 9.04
CA SER D 695 -23.71 -36.89 9.37
C SER D 695 -22.81 -36.51 8.21
N GLY D 696 -23.13 -36.99 7.01
CA GLY D 696 -22.32 -36.68 5.85
C GLY D 696 -22.90 -37.32 4.61
N LEU D 697 -22.21 -37.11 3.49
CA LEU D 697 -22.65 -37.69 2.23
C LEU D 697 -22.60 -39.21 2.26
N SER D 698 -21.75 -39.78 3.11
CA SER D 698 -21.59 -41.22 3.20
C SER D 698 -22.62 -41.88 4.11
N ASP D 699 -23.50 -41.10 4.74
CA ASP D 699 -24.48 -41.67 5.65
C ASP D 699 -25.59 -42.37 4.89
N LYS D 700 -26.25 -43.32 5.57
CA LYS D 700 -27.37 -44.05 4.98
C LYS D 700 -28.56 -43.13 4.70
N LYS D 701 -28.65 -41.99 5.38
CA LYS D 701 -29.77 -41.09 5.15
C LYS D 701 -29.81 -40.59 3.71
N PHE D 702 -28.68 -40.61 3.03
CA PHE D 702 -28.63 -40.30 1.60
C PHE D 702 -28.46 -41.54 0.74
N GLN D 703 -28.53 -42.73 1.33
CA GLN D 703 -28.33 -43.97 0.59
C GLN D 703 -29.64 -44.62 0.17
N ARG D 704 -30.59 -44.78 1.10
CA ARG D 704 -31.88 -45.42 0.81
C ARG D 704 -32.99 -44.48 1.24
N PRO D 705 -33.26 -43.45 0.43
CA PRO D 705 -34.32 -42.48 0.80
C PRO D 705 -35.71 -43.09 0.90
N ASN D 706 -35.98 -44.16 0.15
CA ASN D 706 -37.32 -44.73 0.08
C ASN D 706 -37.82 -45.31 1.40
N ASP D 707 -36.92 -45.66 2.32
CA ASP D 707 -37.28 -46.41 3.52
C ASP D 707 -37.63 -45.53 4.71
N PHE D 708 -37.62 -44.22 4.56
CA PHE D 708 -37.81 -43.29 5.66
C PHE D 708 -39.12 -42.52 5.50
N SER D 709 -39.30 -41.51 6.36
CA SER D 709 -40.33 -40.49 6.17
C SER D 709 -40.17 -39.87 4.79
N PRO D 710 -41.17 -39.10 4.33
CA PRO D 710 -41.12 -38.57 2.96
C PRO D 710 -39.74 -38.04 2.61
N PRO D 711 -39.09 -38.64 1.61
CA PRO D 711 -37.63 -38.55 1.50
C PRO D 711 -37.14 -37.14 1.25
N PHE D 712 -35.86 -36.93 1.54
CA PHE D 712 -35.23 -35.64 1.28
C PHE D 712 -35.31 -35.31 -0.20
N ARG D 713 -35.91 -34.16 -0.51
CA ARG D 713 -35.95 -33.64 -1.87
C ARG D 713 -34.66 -32.85 -2.07
N PHE D 714 -33.70 -33.45 -2.77
CA PHE D 714 -32.42 -32.79 -3.01
C PHE D 714 -31.99 -33.01 -4.45
N GLY D 715 -31.45 -31.95 -5.06
CA GLY D 715 -30.97 -32.03 -6.43
C GLY D 715 -29.76 -31.13 -6.61
N THR D 716 -29.21 -31.19 -7.82
CA THR D 716 -28.05 -30.39 -8.18
C THR D 716 -28.26 -29.77 -9.55
N VAL D 717 -27.58 -28.66 -9.78
CA VAL D 717 -27.55 -28.10 -11.14
C VAL D 717 -26.77 -29.05 -12.05
N PRO D 718 -27.26 -29.36 -13.24
CA PRO D 718 -26.61 -30.35 -14.09
C PRO D 718 -25.39 -29.77 -14.79
N ASN D 719 -24.74 -30.63 -15.58
CA ASN D 719 -23.71 -30.29 -16.54
C ASN D 719 -22.40 -29.84 -15.88
N GLY D 720 -22.36 -29.75 -14.55
CA GLY D 720 -21.16 -29.37 -13.85
C GLY D 720 -20.26 -30.56 -13.55
N SER D 721 -19.12 -30.27 -12.94
CA SER D 721 -18.21 -31.32 -12.52
C SER D 721 -18.74 -32.10 -11.31
N THR D 722 -19.70 -31.54 -10.58
CA THR D 722 -20.22 -32.22 -9.40
C THR D 722 -20.90 -33.54 -9.76
N GLU D 723 -21.78 -33.51 -10.77
CA GLU D 723 -22.54 -34.72 -11.09
C GLU D 723 -21.64 -35.82 -11.63
N ARG D 724 -20.58 -35.46 -12.35
CA ARG D 724 -19.66 -36.47 -12.86
C ARG D 724 -19.04 -37.26 -11.73
N ASN D 725 -18.74 -36.59 -10.61
CA ASN D 725 -18.32 -37.31 -9.41
C ASN D 725 -19.43 -38.22 -8.91
N ILE D 726 -20.67 -37.73 -8.92
CA ILE D 726 -21.79 -38.52 -8.43
C ILE D 726 -22.06 -39.71 -9.34
N ARG D 727 -21.98 -39.52 -10.66
CA ARG D 727 -22.31 -40.59 -11.58
C ARG D 727 -21.22 -41.63 -11.69
N ASN D 728 -20.23 -41.63 -10.80
CA ASN D 728 -19.16 -42.61 -10.84
C ASN D 728 -18.98 -43.35 -9.52
N ASN D 729 -19.72 -43.01 -8.47
CA ASN D 729 -19.56 -43.69 -7.19
C ASN D 729 -20.90 -44.08 -6.58
N TYR D 730 -21.97 -43.40 -6.98
CA TYR D 730 -23.31 -43.58 -6.43
C TYR D 730 -24.34 -43.67 -7.55
N ALA D 731 -24.12 -44.59 -8.49
CA ALA D 731 -24.96 -44.65 -9.69
C ALA D 731 -26.45 -44.72 -9.36
N GLU D 732 -26.82 -45.52 -8.36
CA GLU D 732 -28.23 -45.57 -7.96
C GLU D 732 -28.70 -44.24 -7.38
N MET D 733 -27.86 -43.58 -6.59
CA MET D 733 -28.24 -42.28 -6.05
C MET D 733 -28.35 -41.25 -7.17
N HIS D 734 -27.46 -41.33 -8.16
CA HIS D 734 -27.58 -40.47 -9.33
C HIS D 734 -28.88 -40.74 -10.08
N ALA D 735 -29.28 -42.01 -10.17
CA ALA D 735 -30.54 -42.34 -10.82
C ALA D 735 -31.72 -41.73 -10.07
N TYR D 736 -31.67 -41.76 -8.73
CA TYR D 736 -32.73 -41.12 -7.95
C TYR D 736 -32.67 -39.60 -8.06
N MET D 737 -31.51 -39.05 -8.41
CA MET D 737 -31.34 -37.60 -8.45
C MET D 737 -32.32 -36.92 -9.41
N GLY D 738 -32.50 -37.48 -10.61
CA GLY D 738 -33.20 -36.81 -11.69
C GLY D 738 -34.65 -36.47 -11.42
N LYS D 739 -35.19 -36.81 -10.25
CA LYS D 739 -36.59 -36.52 -9.95
C LYS D 739 -36.86 -35.03 -9.81
N PHE D 740 -35.85 -34.23 -9.45
CA PHE D 740 -36.05 -32.80 -9.19
C PHE D 740 -35.30 -31.93 -10.18
N ASN D 741 -34.00 -32.14 -10.35
CA ASN D 741 -33.24 -31.57 -11.46
C ASN D 741 -33.36 -30.05 -11.49
N GLN D 742 -32.83 -29.41 -10.45
CA GLN D 742 -32.92 -27.96 -10.32
C GLN D 742 -32.18 -27.24 -11.44
N ARG D 743 -32.46 -25.94 -11.56
CA ARG D 743 -31.87 -25.08 -12.57
C ARG D 743 -31.18 -23.90 -11.91
N GLY D 744 -29.98 -23.58 -12.38
CA GLY D 744 -29.27 -22.40 -11.89
C GLY D 744 -28.88 -22.53 -10.43
N VAL D 745 -28.83 -21.37 -9.76
CA VAL D 745 -28.49 -21.28 -8.35
C VAL D 745 -29.56 -20.56 -7.55
N ASP D 746 -29.95 -19.35 -8.00
CA ASP D 746 -30.89 -18.53 -7.24
C ASP D 746 -32.24 -19.21 -7.10
N ASP D 747 -32.70 -19.89 -8.16
CA ASP D 747 -33.97 -20.60 -8.07
C ASP D 747 -33.89 -21.72 -7.04
N ALA D 748 -32.75 -22.43 -6.99
CA ALA D 748 -32.57 -23.46 -5.98
C ALA D 748 -32.57 -22.86 -4.57
N LEU D 749 -31.91 -21.71 -4.39
CA LEU D 749 -31.92 -21.07 -3.08
C LEU D 749 -33.34 -20.69 -2.67
N LEU D 750 -34.10 -20.11 -3.60
CA LEU D 750 -35.48 -19.74 -3.29
C LEU D 750 -36.32 -20.96 -2.96
N SER D 751 -36.13 -22.06 -3.71
CA SER D 751 -36.86 -23.29 -3.43
C SER D 751 -36.52 -23.82 -2.06
N LEU D 752 -35.25 -23.72 -1.65
CA LEU D 752 -34.88 -24.11 -0.30
C LEU D 752 -35.55 -23.23 0.74
N LYS D 753 -35.66 -21.93 0.46
CA LYS D 753 -36.28 -21.02 1.42
C LYS D 753 -37.77 -21.25 1.58
N THR D 754 -38.43 -21.87 0.59
CA THR D 754 -39.87 -22.08 0.63
C THR D 754 -40.25 -23.50 1.01
N GLY D 755 -39.29 -24.35 1.35
CA GLY D 755 -39.58 -25.70 1.79
C GLY D 755 -39.74 -26.71 0.67
N LYS D 756 -39.65 -26.30 -0.60
CA LYS D 756 -39.72 -27.27 -1.68
C LYS D 756 -38.54 -28.23 -1.66
N LEU D 757 -37.35 -27.73 -1.35
CA LEU D 757 -36.14 -28.53 -1.27
C LEU D 757 -35.65 -28.55 0.17
N ASP D 758 -34.89 -29.57 0.52
CA ASP D 758 -34.36 -29.68 1.88
C ASP D 758 -32.90 -30.10 1.94
N ALA D 759 -32.19 -30.13 0.82
CA ALA D 759 -30.75 -30.39 0.82
C ALA D 759 -30.21 -29.91 -0.52
N PHE D 760 -28.88 -29.79 -0.59
CA PHE D 760 -28.26 -29.25 -1.79
C PHE D 760 -26.80 -29.69 -1.85
N ILE D 761 -26.34 -30.02 -3.06
CA ILE D 761 -24.96 -30.38 -3.33
C ILE D 761 -24.44 -29.51 -4.45
N TYR D 762 -23.31 -28.85 -4.22
CA TYR D 762 -22.69 -28.00 -5.24
C TYR D 762 -21.26 -27.69 -4.78
N ASP D 763 -20.59 -26.80 -5.51
CA ASP D 763 -19.21 -26.47 -5.24
C ASP D 763 -19.06 -25.83 -3.85
N ALA D 764 -17.93 -26.12 -3.20
CA ALA D 764 -17.71 -25.63 -1.85
C ALA D 764 -17.52 -24.13 -1.82
N ALA D 765 -16.74 -23.58 -2.74
CA ALA D 765 -16.36 -22.18 -2.67
C ALA D 765 -17.58 -21.26 -2.81
N VAL D 766 -18.48 -21.59 -3.73
CA VAL D 766 -19.64 -20.71 -3.95
C VAL D 766 -20.57 -20.75 -2.75
N LEU D 767 -20.82 -21.94 -2.21
CA LEU D 767 -21.77 -22.06 -1.11
C LEU D 767 -21.30 -21.32 0.14
N ASN D 768 -20.00 -21.43 0.46
CA ASN D 768 -19.48 -20.75 1.64
C ASN D 768 -19.65 -19.24 1.52
N TYR D 769 -19.44 -18.70 0.32
CA TYR D 769 -19.66 -17.28 0.10
C TYR D 769 -21.14 -16.93 0.15
N MET D 770 -22.01 -17.84 -0.30
CA MET D 770 -23.44 -17.53 -0.35
C MET D 770 -24.06 -17.44 1.03
N ALA D 771 -23.39 -17.94 2.07
CA ALA D 771 -23.96 -17.89 3.42
C ALA D 771 -23.95 -16.46 3.96
N GLY D 772 -22.87 -15.73 3.74
CA GLY D 772 -22.73 -14.41 4.33
C GLY D 772 -23.44 -13.28 3.61
N ARG D 773 -24.14 -13.57 2.52
CA ARG D 773 -24.81 -12.53 1.76
C ARG D 773 -26.30 -12.47 2.02
N ASP D 774 -26.90 -13.60 2.41
CA ASP D 774 -28.35 -13.65 2.58
C ASP D 774 -28.80 -12.76 3.74
N GLU D 775 -29.98 -12.16 3.59
CA GLU D 775 -30.57 -11.40 4.68
C GLU D 775 -30.95 -12.33 5.82
N GLY D 776 -30.45 -12.02 7.02
CA GLY D 776 -30.55 -12.96 8.10
C GLY D 776 -29.59 -14.12 7.86
N CYS D 777 -29.60 -15.07 8.79
CA CYS D 777 -28.72 -16.24 8.69
C CYS D 777 -29.56 -17.48 9.02
N LYS D 778 -30.23 -18.02 8.00
CA LYS D 778 -30.99 -19.25 8.12
C LYS D 778 -30.42 -20.38 7.29
N LEU D 779 -29.21 -20.22 6.75
CA LEU D 779 -28.57 -21.24 5.92
C LEU D 779 -27.15 -21.41 6.40
N VAL D 780 -26.70 -22.66 6.52
CA VAL D 780 -25.37 -22.97 7.01
C VAL D 780 -24.92 -24.30 6.42
N THR D 781 -23.63 -24.40 6.12
CA THR D 781 -23.07 -25.64 5.63
C THR D 781 -23.03 -26.69 6.74
N ILE D 782 -22.75 -27.93 6.34
CA ILE D 782 -22.75 -29.04 7.28
C ILE D 782 -21.48 -29.03 8.11
N GLY D 783 -21.62 -29.23 9.42
CA GLY D 783 -20.47 -29.28 10.30
C GLY D 783 -19.73 -27.96 10.36
N SER D 784 -18.43 -28.03 10.10
CA SER D 784 -17.55 -26.88 10.11
C SER D 784 -17.05 -26.51 8.72
N GLY D 785 -17.88 -26.72 7.70
CA GLY D 785 -17.45 -26.47 6.33
C GLY D 785 -16.58 -27.56 5.75
N LYS D 786 -16.66 -28.78 6.28
CA LYS D 786 -15.81 -29.86 5.83
C LYS D 786 -16.06 -30.18 4.36
N VAL D 787 -15.01 -30.63 3.68
CA VAL D 787 -15.09 -30.98 2.27
C VAL D 787 -14.88 -32.48 2.13
N PHE D 788 -15.45 -33.04 1.06
CA PHE D 788 -15.41 -34.48 0.82
C PHE D 788 -14.57 -34.86 -0.38
N ALA D 789 -14.13 -33.89 -1.19
CA ALA D 789 -13.27 -34.18 -2.33
C ALA D 789 -12.35 -32.97 -2.49
N SER D 790 -11.14 -33.08 -1.94
CA SER D 790 -10.23 -31.94 -1.88
C SER D 790 -9.61 -31.65 -3.26
N THR D 791 -10.20 -30.69 -3.97
CA THR D 791 -9.66 -30.22 -5.24
C THR D 791 -9.53 -28.70 -5.17
N GLY D 792 -9.08 -28.10 -6.26
CA GLY D 792 -8.90 -26.66 -6.31
C GLY D 792 -9.07 -26.10 -7.70
N TYR D 793 -9.35 -24.80 -7.75
CA TYR D 793 -9.44 -24.10 -9.03
C TYR D 793 -8.05 -23.94 -9.63
N GLY D 794 -7.98 -23.27 -10.77
CA GLY D 794 -6.70 -23.08 -11.41
C GLY D 794 -6.84 -22.25 -12.67
N ILE D 795 -5.75 -22.20 -13.42
CA ILE D 795 -5.68 -21.47 -14.68
C ILE D 795 -5.35 -22.48 -15.78
N ALA D 796 -6.30 -22.67 -16.70
CA ALA D 796 -6.17 -23.67 -17.76
C ALA D 796 -5.57 -23.01 -18.99
N ILE D 797 -4.48 -23.58 -19.50
CA ILE D 797 -3.76 -23.05 -20.65
C ILE D 797 -3.53 -24.18 -21.64
N GLN D 798 -3.22 -23.78 -22.88
CA GLN D 798 -2.95 -24.75 -23.92
C GLN D 798 -1.63 -25.47 -23.66
N LYS D 799 -1.54 -26.71 -24.13
CA LYS D 799 -0.44 -27.59 -23.78
C LYS D 799 0.88 -27.12 -24.41
N ASP D 800 1.98 -27.36 -23.69
CA ASP D 800 3.34 -27.24 -24.21
C ASP D 800 3.69 -25.81 -24.61
N SER D 801 3.62 -24.89 -23.65
CA SER D 801 4.12 -23.54 -23.82
C SER D 801 4.90 -23.10 -22.58
N GLY D 802 5.95 -22.33 -22.79
CA GLY D 802 6.75 -21.81 -21.69
C GLY D 802 5.99 -20.90 -20.75
N TRP D 803 4.88 -20.33 -21.22
CA TRP D 803 4.04 -19.53 -20.34
C TRP D 803 3.53 -20.36 -19.18
N LYS D 804 3.46 -21.68 -19.34
CA LYS D 804 3.14 -22.55 -18.21
C LYS D 804 4.13 -22.35 -17.08
N ARG D 805 5.42 -22.50 -17.38
CA ARG D 805 6.46 -22.30 -16.37
C ARG D 805 6.41 -20.89 -15.83
N GLN D 806 6.25 -19.90 -16.72
CA GLN D 806 6.26 -18.51 -16.28
C GLN D 806 5.15 -18.23 -15.28
N VAL D 807 3.91 -18.57 -15.63
CA VAL D 807 2.77 -18.27 -14.77
C VAL D 807 2.83 -19.09 -13.49
N ASP D 808 3.24 -20.37 -13.60
CA ASP D 808 3.30 -21.22 -12.41
C ASP D 808 4.31 -20.68 -11.40
N LEU D 809 5.47 -20.21 -11.89
CA LEU D 809 6.42 -19.60 -10.98
C LEU D 809 5.94 -18.24 -10.48
N ALA D 810 5.14 -17.54 -11.29
CA ALA D 810 4.72 -16.19 -10.93
C ALA D 810 3.65 -16.19 -9.83
N ILE D 811 2.72 -17.14 -9.85
CA ILE D 811 1.64 -17.13 -8.86
C ILE D 811 2.19 -17.33 -7.45
N LEU D 812 3.26 -18.13 -7.32
CA LEU D 812 3.88 -18.28 -6.01
C LEU D 812 4.45 -16.97 -5.50
N GLN D 813 4.86 -16.08 -6.41
CA GLN D 813 5.22 -14.72 -6.00
C GLN D 813 4.05 -14.01 -5.34
N LEU D 814 2.85 -14.17 -5.90
CA LEU D 814 1.67 -13.53 -5.30
C LEU D 814 1.37 -14.14 -3.93
N PHE D 815 1.54 -15.45 -3.78
CA PHE D 815 1.50 -16.04 -2.45
C PHE D 815 2.54 -15.44 -1.52
N GLY D 816 3.71 -15.08 -2.04
CA GLY D 816 4.81 -14.66 -1.19
C GLY D 816 4.51 -13.41 -0.38
N ASP D 817 3.90 -12.40 -0.99
CA ASP D 817 3.73 -11.10 -0.34
C ASP D 817 2.45 -11.00 0.48
N GLY D 818 1.55 -11.97 0.41
CA GLY D 818 0.39 -11.99 1.29
C GLY D 818 -0.70 -10.99 0.97
N GLU D 819 -0.65 -10.37 -0.21
CA GLU D 819 -1.72 -9.44 -0.60
C GLU D 819 -3.02 -10.17 -0.91
N MET D 820 -2.96 -11.46 -1.21
CA MET D 820 -4.20 -12.22 -1.39
C MET D 820 -5.02 -12.27 -0.12
N GLU D 821 -4.40 -12.08 1.04
CA GLU D 821 -5.17 -11.87 2.26
C GLU D 821 -6.02 -10.61 2.15
N GLU D 822 -5.44 -9.53 1.62
CA GLU D 822 -6.21 -8.32 1.38
C GLU D 822 -7.34 -8.57 0.39
N LEU D 823 -7.03 -9.31 -0.68
CA LEU D 823 -8.07 -9.61 -1.68
C LEU D 823 -9.22 -10.40 -1.06
N GLU D 824 -8.90 -11.40 -0.23
CA GLU D 824 -9.94 -12.17 0.45
C GLU D 824 -10.75 -11.29 1.40
N ALA D 825 -10.06 -10.43 2.15
CA ALA D 825 -10.77 -9.52 3.04
C ALA D 825 -11.66 -8.56 2.26
N LEU D 826 -11.35 -8.33 0.99
CA LEU D 826 -12.17 -7.44 0.19
C LEU D 826 -13.33 -8.14 -0.51
N TRP D 827 -13.20 -9.41 -0.87
CA TRP D 827 -14.24 -10.07 -1.67
C TRP D 827 -14.94 -11.21 -0.95
N LEU D 828 -14.22 -12.24 -0.50
CA LEU D 828 -14.85 -13.48 -0.09
C LEU D 828 -15.14 -13.56 1.42
N THR D 829 -14.91 -12.48 2.16
CA THR D 829 -15.21 -12.50 3.58
C THR D 829 -16.72 -12.47 3.82
N GLY D 830 -17.11 -12.98 4.98
CA GLY D 830 -18.52 -13.11 5.33
C GLY D 830 -18.93 -12.25 6.50
N ILE D 831 -20.24 -12.12 6.73
CA ILE D 831 -20.74 -11.20 7.73
C ILE D 831 -21.03 -11.92 9.05
N CYS D 832 -22.02 -12.79 9.04
CA CYS D 832 -22.49 -13.47 10.24
C CYS D 832 -21.80 -14.84 10.37
N HIS D 833 -22.39 -15.72 11.18
CA HIS D 833 -21.82 -17.02 11.55
C HIS D 833 -20.58 -16.83 12.41
N ASN D 834 -20.75 -16.16 13.55
CA ASN D 834 -19.69 -16.00 14.53
C ASN D 834 -19.86 -17.07 15.63
N GLU D 835 -19.25 -18.23 15.35
CA GLU D 835 -19.11 -19.33 16.31
C GLU D 835 -20.43 -20.04 16.60
N LYS D 836 -21.46 -19.82 15.78
CA LYS D 836 -22.70 -20.58 15.81
C LYS D 836 -23.33 -20.55 17.21
N ASN D 837 -23.73 -19.35 17.61
CA ASN D 837 -24.21 -19.13 18.98
C ASN D 837 -25.58 -19.76 19.23
N GLU D 838 -26.25 -20.25 18.17
CA GLU D 838 -27.59 -20.80 18.26
C GLU D 838 -28.61 -19.73 18.64
N VAL D 839 -29.90 -20.02 18.50
CA VAL D 839 -30.89 -18.96 18.69
C VAL D 839 -31.76 -19.21 19.91
N MET D 840 -32.59 -20.24 19.87
CA MET D 840 -33.54 -20.49 20.96
C MET D 840 -34.28 -21.81 20.80
N SER D 841 -34.42 -22.55 21.90
CA SER D 841 -35.45 -23.58 21.97
C SER D 841 -36.77 -22.93 22.35
N SER D 842 -37.87 -23.55 21.92
CA SER D 842 -39.17 -22.93 22.11
C SER D 842 -40.27 -23.99 22.18
N GLN D 843 -41.13 -23.85 23.18
CA GLN D 843 -42.41 -24.56 23.30
C GLN D 843 -42.25 -26.05 23.62
N LEU D 844 -41.02 -26.55 23.60
CA LEU D 844 -40.68 -27.87 24.12
C LEU D 844 -41.67 -28.96 23.72
N ASP D 845 -41.84 -29.20 22.43
CA ASP D 845 -42.86 -30.14 21.99
C ASP D 845 -42.53 -31.57 22.45
N ILE D 846 -43.45 -32.48 22.14
CA ILE D 846 -43.54 -33.81 22.75
C ILE D 846 -42.24 -34.61 22.64
N ASP D 847 -41.41 -34.28 21.65
CA ASP D 847 -40.24 -35.11 21.33
C ASP D 847 -39.32 -35.29 22.53
N ASN D 848 -39.16 -34.26 23.36
CA ASN D 848 -38.20 -34.32 24.46
C ASN D 848 -38.80 -34.93 25.73
N MET D 849 -40.03 -34.58 26.09
CA MET D 849 -40.65 -35.09 27.31
C MET D 849 -40.99 -36.57 27.22
N ALA D 850 -40.63 -37.22 26.10
CA ALA D 850 -40.85 -38.66 25.97
C ALA D 850 -40.16 -39.43 27.10
N GLY D 851 -39.02 -38.95 27.58
CA GLY D 851 -38.34 -39.64 28.67
C GLY D 851 -39.15 -39.67 29.94
N VAL D 852 -39.68 -38.52 30.35
CA VAL D 852 -40.46 -38.46 31.58
C VAL D 852 -41.78 -39.20 31.41
N PHE D 853 -42.38 -39.12 30.22
CA PHE D 853 -43.61 -39.88 29.99
C PHE D 853 -43.35 -41.38 30.04
N TYR D 854 -42.20 -41.82 29.51
CA TYR D 854 -41.82 -43.22 29.59
C TYR D 854 -41.57 -43.64 31.03
N MET D 855 -40.98 -42.75 31.83
CA MET D 855 -40.80 -43.04 33.25
C MET D 855 -42.16 -43.21 33.94
N LEU D 856 -43.12 -42.35 33.60
CA LEU D 856 -44.47 -42.49 34.15
C LEU D 856 -45.09 -43.83 33.77
N GLY D 857 -44.98 -44.21 32.49
CA GLY D 857 -45.54 -45.48 32.07
C GLY D 857 -44.88 -46.67 32.74
N ALA D 858 -43.55 -46.62 32.87
CA ALA D 858 -42.83 -47.68 33.56
C ALA D 858 -43.25 -47.76 35.02
N ALA D 859 -43.45 -46.61 35.67
CA ALA D 859 -43.93 -46.61 37.05
C ALA D 859 -45.30 -47.26 37.15
N MET D 860 -46.20 -46.92 36.22
CA MET D 860 -47.53 -47.54 36.22
C MET D 860 -47.42 -49.05 36.05
N ALA D 861 -46.57 -49.49 35.12
CA ALA D 861 -46.42 -50.92 34.87
C ALA D 861 -45.90 -51.64 36.12
N LEU D 862 -44.83 -51.12 36.72
CA LEU D 862 -44.27 -51.78 37.90
C LEU D 862 -45.25 -51.73 39.07
N SER D 863 -46.05 -50.67 39.18
CA SER D 863 -47.07 -50.64 40.22
C SER D 863 -48.10 -51.75 40.01
N LEU D 864 -48.52 -51.96 38.76
CA LEU D 864 -49.47 -53.04 38.49
C LEU D 864 -48.86 -54.40 38.79
N ILE D 865 -47.58 -54.59 38.45
CA ILE D 865 -46.92 -55.85 38.74
C ILE D 865 -46.84 -56.08 40.24
N THR D 866 -46.48 -55.04 41.00
CA THR D 866 -46.44 -55.19 42.45
C THR D 866 -47.82 -55.51 43.01
N PHE D 867 -48.86 -54.86 42.47
CA PHE D 867 -50.22 -55.18 42.88
C PHE D 867 -50.54 -56.66 42.69
N ILE D 868 -50.30 -57.18 41.48
CA ILE D 868 -50.67 -58.56 41.21
C ILE D 868 -49.83 -59.53 42.03
N CYS D 869 -48.53 -59.22 42.19
CA CYS D 869 -47.68 -60.07 43.01
C CYS D 869 -48.16 -60.10 44.46
N GLU D 870 -48.46 -58.94 45.03
CA GLU D 870 -48.90 -58.88 46.41
C GLU D 870 -50.22 -59.62 46.59
N HIS D 871 -51.16 -59.47 45.64
CA HIS D 871 -52.44 -60.14 45.78
C HIS D 871 -52.29 -61.65 45.73
N LEU D 872 -51.56 -62.15 44.72
CA LEU D 872 -51.37 -63.59 44.60
C LEU D 872 -50.62 -64.18 45.79
N PHE D 873 -49.59 -63.48 46.29
CA PHE D 873 -48.92 -63.96 47.49
C PHE D 873 -49.83 -63.87 48.70
N TYR D 874 -50.77 -62.93 48.71
CA TYR D 874 -51.57 -62.67 49.90
C TYR D 874 -52.68 -63.69 50.09
N TRP D 875 -53.40 -64.06 49.02
CA TRP D 875 -54.53 -64.95 49.26
C TRP D 875 -54.08 -66.35 49.65
N GLN D 876 -52.81 -66.67 49.41
CA GLN D 876 -52.26 -67.98 49.78
C GLN D 876 -52.30 -68.22 51.28
#